data_7W2C
#
_entry.id   7W2C
#
_cell.length_a   87.155
_cell.length_b   148.780
_cell.length_c   172.756
_cell.angle_alpha   90.000
_cell.angle_beta   92.760
_cell.angle_gamma   90.000
#
_symmetry.space_group_name_H-M   'P 1 21 1'
#
loop_
_entity.id
_entity.type
_entity.pdbx_description
1 polymer 'Sigma non-opioid intracellular receptor 1'
2 non-polymer 'GOLD ION'
3 non-polymer '2-morpholin-4-ylethyl 1-phenylcyclohexane-1-carboxylate'
4 non-polymer 'octyl beta-D-glucopyranoside'
5 water water
#
_entity_poly.entity_id   1
_entity_poly.type   'polypeptide(L)'
_entity_poly.pdbx_seq_one_letter_code
;SVDTMALWLGLRAVLVVAGLAVLLQLIRGWLSSKSYVFNREEIARLAKEHSGLDYEVAFSKIIVELRKKHPGHILQDEDL
QWVFVNAGGWMGSMCLLHASLTEYVLLFGTAVDTGGHSGRYWAEISDTILSGTFRQWKEGTTKSEIFYPGDTIVHEVGEA
TSVQWSSGTWMVEYGRGFIPSTLAFALADTIFSTQDFLTLFYTVKVYSKALLLEASTHLSQLGFF
;
_entity_poly.pdbx_strand_id   A,C,E,B,D,F,G,H,I,J,K,L
#
loop_
_chem_comp.id
_chem_comp.type
_chem_comp.name
_chem_comp.formula
AU non-polymer 'GOLD ION' 'Au 1'
BOG D-saccharide 'octyl beta-D-glucopyranoside' 'C14 H28 O6'
E84 non-polymer '2-morpholin-4-ylethyl 1-phenylcyclohexane-1-carboxylate' 'C19 H27 N O3'
#
# COMPACT_ATOMS: atom_id res chain seq x y z
N LEU A 7 8.94 -73.86 7.78
CA LEU A 7 8.17 -73.22 6.72
C LEU A 7 6.68 -73.31 7.02
N TRP A 8 6.36 -73.65 8.28
CA TRP A 8 4.96 -73.79 8.66
C TRP A 8 4.27 -72.44 8.80
N LEU A 9 4.97 -71.44 9.36
CA LEU A 9 4.40 -70.10 9.47
C LEU A 9 4.20 -69.44 8.12
N GLY A 10 4.94 -69.87 7.11
CA GLY A 10 4.70 -69.32 5.79
C GLY A 10 3.44 -69.83 5.12
N LEU A 11 2.72 -70.75 5.76
CA LEU A 11 1.47 -71.24 5.20
C LEU A 11 0.44 -70.12 5.11
N ARG A 12 0.33 -69.30 6.14
CA ARG A 12 -0.60 -68.17 6.11
C ARG A 12 -0.18 -67.16 5.06
N ALA A 13 1.12 -66.96 4.89
CA ALA A 13 1.60 -65.98 3.91
C ALA A 13 1.36 -66.48 2.48
N VAL A 14 1.50 -67.79 2.26
CA VAL A 14 1.23 -68.34 0.94
C VAL A 14 -0.28 -68.31 0.67
N LEU A 15 -1.08 -68.62 1.69
CA LEU A 15 -2.53 -68.57 1.53
C LEU A 15 -3.01 -67.15 1.24
N VAL A 16 -2.33 -66.15 1.79
CA VAL A 16 -2.72 -64.76 1.54
C VAL A 16 -2.32 -64.36 0.12
N VAL A 17 -1.11 -64.74 -0.31
CA VAL A 17 -0.70 -64.44 -1.67
C VAL A 17 -1.54 -65.20 -2.68
N ALA A 18 -1.79 -66.49 -2.42
CA ALA A 18 -2.67 -67.26 -3.30
C ALA A 18 -4.11 -66.77 -3.21
N GLY A 19 -4.55 -66.37 -2.01
CA GLY A 19 -5.90 -65.87 -1.87
C GLY A 19 -6.12 -64.54 -2.57
N LEU A 20 -5.14 -63.64 -2.47
CA LEU A 20 -5.27 -62.34 -3.13
C LEU A 20 -5.15 -62.47 -4.64
N ALA A 21 -4.23 -63.33 -5.11
CA ALA A 21 -4.04 -63.46 -6.55
C ALA A 21 -5.23 -64.14 -7.21
N VAL A 22 -5.79 -65.17 -6.56
CA VAL A 22 -6.95 -65.85 -7.12
C VAL A 22 -8.18 -64.96 -7.06
N LEU A 23 -8.36 -64.24 -5.94
CA LEU A 23 -9.51 -63.36 -5.81
C LEU A 23 -9.40 -62.17 -6.75
N LEU A 24 -8.19 -61.82 -7.18
CA LEU A 24 -8.02 -60.79 -8.20
C LEU A 24 -8.45 -61.30 -9.57
N GLN A 25 -8.08 -62.54 -9.92
CA GLN A 25 -8.47 -63.08 -11.21
C GLN A 25 -9.98 -63.23 -11.32
N LEU A 26 -10.62 -63.65 -10.23
CA LEU A 26 -12.06 -63.89 -10.27
C LEU A 26 -12.83 -62.58 -10.45
N ILE A 27 -12.40 -61.51 -9.77
CA ILE A 27 -13.11 -60.24 -9.85
C ILE A 27 -12.80 -59.53 -11.17
N ARG A 28 -11.52 -59.46 -11.53
CA ARG A 28 -11.15 -58.75 -12.76
C ARG A 28 -11.74 -59.42 -13.99
N GLY A 29 -11.74 -60.76 -14.02
CA GLY A 29 -12.42 -61.47 -15.09
C GLY A 29 -13.92 -61.30 -15.05
N TRP A 30 -14.48 -61.10 -13.87
CA TRP A 30 -15.91 -60.84 -13.75
C TRP A 30 -16.25 -59.45 -14.29
N LEU A 31 -15.45 -58.44 -13.95
CA LEU A 31 -15.72 -57.08 -14.38
C LEU A 31 -15.56 -56.92 -15.90
N SER A 32 -14.69 -57.72 -16.52
CA SER A 32 -14.45 -57.60 -17.94
C SER A 32 -15.48 -58.33 -18.80
N SER A 33 -16.34 -59.15 -18.20
CA SER A 33 -17.34 -59.92 -18.93
C SER A 33 -18.75 -59.72 -18.38
N LYS A 34 -18.96 -58.73 -17.52
CA LYS A 34 -20.24 -58.53 -16.87
C LYS A 34 -21.12 -57.57 -17.65
N SER A 35 -22.42 -57.90 -17.74
CA SER A 35 -23.38 -57.00 -18.35
C SER A 35 -23.74 -55.90 -17.36
N TYR A 36 -23.57 -54.66 -17.78
CA TYR A 36 -23.79 -53.50 -16.94
C TYR A 36 -25.11 -52.82 -17.28
N VAL A 37 -25.69 -52.15 -16.28
CA VAL A 37 -26.96 -51.47 -16.47
C VAL A 37 -26.74 -50.15 -17.21
N PHE A 38 -25.89 -49.29 -16.66
CA PHE A 38 -25.63 -47.99 -17.23
C PHE A 38 -24.29 -47.98 -17.98
N ASN A 39 -24.02 -46.85 -18.63
CA ASN A 39 -22.75 -46.60 -19.30
C ASN A 39 -22.41 -45.13 -19.12
N ARG A 40 -21.10 -44.82 -19.18
CA ARG A 40 -20.68 -43.44 -18.93
C ARG A 40 -21.24 -42.47 -19.96
N GLU A 41 -21.39 -42.90 -21.21
CA GLU A 41 -21.96 -41.98 -22.21
C GLU A 41 -23.44 -41.73 -21.96
N GLU A 42 -24.16 -42.71 -21.43
CA GLU A 42 -25.58 -42.52 -21.13
C GLU A 42 -25.76 -41.48 -20.04
N ILE A 43 -24.98 -41.60 -18.96
CA ILE A 43 -25.09 -40.65 -17.86
C ILE A 43 -24.54 -39.28 -18.27
N ALA A 44 -23.49 -39.26 -19.11
CA ALA A 44 -22.90 -38.00 -19.51
C ALA A 44 -23.84 -37.18 -20.39
N ARG A 45 -24.53 -37.82 -21.33
CA ARG A 45 -25.49 -37.08 -22.15
C ARG A 45 -26.64 -36.57 -21.31
N LEU A 46 -27.15 -37.39 -20.39
CA LEU A 46 -28.27 -36.97 -19.54
C LEU A 46 -27.87 -35.80 -18.65
N ALA A 47 -26.64 -35.82 -18.13
CA ALA A 47 -26.20 -34.75 -17.24
C ALA A 47 -25.88 -33.48 -18.03
N LYS A 48 -25.32 -33.63 -19.23
CA LYS A 48 -24.95 -32.45 -20.02
C LYS A 48 -26.16 -31.70 -20.55
N GLU A 49 -27.30 -32.37 -20.72
CA GLU A 49 -28.51 -31.70 -21.18
C GLU A 49 -29.05 -30.73 -20.13
N HIS A 50 -28.80 -31.00 -18.85
CA HIS A 50 -29.35 -30.20 -17.76
C HIS A 50 -28.27 -29.40 -17.02
N SER A 51 -27.12 -29.19 -17.64
CA SER A 51 -26.02 -28.46 -17.02
C SER A 51 -26.28 -26.97 -17.13
N GLY A 52 -27.19 -26.49 -16.29
CA GLY A 52 -27.52 -25.07 -16.23
C GLY A 52 -27.18 -24.45 -14.89
N LEU A 53 -27.79 -23.30 -14.59
CA LEU A 53 -27.53 -22.65 -13.31
C LEU A 53 -28.32 -23.30 -12.18
N ASP A 54 -29.63 -23.44 -12.36
CA ASP A 54 -30.46 -24.12 -11.38
C ASP A 54 -30.18 -25.62 -11.32
N TYR A 55 -29.19 -26.00 -10.52
CA TYR A 55 -28.81 -27.40 -10.38
C TYR A 55 -29.84 -28.21 -9.59
N GLU A 56 -30.65 -27.56 -8.75
CA GLU A 56 -31.68 -28.28 -8.01
C GLU A 56 -32.77 -28.80 -8.95
N VAL A 57 -33.17 -28.01 -9.94
CA VAL A 57 -34.11 -28.50 -10.95
C VAL A 57 -33.45 -29.58 -11.78
N ALA A 58 -32.15 -29.46 -12.04
CA ALA A 58 -31.43 -30.49 -12.78
C ALA A 58 -31.41 -31.80 -12.00
N PHE A 59 -31.31 -31.73 -10.67
CA PHE A 59 -31.33 -32.94 -9.87
C PHE A 59 -32.65 -33.69 -10.04
N SER A 60 -33.77 -32.97 -10.06
CA SER A 60 -35.08 -33.60 -10.17
C SER A 60 -35.28 -34.21 -11.55
N LYS A 61 -34.96 -33.46 -12.61
CA LYS A 61 -35.19 -33.95 -13.96
C LYS A 61 -34.32 -35.17 -14.28
N ILE A 62 -33.12 -35.25 -13.70
CA ILE A 62 -32.27 -36.39 -13.96
C ILE A 62 -32.80 -37.64 -13.27
N ILE A 63 -33.30 -37.48 -12.03
CA ILE A 63 -33.84 -38.62 -11.30
C ILE A 63 -35.09 -39.15 -11.99
N VAL A 64 -35.90 -38.26 -12.57
CA VAL A 64 -37.11 -38.70 -13.27
C VAL A 64 -36.75 -39.48 -14.53
N GLU A 65 -35.80 -38.97 -15.32
CA GLU A 65 -35.41 -39.66 -16.54
C GLU A 65 -34.72 -41.00 -16.24
N LEU A 66 -33.97 -41.06 -15.15
CA LEU A 66 -33.30 -42.32 -14.80
C LEU A 66 -34.31 -43.38 -14.37
N ARG A 67 -35.35 -42.97 -13.64
CA ARG A 67 -36.36 -43.93 -13.21
C ARG A 67 -37.27 -44.37 -14.34
N LYS A 68 -37.32 -43.63 -15.45
CA LYS A 68 -38.14 -44.04 -16.58
C LYS A 68 -37.43 -45.09 -17.43
N LYS A 69 -36.19 -44.83 -17.83
CA LYS A 69 -35.47 -45.76 -18.69
C LYS A 69 -34.88 -46.95 -17.93
N HIS A 70 -34.74 -46.84 -16.60
CA HIS A 70 -34.20 -47.93 -15.79
C HIS A 70 -35.06 -48.07 -14.54
N PRO A 71 -36.26 -48.64 -14.68
CA PRO A 71 -37.11 -48.83 -13.51
C PRO A 71 -36.60 -49.95 -12.62
N GLY A 72 -36.79 -49.77 -11.31
CA GLY A 72 -36.34 -50.76 -10.36
C GLY A 72 -34.86 -50.75 -10.05
N HIS A 73 -34.11 -49.78 -10.58
CA HIS A 73 -32.69 -49.69 -10.33
C HIS A 73 -32.26 -48.41 -9.63
N ILE A 74 -33.16 -47.44 -9.45
CA ILE A 74 -32.87 -46.18 -8.78
C ILE A 74 -33.71 -46.10 -7.51
N LEU A 75 -33.07 -45.68 -6.42
CA LEU A 75 -33.76 -45.58 -5.14
C LEU A 75 -34.94 -44.62 -5.23
N GLN A 76 -35.96 -44.89 -4.42
CA GLN A 76 -37.12 -44.02 -4.31
C GLN A 76 -36.79 -42.80 -3.45
N ASP A 77 -37.64 -41.78 -3.56
CA ASP A 77 -37.43 -40.55 -2.81
C ASP A 77 -37.41 -40.79 -1.31
N GLU A 78 -38.03 -41.88 -0.84
CA GLU A 78 -38.02 -42.20 0.58
C GLU A 78 -36.63 -42.62 1.05
N ASP A 79 -35.83 -43.22 0.17
CA ASP A 79 -34.52 -43.73 0.52
C ASP A 79 -33.39 -42.80 0.09
N LEU A 80 -33.69 -41.52 -0.15
CA LEU A 80 -32.70 -40.55 -0.58
C LEU A 80 -32.39 -39.57 0.55
N GLN A 81 -31.10 -39.29 0.74
CA GLN A 81 -30.66 -38.28 1.69
C GLN A 81 -29.26 -37.84 1.32
N TRP A 82 -28.99 -36.54 1.56
CA TRP A 82 -27.67 -35.98 1.31
C TRP A 82 -26.74 -36.39 2.45
N VAL A 83 -25.69 -37.13 2.12
CA VAL A 83 -24.73 -37.62 3.09
C VAL A 83 -23.39 -36.94 2.84
N PHE A 84 -22.80 -36.38 3.89
CA PHE A 84 -21.48 -35.78 3.77
C PHE A 84 -20.45 -36.82 3.36
N VAL A 85 -19.44 -36.39 2.62
CA VAL A 85 -18.36 -37.24 2.16
C VAL A 85 -17.05 -36.54 2.45
N ASN A 86 -16.23 -37.13 3.31
CA ASN A 86 -14.91 -36.60 3.64
C ASN A 86 -13.86 -37.62 3.24
N ALA A 87 -12.99 -37.24 2.30
CA ALA A 87 -11.96 -38.14 1.81
C ALA A 87 -10.86 -37.33 1.14
N GLY A 88 -9.62 -37.76 1.34
CA GLY A 88 -8.48 -37.16 0.67
C GLY A 88 -8.23 -35.70 1.01
N GLY A 89 -8.96 -35.15 1.98
CA GLY A 89 -8.81 -33.78 2.37
C GLY A 89 -9.88 -32.83 1.86
N TRP A 90 -10.81 -33.33 1.03
CA TRP A 90 -11.92 -32.52 0.56
C TRP A 90 -13.22 -32.98 1.20
N MET A 91 -14.23 -32.12 1.12
CA MET A 91 -15.51 -32.39 1.76
C MET A 91 -16.64 -32.00 0.81
N GLY A 92 -17.58 -32.93 0.62
CA GLY A 92 -18.75 -32.67 -0.20
C GLY A 92 -19.96 -33.42 0.31
N SER A 93 -20.95 -33.60 -0.55
CA SER A 93 -22.14 -34.38 -0.20
C SER A 93 -22.61 -35.13 -1.44
N MET A 94 -23.22 -36.29 -1.20
CA MET A 94 -23.68 -37.16 -2.28
C MET A 94 -25.16 -37.45 -2.13
N CYS A 95 -25.78 -37.79 -3.25
CA CYS A 95 -27.17 -38.23 -3.31
C CYS A 95 -27.17 -39.53 -4.10
N LEU A 96 -26.99 -40.65 -3.40
CA LEU A 96 -26.85 -41.94 -4.06
C LEU A 96 -28.16 -42.33 -4.71
N LEU A 97 -28.17 -42.39 -6.04
CA LEU A 97 -29.35 -42.76 -6.81
C LEU A 97 -29.36 -44.25 -7.12
N HIS A 98 -28.23 -44.78 -7.56
CA HIS A 98 -28.08 -46.20 -7.87
C HIS A 98 -26.72 -46.66 -7.38
N ALA A 99 -26.66 -47.90 -6.92
CA ALA A 99 -25.40 -48.48 -6.47
C ALA A 99 -25.53 -50.00 -6.44
N SER A 100 -24.51 -50.67 -6.96
CA SER A 100 -24.43 -52.12 -6.92
C SER A 100 -23.02 -52.47 -6.46
N LEU A 101 -22.61 -53.72 -6.69
CA LEU A 101 -21.23 -54.10 -6.44
C LEU A 101 -20.28 -53.67 -7.54
N THR A 102 -20.82 -53.29 -8.71
CA THR A 102 -20.00 -52.93 -9.86
C THR A 102 -20.31 -51.56 -10.43
N GLU A 103 -21.48 -50.98 -10.17
CA GLU A 103 -21.86 -49.69 -10.71
C GLU A 103 -22.44 -48.82 -9.59
N TYR A 104 -22.43 -47.51 -9.83
CA TYR A 104 -23.13 -46.59 -8.95
C TYR A 104 -23.37 -45.29 -9.70
N VAL A 105 -24.51 -44.67 -9.40
CA VAL A 105 -24.88 -43.37 -9.96
C VAL A 105 -25.33 -42.49 -8.81
N LEU A 106 -24.72 -41.31 -8.68
CA LEU A 106 -25.06 -40.40 -7.61
C LEU A 106 -24.89 -38.96 -8.08
N LEU A 107 -25.39 -38.04 -7.26
CA LEU A 107 -25.27 -36.61 -7.49
C LEU A 107 -24.34 -36.05 -6.43
N PHE A 108 -23.14 -35.63 -6.84
CA PHE A 108 -22.13 -35.16 -5.92
C PHE A 108 -21.86 -33.67 -6.14
N GLY A 109 -21.44 -33.01 -5.07
CA GLY A 109 -21.09 -31.60 -5.15
C GLY A 109 -20.79 -31.07 -3.77
N THR A 110 -20.44 -29.79 -3.73
CA THR A 110 -20.06 -29.14 -2.48
C THR A 110 -20.57 -27.71 -2.47
N ALA A 111 -20.86 -27.20 -1.27
CA ALA A 111 -21.27 -25.82 -1.06
C ALA A 111 -20.17 -24.98 -0.44
N VAL A 112 -18.98 -25.54 -0.28
CA VAL A 112 -17.83 -24.83 0.26
C VAL A 112 -16.63 -25.08 -0.65
N ASP A 113 -15.54 -24.38 -0.37
CA ASP A 113 -14.31 -24.50 -1.15
C ASP A 113 -13.44 -25.59 -0.51
N THR A 114 -13.37 -26.74 -1.17
CA THR A 114 -12.56 -27.85 -0.68
C THR A 114 -11.68 -28.38 -1.80
N GLY A 115 -10.79 -29.28 -1.44
CA GLY A 115 -9.90 -29.90 -2.40
C GLY A 115 -8.93 -30.82 -1.69
N GLY A 116 -8.40 -31.76 -2.46
CA GLY A 116 -7.44 -32.69 -1.90
C GLY A 116 -7.12 -33.81 -2.88
N HIS A 117 -6.81 -34.98 -2.33
CA HIS A 117 -6.44 -36.13 -3.13
C HIS A 117 -7.70 -36.78 -3.69
N SER A 118 -7.69 -37.10 -4.98
CA SER A 118 -8.84 -37.74 -5.59
C SER A 118 -9.00 -39.18 -5.13
N GLY A 119 -7.92 -39.82 -4.70
CA GLY A 119 -7.97 -41.21 -4.32
C GLY A 119 -7.63 -42.13 -5.46
N ARG A 120 -6.91 -43.21 -5.16
CA ARG A 120 -6.52 -44.20 -6.16
C ARG A 120 -7.21 -45.50 -5.77
N TYR A 121 -8.14 -45.97 -6.61
CA TYR A 121 -8.96 -47.13 -6.29
C TYR A 121 -9.24 -47.90 -7.57
N TRP A 122 -10.00 -48.99 -7.42
CA TRP A 122 -10.29 -49.89 -8.53
C TRP A 122 -11.68 -49.62 -9.08
N ALA A 123 -11.80 -48.47 -9.75
CA ALA A 123 -13.06 -48.05 -10.35
C ALA A 123 -12.79 -46.90 -11.30
N GLU A 124 -13.42 -46.93 -12.47
CA GLU A 124 -13.37 -45.82 -13.40
C GLU A 124 -14.56 -44.90 -13.13
N ILE A 125 -14.28 -43.61 -12.94
CA ILE A 125 -15.26 -42.65 -12.49
C ILE A 125 -15.32 -41.50 -13.50
N SER A 126 -16.54 -41.13 -13.90
CA SER A 126 -16.77 -40.01 -14.79
C SER A 126 -17.72 -39.03 -14.12
N ASP A 127 -17.35 -37.75 -14.09
CA ASP A 127 -18.18 -36.71 -13.51
C ASP A 127 -18.48 -35.67 -14.57
N THR A 128 -19.76 -35.36 -14.75
CA THR A 128 -20.23 -34.33 -15.67
C THR A 128 -20.71 -33.15 -14.85
N ILE A 129 -20.04 -32.00 -15.01
CA ILE A 129 -20.31 -30.85 -14.17
C ILE A 129 -21.64 -30.22 -14.56
N LEU A 130 -22.50 -29.99 -13.55
CA LEU A 130 -23.75 -29.27 -13.78
C LEU A 130 -23.60 -27.78 -13.49
N SER A 131 -22.78 -27.43 -12.51
CA SER A 131 -22.55 -26.03 -12.15
C SER A 131 -21.21 -25.94 -11.43
N GLY A 132 -20.70 -24.73 -11.28
CA GLY A 132 -19.45 -24.52 -10.59
C GLY A 132 -18.24 -24.79 -11.48
N THR A 133 -17.11 -25.04 -10.82
CA THR A 133 -15.86 -25.32 -11.51
C THR A 133 -15.18 -26.52 -10.88
N PHE A 134 -14.34 -27.18 -11.67
CA PHE A 134 -13.65 -28.40 -11.27
C PHE A 134 -12.22 -28.31 -11.76
N ARG A 135 -11.28 -28.14 -10.83
CA ARG A 135 -9.86 -28.12 -11.15
C ARG A 135 -9.26 -29.50 -10.94
N GLN A 136 -8.59 -30.02 -11.96
CA GLN A 136 -7.96 -31.33 -11.92
C GLN A 136 -6.47 -31.16 -12.14
N TRP A 137 -5.67 -31.81 -11.30
CA TRP A 137 -4.21 -31.77 -11.38
C TRP A 137 -3.74 -33.21 -11.57
N LYS A 138 -3.37 -33.54 -12.80
CA LYS A 138 -2.94 -34.89 -13.11
C LYS A 138 -1.57 -35.17 -12.51
N GLU A 139 -1.30 -36.46 -12.28
CA GLU A 139 -0.06 -36.86 -11.63
C GLU A 139 1.12 -36.71 -12.58
N GLY A 140 2.24 -36.26 -12.03
CA GLY A 140 3.47 -36.10 -12.80
C GLY A 140 3.60 -34.82 -13.59
N THR A 141 2.62 -33.92 -13.51
CA THR A 141 2.64 -32.66 -14.23
C THR A 141 2.86 -31.50 -13.28
N THR A 142 3.04 -30.31 -13.87
CA THR A 142 3.22 -29.09 -13.10
C THR A 142 2.13 -28.06 -13.35
N LYS A 143 1.13 -28.38 -14.18
CA LYS A 143 0.02 -27.48 -14.45
C LYS A 143 -1.29 -28.26 -14.37
N SER A 144 -2.34 -27.55 -13.96
CA SER A 144 -3.66 -28.13 -13.80
C SER A 144 -4.64 -27.49 -14.77
N GLU A 145 -5.77 -28.17 -14.98
CA GLU A 145 -6.82 -27.71 -15.88
C GLU A 145 -8.11 -27.46 -15.11
N ILE A 146 -8.87 -26.48 -15.58
CA ILE A 146 -10.15 -26.12 -14.99
C ILE A 146 -11.25 -26.55 -15.94
N PHE A 147 -12.25 -27.25 -15.42
CA PHE A 147 -13.36 -27.74 -16.19
C PHE A 147 -14.64 -27.02 -15.78
N TYR A 148 -15.52 -26.80 -16.75
CA TYR A 148 -16.69 -25.95 -16.55
C TYR A 148 -17.98 -26.73 -16.78
N PRO A 149 -19.15 -26.17 -16.44
CA PRO A 149 -20.40 -26.90 -16.66
C PRO A 149 -20.55 -27.38 -18.10
N GLY A 150 -20.95 -28.64 -18.25
CA GLY A 150 -21.04 -29.30 -19.52
C GLY A 150 -19.91 -30.27 -19.79
N ASP A 151 -18.74 -30.02 -19.20
CA ASP A 151 -17.59 -30.89 -19.37
C ASP A 151 -17.76 -32.16 -18.53
N THR A 152 -17.04 -33.20 -18.94
CA THR A 152 -17.07 -34.48 -18.25
C THR A 152 -15.64 -34.94 -17.99
N ILE A 153 -15.30 -35.12 -16.72
CA ILE A 153 -13.97 -35.57 -16.30
C ILE A 153 -14.04 -37.06 -16.04
N VAL A 154 -13.13 -37.82 -16.65
CA VAL A 154 -13.09 -39.27 -16.51
C VAL A 154 -11.87 -39.62 -15.65
N HIS A 155 -12.13 -40.15 -14.46
CA HIS A 155 -11.07 -40.60 -13.55
C HIS A 155 -10.93 -42.10 -13.72
N GLU A 156 -9.91 -42.51 -14.48
CA GLU A 156 -9.72 -43.91 -14.84
C GLU A 156 -9.20 -44.72 -13.65
N VAL A 157 -9.19 -46.04 -13.83
CA VAL A 157 -8.76 -46.95 -12.76
C VAL A 157 -7.27 -46.81 -12.53
N GLY A 158 -6.87 -46.75 -11.26
CA GLY A 158 -5.47 -46.61 -10.89
C GLY A 158 -4.91 -45.22 -11.03
N GLU A 159 -5.69 -44.27 -11.55
CA GLU A 159 -5.22 -42.90 -11.69
C GLU A 159 -5.40 -42.14 -10.38
N ALA A 160 -4.42 -41.28 -10.07
CA ALA A 160 -4.48 -40.43 -8.88
C ALA A 160 -4.22 -38.99 -9.30
N THR A 161 -5.17 -38.12 -9.00
CA THR A 161 -5.09 -36.70 -9.33
C THR A 161 -5.39 -35.87 -8.10
N SER A 162 -5.21 -34.55 -8.24
CA SER A 162 -5.59 -33.59 -7.23
C SER A 162 -6.85 -32.86 -7.68
N VAL A 163 -7.87 -32.84 -6.84
CA VAL A 163 -9.15 -32.23 -7.18
C VAL A 163 -9.34 -30.97 -6.34
N GLN A 164 -10.16 -30.07 -6.87
CA GLN A 164 -10.48 -28.82 -6.17
C GLN A 164 -11.80 -28.30 -6.74
N TRP A 165 -12.70 -27.87 -5.86
CA TRP A 165 -14.03 -27.43 -6.25
C TRP A 165 -14.34 -26.07 -5.64
N SER A 166 -15.21 -25.32 -6.33
CA SER A 166 -15.68 -24.04 -5.86
C SER A 166 -16.93 -24.21 -5.01
N SER A 167 -17.42 -23.10 -4.45
CA SER A 167 -18.52 -23.10 -3.49
C SER A 167 -19.90 -23.30 -4.14
N GLY A 168 -19.98 -23.83 -5.36
CA GLY A 168 -21.26 -24.05 -5.99
C GLY A 168 -21.20 -25.12 -7.05
N THR A 169 -20.27 -26.04 -6.88
CA THR A 169 -20.03 -27.10 -7.86
C THR A 169 -20.93 -28.29 -7.55
N TRP A 170 -21.68 -28.73 -8.55
CA TRP A 170 -22.51 -29.92 -8.45
C TRP A 170 -22.42 -30.67 -9.77
N MET A 171 -22.46 -32.00 -9.68
CA MET A 171 -22.20 -32.82 -10.84
C MET A 171 -22.93 -34.14 -10.72
N VAL A 172 -23.04 -34.83 -11.85
CA VAL A 172 -23.59 -36.17 -11.92
C VAL A 172 -22.45 -37.13 -12.21
N GLU A 173 -22.33 -38.16 -11.39
CA GLU A 173 -21.18 -39.05 -11.42
C GLU A 173 -21.62 -40.49 -11.64
N TYR A 174 -20.86 -41.20 -12.46
CA TYR A 174 -21.07 -42.62 -12.70
C TYR A 174 -19.72 -43.31 -12.56
N GLY A 175 -19.70 -44.38 -11.77
CA GLY A 175 -18.49 -45.14 -11.55
C GLY A 175 -18.73 -46.61 -11.82
N ARG A 176 -17.70 -47.26 -12.32
CA ARG A 176 -17.78 -48.68 -12.64
C ARG A 176 -16.47 -49.36 -12.28
N GLY A 177 -16.58 -50.53 -11.65
CA GLY A 177 -15.42 -51.27 -11.19
C GLY A 177 -15.76 -52.15 -10.01
N PHE A 178 -14.92 -52.14 -8.98
CA PHE A 178 -15.19 -52.85 -7.73
C PHE A 178 -15.55 -51.80 -6.68
N ILE A 179 -16.86 -51.60 -6.50
CA ILE A 179 -17.32 -50.51 -5.63
C ILE A 179 -16.87 -50.67 -4.19
N PRO A 180 -16.92 -51.86 -3.57
CA PRO A 180 -16.43 -51.98 -2.19
C PRO A 180 -14.99 -51.54 -2.00
N SER A 181 -14.17 -51.57 -3.04
CA SER A 181 -12.79 -51.12 -2.93
C SER A 181 -12.68 -49.61 -2.74
N THR A 182 -13.72 -48.86 -3.11
CA THR A 182 -13.69 -47.41 -2.97
C THR A 182 -14.12 -46.93 -1.60
N LEU A 183 -14.86 -47.74 -0.84
CA LEU A 183 -15.33 -47.31 0.47
C LEU A 183 -14.21 -47.17 1.47
N ALA A 184 -13.09 -47.86 1.26
CA ALA A 184 -11.95 -47.71 2.17
C ALA A 184 -11.38 -46.29 2.10
N PHE A 185 -11.32 -45.72 0.90
CA PHE A 185 -10.83 -44.35 0.75
C PHE A 185 -11.91 -43.34 1.15
N ALA A 186 -13.17 -43.65 0.85
CA ALA A 186 -14.26 -42.71 1.11
C ALA A 186 -14.50 -42.49 2.59
N LEU A 187 -14.10 -43.43 3.44
CA LEU A 187 -14.36 -43.36 4.87
C LEU A 187 -13.09 -43.15 5.68
N ALA A 188 -11.95 -42.95 5.00
CA ALA A 188 -10.68 -42.79 5.73
C ALA A 188 -10.70 -41.52 6.56
N ASP A 189 -11.03 -40.37 5.95
CA ASP A 189 -11.07 -39.12 6.69
C ASP A 189 -12.17 -39.12 7.73
N THR A 190 -13.26 -39.84 7.49
CA THR A 190 -14.34 -39.92 8.47
C THR A 190 -13.91 -40.68 9.73
N ILE A 191 -12.90 -41.54 9.62
CA ILE A 191 -12.43 -42.31 10.76
C ILE A 191 -11.33 -41.59 11.52
N PHE A 192 -10.37 -41.01 10.79
CA PHE A 192 -9.16 -40.46 11.38
C PHE A 192 -9.16 -38.95 11.51
N SER A 193 -10.13 -38.26 10.92
CA SER A 193 -10.16 -36.80 10.96
C SER A 193 -11.45 -36.26 11.55
N THR A 194 -12.60 -36.52 10.92
CA THR A 194 -13.85 -35.96 11.39
C THR A 194 -14.44 -36.76 12.55
N GLN A 195 -14.23 -38.08 12.56
CA GLN A 195 -14.82 -38.97 13.56
C GLN A 195 -16.34 -38.81 13.63
N ASP A 196 -16.95 -38.53 12.47
CA ASP A 196 -18.40 -38.38 12.35
C ASP A 196 -19.02 -39.74 12.10
N PHE A 197 -19.24 -40.47 13.20
CA PHE A 197 -19.74 -41.84 13.10
C PHE A 197 -21.17 -41.90 12.57
N LEU A 198 -21.94 -40.82 12.76
CA LEU A 198 -23.31 -40.79 12.23
C LEU A 198 -23.30 -40.74 10.71
N THR A 199 -22.38 -39.96 10.12
CA THR A 199 -22.24 -39.96 8.66
C THR A 199 -21.74 -41.32 8.16
N LEU A 200 -20.84 -41.96 8.92
CA LEU A 200 -20.42 -43.31 8.56
C LEU A 200 -21.60 -44.27 8.53
N PHE A 201 -22.54 -44.10 9.47
CA PHE A 201 -23.75 -44.91 9.43
C PHE A 201 -24.61 -44.58 8.22
N TYR A 202 -24.72 -43.31 7.87
CA TYR A 202 -25.53 -42.92 6.73
C TYR A 202 -24.99 -43.48 5.44
N THR A 203 -23.66 -43.46 5.27
CA THR A 203 -23.06 -43.96 4.05
C THR A 203 -23.30 -45.45 3.89
N VAL A 204 -23.10 -46.22 4.96
CA VAL A 204 -23.36 -47.65 4.90
C VAL A 204 -24.84 -47.93 4.76
N LYS A 205 -25.69 -47.10 5.37
CA LYS A 205 -27.13 -47.32 5.30
C LYS A 205 -27.64 -47.15 3.87
N VAL A 206 -27.31 -46.03 3.22
CA VAL A 206 -27.82 -45.78 1.88
C VAL A 206 -27.17 -46.72 0.88
N TYR A 207 -25.94 -47.17 1.15
CA TYR A 207 -25.31 -48.14 0.27
C TYR A 207 -25.91 -49.53 0.45
N SER A 208 -26.38 -49.84 1.66
CA SER A 208 -27.04 -51.13 1.88
C SER A 208 -28.41 -51.15 1.23
N LYS A 209 -29.17 -50.06 1.35
CA LYS A 209 -30.48 -49.99 0.71
C LYS A 209 -30.36 -50.08 -0.81
N ALA A 210 -29.32 -49.46 -1.38
CA ALA A 210 -29.12 -49.54 -2.82
C ALA A 210 -28.71 -50.94 -3.25
N LEU A 211 -27.97 -51.66 -2.41
CA LEU A 211 -27.61 -53.04 -2.73
C LEU A 211 -28.81 -53.96 -2.61
N LEU A 212 -29.63 -53.77 -1.57
CA LEU A 212 -30.83 -54.59 -1.41
C LEU A 212 -31.85 -54.31 -2.50
N LEU A 213 -31.93 -53.05 -2.96
CA LEU A 213 -32.83 -52.74 -4.07
C LEU A 213 -32.41 -53.46 -5.34
N GLU A 214 -31.11 -53.46 -5.64
CA GLU A 214 -30.64 -54.13 -6.86
C GLU A 214 -30.82 -55.64 -6.75
N ALA A 215 -30.62 -56.20 -5.56
CA ALA A 215 -30.85 -57.62 -5.35
C ALA A 215 -32.34 -57.97 -5.43
N SER A 216 -33.20 -57.06 -4.97
CA SER A 216 -34.64 -57.33 -5.04
C SER A 216 -35.13 -57.41 -6.49
N THR A 217 -34.52 -56.64 -7.39
CA THR A 217 -34.91 -56.71 -8.79
C THR A 217 -34.44 -58.00 -9.44
N HIS A 218 -33.27 -58.51 -9.03
CA HIS A 218 -32.79 -59.78 -9.58
C HIS A 218 -33.67 -60.94 -9.16
N LEU A 219 -34.28 -60.86 -7.98
CA LEU A 219 -35.16 -61.94 -7.52
C LEU A 219 -36.44 -61.98 -8.33
N SER A 220 -37.01 -60.81 -8.65
CA SER A 220 -38.23 -60.76 -9.44
C SER A 220 -37.98 -61.12 -10.91
N GLN A 221 -36.73 -61.07 -11.36
CA GLN A 221 -36.41 -61.41 -12.74
C GLN A 221 -35.78 -62.81 -12.83
N MET B 5 -20.66 -71.28 32.05
CA MET B 5 -20.64 -69.84 32.24
C MET B 5 -20.30 -69.11 30.94
N ALA B 6 -21.32 -68.77 30.16
CA ALA B 6 -21.12 -67.99 28.96
C ALA B 6 -20.82 -66.52 29.25
N LEU B 7 -20.85 -66.12 30.52
CA LEU B 7 -20.58 -64.74 30.90
C LEU B 7 -19.10 -64.41 30.99
N TRP B 8 -18.21 -65.33 30.62
CA TRP B 8 -16.80 -65.00 30.75
C TRP B 8 -16.31 -64.19 29.55
N LEU B 9 -16.69 -64.60 28.33
CA LEU B 9 -16.32 -63.82 27.16
C LEU B 9 -17.10 -62.52 27.10
N GLY B 10 -18.32 -62.51 27.61
CA GLY B 10 -19.16 -61.34 27.74
C GLY B 10 -18.91 -60.49 28.95
N LEU B 11 -17.99 -60.90 29.82
CA LEU B 11 -17.74 -60.13 31.04
C LEU B 11 -17.22 -58.74 30.72
N ARG B 12 -16.26 -58.64 29.79
CA ARG B 12 -15.78 -57.33 29.37
C ARG B 12 -16.86 -56.56 28.62
N ALA B 13 -17.65 -57.26 27.81
CA ALA B 13 -18.67 -56.58 27.01
C ALA B 13 -19.82 -56.09 27.88
N VAL B 14 -20.21 -56.86 28.90
CA VAL B 14 -21.30 -56.43 29.77
C VAL B 14 -20.84 -55.28 30.67
N LEU B 15 -19.61 -55.33 31.18
CA LEU B 15 -19.13 -54.27 32.05
C LEU B 15 -19.02 -52.94 31.31
N VAL B 16 -18.72 -52.97 30.01
CA VAL B 16 -18.65 -51.73 29.26
C VAL B 16 -20.05 -51.18 29.00
N VAL B 17 -21.00 -52.06 28.66
CA VAL B 17 -22.38 -51.63 28.46
C VAL B 17 -22.97 -51.15 29.79
N ALA B 18 -22.72 -51.90 30.87
CA ALA B 18 -23.17 -51.44 32.18
C ALA B 18 -22.42 -50.20 32.62
N GLY B 19 -21.13 -50.11 32.28
CA GLY B 19 -20.36 -48.92 32.63
C GLY B 19 -20.83 -47.69 31.87
N LEU B 20 -21.15 -47.85 30.59
CA LEU B 20 -21.64 -46.73 29.79
C LEU B 20 -23.04 -46.31 30.23
N ALA B 21 -23.89 -47.28 30.57
CA ALA B 21 -25.25 -46.96 30.98
C ALA B 21 -25.26 -46.24 32.33
N VAL B 22 -24.38 -46.67 33.25
CA VAL B 22 -24.29 -46.00 34.53
C VAL B 22 -23.67 -44.62 34.37
N LEU B 23 -22.64 -44.51 33.54
CA LEU B 23 -21.99 -43.22 33.31
C LEU B 23 -22.89 -42.25 32.54
N LEU B 24 -23.73 -42.77 31.65
CA LEU B 24 -24.59 -41.90 30.86
C LEU B 24 -25.64 -41.23 31.72
N GLN B 25 -26.21 -41.96 32.69
CA GLN B 25 -27.22 -41.38 33.57
C GLN B 25 -26.61 -40.48 34.63
N LEU B 26 -25.36 -40.73 35.02
CA LEU B 26 -24.71 -39.90 36.02
C LEU B 26 -24.27 -38.56 35.44
N ILE B 27 -23.90 -38.54 34.16
CA ILE B 27 -23.47 -37.28 33.54
C ILE B 27 -24.66 -36.46 33.08
N ARG B 28 -25.67 -37.11 32.50
CA ARG B 28 -26.85 -36.38 32.02
C ARG B 28 -27.68 -35.86 33.18
N GLY B 29 -27.70 -36.58 34.30
CA GLY B 29 -28.35 -36.05 35.50
C GLY B 29 -27.57 -34.92 36.14
N TRP B 30 -26.24 -34.92 35.97
CA TRP B 30 -25.43 -33.83 36.48
C TRP B 30 -25.66 -32.56 35.68
N LEU B 31 -25.75 -32.67 34.36
CA LEU B 31 -25.93 -31.48 33.52
C LEU B 31 -27.29 -30.83 33.77
N SER B 32 -28.28 -31.62 34.14
CA SER B 32 -29.62 -31.10 34.40
C SER B 32 -29.78 -30.53 35.80
N SER B 33 -28.82 -30.74 36.68
CA SER B 33 -28.90 -30.25 38.06
C SER B 33 -27.70 -29.39 38.45
N LYS B 34 -26.85 -29.02 37.50
CA LYS B 34 -25.67 -28.22 37.78
C LYS B 34 -25.95 -26.76 37.49
N SER B 35 -25.47 -25.88 38.37
CA SER B 35 -25.55 -24.44 38.14
C SER B 35 -24.42 -24.02 37.20
N TYR B 36 -24.78 -23.29 36.15
CA TYR B 36 -23.82 -22.90 35.13
C TYR B 36 -23.29 -21.49 35.39
N VAL B 37 -22.03 -21.28 35.02
CA VAL B 37 -21.37 -20.00 35.29
C VAL B 37 -21.76 -18.94 34.27
N PHE B 38 -21.53 -19.23 32.99
CA PHE B 38 -21.77 -18.28 31.93
C PHE B 38 -23.11 -18.54 31.26
N ASN B 39 -23.43 -17.71 30.27
CA ASN B 39 -24.67 -17.82 29.53
C ASN B 39 -24.39 -17.62 28.05
N ARG B 40 -25.20 -18.28 27.22
CA ARG B 40 -24.99 -18.23 25.79
C ARG B 40 -25.22 -16.82 25.24
N GLU B 41 -26.21 -16.11 25.77
CA GLU B 41 -26.42 -14.72 25.38
C GLU B 41 -25.38 -13.78 25.98
N GLU B 42 -24.88 -14.08 27.18
CA GLU B 42 -23.92 -13.20 27.84
C GLU B 42 -22.62 -13.09 27.05
N ILE B 43 -22.07 -14.21 26.61
CA ILE B 43 -20.83 -14.19 25.86
C ILE B 43 -21.06 -13.58 24.48
N ALA B 44 -22.20 -13.88 23.86
CA ALA B 44 -22.48 -13.35 22.53
C ALA B 44 -22.71 -11.85 22.56
N ARG B 45 -23.41 -11.34 23.58
CA ARG B 45 -23.62 -9.90 23.69
C ARG B 45 -22.31 -9.16 23.92
N LEU B 46 -21.45 -9.71 24.79
CA LEU B 46 -20.17 -9.05 25.09
C LEU B 46 -19.29 -8.99 23.85
N ALA B 47 -19.29 -10.03 23.03
CA ALA B 47 -18.46 -10.03 21.84
C ALA B 47 -19.01 -9.12 20.76
N LYS B 48 -20.35 -9.03 20.64
CA LYS B 48 -20.93 -8.18 19.62
C LYS B 48 -20.74 -6.69 19.94
N GLU B 49 -20.60 -6.36 21.22
CA GLU B 49 -20.33 -4.96 21.59
C GLU B 49 -18.96 -4.52 21.12
N HIS B 50 -18.01 -5.44 21.00
CA HIS B 50 -16.65 -5.14 20.59
C HIS B 50 -16.34 -5.65 19.18
N SER B 51 -17.37 -5.96 18.41
CA SER B 51 -17.23 -6.48 17.05
C SER B 51 -16.98 -5.40 16.01
N GLY B 52 -16.69 -4.17 16.43
CA GLY B 52 -16.42 -3.10 15.50
C GLY B 52 -14.99 -2.61 15.61
N LEU B 53 -14.36 -2.90 16.74
CA LEU B 53 -12.96 -2.54 16.95
C LEU B 53 -12.07 -3.57 16.26
N ASP B 54 -10.76 -3.36 16.36
CA ASP B 54 -9.81 -4.37 15.90
C ASP B 54 -9.91 -5.59 16.80
N TYR B 55 -9.71 -6.77 16.22
CA TYR B 55 -9.92 -7.99 17.00
C TYR B 55 -8.90 -8.14 18.11
N GLU B 56 -7.71 -7.54 17.97
CA GLU B 56 -6.77 -7.55 19.08
C GLU B 56 -7.25 -6.65 20.21
N VAL B 57 -7.79 -5.48 19.88
CA VAL B 57 -8.36 -4.61 20.90
C VAL B 57 -9.63 -5.23 21.49
N ALA B 58 -10.41 -5.93 20.66
CA ALA B 58 -11.61 -6.59 21.16
C ALA B 58 -11.24 -7.72 22.13
N PHE B 59 -10.14 -8.42 21.86
CA PHE B 59 -9.71 -9.48 22.77
C PHE B 59 -9.37 -8.94 24.14
N SER B 60 -8.71 -7.78 24.19
CA SER B 60 -8.30 -7.22 25.48
C SER B 60 -9.50 -6.78 26.31
N LYS B 61 -10.44 -6.05 25.69
CA LYS B 61 -11.59 -5.55 26.44
C LYS B 61 -12.53 -6.67 26.85
N ILE B 62 -12.60 -7.75 26.06
CA ILE B 62 -13.49 -8.86 26.42
C ILE B 62 -12.93 -9.62 27.60
N ILE B 63 -11.61 -9.82 27.64
CA ILE B 63 -10.99 -10.53 28.76
C ILE B 63 -11.15 -9.72 30.04
N VAL B 64 -11.07 -8.39 29.93
CA VAL B 64 -11.23 -7.54 31.11
C VAL B 64 -12.67 -7.62 31.62
N GLU B 65 -13.64 -7.54 30.71
CA GLU B 65 -15.04 -7.62 31.12
C GLU B 65 -15.39 -8.99 31.68
N LEU B 66 -14.77 -10.06 31.16
CA LEU B 66 -15.04 -11.39 31.69
C LEU B 66 -14.48 -11.54 33.10
N ARG B 67 -13.29 -10.99 33.36
CA ARG B 67 -12.70 -11.07 34.69
C ARG B 67 -13.38 -10.13 35.69
N LYS B 68 -14.10 -9.12 35.20
CA LYS B 68 -14.82 -8.23 36.11
C LYS B 68 -16.11 -8.88 36.59
N LYS B 69 -16.92 -9.38 35.66
CA LYS B 69 -18.20 -9.99 36.02
C LYS B 69 -18.05 -11.41 36.53
N HIS B 70 -16.94 -12.08 36.23
CA HIS B 70 -16.70 -13.46 36.66
C HIS B 70 -15.27 -13.60 37.16
N PRO B 71 -14.99 -13.12 38.37
CA PRO B 71 -13.64 -13.26 38.92
C PRO B 71 -13.37 -14.69 39.37
N GLY B 72 -12.11 -15.10 39.20
CA GLY B 72 -11.68 -16.42 39.61
C GLY B 72 -12.06 -17.56 38.68
N HIS B 73 -12.65 -17.25 37.52
CA HIS B 73 -13.04 -18.29 36.55
C HIS B 73 -12.33 -18.13 35.22
N ILE B 74 -11.55 -17.08 35.03
CA ILE B 74 -10.80 -16.84 33.79
C ILE B 74 -9.33 -16.96 34.12
N LEU B 75 -8.59 -17.67 33.26
CA LEU B 75 -7.17 -17.88 33.49
C LEU B 75 -6.42 -16.55 33.55
N GLN B 76 -5.34 -16.52 34.31
CA GLN B 76 -4.52 -15.33 34.41
C GLN B 76 -3.67 -15.18 33.14
N ASP B 77 -3.18 -13.95 32.91
CA ASP B 77 -2.42 -13.66 31.71
C ASP B 77 -1.16 -14.50 31.60
N GLU B 78 -0.62 -14.97 32.73
CA GLU B 78 0.58 -15.81 32.70
C GLU B 78 0.29 -17.19 32.11
N ASP B 79 -0.95 -17.68 32.23
CA ASP B 79 -1.32 -19.01 31.76
C ASP B 79 -2.02 -18.97 30.41
N LEU B 80 -1.86 -17.89 29.65
CA LEU B 80 -2.49 -17.75 28.34
C LEU B 80 -1.45 -17.90 27.23
N GLN B 81 -1.80 -18.67 26.21
CA GLN B 81 -0.93 -18.83 25.05
C GLN B 81 -1.77 -19.31 23.86
N TRP B 82 -1.38 -18.87 22.67
CA TRP B 82 -2.05 -19.29 21.45
C TRP B 82 -1.60 -20.69 21.07
N VAL B 83 -2.54 -21.62 21.02
CA VAL B 83 -2.26 -23.02 20.70
C VAL B 83 -2.92 -23.34 19.37
N PHE B 84 -2.14 -23.91 18.45
CA PHE B 84 -2.70 -24.33 17.17
C PHE B 84 -3.79 -25.38 17.39
N VAL B 85 -4.78 -25.38 16.50
CA VAL B 85 -5.87 -26.33 16.53
C VAL B 85 -6.05 -26.91 15.14
N ASN B 86 -5.81 -28.20 14.99
CA ASN B 86 -6.02 -28.91 13.74
C ASN B 86 -7.08 -29.98 13.97
N ALA B 87 -8.21 -29.85 13.28
CA ALA B 87 -9.31 -30.78 13.45
C ALA B 87 -10.23 -30.68 12.24
N GLY B 88 -10.76 -31.83 11.82
CA GLY B 88 -11.71 -31.86 10.74
C GLY B 88 -11.18 -31.39 9.39
N GLY B 89 -9.88 -31.13 9.31
CA GLY B 89 -9.27 -30.65 8.09
C GLY B 89 -8.95 -29.18 8.05
N TRP B 90 -9.32 -28.42 9.09
CA TRP B 90 -9.01 -27.00 9.15
C TRP B 90 -7.95 -26.73 10.22
N MET B 91 -7.34 -25.55 10.15
CA MET B 91 -6.27 -25.19 11.06
C MET B 91 -6.48 -23.77 11.56
N GLY B 92 -6.44 -23.59 12.87
CA GLY B 92 -6.54 -22.29 13.49
C GLY B 92 -5.76 -22.23 14.78
N SER B 93 -6.09 -21.29 15.66
CA SER B 93 -5.45 -21.18 16.96
C SER B 93 -6.48 -20.71 17.97
N MET B 94 -6.31 -21.15 19.22
CA MET B 94 -7.25 -20.83 20.28
C MET B 94 -6.51 -20.15 21.44
N CYS B 95 -7.27 -19.39 22.22
CA CYS B 95 -6.79 -18.74 23.44
C CYS B 95 -7.79 -19.10 24.54
N LEU B 96 -7.55 -20.23 25.20
CA LEU B 96 -8.49 -20.74 26.19
C LEU B 96 -8.52 -19.81 27.40
N LEU B 97 -9.67 -19.16 27.62
CA LEU B 97 -9.85 -18.26 28.75
C LEU B 97 -10.47 -18.98 29.95
N HIS B 98 -11.52 -19.75 29.70
CA HIS B 98 -12.20 -20.51 30.73
C HIS B 98 -12.57 -21.88 30.18
N ALA B 99 -12.50 -22.90 31.02
CA ALA B 99 -12.87 -24.25 30.63
C ALA B 99 -13.09 -25.08 31.88
N SER B 100 -14.17 -25.86 31.89
CA SER B 100 -14.44 -26.79 32.98
C SER B 100 -14.84 -28.13 32.34
N LEU B 101 -15.48 -28.99 33.12
CA LEU B 101 -16.03 -30.23 32.58
C LEU B 101 -17.34 -30.02 31.83
N THR B 102 -17.96 -28.84 31.97
CA THR B 102 -19.25 -28.57 31.36
C THR B 102 -19.29 -27.34 30.46
N GLU B 103 -18.38 -26.38 30.63
CA GLU B 103 -18.35 -25.18 29.82
C GLU B 103 -16.92 -24.88 29.40
N TYR B 104 -16.79 -24.03 28.38
CA TYR B 104 -15.50 -23.48 28.01
C TYR B 104 -15.73 -22.20 27.22
N VAL B 105 -14.83 -21.23 27.43
CA VAL B 105 -14.84 -19.96 26.70
C VAL B 105 -13.44 -19.72 26.20
N LEU B 106 -13.30 -19.49 24.89
CA LEU B 106 -12.00 -19.27 24.30
C LEU B 106 -12.12 -18.30 23.14
N LEU B 107 -10.96 -17.84 22.66
CA LEU B 107 -10.88 -16.96 21.51
C LEU B 107 -10.24 -17.75 20.37
N PHE B 108 -11.02 -18.07 19.35
CA PHE B 108 -10.57 -18.87 18.24
C PHE B 108 -10.55 -18.05 16.95
N GLY B 109 -9.67 -18.43 16.04
CA GLY B 109 -9.58 -17.77 14.75
C GLY B 109 -8.43 -18.32 13.97
N THR B 110 -8.28 -17.79 12.75
CA THR B 110 -7.24 -18.25 11.84
C THR B 110 -6.69 -17.07 11.05
N ALA B 111 -5.42 -17.18 10.67
CA ALA B 111 -4.75 -16.21 9.83
C ALA B 111 -4.54 -16.72 8.41
N VAL B 112 -5.09 -17.89 8.09
CA VAL B 112 -5.02 -18.48 6.76
C VAL B 112 -6.41 -18.94 6.35
N ASP B 113 -6.54 -19.36 5.10
CA ASP B 113 -7.80 -19.84 4.55
C ASP B 113 -7.89 -21.34 4.77
N THR B 114 -8.73 -21.75 5.72
CA THR B 114 -8.93 -23.16 6.03
C THR B 114 -10.41 -23.47 6.09
N GLY B 115 -10.71 -24.76 6.20
CA GLY B 115 -12.08 -25.21 6.29
C GLY B 115 -12.13 -26.72 6.35
N GLY B 116 -13.25 -27.22 6.86
CA GLY B 116 -13.44 -28.66 6.96
C GLY B 116 -14.66 -29.02 7.76
N HIS B 117 -14.60 -30.18 8.40
CA HIS B 117 -15.71 -30.69 9.20
C HIS B 117 -15.73 -30.01 10.56
N SER B 118 -16.91 -29.55 10.98
CA SER B 118 -17.05 -28.91 12.28
C SER B 118 -16.93 -29.90 13.43
N GLY B 119 -17.21 -31.17 13.18
CA GLY B 119 -17.21 -32.18 14.21
C GLY B 119 -18.58 -32.35 14.83
N ARG B 120 -18.95 -33.58 15.15
CA ARG B 120 -20.23 -33.90 15.77
C ARG B 120 -19.95 -34.41 17.18
N TYR B 121 -20.38 -33.66 18.18
CA TYR B 121 -20.06 -33.98 19.57
C TYR B 121 -21.24 -33.57 20.45
N TRP B 122 -21.06 -33.81 21.75
CA TRP B 122 -22.12 -33.57 22.74
C TRP B 122 -21.86 -32.25 23.46
N ALA B 123 -22.09 -31.16 22.72
CA ALA B 123 -21.91 -29.81 23.24
C ALA B 123 -22.56 -28.82 22.28
N GLU B 124 -23.27 -27.84 22.84
CA GLU B 124 -23.83 -26.75 22.05
C GLU B 124 -22.83 -25.60 22.05
N ILE B 125 -22.49 -25.13 20.86
CA ILE B 125 -21.42 -24.15 20.66
C ILE B 125 -21.97 -22.95 19.91
N SER B 126 -21.64 -21.76 20.40
CA SER B 126 -22.00 -20.49 19.75
C SER B 126 -20.74 -19.69 19.50
N ASP B 127 -20.58 -19.20 18.28
CA ASP B 127 -19.44 -18.38 17.89
C ASP B 127 -19.93 -17.03 17.38
N THR B 128 -19.39 -15.95 17.95
CA THR B 128 -19.69 -14.59 17.50
C THR B 128 -18.46 -14.03 16.79
N ILE B 129 -18.61 -13.75 15.50
CA ILE B 129 -17.47 -13.33 14.68
C ILE B 129 -17.09 -11.89 15.00
N LEU B 130 -15.80 -11.67 15.27
CA LEU B 130 -15.28 -10.33 15.47
C LEU B 130 -14.72 -9.71 14.19
N SER B 131 -14.14 -10.53 13.31
CA SER B 131 -13.59 -10.05 12.06
C SER B 131 -13.56 -11.21 11.08
N GLY B 132 -13.37 -10.89 9.80
CA GLY B 132 -13.31 -11.90 8.77
C GLY B 132 -14.68 -12.35 8.33
N THR B 133 -14.72 -13.54 7.74
CA THR B 133 -15.97 -14.13 7.27
C THR B 133 -16.05 -15.58 7.70
N PHE B 134 -17.28 -16.08 7.80
CA PHE B 134 -17.55 -17.43 8.30
C PHE B 134 -18.63 -18.04 7.41
N ARG B 135 -18.24 -19.04 6.60
CA ARG B 135 -19.18 -19.79 5.77
C ARG B 135 -19.54 -21.09 6.46
N GLN B 136 -20.85 -21.33 6.62
CA GLN B 136 -21.35 -22.53 7.27
C GLN B 136 -22.23 -23.29 6.30
N TRP B 137 -22.02 -24.60 6.20
CA TRP B 137 -22.79 -25.48 5.32
C TRP B 137 -23.44 -26.56 6.19
N LYS B 138 -24.73 -26.40 6.46
CA LYS B 138 -25.44 -27.38 7.29
C LYS B 138 -25.68 -28.67 6.51
N GLU B 139 -25.87 -29.75 7.28
CA GLU B 139 -26.05 -31.07 6.70
C GLU B 139 -27.41 -31.17 6.02
N GLY B 140 -27.44 -31.88 4.89
CA GLY B 140 -28.67 -32.09 4.16
C GLY B 140 -29.08 -30.98 3.22
N THR B 141 -28.28 -29.92 3.11
CA THR B 141 -28.60 -28.80 2.23
C THR B 141 -27.64 -28.78 1.05
N THR B 142 -27.95 -27.91 0.09
CA THR B 142 -27.11 -27.72 -1.09
C THR B 142 -26.59 -26.30 -1.23
N LYS B 143 -26.87 -25.43 -0.27
CA LYS B 143 -26.42 -24.04 -0.29
C LYS B 143 -25.86 -23.68 1.07
N SER B 144 -24.90 -22.76 1.08
CA SER B 144 -24.24 -22.32 2.31
C SER B 144 -24.53 -20.85 2.58
N GLU B 145 -24.33 -20.46 3.83
CA GLU B 145 -24.52 -19.09 4.27
C GLU B 145 -23.21 -18.54 4.79
N ILE B 146 -23.01 -17.24 4.59
CA ILE B 146 -21.80 -16.53 5.02
C ILE B 146 -22.17 -15.62 6.18
N PHE B 147 -21.38 -15.68 7.25
CA PHE B 147 -21.58 -14.87 8.44
C PHE B 147 -20.49 -13.82 8.54
N TYR B 148 -20.85 -12.65 9.03
CA TYR B 148 -20.00 -11.48 9.02
C TYR B 148 -19.78 -11.01 10.46
N PRO B 149 -18.86 -10.07 10.72
CA PRO B 149 -18.67 -9.60 12.10
C PRO B 149 -19.98 -9.12 12.70
N GLY B 150 -20.26 -9.58 13.92
CA GLY B 150 -21.50 -9.30 14.61
C GLY B 150 -22.46 -10.49 14.62
N ASP B 151 -22.40 -11.34 13.60
CA ASP B 151 -23.29 -12.49 13.54
C ASP B 151 -22.83 -13.57 14.53
N THR B 152 -23.77 -14.43 14.91
CA THR B 152 -23.51 -15.50 15.87
C THR B 152 -24.01 -16.82 15.30
N ILE B 153 -23.12 -17.80 15.17
CA ILE B 153 -23.45 -19.13 14.69
C ILE B 153 -23.65 -20.04 15.88
N VAL B 154 -24.77 -20.76 15.91
CA VAL B 154 -25.09 -21.69 16.99
C VAL B 154 -24.94 -23.10 16.44
N HIS B 155 -23.96 -23.84 16.97
CA HIS B 155 -23.72 -25.23 16.59
C HIS B 155 -24.38 -26.11 17.64
N GLU B 156 -25.56 -26.62 17.32
CA GLU B 156 -26.34 -27.38 18.29
C GLU B 156 -25.74 -28.77 18.50
N VAL B 157 -26.23 -29.44 19.54
CA VAL B 157 -25.73 -30.77 19.88
C VAL B 157 -26.14 -31.78 18.81
N GLY B 158 -25.20 -32.63 18.41
CA GLY B 158 -25.46 -33.60 17.38
C GLY B 158 -25.46 -33.08 15.96
N GLU B 159 -25.29 -31.77 15.78
CA GLU B 159 -25.26 -31.18 14.45
C GLU B 159 -23.87 -31.32 13.84
N ALA B 160 -23.84 -31.58 12.55
CA ALA B 160 -22.58 -31.67 11.80
C ALA B 160 -22.68 -30.76 10.58
N THR B 161 -21.76 -29.81 10.48
CA THR B 161 -21.73 -28.86 9.39
C THR B 161 -20.33 -28.80 8.79
N SER B 162 -20.23 -28.10 7.66
CA SER B 162 -18.95 -27.80 7.03
C SER B 162 -18.63 -26.33 7.26
N VAL B 163 -17.44 -26.06 7.79
CA VAL B 163 -17.04 -24.71 8.12
C VAL B 163 -15.95 -24.25 7.15
N GLN B 164 -15.84 -22.93 7.02
CA GLN B 164 -14.82 -22.33 6.17
C GLN B 164 -14.57 -20.91 6.65
N TRP B 165 -13.30 -20.53 6.77
CA TRP B 165 -12.93 -19.23 7.29
C TRP B 165 -11.96 -18.55 6.33
N SER B 166 -11.97 -17.22 6.34
CA SER B 166 -11.06 -16.43 5.54
C SER B 166 -9.76 -16.20 6.30
N SER B 167 -8.80 -15.55 5.64
CA SER B 167 -7.45 -15.38 6.17
C SER B 167 -7.36 -14.31 7.27
N GLY B 168 -8.46 -13.94 7.90
CA GLY B 168 -8.43 -12.94 8.95
C GLY B 168 -9.63 -13.04 9.88
N THR B 169 -10.17 -14.25 10.00
CA THR B 169 -11.38 -14.48 10.79
C THR B 169 -11.00 -14.74 12.24
N TRP B 170 -11.63 -14.01 13.15
CA TRP B 170 -11.42 -14.19 14.58
C TRP B 170 -12.77 -14.04 15.28
N MET B 171 -12.98 -14.81 16.33
CA MET B 171 -14.29 -14.90 16.95
C MET B 171 -14.16 -15.25 18.43
N VAL B 172 -15.26 -15.03 19.15
CA VAL B 172 -15.39 -15.43 20.55
C VAL B 172 -16.38 -16.58 20.62
N GLU B 173 -15.96 -17.67 21.26
CA GLU B 173 -16.71 -18.92 21.24
C GLU B 173 -17.04 -19.37 22.66
N TYR B 174 -18.26 -19.87 22.84
CA TYR B 174 -18.72 -20.44 24.10
C TYR B 174 -19.40 -21.78 23.83
N GLY B 175 -19.02 -22.79 24.60
CA GLY B 175 -19.61 -24.11 24.47
C GLY B 175 -20.09 -24.63 25.81
N ARG B 176 -21.19 -25.39 25.76
CA ARG B 176 -21.77 -25.98 26.95
C ARG B 176 -22.25 -27.38 26.64
N GLY B 177 -21.94 -28.31 27.55
CA GLY B 177 -22.30 -29.71 27.38
C GLY B 177 -21.34 -30.62 28.12
N PHE B 178 -20.89 -31.68 27.47
CA PHE B 178 -19.86 -32.56 28.02
C PHE B 178 -18.59 -32.31 27.21
N ILE B 179 -17.72 -31.45 27.75
CA ILE B 179 -16.54 -31.02 26.99
C ILE B 179 -15.61 -32.16 26.65
N PRO B 180 -15.33 -33.15 27.54
CA PRO B 180 -14.41 -34.23 27.16
C PRO B 180 -14.81 -34.98 25.89
N SER B 181 -16.09 -34.94 25.52
CA SER B 181 -16.51 -35.60 24.29
C SER B 181 -15.99 -34.91 23.04
N THR B 182 -15.60 -33.63 23.15
CA THR B 182 -15.10 -32.89 22.00
C THR B 182 -13.59 -33.04 21.80
N LEU B 183 -12.86 -33.46 22.84
CA LEU B 183 -11.42 -33.59 22.72
C LEU B 183 -11.00 -34.71 21.78
N ALA B 184 -11.86 -35.71 21.57
CA ALA B 184 -11.55 -36.77 20.63
C ALA B 184 -11.46 -36.23 19.21
N PHE B 185 -12.36 -35.30 18.85
CA PHE B 185 -12.34 -34.69 17.54
C PHE B 185 -11.25 -33.62 17.42
N ALA B 186 -11.00 -32.89 18.51
CA ALA B 186 -10.04 -31.78 18.48
C ALA B 186 -8.61 -32.24 18.27
N LEU B 187 -8.29 -33.49 18.62
CA LEU B 187 -6.92 -33.99 18.55
C LEU B 187 -6.74 -35.04 17.46
N ALA B 188 -7.77 -35.27 16.63
CA ALA B 188 -7.66 -36.29 15.59
C ALA B 188 -6.60 -35.94 14.57
N ASP B 189 -6.67 -34.73 14.01
CA ASP B 189 -5.67 -34.31 13.03
C ASP B 189 -4.28 -34.18 13.66
N THR B 190 -4.23 -33.85 14.94
CA THR B 190 -2.95 -33.77 15.63
C THR B 190 -2.29 -35.13 15.77
N ILE B 191 -3.06 -36.21 15.74
CA ILE B 191 -2.52 -37.56 15.87
C ILE B 191 -2.23 -38.17 14.52
N PHE B 192 -3.16 -38.04 13.57
CA PHE B 192 -3.08 -38.77 12.31
C PHE B 192 -2.65 -37.92 11.12
N SER B 193 -2.56 -36.59 11.27
CA SER B 193 -2.19 -35.74 10.15
C SER B 193 -0.99 -34.87 10.44
N THR B 194 -1.08 -33.96 11.41
CA THR B 194 0.00 -33.02 11.67
C THR B 194 1.10 -33.66 12.52
N GLN B 195 0.73 -34.55 13.45
CA GLN B 195 1.67 -35.17 14.38
C GLN B 195 2.46 -34.13 15.18
N ASP B 196 1.84 -32.98 15.44
CA ASP B 196 2.46 -31.93 16.25
C ASP B 196 2.14 -32.21 17.72
N PHE B 197 2.91 -33.12 18.30
CA PHE B 197 2.66 -33.55 19.67
C PHE B 197 2.97 -32.45 20.68
N LEU B 198 3.83 -31.49 20.32
CA LEU B 198 4.06 -30.35 21.21
C LEU B 198 2.81 -29.51 21.33
N THR B 199 2.08 -29.33 20.22
CA THR B 199 0.78 -28.67 20.29
C THR B 199 -0.21 -29.52 21.09
N LEU B 200 -0.14 -30.84 20.93
CA LEU B 200 -0.96 -31.73 21.75
C LEU B 200 -0.66 -31.53 23.24
N PHE B 201 0.61 -31.32 23.59
CA PHE B 201 0.96 -31.06 24.97
C PHE B 201 0.41 -29.71 25.43
N TYR B 202 0.48 -28.69 24.56
CA TYR B 202 -0.02 -27.38 24.92
C TYR B 202 -1.52 -27.41 25.18
N THR B 203 -2.27 -28.15 24.35
CA THR B 203 -3.72 -28.24 24.53
C THR B 203 -4.08 -28.88 25.86
N VAL B 204 -3.40 -29.99 26.20
CA VAL B 204 -3.64 -30.63 27.48
C VAL B 204 -3.16 -29.73 28.62
N LYS B 205 -2.10 -28.97 28.38
CA LYS B 205 -1.59 -28.06 29.40
C LYS B 205 -2.60 -26.98 29.75
N VAL B 206 -3.12 -26.30 28.72
CA VAL B 206 -4.05 -25.19 28.97
C VAL B 206 -5.41 -25.69 29.43
N TYR B 207 -5.81 -26.89 29.02
CA TYR B 207 -7.09 -27.42 29.49
C TYR B 207 -7.00 -27.91 30.92
N SER B 208 -5.84 -28.38 31.35
CA SER B 208 -5.66 -28.79 32.74
C SER B 208 -5.61 -27.58 33.66
N LYS B 209 -4.93 -26.51 33.23
CA LYS B 209 -4.88 -25.29 34.04
C LYS B 209 -6.28 -24.72 34.25
N ALA B 210 -7.13 -24.79 33.23
CA ALA B 210 -8.49 -24.31 33.40
C ALA B 210 -9.29 -25.20 34.34
N LEU B 211 -9.00 -26.51 34.34
CA LEU B 211 -9.67 -27.41 35.27
C LEU B 211 -9.16 -27.22 36.70
N LEU B 212 -7.84 -27.04 36.86
CA LEU B 212 -7.29 -26.83 38.19
C LEU B 212 -7.71 -25.47 38.75
N LEU B 213 -7.79 -24.44 37.89
CA LEU B 213 -8.28 -23.15 38.37
C LEU B 213 -9.74 -23.24 38.78
N GLU B 214 -10.55 -23.94 37.99
CA GLU B 214 -11.96 -24.08 38.35
C GLU B 214 -12.12 -24.92 39.60
N ALA B 215 -11.27 -25.94 39.76
CA ALA B 215 -11.30 -26.73 40.99
C ALA B 215 -10.78 -25.92 42.17
N SER B 216 -9.81 -25.04 41.93
CA SER B 216 -9.29 -24.19 43.00
C SER B 216 -10.35 -23.21 43.49
N THR B 217 -11.24 -22.77 42.60
CA THR B 217 -12.30 -21.86 43.02
C THR B 217 -13.36 -22.60 43.84
N HIS B 218 -13.64 -23.85 43.51
CA HIS B 218 -14.61 -24.64 44.27
C HIS B 218 -14.09 -24.96 45.68
N LEU B 219 -12.78 -25.11 45.84
CA LEU B 219 -12.25 -25.43 47.17
C LEU B 219 -12.41 -24.26 48.12
N SER B 220 -12.18 -23.04 47.64
CA SER B 220 -12.35 -21.87 48.50
C SER B 220 -13.81 -21.57 48.78
N GLN B 221 -14.72 -22.08 47.98
CA GLN B 221 -16.15 -21.85 48.18
C GLN B 221 -16.82 -23.08 48.79
N LEU C 7 12.28 -56.45 38.62
CA LEU C 7 12.59 -55.27 37.82
C LEU C 7 12.76 -55.69 36.35
N TRP C 8 12.28 -56.89 36.04
CA TRP C 8 12.40 -57.42 34.68
C TRP C 8 11.45 -56.70 33.74
N LEU C 9 10.25 -56.37 34.20
CA LEU C 9 9.30 -55.65 33.37
C LEU C 9 9.81 -54.25 33.03
N GLY C 10 10.64 -53.67 33.90
CA GLY C 10 11.26 -52.39 33.63
C GLY C 10 12.49 -52.46 32.75
N LEU C 11 12.92 -53.65 32.36
CA LEU C 11 14.10 -53.79 31.50
C LEU C 11 13.85 -53.17 30.13
N ARG C 12 12.66 -53.38 29.57
CA ARG C 12 12.32 -52.79 28.28
C ARG C 12 12.30 -51.27 28.35
N ALA C 13 11.79 -50.72 29.45
CA ALA C 13 11.70 -49.27 29.59
C ALA C 13 13.07 -48.63 29.75
N VAL C 14 13.99 -49.30 30.44
CA VAL C 14 15.34 -48.77 30.60
C VAL C 14 16.11 -48.87 29.28
N LEU C 15 15.92 -49.97 28.55
CA LEU C 15 16.66 -50.18 27.30
C LEU C 15 16.32 -49.12 26.25
N VAL C 16 15.07 -48.68 26.21
CA VAL C 16 14.70 -47.66 25.22
C VAL C 16 15.20 -46.28 25.64
N VAL C 17 15.12 -45.95 26.94
CA VAL C 17 15.61 -44.65 27.40
C VAL C 17 17.12 -44.55 27.19
N ALA C 18 17.86 -45.61 27.50
CA ALA C 18 19.30 -45.61 27.23
C ALA C 18 19.59 -45.58 25.75
N GLY C 19 18.76 -46.28 24.95
CA GLY C 19 18.96 -46.27 23.51
C GLY C 19 18.67 -44.92 22.89
N LEU C 20 17.62 -44.24 23.37
CA LEU C 20 17.28 -42.93 22.83
C LEU C 20 18.30 -41.88 23.23
N ALA C 21 18.78 -41.93 24.48
CA ALA C 21 19.74 -40.94 24.93
C ALA C 21 21.08 -41.10 24.24
N VAL C 22 21.51 -42.34 24.01
CA VAL C 22 22.77 -42.58 23.31
C VAL C 22 22.63 -42.20 21.85
N LEU C 23 21.52 -42.57 21.21
CA LEU C 23 21.34 -42.27 19.80
C LEU C 23 21.11 -40.77 19.58
N LEU C 24 20.53 -40.07 20.57
CA LEU C 24 20.36 -38.64 20.45
C LEU C 24 21.71 -37.92 20.45
N GLN C 25 22.63 -38.35 21.32
CA GLN C 25 23.96 -37.77 21.32
C GLN C 25 24.80 -38.27 20.14
N LEU C 26 24.53 -39.49 19.67
CA LEU C 26 25.26 -40.03 18.54
C LEU C 26 24.91 -39.28 17.25
N ILE C 27 23.62 -38.99 17.05
CA ILE C 27 23.20 -38.30 15.83
C ILE C 27 23.50 -36.81 15.92
N ARG C 28 23.28 -36.20 17.08
CA ARG C 28 23.55 -34.77 17.22
C ARG C 28 25.04 -34.48 17.13
N GLY C 29 25.87 -35.32 17.72
CA GLY C 29 27.31 -35.18 17.54
C GLY C 29 27.73 -35.42 16.10
N TRP C 30 27.00 -36.26 15.38
CA TRP C 30 27.30 -36.48 13.97
C TRP C 30 26.95 -35.25 13.14
N LEU C 31 25.80 -34.63 13.42
CA LEU C 31 25.40 -33.44 12.65
C LEU C 31 26.34 -32.27 12.89
N SER C 32 26.94 -32.18 14.08
CA SER C 32 27.85 -31.10 14.40
C SER C 32 29.27 -31.35 13.92
N SER C 33 29.57 -32.57 13.44
CA SER C 33 30.92 -32.91 13.01
C SER C 33 30.95 -33.46 11.59
N LYS C 34 29.85 -33.38 10.84
CA LYS C 34 29.76 -33.93 9.50
C LYS C 34 30.04 -32.85 8.45
N SER C 35 30.80 -33.22 7.43
CA SER C 35 30.98 -32.35 6.28
C SER C 35 29.75 -32.45 5.38
N TYR C 36 29.16 -31.31 5.05
CA TYR C 36 27.92 -31.27 4.29
C TYR C 36 28.19 -30.99 2.82
N VAL C 37 27.31 -31.51 1.96
CA VAL C 37 27.47 -31.36 0.51
C VAL C 37 26.99 -29.97 0.08
N PHE C 38 25.73 -29.66 0.37
CA PHE C 38 25.13 -28.40 -0.04
C PHE C 38 25.06 -27.45 1.15
N ASN C 39 24.58 -26.24 0.90
CA ASN C 39 24.41 -25.24 1.93
C ASN C 39 23.11 -24.49 1.70
N ARG C 40 22.53 -23.98 2.79
CA ARG C 40 21.26 -23.26 2.68
C ARG C 40 21.43 -21.98 1.85
N GLU C 41 22.57 -21.30 2.01
CA GLU C 41 22.81 -20.11 1.20
C GLU C 41 23.15 -20.49 -0.24
N GLU C 42 23.79 -21.63 -0.45
CA GLU C 42 24.13 -22.06 -1.79
C GLU C 42 22.90 -22.35 -2.62
N ILE C 43 21.93 -23.09 -2.04
CA ILE C 43 20.72 -23.41 -2.77
C ILE C 43 19.85 -22.18 -2.95
N ALA C 44 19.79 -21.32 -1.94
CA ALA C 44 18.98 -20.11 -2.03
C ALA C 44 19.56 -19.15 -3.06
N ARG C 45 20.89 -19.03 -3.10
CA ARG C 45 21.54 -18.18 -4.08
C ARG C 45 21.31 -18.72 -5.49
N LEU C 46 21.37 -20.05 -5.65
CA LEU C 46 21.16 -20.66 -6.95
C LEU C 46 19.75 -20.40 -7.48
N ALA C 47 18.75 -20.43 -6.60
CA ALA C 47 17.37 -20.19 -7.03
C ALA C 47 17.14 -18.73 -7.37
N LYS C 48 17.80 -17.82 -6.64
CA LYS C 48 17.64 -16.40 -6.88
C LYS C 48 18.24 -15.96 -8.21
N GLU C 49 19.18 -16.74 -8.76
CA GLU C 49 19.74 -16.40 -10.06
C GLU C 49 18.69 -16.47 -11.15
N HIS C 50 17.72 -17.38 -11.00
CA HIS C 50 16.70 -17.61 -12.02
C HIS C 50 15.30 -17.25 -11.54
N SER C 51 15.17 -16.46 -10.47
CA SER C 51 13.84 -16.17 -9.95
C SER C 51 13.15 -15.06 -10.75
N GLY C 52 13.43 -15.01 -12.06
CA GLY C 52 12.76 -14.09 -12.96
C GLY C 52 12.10 -14.85 -14.10
N LEU C 53 12.66 -16.00 -14.42
CA LEU C 53 12.23 -16.83 -15.53
C LEU C 53 11.00 -17.66 -15.18
N ASP C 54 10.58 -18.47 -16.15
CA ASP C 54 9.54 -19.46 -15.94
C ASP C 54 10.05 -20.56 -15.01
N TYR C 55 9.18 -21.06 -14.14
CA TYR C 55 9.63 -22.03 -13.15
C TYR C 55 10.07 -23.33 -13.80
N GLU C 56 9.52 -23.65 -14.97
CA GLU C 56 10.02 -24.81 -15.72
C GLU C 56 11.40 -24.52 -16.30
N VAL C 57 11.60 -23.30 -16.81
CA VAL C 57 12.92 -22.92 -17.30
C VAL C 57 13.91 -22.83 -16.15
N ALA C 58 13.46 -22.35 -14.99
CA ALA C 58 14.33 -22.28 -13.83
C ALA C 58 14.72 -23.67 -13.35
N PHE C 59 13.79 -24.64 -13.42
CA PHE C 59 14.11 -26.00 -13.00
C PHE C 59 15.22 -26.59 -13.85
N SER C 60 15.20 -26.34 -15.16
CA SER C 60 16.20 -26.93 -16.04
C SER C 60 17.58 -26.36 -15.75
N LYS C 61 17.67 -25.03 -15.63
CA LYS C 61 18.96 -24.41 -15.37
C LYS C 61 19.49 -24.74 -13.98
N ILE C 62 18.59 -24.95 -13.01
CA ILE C 62 19.03 -25.27 -11.66
C ILE C 62 19.55 -26.71 -11.58
N ILE C 63 18.87 -27.64 -12.26
CA ILE C 63 19.32 -29.03 -12.24
C ILE C 63 20.66 -29.17 -12.96
N VAL C 64 20.85 -28.41 -14.04
CA VAL C 64 22.12 -28.46 -14.77
C VAL C 64 23.25 -27.90 -13.91
N GLU C 65 23.01 -26.76 -13.25
CA GLU C 65 24.04 -26.15 -12.41
C GLU C 65 24.39 -27.03 -11.21
N LEU C 66 23.40 -27.76 -10.67
CA LEU C 66 23.67 -28.62 -9.53
C LEU C 66 24.54 -29.81 -9.91
N ARG C 67 24.34 -30.39 -11.10
CA ARG C 67 25.15 -31.52 -11.51
C ARG C 67 26.57 -31.11 -11.91
N LYS C 68 26.79 -29.83 -12.22
CA LYS C 68 28.14 -29.37 -12.51
C LYS C 68 28.94 -29.11 -11.23
N LYS C 69 28.34 -28.37 -10.30
CA LYS C 69 29.06 -27.98 -9.09
C LYS C 69 29.15 -29.11 -8.08
N HIS C 70 28.27 -30.11 -8.16
CA HIS C 70 28.30 -31.26 -7.26
C HIS C 70 28.05 -32.53 -8.07
N PRO C 71 29.04 -32.99 -8.82
CA PRO C 71 28.86 -34.21 -9.61
C PRO C 71 28.80 -35.44 -8.73
N GLY C 72 27.99 -36.40 -9.15
CA GLY C 72 27.82 -37.62 -8.38
C GLY C 72 26.91 -37.50 -7.18
N HIS C 73 26.26 -36.35 -7.01
CA HIS C 73 25.35 -36.12 -5.88
C HIS C 73 23.91 -35.84 -6.29
N ILE C 74 23.63 -35.70 -7.58
CA ILE C 74 22.28 -35.43 -8.07
C ILE C 74 21.82 -36.63 -8.89
N LEU C 75 20.56 -37.05 -8.65
CA LEU C 75 20.00 -38.19 -9.37
C LEU C 75 19.99 -37.95 -10.87
N GLN C 76 20.08 -39.05 -11.62
CA GLN C 76 20.00 -38.97 -13.07
C GLN C 76 18.56 -38.72 -13.49
N ASP C 77 18.40 -38.21 -14.72
CA ASP C 77 17.06 -37.96 -15.26
C ASP C 77 16.23 -39.23 -15.33
N GLU C 78 16.88 -40.40 -15.42
CA GLU C 78 16.16 -41.66 -15.44
C GLU C 78 15.50 -41.94 -14.09
N ASP C 79 16.08 -41.43 -13.00
CA ASP C 79 15.58 -41.66 -11.66
C ASP C 79 14.79 -40.47 -11.12
N LEU C 80 14.31 -39.59 -11.99
CA LEU C 80 13.54 -38.42 -11.61
C LEU C 80 12.08 -38.61 -11.99
N GLN C 81 11.18 -38.29 -11.05
CA GLN C 81 9.75 -38.34 -11.32
C GLN C 81 9.04 -37.48 -10.29
N TRP C 82 7.95 -36.83 -10.73
CA TRP C 82 7.15 -36.00 -9.84
C TRP C 82 6.26 -36.90 -8.98
N VAL C 83 6.44 -36.83 -7.66
CA VAL C 83 5.69 -37.64 -6.71
C VAL C 83 4.81 -36.72 -5.88
N PHE C 84 3.52 -37.06 -5.78
CA PHE C 84 2.62 -36.30 -4.93
C PHE C 84 3.07 -36.38 -3.48
N VAL C 85 2.80 -35.32 -2.74
CA VAL C 85 3.17 -35.23 -1.32
C VAL C 85 1.95 -34.76 -0.55
N ASN C 86 1.46 -35.60 0.36
CA ASN C 86 0.32 -35.26 1.21
C ASN C 86 0.77 -35.26 2.66
N ALA C 87 0.70 -34.10 3.30
CA ALA C 87 1.14 -33.97 4.69
C ALA C 87 0.52 -32.73 5.31
N GLY C 88 0.15 -32.83 6.58
CA GLY C 88 -0.37 -31.71 7.33
C GLY C 88 -1.66 -31.11 6.81
N GLY C 89 -2.28 -31.76 5.83
CA GLY C 89 -3.52 -31.27 5.26
C GLY C 89 -3.37 -30.58 3.92
N TRP C 90 -2.16 -30.41 3.42
CA TRP C 90 -1.92 -29.81 2.11
C TRP C 90 -1.40 -30.87 1.15
N MET C 91 -1.45 -30.53 -0.14
CA MET C 91 -1.07 -31.47 -1.20
C MET C 91 -0.22 -30.76 -2.24
N GLY C 92 0.92 -31.36 -2.56
CA GLY C 92 1.79 -30.84 -3.60
C GLY C 92 2.53 -31.94 -4.34
N SER C 93 3.62 -31.59 -5.01
CA SER C 93 4.45 -32.58 -5.69
C SER C 93 5.91 -32.15 -5.60
N MET C 94 6.80 -33.15 -5.57
CA MET C 94 8.22 -32.91 -5.42
C MET C 94 8.99 -33.57 -6.56
N CYS C 95 10.20 -33.05 -6.79
CA CYS C 95 11.15 -33.61 -7.75
C CYS C 95 12.47 -33.73 -7.00
N LEU C 96 12.65 -34.87 -6.33
CA LEU C 96 13.81 -35.08 -5.48
C LEU C 96 15.09 -35.16 -6.31
N LEU C 97 15.98 -34.18 -6.12
CA LEU C 97 17.25 -34.14 -6.84
C LEU C 97 18.36 -34.81 -6.03
N HIS C 98 18.48 -34.48 -4.75
CA HIS C 98 19.47 -35.07 -3.88
C HIS C 98 18.85 -35.34 -2.52
N ALA C 99 19.29 -36.41 -1.88
CA ALA C 99 18.81 -36.75 -0.55
C ALA C 99 19.80 -37.70 0.11
N SER C 100 20.10 -37.43 1.37
CA SER C 100 20.97 -38.30 2.16
C SER C 100 20.28 -38.51 3.51
N LEU C 101 21.06 -38.96 4.50
CA LEU C 101 20.54 -39.05 5.86
C LEU C 101 20.55 -37.71 6.57
N THR C 102 21.24 -36.71 6.02
CA THR C 102 21.36 -35.41 6.67
C THR C 102 20.94 -34.23 5.81
N GLU C 103 20.94 -34.35 4.48
CA GLU C 103 20.55 -33.26 3.61
C GLU C 103 19.62 -33.77 2.52
N TYR C 104 18.90 -32.83 1.90
CA TYR C 104 18.11 -33.13 0.72
C TYR C 104 17.85 -31.84 -0.05
N VAL C 105 17.82 -31.96 -1.38
CA VAL C 105 17.51 -30.85 -2.27
C VAL C 105 16.45 -31.32 -3.25
N LEU C 106 15.33 -30.59 -3.32
CA LEU C 106 14.24 -30.98 -4.20
C LEU C 106 13.53 -29.73 -4.71
N LEU C 107 12.66 -29.95 -5.69
CA LEU C 107 11.81 -28.91 -6.27
C LEU C 107 10.37 -29.20 -5.86
N PHE C 108 9.81 -28.35 -5.00
CA PHE C 108 8.47 -28.56 -4.48
C PHE C 108 7.52 -27.47 -4.97
N GLY C 109 6.25 -27.82 -5.10
CA GLY C 109 5.24 -26.87 -5.50
C GLY C 109 3.91 -27.57 -5.69
N THR C 110 2.91 -26.76 -6.03
CA THR C 110 1.55 -27.26 -6.22
C THR C 110 0.88 -26.51 -7.36
N ALA C 111 -0.04 -27.19 -8.02
CA ALA C 111 -0.84 -26.58 -9.09
C ALA C 111 -2.26 -26.30 -8.65
N VAL C 112 -2.55 -26.47 -7.36
CA VAL C 112 -3.86 -26.17 -6.78
C VAL C 112 -3.63 -25.36 -5.51
N ASP C 113 -4.74 -24.89 -4.94
CA ASP C 113 -4.70 -24.09 -3.71
C ASP C 113 -4.80 -25.03 -2.51
N THR C 114 -3.69 -25.21 -1.81
CA THR C 114 -3.64 -26.07 -0.63
C THR C 114 -2.98 -25.33 0.52
N GLY C 115 -3.04 -25.95 1.69
CA GLY C 115 -2.44 -25.37 2.88
C GLY C 115 -2.73 -26.25 4.08
N GLY C 116 -1.90 -26.09 5.11
CA GLY C 116 -2.08 -26.86 6.33
C GLY C 116 -0.92 -26.68 7.28
N HIS C 117 -0.67 -27.72 8.06
CA HIS C 117 0.38 -27.71 9.07
C HIS C 117 1.74 -27.95 8.41
N SER C 118 2.72 -27.14 8.78
CA SER C 118 4.06 -27.31 8.23
C SER C 118 4.78 -28.53 8.76
N GLY C 119 4.41 -29.01 9.94
CA GLY C 119 5.09 -30.13 10.56
C GLY C 119 6.21 -29.69 11.47
N ARG C 120 6.37 -30.37 12.60
CA ARG C 120 7.44 -30.07 13.56
C ARG C 120 8.37 -31.27 13.62
N TYR C 121 9.62 -31.09 13.17
CA TYR C 121 10.56 -32.19 13.08
C TYR C 121 11.98 -31.67 13.32
N TRP C 122 12.95 -32.58 13.21
CA TRP C 122 14.35 -32.29 13.47
C TRP C 122 15.08 -32.04 12.15
N ALA C 123 14.79 -30.89 11.56
CA ALA C 123 15.40 -30.50 10.29
C ALA C 123 15.14 -29.03 10.03
N GLU C 124 16.17 -28.32 9.57
CA GLU C 124 16.03 -26.95 9.13
C GLU C 124 15.75 -26.93 7.63
N ILE C 125 14.68 -26.23 7.24
CA ILE C 125 14.19 -26.25 5.86
C ILE C 125 14.14 -24.82 5.35
N SER C 126 14.71 -24.60 4.17
CA SER C 126 14.67 -23.31 3.50
C SER C 126 14.08 -23.48 2.11
N ASP C 127 13.10 -22.65 1.77
CA ASP C 127 12.46 -22.67 0.47
C ASP C 127 12.60 -21.29 -0.18
N THR C 128 13.09 -21.27 -1.41
CA THR C 128 13.19 -20.06 -2.20
C THR C 128 12.13 -20.10 -3.30
N ILE C 129 11.18 -19.18 -3.24
CA ILE C 129 10.03 -19.23 -4.14
C ILE C 129 10.46 -18.79 -5.54
N LEU C 130 10.13 -19.60 -6.53
CA LEU C 130 10.34 -19.26 -7.94
C LEU C 130 9.11 -18.64 -8.58
N SER C 131 7.91 -19.06 -8.18
CA SER C 131 6.67 -18.52 -8.72
C SER C 131 5.57 -18.72 -7.70
N GLY C 132 4.46 -18.02 -7.90
CA GLY C 132 3.32 -18.14 -7.01
C GLY C 132 3.49 -17.31 -5.75
N THR C 133 2.74 -17.68 -4.73
CA THR C 133 2.77 -17.01 -3.44
C THR C 133 2.83 -18.04 -2.31
N PHE C 134 3.35 -17.60 -1.17
CA PHE C 134 3.59 -18.47 -0.01
C PHE C 134 3.15 -17.70 1.22
N ARG C 135 2.05 -18.14 1.84
CA ARG C 135 1.56 -17.55 3.07
C ARG C 135 2.04 -18.37 4.26
N GLN C 136 2.69 -17.71 5.22
CA GLN C 136 3.23 -18.35 6.41
C GLN C 136 2.60 -17.74 7.66
N TRP C 137 2.18 -18.60 8.58
CA TRP C 137 1.57 -18.18 9.85
C TRP C 137 2.38 -18.81 10.98
N LYS C 138 3.24 -18.01 11.63
CA LYS C 138 4.05 -18.53 12.72
C LYS C 138 3.20 -18.81 13.95
N GLU C 139 3.70 -19.70 14.79
CA GLU C 139 2.97 -20.11 15.99
C GLU C 139 2.95 -19.00 17.02
N GLY C 140 1.80 -18.86 17.69
CA GLY C 140 1.64 -17.88 18.74
C GLY C 140 1.27 -16.49 18.27
N THR C 141 1.11 -16.27 16.97
CA THR C 141 0.74 -14.97 16.44
C THR C 141 -0.69 -15.01 15.91
N THR C 142 -1.19 -13.83 15.54
CA THR C 142 -2.53 -13.69 14.99
C THR C 142 -2.51 -13.10 13.58
N LYS C 143 -1.33 -12.90 12.99
CA LYS C 143 -1.21 -12.36 11.65
C LYS C 143 -0.25 -13.21 10.84
N SER C 144 -0.49 -13.28 9.54
CA SER C 144 0.32 -14.07 8.63
C SER C 144 1.03 -13.15 7.63
N GLU C 145 2.08 -13.68 7.03
CA GLU C 145 2.86 -12.96 6.04
C GLU C 145 2.84 -13.72 4.72
N ILE C 146 2.82 -12.99 3.61
CA ILE C 146 2.81 -13.57 2.27
C ILE C 146 4.16 -13.32 1.63
N PHE C 147 4.74 -14.38 1.06
CA PHE C 147 6.06 -14.32 0.44
C PHE C 147 5.92 -14.53 -1.07
N TYR C 148 6.78 -13.84 -1.82
CA TYR C 148 6.65 -13.76 -3.27
C TYR C 148 7.91 -14.32 -3.94
N PRO C 149 7.91 -14.51 -5.25
CA PRO C 149 9.12 -15.02 -5.92
C PRO C 149 10.35 -14.18 -5.62
N GLY C 150 11.45 -14.87 -5.29
CA GLY C 150 12.69 -14.25 -4.87
C GLY C 150 12.94 -14.35 -3.39
N ASP C 151 11.89 -14.40 -2.58
CA ASP C 151 12.05 -14.52 -1.13
C ASP C 151 12.48 -15.93 -0.74
N THR C 152 13.06 -16.02 0.46
CA THR C 152 13.51 -17.29 1.01
C THR C 152 12.95 -17.44 2.42
N ILE C 153 12.16 -18.49 2.64
CA ILE C 153 11.56 -18.77 3.93
C ILE C 153 12.40 -19.84 4.63
N VAL C 154 12.77 -19.58 5.88
CA VAL C 154 13.56 -20.51 6.68
C VAL C 154 12.65 -21.07 7.76
N HIS C 155 12.39 -22.39 7.68
CA HIS C 155 11.60 -23.10 8.68
C HIS C 155 12.57 -23.75 9.65
N GLU C 156 12.75 -23.14 10.81
CA GLU C 156 13.77 -23.58 11.74
C GLU C 156 13.38 -24.89 12.41
N VAL C 157 14.36 -25.50 13.08
CA VAL C 157 14.16 -26.79 13.73
C VAL C 157 13.25 -26.61 14.95
N GLY C 158 12.29 -27.51 15.11
CA GLY C 158 11.35 -27.45 16.21
C GLY C 158 10.24 -26.43 16.05
N GLU C 159 10.29 -25.62 14.99
CA GLU C 159 9.24 -24.64 14.74
C GLU C 159 8.07 -25.28 14.00
N ALA C 160 6.86 -24.85 14.34
CA ALA C 160 5.65 -25.31 13.66
C ALA C 160 4.87 -24.09 13.21
N THR C 161 4.60 -24.02 11.90
CA THR C 161 3.87 -22.91 11.31
C THR C 161 2.75 -23.46 10.44
N SER C 162 1.91 -22.55 9.96
CA SER C 162 0.86 -22.87 9.00
C SER C 162 1.26 -22.34 7.63
N VAL C 163 1.24 -23.22 6.62
CA VAL C 163 1.64 -22.86 5.27
C VAL C 163 0.41 -22.85 4.37
N GLN C 164 0.51 -22.08 3.28
CA GLN C 164 -0.54 -22.01 2.28
C GLN C 164 0.08 -21.52 0.97
N TRP C 165 -0.29 -22.16 -0.13
CA TRP C 165 0.27 -21.86 -1.44
C TRP C 165 -0.83 -21.60 -2.44
N SER C 166 -0.51 -20.81 -3.47
CA SER C 166 -1.45 -20.51 -4.54
C SER C 166 -1.37 -21.58 -5.62
N SER C 167 -2.25 -21.47 -6.61
CA SER C 167 -2.40 -22.49 -7.65
C SER C 167 -1.29 -22.49 -8.69
N GLY C 168 -0.14 -21.89 -8.41
CA GLY C 168 0.97 -21.87 -9.36
C GLY C 168 2.28 -21.63 -8.65
N THR C 169 2.35 -22.03 -7.40
CA THR C 169 3.52 -21.79 -6.55
C THR C 169 4.52 -22.92 -6.72
N TRP C 170 5.76 -22.56 -7.02
CA TRP C 170 6.86 -23.51 -7.13
C TRP C 170 8.10 -22.91 -6.51
N MET C 171 8.92 -23.76 -5.89
CA MET C 171 10.03 -23.29 -5.08
C MET C 171 11.14 -24.33 -5.07
N VAL C 172 12.33 -23.87 -4.68
CA VAL C 172 13.49 -24.73 -4.49
C VAL C 172 13.76 -24.83 -3.00
N GLU C 173 13.88 -26.06 -2.51
CA GLU C 173 13.94 -26.34 -1.08
C GLU C 173 15.20 -27.10 -0.71
N TYR C 174 15.79 -26.72 0.42
CA TYR C 174 16.96 -27.38 0.98
C TYR C 174 16.72 -27.65 2.47
N GLY C 175 17.00 -28.88 2.88
CA GLY C 175 16.83 -29.25 4.28
C GLY C 175 18.09 -29.89 4.84
N ARG C 176 18.34 -29.62 6.11
CA ARG C 176 19.50 -30.17 6.82
C ARG C 176 19.11 -30.54 8.24
N GLY C 177 19.53 -31.71 8.67
CA GLY C 177 19.23 -32.22 9.99
C GLY C 177 19.26 -33.74 9.97
N PHE C 178 18.25 -34.35 10.59
CA PHE C 178 18.06 -35.80 10.53
C PHE C 178 16.84 -36.06 9.65
N ILE C 179 17.10 -36.36 8.38
CA ILE C 179 16.00 -36.48 7.41
C ILE C 179 15.01 -37.58 7.76
N PRO C 180 15.42 -38.77 8.21
CA PRO C 180 14.41 -39.80 8.56
C PRO C 180 13.38 -39.36 9.58
N SER C 181 13.67 -38.35 10.40
CA SER C 181 12.69 -37.89 11.38
C SER C 181 11.49 -37.21 10.73
N THR C 182 11.62 -36.75 9.49
CA THR C 182 10.53 -36.09 8.79
C THR C 182 9.59 -37.04 8.08
N LEU C 183 10.00 -38.29 7.85
CA LEU C 183 9.18 -39.23 7.09
C LEU C 183 7.90 -39.61 7.81
N ALA C 184 7.86 -39.50 9.14
CA ALA C 184 6.62 -39.79 9.86
C ALA C 184 5.53 -38.77 9.52
N PHE C 185 5.91 -37.49 9.41
CA PHE C 185 4.94 -36.47 9.06
C PHE C 185 4.64 -36.47 7.56
N ALA C 186 5.64 -36.75 6.73
CA ALA C 186 5.47 -36.69 5.29
C ALA C 186 4.54 -37.77 4.76
N LEU C 187 4.38 -38.88 5.49
CA LEU C 187 3.58 -40.00 5.03
C LEU C 187 2.32 -40.20 5.86
N ALA C 188 2.04 -39.30 6.80
CA ALA C 188 0.88 -39.46 7.68
C ALA C 188 -0.42 -39.38 6.88
N ASP C 189 -0.59 -38.32 6.10
CA ASP C 189 -1.80 -38.17 5.29
C ASP C 189 -1.90 -39.25 4.22
N THR C 190 -0.76 -39.76 3.74
CA THR C 190 -0.78 -40.84 2.77
C THR C 190 -1.28 -42.14 3.37
N ILE C 191 -1.18 -42.30 4.68
CA ILE C 191 -1.62 -43.53 5.35
C ILE C 191 -3.06 -43.43 5.80
N PHE C 192 -3.44 -42.30 6.41
CA PHE C 192 -4.75 -42.18 7.05
C PHE C 192 -5.76 -41.38 6.26
N SER C 193 -5.36 -40.73 5.17
CA SER C 193 -6.27 -39.88 4.40
C SER C 193 -6.37 -40.30 2.94
N THR C 194 -5.26 -40.22 2.19
CA THR C 194 -5.32 -40.51 0.76
C THR C 194 -5.30 -42.01 0.49
N GLN C 195 -4.59 -42.77 1.32
CA GLN C 195 -4.39 -44.20 1.12
C GLN C 195 -3.80 -44.49 -0.27
N ASP C 196 -3.01 -43.56 -0.78
CA ASP C 196 -2.35 -43.73 -2.08
C ASP C 196 -1.01 -44.41 -1.81
N PHE C 197 -1.08 -45.73 -1.63
CA PHE C 197 0.11 -46.50 -1.30
C PHE C 197 1.08 -46.58 -2.46
N LEU C 198 0.60 -46.39 -3.69
CA LEU C 198 1.51 -46.31 -4.83
C LEU C 198 2.37 -45.06 -4.73
N THR C 199 1.80 -43.95 -4.28
CA THR C 199 2.60 -42.75 -4.01
C THR C 199 3.55 -43.01 -2.85
N LEU C 200 3.09 -43.74 -1.83
CA LEU C 200 3.99 -44.15 -0.74
C LEU C 200 5.15 -44.96 -1.27
N PHE C 201 4.90 -45.82 -2.26
CA PHE C 201 5.98 -46.58 -2.87
C PHE C 201 6.93 -45.68 -3.65
N TYR C 202 6.38 -44.68 -4.37
CA TYR C 202 7.23 -43.78 -5.14
C TYR C 202 8.15 -42.98 -4.24
N THR C 203 7.64 -42.52 -3.09
CA THR C 203 8.46 -41.72 -2.18
C THR C 203 9.62 -42.53 -1.64
N VAL C 204 9.36 -43.77 -1.22
CA VAL C 204 10.43 -44.63 -0.73
C VAL C 204 11.36 -45.01 -1.87
N LYS C 205 10.82 -45.16 -3.08
CA LYS C 205 11.66 -45.53 -4.23
C LYS C 205 12.70 -44.46 -4.53
N VAL C 206 12.24 -43.20 -4.69
CA VAL C 206 13.16 -42.14 -5.06
C VAL C 206 14.07 -41.77 -3.90
N TYR C 207 13.60 -41.93 -2.66
CA TYR C 207 14.47 -41.66 -1.52
C TYR C 207 15.53 -42.73 -1.34
N SER C 208 15.21 -43.97 -1.72
CA SER C 208 16.22 -45.03 -1.67
C SER C 208 17.26 -44.85 -2.76
N LYS C 209 16.82 -44.47 -3.97
CA LYS C 209 17.77 -44.23 -5.05
C LYS C 209 18.74 -43.10 -4.70
N ALA C 210 18.26 -42.07 -4.02
CA ALA C 210 19.14 -40.98 -3.60
C ALA C 210 20.11 -41.43 -2.52
N LEU C 211 19.68 -42.36 -1.65
CA LEU C 211 20.59 -42.89 -0.64
C LEU C 211 21.62 -43.82 -1.25
N LEU C 212 21.19 -44.67 -2.20
CA LEU C 212 22.13 -45.57 -2.84
C LEU C 212 23.12 -44.81 -3.71
N LEU C 213 22.67 -43.72 -4.34
CA LEU C 213 23.59 -42.87 -5.10
C LEU C 213 24.61 -42.22 -4.18
N GLU C 214 24.17 -41.73 -3.01
CA GLU C 214 25.10 -41.14 -2.06
C GLU C 214 26.06 -42.18 -1.50
N ALA C 215 25.57 -43.40 -1.28
CA ALA C 215 26.45 -44.46 -0.82
C ALA C 215 27.44 -44.87 -1.89
N SER C 216 27.01 -44.84 -3.16
CA SER C 216 27.90 -45.19 -4.26
C SER C 216 29.01 -44.17 -4.44
N THR C 217 28.74 -42.89 -4.15
CA THR C 217 29.78 -41.88 -4.28
C THR C 217 30.83 -42.00 -3.18
N HIS C 218 30.40 -42.36 -1.97
CA HIS C 218 31.37 -42.52 -0.88
C HIS C 218 32.28 -43.72 -1.11
N LEU C 219 31.79 -44.76 -1.79
CA LEU C 219 32.61 -45.94 -2.04
C LEU C 219 33.72 -45.62 -3.04
N SER C 220 33.42 -44.83 -4.07
CA SER C 220 34.44 -44.48 -5.05
C SER C 220 35.49 -43.53 -4.50
N GLN C 221 35.20 -42.85 -3.38
CA GLN C 221 36.16 -41.95 -2.77
C GLN C 221 36.80 -42.58 -1.53
N LEU D 7 -72.93 32.69 -3.51
CA LEU D 7 -72.57 31.88 -2.35
C LEU D 7 -73.13 30.46 -2.49
N TRP D 8 -73.58 30.11 -3.69
CA TRP D 8 -74.14 28.78 -3.87
C TRP D 8 -73.04 27.72 -3.99
N LEU D 9 -71.97 28.03 -4.72
CA LEU D 9 -70.84 27.12 -4.81
C LEU D 9 -70.11 26.96 -3.49
N GLY D 10 -70.22 27.93 -2.60
CA GLY D 10 -69.59 27.78 -1.30
C GLY D 10 -70.31 26.83 -0.38
N LEU D 11 -71.45 26.27 -0.81
CA LEU D 11 -72.15 25.29 0.00
C LEU D 11 -71.30 24.04 0.20
N ARG D 12 -70.62 23.61 -0.87
CA ARG D 12 -69.71 22.47 -0.74
C ARG D 12 -68.54 22.82 0.17
N ALA D 13 -68.08 24.07 0.13
CA ALA D 13 -66.98 24.50 0.96
C ALA D 13 -67.38 24.56 2.43
N VAL D 14 -68.64 24.95 2.71
CA VAL D 14 -69.10 24.99 4.09
C VAL D 14 -69.27 23.57 4.62
N LEU D 15 -69.79 22.66 3.79
CA LEU D 15 -69.95 21.27 4.22
C LEU D 15 -68.61 20.60 4.51
N VAL D 16 -67.57 20.99 3.78
CA VAL D 16 -66.25 20.40 4.00
C VAL D 16 -65.61 20.94 5.27
N VAL D 17 -65.71 22.26 5.51
CA VAL D 17 -65.15 22.84 6.72
C VAL D 17 -65.93 22.35 7.95
N ALA D 18 -67.26 22.36 7.87
CA ALA D 18 -68.06 21.88 8.99
C ALA D 18 -67.92 20.38 9.16
N GLY D 19 -67.82 19.63 8.06
CA GLY D 19 -67.66 18.19 8.16
C GLY D 19 -66.35 17.78 8.77
N LEU D 20 -65.26 18.45 8.39
CA LEU D 20 -63.95 18.11 8.95
C LEU D 20 -63.84 18.56 10.40
N ALA D 21 -64.39 19.73 10.73
CA ALA D 21 -64.28 20.24 12.09
C ALA D 21 -65.11 19.41 13.06
N VAL D 22 -66.30 18.96 12.64
CA VAL D 22 -67.12 18.13 13.50
C VAL D 22 -66.49 16.75 13.64
N LEU D 23 -65.98 16.19 12.53
CA LEU D 23 -65.35 14.88 12.59
C LEU D 23 -64.03 14.95 13.37
N LEU D 24 -63.38 16.11 13.39
CA LEU D 24 -62.19 16.27 14.21
C LEU D 24 -62.54 16.20 15.69
N GLN D 25 -63.57 16.93 16.11
CA GLN D 25 -63.99 16.90 17.51
C GLN D 25 -64.50 15.51 17.88
N LEU D 26 -65.20 14.84 16.96
CA LEU D 26 -65.75 13.52 17.25
C LEU D 26 -64.64 12.50 17.43
N ILE D 27 -63.65 12.48 16.52
CA ILE D 27 -62.59 11.49 16.59
C ILE D 27 -61.62 11.81 17.73
N ARG D 28 -61.26 13.08 17.91
CA ARG D 28 -60.33 13.45 18.96
C ARG D 28 -60.93 13.20 20.34
N GLY D 29 -62.17 13.61 20.55
CA GLY D 29 -62.83 13.34 21.82
C GLY D 29 -63.03 11.86 22.07
N TRP D 30 -63.15 11.07 21.00
CA TRP D 30 -63.26 9.62 21.15
C TRP D 30 -61.96 9.02 21.64
N LEU D 31 -60.84 9.46 21.06
CA LEU D 31 -59.53 8.91 21.43
C LEU D 31 -59.13 9.26 22.86
N SER D 32 -59.61 10.39 23.38
CA SER D 32 -59.22 10.83 24.72
C SER D 32 -60.05 10.17 25.82
N SER D 33 -61.13 9.48 25.47
CA SER D 33 -62.00 8.84 26.45
C SER D 33 -62.25 7.36 26.15
N LYS D 34 -61.48 6.77 25.25
CA LYS D 34 -61.70 5.40 24.81
C LYS D 34 -60.89 4.41 25.62
N SER D 35 -61.51 3.27 25.96
CA SER D 35 -60.79 2.19 26.62
C SER D 35 -60.00 1.40 25.58
N TYR D 36 -58.71 1.27 25.84
CA TYR D 36 -57.77 0.62 24.92
C TYR D 36 -57.43 -0.78 25.40
N VAL D 37 -57.08 -1.65 24.45
CA VAL D 37 -56.70 -3.03 24.79
C VAL D 37 -55.28 -3.06 25.32
N PHE D 38 -54.33 -2.55 24.55
CA PHE D 38 -52.93 -2.55 24.93
C PHE D 38 -52.50 -1.17 25.41
N ASN D 39 -51.27 -1.09 25.91
CA ASN D 39 -50.65 0.15 26.34
C ASN D 39 -49.16 0.09 25.99
N ARG D 40 -48.56 1.27 25.80
CA ARG D 40 -47.17 1.33 25.36
C ARG D 40 -46.21 0.70 26.37
N GLU D 41 -46.50 0.83 27.67
CA GLU D 41 -45.62 0.21 28.65
C GLU D 41 -45.74 -1.31 28.65
N GLU D 42 -46.93 -1.83 28.35
CA GLU D 42 -47.13 -3.28 28.33
C GLU D 42 -46.34 -3.92 27.20
N ILE D 43 -46.43 -3.34 26.00
CA ILE D 43 -45.72 -3.89 24.84
C ILE D 43 -44.22 -3.68 24.99
N ALA D 44 -43.81 -2.54 25.57
CA ALA D 44 -42.39 -2.25 25.69
C ALA D 44 -41.70 -3.21 26.64
N ARG D 45 -42.33 -3.54 27.78
CA ARG D 45 -41.70 -4.48 28.70
C ARG D 45 -41.61 -5.87 28.09
N LEU D 46 -42.67 -6.32 27.42
CA LEU D 46 -42.66 -7.67 26.84
C LEU D 46 -41.58 -7.78 25.76
N ALA D 47 -41.39 -6.72 24.98
CA ALA D 47 -40.36 -6.76 23.96
C ALA D 47 -38.97 -6.63 24.57
N LYS D 48 -38.83 -5.84 25.62
CA LYS D 48 -37.52 -5.66 26.26
C LYS D 48 -37.08 -6.91 27.01
N GLU D 49 -38.03 -7.75 27.43
CA GLU D 49 -37.67 -9.00 28.09
C GLU D 49 -36.99 -9.97 27.12
N HIS D 50 -37.33 -9.89 25.83
CA HIS D 50 -36.81 -10.79 24.81
C HIS D 50 -35.90 -10.08 23.82
N SER D 51 -35.37 -8.91 24.17
CA SER D 51 -34.51 -8.13 23.27
C SER D 51 -33.11 -8.73 23.26
N GLY D 52 -33.00 -9.89 22.60
CA GLY D 52 -31.73 -10.57 22.44
C GLY D 52 -31.32 -10.68 20.98
N LEU D 53 -30.37 -11.57 20.69
CA LEU D 53 -29.90 -11.72 19.32
C LEU D 53 -30.84 -12.59 18.49
N ASP D 54 -31.25 -13.74 19.03
CA ASP D 54 -32.21 -14.62 18.36
C ASP D 54 -33.59 -13.97 18.35
N TYR D 55 -33.78 -13.09 17.36
CA TYR D 55 -35.05 -12.38 17.21
C TYR D 55 -36.18 -13.29 16.72
N GLU D 56 -35.84 -14.40 16.05
CA GLU D 56 -36.87 -15.32 15.58
C GLU D 56 -37.55 -16.03 16.75
N VAL D 57 -36.77 -16.47 17.75
CA VAL D 57 -37.38 -17.06 18.94
C VAL D 57 -38.12 -15.99 19.73
N ALA D 58 -37.60 -14.75 19.75
CA ALA D 58 -38.29 -13.67 20.44
C ALA D 58 -39.63 -13.37 19.79
N PHE D 59 -39.71 -13.49 18.47
CA PHE D 59 -40.99 -13.30 17.78
C PHE D 59 -42.02 -14.32 18.25
N SER D 60 -41.58 -15.57 18.42
CA SER D 60 -42.51 -16.63 18.81
C SER D 60 -42.99 -16.43 20.25
N LYS D 61 -42.06 -16.13 21.18
CA LYS D 61 -42.44 -15.98 22.58
C LYS D 61 -43.32 -14.76 22.80
N ILE D 62 -43.14 -13.70 21.99
CA ILE D 62 -43.96 -12.51 22.14
C ILE D 62 -45.39 -12.78 21.66
N ILE D 63 -45.53 -13.51 20.56
CA ILE D 63 -46.86 -13.83 20.05
C ILE D 63 -47.61 -14.72 21.04
N VAL D 64 -46.90 -15.63 21.71
CA VAL D 64 -47.54 -16.52 22.68
C VAL D 64 -48.03 -15.72 23.89
N GLU D 65 -47.19 -14.83 24.42
CA GLU D 65 -47.58 -14.05 25.58
C GLU D 65 -48.72 -13.09 25.26
N LEU D 66 -48.76 -12.54 24.05
CA LEU D 66 -49.84 -11.64 23.68
C LEU D 66 -51.18 -12.37 23.60
N ARG D 67 -51.16 -13.61 23.09
CA ARG D 67 -52.38 -14.39 23.00
C ARG D 67 -52.83 -14.92 24.36
N LYS D 68 -51.93 -14.95 25.35
CA LYS D 68 -52.31 -15.41 26.68
C LYS D 68 -53.04 -14.32 27.48
N LYS D 69 -52.44 -13.14 27.56
CA LYS D 69 -53.03 -12.07 28.37
C LYS D 69 -54.16 -11.34 27.66
N HIS D 70 -54.25 -11.43 26.34
CA HIS D 70 -55.29 -10.77 25.57
C HIS D 70 -55.82 -11.73 24.53
N PRO D 71 -56.66 -12.69 24.93
CA PRO D 71 -57.20 -13.65 23.97
C PRO D 71 -58.25 -13.02 23.08
N GLY D 72 -58.29 -13.49 21.83
CA GLY D 72 -59.23 -12.99 20.86
C GLY D 72 -58.87 -11.66 20.24
N HIS D 73 -57.68 -11.13 20.50
CA HIS D 73 -57.25 -9.86 19.96
C HIS D 73 -56.02 -9.95 19.07
N ILE D 74 -55.38 -11.11 18.98
CA ILE D 74 -54.20 -11.31 18.15
C ILE D 74 -54.56 -12.31 17.06
N LEU D 75 -54.15 -12.01 15.82
CA LEU D 75 -54.45 -12.89 14.70
C LEU D 75 -53.84 -14.27 14.92
N GLN D 76 -54.50 -15.28 14.36
CA GLN D 76 -53.98 -16.64 14.41
C GLN D 76 -52.84 -16.82 13.42
N ASP D 77 -52.05 -17.87 13.63
CA ASP D 77 -50.92 -18.16 12.75
C ASP D 77 -51.35 -18.39 11.31
N GLU D 78 -52.61 -18.77 11.10
CA GLU D 78 -53.12 -18.96 9.74
C GLU D 78 -53.21 -17.65 8.98
N ASP D 79 -53.45 -16.54 9.68
CA ASP D 79 -53.60 -15.23 9.06
C ASP D 79 -52.36 -14.35 9.23
N LEU D 80 -51.20 -14.94 9.49
CA LEU D 80 -49.97 -14.19 9.68
C LEU D 80 -49.05 -14.37 8.47
N GLN D 81 -48.48 -13.27 8.00
CA GLN D 81 -47.52 -13.32 6.90
C GLN D 81 -46.68 -12.05 6.91
N TRP D 82 -45.42 -12.19 6.52
CA TRP D 82 -44.51 -11.05 6.41
C TRP D 82 -44.81 -10.29 5.13
N VAL D 83 -45.21 -9.03 5.27
CA VAL D 83 -45.57 -8.17 4.15
C VAL D 83 -44.56 -7.04 4.05
N PHE D 84 -44.03 -6.82 2.85
CA PHE D 84 -43.11 -5.71 2.62
C PHE D 84 -43.80 -4.39 2.93
N VAL D 85 -43.00 -3.43 3.40
CA VAL D 85 -43.47 -2.09 3.73
C VAL D 85 -42.53 -1.07 3.10
N ASN D 86 -43.04 -0.30 2.15
CA ASN D 86 -42.29 0.78 1.52
C ASN D 86 -43.01 2.10 1.79
N ALA D 87 -42.35 3.00 2.51
CA ALA D 87 -42.96 4.28 2.86
C ALA D 87 -41.85 5.26 3.23
N GLY D 88 -42.03 6.51 2.83
CA GLY D 88 -41.10 7.56 3.18
C GLY D 88 -39.70 7.39 2.62
N GLY D 89 -39.50 6.39 1.76
CA GLY D 89 -38.21 6.12 1.17
C GLY D 89 -37.45 4.96 1.78
N TRP D 90 -37.97 4.33 2.83
CA TRP D 90 -37.34 3.18 3.44
C TRP D 90 -38.16 1.92 3.16
N MET D 91 -37.54 0.76 3.36
CA MET D 91 -38.16 -0.51 3.06
C MET D 91 -37.89 -1.51 4.18
N GLY D 92 -38.96 -2.15 4.66
CA GLY D 92 -38.86 -3.19 5.66
C GLY D 92 -39.94 -4.24 5.47
N SER D 93 -40.23 -5.00 6.52
CA SER D 93 -41.31 -5.98 6.48
C SER D 93 -41.98 -6.04 7.85
N MET D 94 -43.28 -6.34 7.84
CA MET D 94 -44.07 -6.36 9.06
C MET D 94 -44.76 -7.70 9.22
N CYS D 95 -45.10 -8.00 10.48
CA CYS D 95 -45.87 -9.20 10.84
C CYS D 95 -47.02 -8.71 11.72
N LEU D 96 -48.14 -8.36 11.09
CA LEU D 96 -49.26 -7.75 11.78
C LEU D 96 -49.91 -8.75 12.74
N LEU D 97 -49.84 -8.44 14.05
CA LEU D 97 -50.43 -9.29 15.07
C LEU D 97 -51.83 -8.82 15.46
N HIS D 98 -52.00 -7.52 15.69
CA HIS D 98 -53.28 -6.94 16.09
C HIS D 98 -53.47 -5.60 15.41
N ALA D 99 -54.72 -5.27 15.08
CA ALA D 99 -55.02 -3.99 14.47
C ALA D 99 -56.50 -3.67 14.62
N SER D 100 -56.79 -2.42 14.99
CA SER D 100 -58.16 -1.93 15.06
C SER D 100 -58.19 -0.56 14.39
N LEU D 101 -59.24 0.22 14.67
CA LEU D 101 -59.28 1.61 14.20
C LEU D 101 -58.45 2.54 15.07
N THR D 102 -58.04 2.10 16.26
CA THR D 102 -57.31 2.94 17.19
C THR D 102 -55.99 2.35 17.65
N GLU D 103 -55.77 1.05 17.52
CA GLU D 103 -54.54 0.41 17.96
C GLU D 103 -54.03 -0.53 16.88
N TYR D 104 -52.75 -0.86 16.97
CA TYR D 104 -52.16 -1.92 16.16
C TYR D 104 -50.87 -2.36 16.83
N VAL D 105 -50.61 -3.66 16.76
CA VAL D 105 -49.38 -4.26 17.29
C VAL D 105 -48.81 -5.15 16.20
N LEU D 106 -47.54 -4.92 15.86
CA LEU D 106 -46.90 -5.69 14.80
C LEU D 106 -45.42 -5.87 15.11
N LEU D 107 -44.79 -6.74 14.34
CA LEU D 107 -43.36 -7.00 14.41
C LEU D 107 -42.73 -6.45 13.14
N PHE D 108 -41.96 -5.37 13.26
CA PHE D 108 -41.37 -4.70 12.12
C PHE D 108 -39.85 -4.82 12.16
N GLY D 109 -39.24 -4.79 10.99
CA GLY D 109 -37.80 -4.84 10.89
C GLY D 109 -37.37 -4.91 9.44
N THR D 110 -36.05 -4.93 9.24
CA THR D 110 -35.47 -4.94 7.91
C THR D 110 -34.21 -5.79 7.89
N ALA D 111 -33.94 -6.39 6.73
CA ALA D 111 -32.72 -7.15 6.50
C ALA D 111 -31.75 -6.42 5.59
N VAL D 112 -32.04 -5.17 5.24
CA VAL D 112 -31.16 -4.35 4.40
C VAL D 112 -31.02 -2.99 5.07
N ASP D 113 -30.11 -2.17 4.52
CA ASP D 113 -29.86 -0.83 5.02
C ASP D 113 -30.78 0.13 4.30
N THR D 114 -31.80 0.61 4.99
CA THR D 114 -32.75 1.57 4.44
C THR D 114 -32.93 2.73 5.39
N GLY D 115 -33.64 3.74 4.92
CA GLY D 115 -33.91 4.91 5.73
C GLY D 115 -34.68 5.94 4.92
N GLY D 116 -35.35 6.82 5.65
CA GLY D 116 -36.11 7.87 4.99
C GLY D 116 -36.97 8.63 5.97
N HIS D 117 -38.10 9.12 5.47
CA HIS D 117 -39.01 9.91 6.28
C HIS D 117 -39.88 8.98 7.13
N SER D 118 -40.01 9.31 8.42
CA SER D 118 -40.82 8.50 9.31
C SER D 118 -42.32 8.65 9.02
N GLY D 119 -42.72 9.76 8.41
CA GLY D 119 -44.12 10.03 8.16
C GLY D 119 -44.77 10.82 9.29
N ARG D 120 -45.65 11.74 8.92
CA ARG D 120 -46.37 12.58 9.88
C ARG D 120 -47.85 12.22 9.79
N TYR D 121 -48.39 11.66 10.89
CA TYR D 121 -49.76 11.18 10.90
C TYR D 121 -50.33 11.37 12.30
N TRP D 122 -51.58 10.94 12.47
CA TRP D 122 -52.31 11.12 13.72
C TRP D 122 -52.29 9.81 14.51
N ALA D 123 -51.13 9.49 15.05
CA ALA D 123 -50.93 8.27 15.81
C ALA D 123 -49.62 8.35 16.58
N GLU D 124 -49.65 7.90 17.83
CA GLU D 124 -48.44 7.78 18.65
C GLU D 124 -47.87 6.38 18.47
N ILE D 125 -46.57 6.30 18.15
CA ILE D 125 -45.92 5.05 17.81
C ILE D 125 -44.73 4.84 18.75
N SER D 126 -44.63 3.63 19.30
CA SER D 126 -43.52 3.24 20.15
C SER D 126 -42.89 1.98 19.59
N ASP D 127 -41.56 2.00 19.41
CA ASP D 127 -40.82 0.84 18.93
C ASP D 127 -39.76 0.45 19.94
N THR D 128 -39.76 -0.82 20.33
CA THR D 128 -38.74 -1.37 21.21
C THR D 128 -37.84 -2.28 20.37
N ILE D 129 -36.57 -1.90 20.26
CA ILE D 129 -35.65 -2.61 19.38
C ILE D 129 -35.28 -3.94 19.99
N LEU D 130 -35.41 -5.01 19.20
CA LEU D 130 -34.96 -6.34 19.63
C LEU D 130 -33.55 -6.65 19.17
N SER D 131 -33.16 -6.15 17.99
CA SER D 131 -31.83 -6.35 17.46
C SER D 131 -31.54 -5.23 16.46
N GLY D 132 -30.28 -5.10 16.10
CA GLY D 132 -29.88 -4.08 15.15
C GLY D 132 -29.72 -2.72 15.80
N THR D 133 -29.78 -1.68 14.96
CA THR D 133 -29.65 -0.31 15.41
C THR D 133 -30.74 0.55 14.78
N PHE D 134 -31.04 1.66 15.43
CA PHE D 134 -32.11 2.58 15.03
C PHE D 134 -31.59 3.99 15.20
N ARG D 135 -31.36 4.68 14.09
CA ARG D 135 -30.94 6.08 14.10
C ARG D 135 -32.16 6.97 13.89
N GLN D 136 -32.35 7.93 14.79
CA GLN D 136 -33.48 8.85 14.74
C GLN D 136 -32.94 10.27 14.63
N TRP D 137 -33.51 11.05 13.71
CA TRP D 137 -33.13 12.44 13.49
C TRP D 137 -34.37 13.29 13.71
N LYS D 138 -34.44 13.94 14.87
CA LYS D 138 -35.60 14.75 15.20
C LYS D 138 -35.60 16.03 14.37
N GLU D 139 -36.79 16.59 14.17
CA GLU D 139 -36.93 17.77 13.33
C GLU D 139 -36.38 19.01 14.03
N GLY D 140 -35.73 19.88 13.26
CA GLY D 140 -35.20 21.12 13.77
C GLY D 140 -33.84 21.03 14.42
N THR D 141 -33.22 19.86 14.45
CA THR D 141 -31.92 19.66 15.05
C THR D 141 -30.87 19.41 13.96
N THR D 142 -29.61 19.35 14.40
CA THR D 142 -28.50 19.08 13.49
C THR D 142 -27.74 17.81 13.85
N LYS D 143 -28.18 17.07 14.86
CA LYS D 143 -27.54 15.82 15.27
C LYS D 143 -28.60 14.76 15.49
N SER D 144 -28.21 13.51 15.25
CA SER D 144 -29.09 12.36 15.37
C SER D 144 -28.59 11.44 16.48
N GLU D 145 -29.49 10.58 16.96
CA GLU D 145 -29.19 9.63 18.01
C GLU D 145 -29.39 8.22 17.50
N ILE D 146 -28.56 7.29 17.99
CA ILE D 146 -28.63 5.88 17.63
C ILE D 146 -29.15 5.11 18.84
N PHE D 147 -30.14 4.26 18.60
CA PHE D 147 -30.76 3.45 19.64
C PHE D 147 -30.42 1.98 19.42
N TYR D 148 -30.26 1.27 20.52
CA TYR D 148 -29.75 -0.10 20.49
C TYR D 148 -30.78 -1.06 21.07
N PRO D 149 -30.59 -2.38 20.94
CA PRO D 149 -31.57 -3.33 21.49
C PRO D 149 -31.85 -3.09 22.96
N GLY D 150 -33.14 -3.07 23.31
CA GLY D 150 -33.60 -2.76 24.64
C GLY D 150 -34.20 -1.38 24.76
N ASP D 151 -33.75 -0.44 23.94
CA ASP D 151 -34.26 0.92 23.98
C ASP D 151 -35.65 0.98 23.35
N THR D 152 -36.39 2.03 23.71
CA THR D 152 -37.74 2.25 23.21
C THR D 152 -37.85 3.67 22.68
N ILE D 153 -38.17 3.80 21.40
CA ILE D 153 -38.33 5.10 20.74
C ILE D 153 -39.82 5.42 20.68
N VAL D 154 -40.19 6.61 21.12
CA VAL D 154 -41.58 7.07 21.11
C VAL D 154 -41.70 8.12 20.02
N HIS D 155 -42.46 7.79 18.98
CA HIS D 155 -42.75 8.71 17.88
C HIS D 155 -44.11 9.33 18.16
N GLU D 156 -44.10 10.56 18.67
CA GLU D 156 -45.33 11.20 19.12
C GLU D 156 -46.19 11.63 17.95
N VAL D 157 -47.43 12.02 18.26
CA VAL D 157 -48.40 12.40 17.24
C VAL D 157 -47.99 13.74 16.63
N GLY D 158 -48.07 13.82 15.30
CA GLY D 158 -47.69 15.02 14.59
C GLY D 158 -46.20 15.24 14.45
N GLU D 159 -45.38 14.39 15.06
CA GLU D 159 -43.94 14.52 14.96
C GLU D 159 -43.44 13.89 13.67
N ALA D 160 -42.43 14.53 13.06
CA ALA D 160 -41.82 14.03 11.84
C ALA D 160 -40.32 13.97 12.07
N THR D 161 -39.74 12.77 11.93
CA THR D 161 -38.32 12.55 12.11
C THR D 161 -37.77 11.80 10.92
N SER D 162 -36.45 11.67 10.88
CA SER D 162 -35.77 10.85 9.89
C SER D 162 -35.30 9.57 10.56
N VAL D 163 -35.65 8.43 9.99
CA VAL D 163 -35.33 7.15 10.56
C VAL D 163 -34.29 6.47 9.69
N GLN D 164 -33.52 5.57 10.30
CA GLN D 164 -32.50 4.82 9.58
C GLN D 164 -32.22 3.54 10.36
N TRP D 165 -32.15 2.41 9.64
CA TRP D 165 -31.97 1.11 10.27
C TRP D 165 -30.82 0.38 9.60
N SER D 166 -30.17 -0.49 10.37
CA SER D 166 -29.10 -1.33 9.87
C SER D 166 -29.65 -2.62 9.30
N SER D 167 -28.76 -3.46 8.76
CA SER D 167 -29.15 -4.66 8.04
C SER D 167 -29.60 -5.80 8.94
N GLY D 168 -29.97 -5.51 10.19
CA GLY D 168 -30.42 -6.56 11.08
C GLY D 168 -31.29 -6.04 12.20
N THR D 169 -31.98 -4.94 11.93
CA THR D 169 -32.82 -4.29 12.93
C THR D 169 -34.22 -4.89 12.90
N TRP D 170 -34.69 -5.33 14.06
CA TRP D 170 -36.04 -5.85 14.22
C TRP D 170 -36.59 -5.35 15.55
N MET D 171 -37.89 -5.07 15.57
CA MET D 171 -38.47 -4.40 16.73
C MET D 171 -39.93 -4.78 16.88
N VAL D 172 -40.47 -4.52 18.07
CA VAL D 172 -41.88 -4.70 18.36
C VAL D 172 -42.51 -3.33 18.48
N GLU D 173 -43.58 -3.10 17.74
CA GLU D 173 -44.16 -1.77 17.61
C GLU D 173 -45.63 -1.76 18.03
N TYR D 174 -46.01 -0.72 18.74
CA TYR D 174 -47.39 -0.48 19.15
C TYR D 174 -47.76 0.96 18.82
N GLY D 175 -48.90 1.13 18.17
CA GLY D 175 -49.36 2.45 17.80
C GLY D 175 -50.77 2.70 18.29
N ARG D 176 -51.03 3.95 18.65
CA ARG D 176 -52.34 4.34 19.16
C ARG D 176 -52.72 5.71 18.63
N GLY D 177 -53.96 5.84 18.18
CA GLY D 177 -54.47 7.07 17.62
C GLY D 177 -55.60 6.80 16.65
N PHE D 178 -55.56 7.44 15.49
CA PHE D 178 -56.51 7.17 14.41
C PHE D 178 -55.73 6.43 13.32
N ILE D 179 -55.82 5.10 13.34
CA ILE D 179 -54.99 4.28 12.46
C ILE D 179 -55.25 4.55 10.99
N PRO D 180 -56.48 4.70 10.50
CA PRO D 180 -56.68 4.99 9.07
C PRO D 180 -55.94 6.21 8.58
N SER D 181 -55.61 7.16 9.45
CA SER D 181 -54.86 8.34 9.03
C SER D 181 -53.43 8.01 8.63
N THR D 182 -52.88 6.87 9.07
CA THR D 182 -51.52 6.50 8.73
C THR D 182 -51.40 5.74 7.42
N LEU D 183 -52.48 5.12 6.95
CA LEU D 183 -52.41 4.32 5.74
C LEU D 183 -52.18 5.15 4.49
N ALA D 184 -52.54 6.44 4.51
CA ALA D 184 -52.25 7.30 3.36
C ALA D 184 -50.76 7.42 3.13
N PHE D 185 -49.98 7.53 4.20
CA PHE D 185 -48.53 7.57 4.11
C PHE D 185 -47.94 6.19 3.87
N ALA D 186 -48.56 5.15 4.45
CA ALA D 186 -48.02 3.81 4.38
C ALA D 186 -48.05 3.22 2.97
N LEU D 187 -48.94 3.70 2.12
CA LEU D 187 -49.10 3.15 0.77
C LEU D 187 -48.66 4.11 -0.31
N ALA D 188 -48.07 5.26 0.07
CA ALA D 188 -47.67 6.25 -0.93
C ALA D 188 -46.57 5.71 -1.84
N ASP D 189 -45.49 5.19 -1.24
CA ASP D 189 -44.40 4.63 -2.04
C ASP D 189 -44.84 3.39 -2.80
N THR D 190 -45.80 2.64 -2.28
CA THR D 190 -46.31 1.48 -2.99
C THR D 190 -47.07 1.88 -4.26
N ILE D 191 -47.61 3.09 -4.31
CA ILE D 191 -48.35 3.56 -5.47
C ILE D 191 -47.44 4.27 -6.46
N PHE D 192 -46.57 5.15 -5.98
CA PHE D 192 -45.81 6.05 -6.84
C PHE D 192 -44.36 5.62 -7.06
N SER D 193 -43.87 4.60 -6.36
CA SER D 193 -42.47 4.19 -6.49
C SER D 193 -42.34 2.72 -6.88
N THR D 194 -42.77 1.79 -6.02
CA THR D 194 -42.57 0.37 -6.29
C THR D 194 -43.62 -0.18 -7.24
N GLN D 195 -44.86 0.31 -7.16
CA GLN D 195 -45.98 -0.21 -7.93
C GLN D 195 -46.17 -1.70 -7.73
N ASP D 196 -45.83 -2.18 -6.53
CA ASP D 196 -46.02 -3.60 -6.16
C ASP D 196 -47.40 -3.74 -5.54
N PHE D 197 -48.41 -3.83 -6.42
CA PHE D 197 -49.79 -3.89 -5.95
C PHE D 197 -50.11 -5.20 -5.24
N LEU D 198 -49.36 -6.27 -5.51
CA LEU D 198 -49.58 -7.51 -4.77
C LEU D 198 -49.22 -7.34 -3.30
N THR D 199 -48.15 -6.61 -3.01
CA THR D 199 -47.86 -6.26 -1.62
C THR D 199 -48.92 -5.33 -1.07
N LEU D 200 -49.41 -4.41 -1.90
CA LEU D 200 -50.55 -3.56 -1.50
C LEU D 200 -51.76 -4.41 -1.17
N PHE D 201 -51.98 -5.50 -1.93
CA PHE D 201 -53.07 -6.40 -1.62
C PHE D 201 -52.86 -7.12 -0.30
N TYR D 202 -51.63 -7.54 -0.01
CA TYR D 202 -51.35 -8.25 1.24
C TYR D 202 -51.58 -7.35 2.45
N THR D 203 -51.17 -6.08 2.36
CA THR D 203 -51.35 -5.18 3.49
C THR D 203 -52.83 -4.98 3.81
N VAL D 204 -53.65 -4.76 2.77
CA VAL D 204 -55.09 -4.62 2.98
C VAL D 204 -55.68 -5.94 3.46
N LYS D 205 -55.14 -7.06 3.00
CA LYS D 205 -55.66 -8.37 3.40
C LYS D 205 -55.49 -8.59 4.89
N VAL D 206 -54.26 -8.41 5.41
CA VAL D 206 -54.01 -8.67 6.82
C VAL D 206 -54.65 -7.60 7.69
N TYR D 207 -54.79 -6.37 7.17
CA TYR D 207 -55.44 -5.33 7.96
C TYR D 207 -56.95 -5.55 8.02
N SER D 208 -57.52 -6.14 6.97
CA SER D 208 -58.95 -6.47 7.01
C SER D 208 -59.21 -7.65 7.93
N LYS D 209 -58.35 -8.67 7.91
CA LYS D 209 -58.51 -9.80 8.81
C LYS D 209 -58.39 -9.37 10.27
N ALA D 210 -57.49 -8.43 10.56
CA ALA D 210 -57.36 -7.92 11.92
C ALA D 210 -58.57 -7.10 12.34
N LEU D 211 -59.18 -6.38 11.41
CA LEU D 211 -60.39 -5.62 11.74
C LEU D 211 -61.57 -6.55 11.95
N LEU D 212 -61.70 -7.58 11.12
CA LEU D 212 -62.80 -8.53 11.30
C LEU D 212 -62.65 -9.35 12.57
N LEU D 213 -61.41 -9.65 12.97
CA LEU D 213 -61.20 -10.36 14.23
C LEU D 213 -61.64 -9.53 15.42
N GLU D 214 -61.30 -8.24 15.43
CA GLU D 214 -61.67 -7.38 16.54
C GLU D 214 -63.17 -7.12 16.56
N ALA D 215 -63.79 -6.99 15.39
CA ALA D 215 -65.24 -6.80 15.34
C ALA D 215 -65.98 -8.05 15.77
N SER D 216 -65.46 -9.22 15.41
CA SER D 216 -66.11 -10.47 15.82
C SER D 216 -66.01 -10.68 17.32
N THR D 217 -64.96 -10.18 17.96
CA THR D 217 -64.82 -10.32 19.40
C THR D 217 -65.82 -9.46 20.15
N HIS D 218 -66.13 -8.27 19.62
CA HIS D 218 -67.12 -7.42 20.25
C HIS D 218 -68.52 -8.01 20.15
N LEU D 219 -68.79 -8.80 19.10
CA LEU D 219 -70.10 -9.39 18.94
C LEU D 219 -70.36 -10.45 20.00
N SER D 220 -69.34 -11.26 20.31
CA SER D 220 -69.49 -12.27 21.36
C SER D 220 -69.55 -11.66 22.74
N GLN D 221 -69.11 -10.42 22.90
CA GLN D 221 -69.14 -9.74 24.19
C GLN D 221 -70.28 -8.74 24.26
N ASP E 3 -84.56 -6.85 -22.63
CA ASP E 3 -83.88 -5.62 -23.02
C ASP E 3 -83.13 -5.02 -21.85
N THR E 4 -81.79 -5.05 -21.92
CA THR E 4 -80.93 -4.57 -20.85
C THR E 4 -80.14 -3.37 -21.35
N MET E 5 -80.40 -2.20 -20.77
CA MET E 5 -79.59 -1.02 -21.01
C MET E 5 -78.44 -0.91 -20.02
N ALA E 6 -78.27 -1.91 -19.15
CA ALA E 6 -77.20 -1.89 -18.17
C ALA E 6 -75.83 -2.15 -18.80
N LEU E 7 -75.79 -2.74 -19.99
CA LEU E 7 -74.52 -2.99 -20.66
C LEU E 7 -73.81 -1.70 -21.05
N TRP E 8 -74.50 -0.56 -21.01
CA TRP E 8 -73.85 0.67 -21.46
C TRP E 8 -72.84 1.17 -20.43
N LEU E 9 -73.19 1.13 -19.14
CA LEU E 9 -72.20 1.54 -18.15
C LEU E 9 -71.06 0.54 -18.08
N GLY E 10 -71.34 -0.74 -18.33
CA GLY E 10 -70.38 -1.80 -18.44
C GLY E 10 -69.71 -1.97 -19.78
N LEU E 11 -70.08 -1.18 -20.80
CA LEU E 11 -69.51 -1.35 -22.13
C LEU E 11 -68.02 -1.09 -22.12
N ARG E 12 -67.57 -0.02 -21.46
CA ARG E 12 -66.14 0.23 -21.35
C ARG E 12 -65.46 -0.85 -20.51
N ALA E 13 -66.14 -1.32 -19.47
CA ALA E 13 -65.56 -2.33 -18.59
C ALA E 13 -65.48 -3.70 -19.27
N VAL E 14 -66.49 -4.05 -20.08
CA VAL E 14 -66.46 -5.34 -20.76
C VAL E 14 -65.40 -5.34 -21.85
N LEU E 15 -65.26 -4.22 -22.57
CA LEU E 15 -64.26 -4.14 -23.62
C LEU E 15 -62.85 -4.23 -23.04
N VAL E 16 -62.64 -3.73 -21.82
CA VAL E 16 -61.32 -3.83 -21.20
C VAL E 16 -61.05 -5.25 -20.74
N VAL E 17 -62.05 -5.90 -20.14
CA VAL E 17 -61.88 -7.28 -19.71
C VAL E 17 -61.69 -8.20 -20.91
N ALA E 18 -62.48 -7.99 -21.97
CA ALA E 18 -62.31 -8.78 -23.18
C ALA E 18 -60.97 -8.49 -23.84
N GLY E 19 -60.52 -7.24 -23.79
CA GLY E 19 -59.23 -6.89 -24.35
C GLY E 19 -58.09 -7.51 -23.58
N LEU E 20 -58.19 -7.54 -22.25
CA LEU E 20 -57.15 -8.13 -21.43
C LEU E 20 -57.10 -9.64 -21.58
N ALA E 21 -58.27 -10.29 -21.67
CA ALA E 21 -58.30 -11.75 -21.78
C ALA E 21 -57.77 -12.20 -23.14
N VAL E 22 -58.11 -11.49 -24.20
CA VAL E 22 -57.61 -11.85 -25.53
C VAL E 22 -56.12 -11.57 -25.65
N LEU E 23 -55.69 -10.41 -25.15
CA LEU E 23 -54.27 -10.05 -25.25
C LEU E 23 -53.40 -10.93 -24.37
N LEU E 24 -53.91 -11.36 -23.22
CA LEU E 24 -53.13 -12.26 -22.37
C LEU E 24 -52.90 -13.62 -23.02
N GLN E 25 -53.88 -14.11 -23.79
CA GLN E 25 -53.71 -15.37 -24.48
C GLN E 25 -52.77 -15.22 -25.67
N LEU E 26 -52.82 -14.08 -26.36
CA LEU E 26 -51.96 -13.88 -27.52
C LEU E 26 -50.51 -13.65 -27.10
N ILE E 27 -50.29 -12.90 -26.01
CA ILE E 27 -48.94 -12.63 -25.56
C ILE E 27 -48.31 -13.89 -24.97
N ARG E 28 -49.04 -14.56 -24.08
CA ARG E 28 -48.51 -15.79 -23.49
C ARG E 28 -48.41 -16.91 -24.51
N GLY E 29 -49.31 -16.93 -25.50
CA GLY E 29 -49.17 -17.88 -26.58
C GLY E 29 -48.01 -17.57 -27.50
N TRP E 30 -47.66 -16.28 -27.61
CA TRP E 30 -46.49 -15.89 -28.40
C TRP E 30 -45.20 -16.35 -27.72
N LEU E 31 -45.13 -16.20 -26.39
CA LEU E 31 -43.93 -16.56 -25.66
C LEU E 31 -43.67 -18.07 -25.68
N SER E 32 -44.72 -18.88 -25.80
CA SER E 32 -44.56 -20.32 -25.76
C SER E 32 -44.12 -20.92 -27.09
N SER E 33 -44.14 -20.15 -28.18
CA SER E 33 -43.76 -20.66 -29.49
C SER E 33 -42.69 -19.79 -30.16
N LYS E 34 -42.08 -18.86 -29.42
CA LYS E 34 -41.11 -17.93 -29.99
C LYS E 34 -39.69 -18.45 -29.78
N SER E 35 -38.88 -18.33 -30.83
CA SER E 35 -37.46 -18.64 -30.74
C SER E 35 -36.71 -17.46 -30.12
N TYR E 36 -35.89 -17.76 -29.11
CA TYR E 36 -35.20 -16.71 -28.39
C TYR E 36 -33.77 -16.56 -28.91
N VAL E 37 -33.26 -15.33 -28.84
CA VAL E 37 -31.94 -15.02 -29.36
C VAL E 37 -30.84 -15.44 -28.39
N PHE E 38 -30.92 -14.94 -27.16
CA PHE E 38 -29.91 -15.18 -26.15
C PHE E 38 -30.38 -16.28 -25.18
N ASN E 39 -29.51 -16.59 -24.23
CA ASN E 39 -29.79 -17.59 -23.22
C ASN E 39 -29.30 -17.09 -21.88
N ARG E 40 -29.99 -17.52 -20.81
CA ARG E 40 -29.65 -17.06 -19.47
C ARG E 40 -28.27 -17.58 -19.05
N GLU E 41 -27.94 -18.82 -19.41
CA GLU E 41 -26.60 -19.35 -19.13
C GLU E 41 -25.56 -18.76 -20.07
N GLU E 42 -25.94 -18.44 -21.31
CA GLU E 42 -24.99 -17.88 -22.26
C GLU E 42 -24.48 -16.53 -21.78
N ILE E 43 -25.39 -15.67 -21.33
CA ILE E 43 -25.00 -14.37 -20.81
C ILE E 43 -24.26 -14.54 -19.48
N ALA E 44 -24.70 -15.49 -18.66
CA ALA E 44 -24.05 -15.72 -17.38
C ALA E 44 -22.64 -16.28 -17.56
N ARG E 45 -22.46 -17.22 -18.49
CA ARG E 45 -21.12 -17.75 -18.73
C ARG E 45 -20.20 -16.68 -19.29
N LEU E 46 -20.70 -15.87 -20.23
CA LEU E 46 -19.87 -14.83 -20.83
C LEU E 46 -19.45 -13.80 -19.79
N ALA E 47 -20.35 -13.46 -18.87
CA ALA E 47 -20.01 -12.48 -17.85
C ALA E 47 -19.06 -13.06 -16.81
N LYS E 48 -19.23 -14.34 -16.47
CA LYS E 48 -18.36 -14.95 -15.46
C LYS E 48 -16.95 -15.17 -15.99
N GLU E 49 -16.78 -15.29 -17.31
CA GLU E 49 -15.44 -15.44 -17.87
C GLU E 49 -14.62 -14.17 -17.70
N HIS E 50 -15.25 -13.00 -17.65
CA HIS E 50 -14.55 -11.74 -17.53
C HIS E 50 -14.78 -11.07 -16.18
N SER E 51 -15.30 -11.80 -15.19
CA SER E 51 -15.52 -11.21 -13.88
C SER E 51 -14.26 -11.27 -13.04
N GLY E 52 -13.11 -11.16 -13.69
CA GLY E 52 -11.83 -11.12 -13.01
C GLY E 52 -11.09 -9.84 -13.31
N LEU E 53 -11.31 -9.33 -14.52
CA LEU E 53 -10.66 -8.12 -14.98
C LEU E 53 -11.39 -6.90 -14.41
N ASP E 54 -10.98 -5.71 -14.85
CA ASP E 54 -11.71 -4.50 -14.50
C ASP E 54 -13.07 -4.52 -15.19
N TYR E 55 -14.08 -3.93 -14.52
CA TYR E 55 -15.42 -4.00 -15.05
C TYR E 55 -15.56 -3.20 -16.35
N GLU E 56 -14.75 -2.17 -16.54
CA GLU E 56 -14.76 -1.46 -17.82
C GLU E 56 -14.13 -2.32 -18.92
N VAL E 57 -13.03 -3.00 -18.61
CA VAL E 57 -12.43 -3.92 -19.57
C VAL E 57 -13.34 -5.12 -19.80
N ALA E 58 -14.03 -5.58 -18.74
CA ALA E 58 -14.97 -6.67 -18.91
C ALA E 58 -16.14 -6.25 -19.80
N PHE E 59 -16.57 -4.99 -19.69
CA PHE E 59 -17.63 -4.50 -20.56
C PHE E 59 -17.19 -4.54 -22.03
N SER E 60 -15.93 -4.21 -22.30
CA SER E 60 -15.45 -4.14 -23.67
C SER E 60 -15.43 -5.52 -24.32
N LYS E 61 -14.87 -6.51 -23.63
CA LYS E 61 -14.76 -7.85 -24.20
C LYS E 61 -16.12 -8.52 -24.33
N ILE E 62 -17.07 -8.19 -23.46
CA ILE E 62 -18.40 -8.79 -23.54
C ILE E 62 -19.15 -8.26 -24.75
N ILE E 63 -19.01 -6.96 -25.03
CA ILE E 63 -19.69 -6.39 -26.19
C ILE E 63 -19.14 -6.99 -27.48
N VAL E 64 -17.84 -7.25 -27.53
CA VAL E 64 -17.23 -7.82 -28.73
C VAL E 64 -17.71 -9.25 -28.94
N GLU E 65 -17.71 -10.07 -27.88
CA GLU E 65 -18.15 -11.45 -28.01
C GLU E 65 -19.63 -11.55 -28.35
N LEU E 66 -20.45 -10.62 -27.85
CA LEU E 66 -21.87 -10.66 -28.17
C LEU E 66 -22.11 -10.31 -29.64
N ARG E 67 -21.33 -9.35 -30.18
CA ARG E 67 -21.48 -8.99 -31.58
C ARG E 67 -20.88 -10.05 -32.51
N LYS E 68 -20.01 -10.92 -32.00
CA LYS E 68 -19.46 -11.99 -32.81
C LYS E 68 -20.44 -13.16 -32.94
N LYS E 69 -20.95 -13.65 -31.80
CA LYS E 69 -21.84 -14.80 -31.82
C LYS E 69 -23.27 -14.43 -32.20
N HIS E 70 -23.64 -13.15 -32.09
CA HIS E 70 -24.98 -12.69 -32.45
C HIS E 70 -24.86 -11.39 -33.23
N PRO E 71 -24.47 -11.47 -34.51
CA PRO E 71 -24.35 -10.25 -35.31
C PRO E 71 -25.71 -9.68 -35.66
N GLY E 72 -25.77 -8.35 -35.72
CA GLY E 72 -27.00 -7.67 -36.05
C GLY E 72 -28.00 -7.58 -34.92
N HIS E 73 -27.64 -8.01 -33.72
CA HIS E 73 -28.54 -7.98 -32.57
C HIS E 73 -28.07 -7.09 -31.43
N ILE E 74 -26.88 -6.52 -31.51
CA ILE E 74 -26.34 -5.63 -30.49
C ILE E 74 -26.20 -4.24 -31.11
N LEU E 75 -26.61 -3.22 -30.35
CA LEU E 75 -26.58 -1.84 -30.82
C LEU E 75 -25.16 -1.42 -31.19
N GLN E 76 -25.07 -0.46 -32.12
CA GLN E 76 -23.79 0.08 -32.55
C GLN E 76 -23.23 1.02 -31.47
N ASP E 77 -21.92 1.24 -31.53
CA ASP E 77 -21.27 2.10 -30.55
C ASP E 77 -21.81 3.53 -30.58
N GLU E 78 -22.34 3.97 -31.71
CA GLU E 78 -22.93 5.31 -31.79
C GLU E 78 -24.23 5.38 -31.01
N ASP E 79 -24.94 4.27 -30.86
CA ASP E 79 -26.23 4.23 -30.18
C ASP E 79 -26.13 3.75 -28.74
N LEU E 80 -24.93 3.81 -28.15
CA LEU E 80 -24.72 3.41 -26.76
C LEU E 80 -24.47 4.66 -25.92
N GLN E 81 -25.13 4.72 -24.76
CA GLN E 81 -24.91 5.80 -23.81
C GLN E 81 -25.41 5.35 -22.45
N TRP E 82 -24.72 5.78 -21.40
CA TRP E 82 -25.09 5.44 -20.03
C TRP E 82 -26.28 6.32 -19.60
N VAL E 83 -27.41 5.67 -19.29
CA VAL E 83 -28.62 6.35 -18.89
C VAL E 83 -28.90 6.03 -17.43
N PHE E 84 -29.15 7.06 -16.63
CA PHE E 84 -29.51 6.85 -15.23
C PHE E 84 -30.81 6.06 -15.13
N VAL E 85 -30.93 5.30 -14.05
CA VAL E 85 -32.12 4.49 -13.79
C VAL E 85 -32.53 4.74 -12.36
N ASN E 86 -33.71 5.32 -12.17
CA ASN E 86 -34.28 5.56 -10.85
C ASN E 86 -35.59 4.79 -10.76
N ALA E 87 -35.65 3.80 -9.87
CA ALA E 87 -36.84 2.98 -9.73
C ALA E 87 -36.80 2.30 -8.37
N GLY E 88 -37.97 2.19 -7.73
CA GLY E 88 -38.10 1.47 -6.48
C GLY E 88 -37.30 2.06 -5.32
N GLY E 89 -36.71 3.23 -5.51
CA GLY E 89 -35.94 3.88 -4.49
C GLY E 89 -34.43 3.76 -4.64
N TRP E 90 -33.94 3.03 -5.64
CA TRP E 90 -32.52 2.92 -5.90
C TRP E 90 -32.16 3.65 -7.18
N MET E 91 -30.88 3.91 -7.35
CA MET E 91 -30.38 4.66 -8.50
C MET E 91 -29.13 4.02 -9.06
N GLY E 92 -29.12 3.79 -10.37
CA GLY E 92 -27.96 3.25 -11.05
C GLY E 92 -27.85 3.79 -12.46
N SER E 93 -27.11 3.08 -13.32
CA SER E 93 -27.02 3.46 -14.72
C SER E 93 -26.93 2.19 -15.57
N MET E 94 -27.47 2.27 -16.77
CA MET E 94 -27.53 1.12 -17.67
C MET E 94 -26.88 1.45 -19.01
N CYS E 95 -26.44 0.39 -19.69
CA CYS E 95 -25.90 0.48 -21.05
C CYS E 95 -26.63 -0.59 -21.88
N LEU E 96 -27.77 -0.20 -22.45
CA LEU E 96 -28.62 -1.16 -23.16
C LEU E 96 -27.91 -1.66 -24.42
N LEU E 97 -27.59 -2.95 -24.45
CA LEU E 97 -26.94 -3.55 -25.60
C LEU E 97 -27.96 -4.14 -26.58
N HIS E 98 -28.93 -4.90 -26.06
CA HIS E 98 -29.98 -5.50 -26.87
C HIS E 98 -31.29 -5.42 -26.10
N ALA E 99 -32.38 -5.23 -26.83
CA ALA E 99 -33.70 -5.18 -26.22
C ALA E 99 -34.76 -5.41 -27.30
N SER E 100 -35.74 -6.25 -26.98
CA SER E 100 -36.87 -6.50 -27.86
C SER E 100 -38.14 -6.42 -27.01
N LEU E 101 -39.23 -6.97 -27.53
CA LEU E 101 -40.46 -7.08 -26.75
C LEU E 101 -40.41 -8.24 -25.76
N THR E 102 -39.46 -9.15 -25.90
CA THR E 102 -39.38 -10.34 -25.06
C THR E 102 -38.04 -10.53 -24.35
N GLU E 103 -36.96 -9.93 -24.84
CA GLU E 103 -35.65 -10.09 -24.23
C GLU E 103 -34.96 -8.74 -24.13
N TYR E 104 -33.96 -8.66 -23.26
CA TYR E 104 -33.08 -7.51 -23.22
C TYR E 104 -31.77 -7.91 -22.55
N VAL E 105 -30.67 -7.33 -23.04
CA VAL E 105 -29.34 -7.53 -22.48
C VAL E 105 -28.72 -6.16 -22.28
N LEU E 106 -28.27 -5.88 -21.07
CA LEU E 106 -27.67 -4.58 -20.77
C LEU E 106 -26.61 -4.74 -19.70
N LEU E 107 -25.84 -3.67 -19.50
CA LEU E 107 -24.81 -3.58 -18.48
C LEU E 107 -25.28 -2.57 -17.43
N PHE E 108 -25.59 -3.06 -16.23
CA PHE E 108 -26.13 -2.24 -15.17
C PHE E 108 -25.14 -2.16 -14.01
N GLY E 109 -25.20 -1.07 -13.27
CA GLY E 109 -24.36 -0.90 -12.10
C GLY E 109 -24.55 0.49 -11.52
N THR E 110 -23.85 0.72 -10.41
CA THR E 110 -23.95 1.99 -9.70
C THR E 110 -22.59 2.37 -9.13
N ALA E 111 -22.37 3.68 -9.01
CA ALA E 111 -21.15 4.21 -8.40
C ALA E 111 -21.41 4.78 -7.02
N VAL E 112 -22.61 4.61 -6.48
CA VAL E 112 -22.96 5.05 -5.13
C VAL E 112 -23.67 3.90 -4.41
N ASP E 113 -23.91 4.10 -3.13
CA ASP E 113 -24.59 3.11 -2.30
C ASP E 113 -26.09 3.39 -2.34
N THR E 114 -26.83 2.54 -3.06
CA THR E 114 -28.27 2.67 -3.20
C THR E 114 -28.93 1.33 -2.89
N GLY E 115 -30.25 1.35 -2.83
CA GLY E 115 -31.01 0.15 -2.58
C GLY E 115 -32.49 0.47 -2.49
N GLY E 116 -33.29 -0.56 -2.71
CA GLY E 116 -34.74 -0.39 -2.64
C GLY E 116 -35.47 -1.62 -3.12
N HIS E 117 -36.65 -1.39 -3.68
CA HIS E 117 -37.50 -2.47 -4.17
C HIS E 117 -37.01 -2.93 -5.53
N SER E 118 -36.91 -4.25 -5.71
CA SER E 118 -36.46 -4.79 -7.00
C SER E 118 -37.53 -4.64 -8.07
N GLY E 119 -38.80 -4.52 -7.69
CA GLY E 119 -39.88 -4.43 -8.64
C GLY E 119 -40.47 -5.80 -8.96
N ARG E 120 -41.79 -5.86 -9.09
CA ARG E 120 -42.51 -7.09 -9.42
C ARG E 120 -43.15 -6.92 -10.78
N TYR E 121 -42.70 -7.73 -11.74
CA TYR E 121 -43.14 -7.60 -13.12
C TYR E 121 -43.17 -8.99 -13.76
N TRP E 122 -43.55 -9.02 -15.04
CA TRP E 122 -43.71 -10.27 -15.78
C TRP E 122 -42.47 -10.49 -16.65
N ALA E 123 -41.36 -10.83 -15.98
CA ALA E 123 -40.11 -11.06 -16.66
C ALA E 123 -39.13 -11.74 -15.70
N GLU E 124 -38.40 -12.72 -16.21
CA GLU E 124 -37.33 -13.37 -15.46
C GLU E 124 -36.02 -12.65 -15.75
N ILE E 125 -35.32 -12.25 -14.70
CA ILE E 125 -34.14 -11.42 -14.79
C ILE E 125 -32.97 -12.12 -14.10
N SER E 126 -31.83 -12.17 -14.77
CA SER E 126 -30.61 -12.74 -14.22
C SER E 126 -29.50 -11.69 -14.29
N ASP E 127 -28.81 -11.49 -13.16
CA ASP E 127 -27.70 -10.55 -13.07
C ASP E 127 -26.46 -11.30 -12.61
N THR E 128 -25.37 -11.16 -13.36
CA THR E 128 -24.07 -11.74 -13.00
C THR E 128 -23.14 -10.60 -12.59
N ILE E 129 -22.72 -10.61 -11.33
CA ILE E 129 -21.93 -9.51 -10.78
C ILE E 129 -20.51 -9.56 -11.31
N LEU E 130 -20.02 -8.43 -11.84
CA LEU E 130 -18.63 -8.32 -12.26
C LEU E 130 -17.75 -7.71 -11.18
N SER E 131 -18.28 -6.80 -10.38
CA SER E 131 -17.52 -6.17 -9.31
C SER E 131 -18.50 -5.66 -8.25
N GLY E 132 -17.95 -5.32 -7.10
CA GLY E 132 -18.78 -4.83 -6.01
C GLY E 132 -19.47 -5.94 -5.25
N THR E 133 -20.55 -5.58 -4.57
CA THR E 133 -21.35 -6.52 -3.80
C THR E 133 -22.83 -6.31 -4.10
N PHE E 134 -23.61 -7.36 -3.89
CA PHE E 134 -25.03 -7.38 -4.22
C PHE E 134 -25.75 -8.06 -3.06
N ARG E 135 -26.52 -7.28 -2.30
CA ARG E 135 -27.33 -7.81 -1.20
C ARG E 135 -28.77 -7.99 -1.68
N GLN E 136 -29.28 -9.20 -1.51
CA GLN E 136 -30.65 -9.54 -1.90
C GLN E 136 -31.43 -9.99 -0.68
N TRP E 137 -32.63 -9.46 -0.52
CA TRP E 137 -33.52 -9.80 0.60
C TRP E 137 -34.82 -10.34 0.00
N LYS E 138 -34.98 -11.65 0.02
CA LYS E 138 -36.17 -12.27 -0.54
C LYS E 138 -37.38 -12.02 0.36
N GLU E 139 -38.56 -12.09 -0.24
CA GLU E 139 -39.80 -11.80 0.49
C GLU E 139 -40.13 -12.92 1.46
N GLY E 140 -40.64 -12.55 2.63
CA GLY E 140 -41.05 -13.50 3.63
C GLY E 140 -39.95 -14.02 4.53
N THR E 141 -38.72 -13.55 4.36
CA THR E 141 -37.60 -13.99 5.16
C THR E 141 -37.16 -12.89 6.11
N THR E 142 -36.23 -13.26 7.00
CA THR E 142 -35.66 -12.31 7.96
C THR E 142 -34.15 -12.17 7.81
N LYS E 143 -33.55 -12.82 6.84
CA LYS E 143 -32.10 -12.75 6.61
C LYS E 143 -31.84 -12.52 5.13
N SER E 144 -30.74 -11.83 4.84
CA SER E 144 -30.38 -11.49 3.48
C SER E 144 -29.07 -12.17 3.09
N GLU E 145 -28.83 -12.24 1.79
CA GLU E 145 -27.61 -12.84 1.25
C GLU E 145 -26.85 -11.78 0.45
N ILE E 146 -25.53 -11.86 0.50
CA ILE E 146 -24.64 -10.96 -0.21
C ILE E 146 -23.99 -11.74 -1.33
N PHE E 147 -24.00 -11.18 -2.53
CA PHE E 147 -23.44 -11.82 -3.71
C PHE E 147 -22.20 -11.08 -4.16
N TYR E 148 -21.23 -11.84 -4.67
CA TYR E 148 -19.90 -11.32 -4.97
C TYR E 148 -19.59 -11.52 -6.45
N PRO E 149 -18.51 -10.93 -6.97
CA PRO E 149 -18.19 -11.13 -8.39
C PRO E 149 -18.12 -12.60 -8.78
N GLY E 150 -18.79 -12.94 -9.88
CA GLY E 150 -18.91 -14.30 -10.34
C GLY E 150 -20.27 -14.92 -10.09
N ASP E 151 -20.97 -14.49 -9.05
CA ASP E 151 -22.28 -15.05 -8.74
C ASP E 151 -23.33 -14.54 -9.73
N THR E 152 -24.41 -15.30 -9.84
CA THR E 152 -25.53 -14.97 -10.72
C THR E 152 -26.82 -15.04 -9.92
N ILE E 153 -27.55 -13.93 -9.86
CA ILE E 153 -28.82 -13.85 -9.17
C ILE E 153 -29.93 -14.02 -10.19
N VAL E 154 -30.86 -14.92 -9.91
CA VAL E 154 -31.99 -15.18 -10.79
C VAL E 154 -33.23 -14.61 -10.11
N HIS E 155 -33.81 -13.58 -10.71
CA HIS E 155 -35.04 -12.95 -10.22
C HIS E 155 -36.19 -13.54 -11.03
N GLU E 156 -36.91 -14.48 -10.43
CA GLU E 156 -37.95 -15.20 -11.17
C GLU E 156 -39.15 -14.29 -11.40
N VAL E 157 -40.06 -14.77 -12.26
CA VAL E 157 -41.23 -13.99 -12.61
C VAL E 157 -42.17 -13.90 -11.42
N GLY E 158 -42.70 -12.70 -11.17
CA GLY E 158 -43.58 -12.47 -10.05
C GLY E 158 -42.89 -12.33 -8.72
N GLU E 159 -41.58 -12.51 -8.65
CA GLU E 159 -40.84 -12.40 -7.41
C GLU E 159 -40.53 -10.93 -7.11
N ALA E 160 -40.62 -10.56 -5.84
CA ALA E 160 -40.30 -9.22 -5.38
C ALA E 160 -39.34 -9.32 -4.21
N THR E 161 -38.17 -8.70 -4.35
CA THR E 161 -37.14 -8.72 -3.31
C THR E 161 -36.68 -7.29 -3.05
N SER E 162 -35.85 -7.14 -2.03
CA SER E 162 -35.19 -5.88 -1.72
C SER E 162 -33.73 -6.00 -2.13
N VAL E 163 -33.27 -5.06 -2.96
CA VAL E 163 -31.91 -5.11 -3.48
C VAL E 163 -31.10 -3.98 -2.85
N GLN E 164 -29.78 -4.19 -2.83
CA GLN E 164 -28.85 -3.20 -2.29
C GLN E 164 -27.49 -3.44 -2.92
N TRP E 165 -26.84 -2.36 -3.36
CA TRP E 165 -25.57 -2.44 -4.05
C TRP E 165 -24.56 -1.51 -3.39
N SER E 166 -23.29 -1.86 -3.51
CA SER E 166 -22.21 -1.03 -2.98
C SER E 166 -21.79 0.02 -4.01
N SER E 167 -20.87 0.89 -3.59
CA SER E 167 -20.48 2.05 -4.40
C SER E 167 -19.57 1.68 -5.57
N GLY E 168 -19.54 0.42 -5.96
CA GLY E 168 -18.70 0.01 -7.07
C GLY E 168 -19.18 -1.26 -7.71
N THR E 169 -20.48 -1.51 -7.61
CA THR E 169 -21.08 -2.74 -8.10
C THR E 169 -21.45 -2.59 -9.57
N TRP E 170 -21.01 -3.55 -10.38
CA TRP E 170 -21.34 -3.58 -11.80
C TRP E 170 -21.62 -5.02 -12.20
N MET E 171 -22.56 -5.20 -13.12
CA MET E 171 -23.07 -6.53 -13.42
C MET E 171 -23.55 -6.59 -14.86
N VAL E 172 -23.70 -7.81 -15.36
CA VAL E 172 -24.27 -8.07 -16.66
C VAL E 172 -25.64 -8.70 -16.45
N GLU E 173 -26.66 -8.13 -17.08
CA GLU E 173 -28.04 -8.50 -16.82
C GLU E 173 -28.73 -8.94 -18.10
N TYR E 174 -29.53 -10.00 -17.98
CA TYR E 174 -30.34 -10.53 -19.07
C TYR E 174 -31.75 -10.77 -18.56
N GLY E 175 -32.75 -10.29 -19.29
CA GLY E 175 -34.13 -10.48 -18.92
C GLY E 175 -34.94 -11.06 -20.06
N ARG E 176 -35.91 -11.90 -19.69
CA ARG E 176 -36.78 -12.55 -20.66
C ARG E 176 -38.20 -12.60 -20.10
N GLY E 177 -39.17 -12.28 -20.94
CA GLY E 177 -40.56 -12.25 -20.52
C GLY E 177 -41.35 -11.25 -21.36
N PHE E 178 -42.16 -10.42 -20.72
CA PHE E 178 -42.85 -9.34 -21.40
C PHE E 178 -42.18 -8.03 -20.97
N ILE E 179 -41.24 -7.57 -21.79
CA ILE E 179 -40.42 -6.41 -21.41
C ILE E 179 -41.25 -5.15 -21.20
N PRO E 180 -42.24 -4.83 -22.05
CA PRO E 180 -43.03 -3.60 -21.80
C PRO E 180 -43.68 -3.56 -20.43
N SER E 181 -43.91 -4.71 -19.78
CA SER E 181 -44.49 -4.71 -18.44
C SER E 181 -43.52 -4.17 -17.40
N THR E 182 -42.22 -4.14 -17.70
CA THR E 182 -41.23 -3.65 -16.75
C THR E 182 -41.03 -2.15 -16.82
N LEU E 183 -41.42 -1.51 -17.93
CA LEU E 183 -41.21 -0.07 -18.08
C LEU E 183 -42.09 0.74 -17.15
N ALA E 184 -43.21 0.19 -16.69
CA ALA E 184 -44.05 0.90 -15.73
C ALA E 184 -43.33 1.11 -14.41
N PHE E 185 -42.56 0.10 -13.97
CA PHE E 185 -41.79 0.23 -12.73
C PHE E 185 -40.52 1.05 -12.95
N ALA E 186 -39.90 0.91 -14.13
CA ALA E 186 -38.63 1.57 -14.39
C ALA E 186 -38.72 3.08 -14.43
N LEU E 187 -39.90 3.63 -14.70
CA LEU E 187 -40.07 5.07 -14.86
C LEU E 187 -40.87 5.70 -13.73
N ALA E 188 -41.22 4.93 -12.70
CA ALA E 188 -42.03 5.46 -11.60
C ALA E 188 -41.29 6.56 -10.86
N ASP E 189 -40.06 6.29 -10.42
CA ASP E 189 -39.28 7.31 -9.72
C ASP E 189 -38.92 8.46 -10.65
N THR E 190 -38.79 8.21 -11.95
CA THR E 190 -38.49 9.27 -12.89
C THR E 190 -39.64 10.25 -13.04
N ILE E 191 -40.87 9.81 -12.76
CA ILE E 191 -42.03 10.69 -12.87
C ILE E 191 -42.38 11.36 -11.55
N PHE E 192 -42.38 10.60 -10.46
CA PHE E 192 -42.91 11.08 -9.18
C PHE E 192 -41.83 11.47 -8.18
N SER E 193 -40.56 11.19 -8.45
CA SER E 193 -39.49 11.50 -7.51
C SER E 193 -38.43 12.39 -8.12
N THR E 194 -37.72 11.93 -9.15
CA THR E 194 -36.64 12.72 -9.72
C THR E 194 -37.15 13.77 -10.69
N GLN E 195 -38.23 13.48 -11.42
CA GLN E 195 -38.76 14.36 -12.46
C GLN E 195 -37.69 14.72 -13.50
N ASP E 196 -36.76 13.79 -13.73
CA ASP E 196 -35.71 13.96 -14.73
C ASP E 196 -36.24 13.43 -16.06
N PHE E 197 -37.02 14.27 -16.74
CA PHE E 197 -37.65 13.86 -17.99
C PHE E 197 -36.65 13.68 -19.12
N LEU E 198 -35.49 14.32 -19.05
CA LEU E 198 -34.46 14.09 -20.06
C LEU E 198 -33.94 12.65 -20.00
N THR E 199 -33.77 12.12 -18.78
CA THR E 199 -33.44 10.71 -18.63
C THR E 199 -34.59 9.83 -19.11
N LEU E 200 -35.82 10.27 -18.85
CA LEU E 200 -36.99 9.58 -19.39
C LEU E 200 -36.95 9.53 -20.91
N PHE E 201 -36.50 10.63 -21.54
CA PHE E 201 -36.37 10.63 -22.99
C PHE E 201 -35.25 9.69 -23.44
N TYR E 202 -34.13 9.67 -22.72
CA TYR E 202 -33.02 8.79 -23.09
C TYR E 202 -33.42 7.33 -23.01
N THR E 203 -34.18 6.96 -21.98
CA THR E 203 -34.62 5.58 -21.83
C THR E 203 -35.51 5.16 -22.99
N VAL E 204 -36.46 6.01 -23.38
CA VAL E 204 -37.31 5.71 -24.53
C VAL E 204 -36.49 5.71 -25.81
N LYS E 205 -35.47 6.57 -25.89
CA LYS E 205 -34.65 6.65 -27.10
C LYS E 205 -33.87 5.35 -27.32
N VAL E 206 -33.15 4.88 -26.29
CA VAL E 206 -32.31 3.70 -26.48
C VAL E 206 -33.16 2.44 -26.59
N TYR E 207 -34.32 2.40 -25.94
CA TYR E 207 -35.20 1.25 -26.09
C TYR E 207 -35.88 1.23 -27.45
N SER E 208 -36.14 2.41 -28.03
CA SER E 208 -36.71 2.45 -29.36
C SER E 208 -35.69 2.03 -30.41
N LYS E 209 -34.44 2.48 -30.27
CA LYS E 209 -33.40 2.07 -31.20
C LYS E 209 -33.19 0.56 -31.15
N ALA E 210 -33.26 -0.03 -29.96
CA ALA E 210 -33.11 -1.48 -29.84
C ALA E 210 -34.29 -2.22 -30.45
N LEU E 211 -35.47 -1.64 -30.38
CA LEU E 211 -36.64 -2.26 -31.02
C LEU E 211 -36.56 -2.12 -32.54
N LEU E 212 -36.12 -0.97 -33.03
CA LEU E 212 -35.99 -0.77 -34.47
C LEU E 212 -34.87 -1.62 -35.04
N LEU E 213 -33.78 -1.80 -34.30
CA LEU E 213 -32.70 -2.66 -34.75
C LEU E 213 -33.17 -4.11 -34.88
N GLU E 214 -33.92 -4.59 -33.89
CA GLU E 214 -34.39 -5.97 -33.93
C GLU E 214 -35.44 -6.14 -35.03
N ALA E 215 -36.27 -5.12 -35.25
CA ALA E 215 -37.24 -5.16 -36.34
C ALA E 215 -36.55 -5.06 -37.69
N SER E 216 -35.47 -4.29 -37.78
CA SER E 216 -34.74 -4.17 -39.03
C SER E 216 -34.08 -5.50 -39.43
N THR E 217 -33.70 -6.31 -38.44
CA THR E 217 -33.11 -7.61 -38.74
C THR E 217 -34.15 -8.59 -39.28
N HIS E 218 -35.40 -8.49 -38.79
CA HIS E 218 -36.45 -9.37 -39.31
C HIS E 218 -36.77 -9.05 -40.76
N LEU E 219 -36.62 -7.79 -41.17
CA LEU E 219 -36.91 -7.44 -42.56
C LEU E 219 -35.86 -8.02 -43.51
N SER E 220 -34.59 -7.99 -43.12
CA SER E 220 -33.54 -8.56 -43.95
C SER E 220 -33.59 -10.08 -43.99
N GLN E 221 -34.24 -10.71 -43.02
CA GLN E 221 -34.36 -12.17 -42.99
C GLN E 221 -35.75 -12.61 -43.43
N LEU F 7 -60.48 25.34 -36.35
CA LEU F 7 -59.11 25.49 -35.84
C LEU F 7 -59.19 26.03 -34.42
N TRP F 8 -60.37 25.91 -33.82
CA TRP F 8 -60.61 26.43 -32.47
C TRP F 8 -59.93 25.55 -31.42
N LEU F 9 -59.89 24.23 -31.65
CA LEU F 9 -59.27 23.33 -30.68
C LEU F 9 -57.77 23.56 -30.55
N GLY F 10 -57.11 24.03 -31.61
CA GLY F 10 -55.71 24.34 -31.52
C GLY F 10 -55.37 25.67 -30.89
N LEU F 11 -56.38 26.47 -30.53
CA LEU F 11 -56.12 27.78 -29.93
C LEU F 11 -55.44 27.65 -28.58
N ARG F 12 -55.86 26.68 -27.76
CA ARG F 12 -55.22 26.50 -26.45
C ARG F 12 -53.76 26.09 -26.59
N ALA F 13 -53.46 25.23 -27.57
CA ALA F 13 -52.09 24.77 -27.75
C ALA F 13 -51.19 25.87 -28.30
N VAL F 14 -51.72 26.72 -29.17
CA VAL F 14 -50.91 27.82 -29.70
C VAL F 14 -50.65 28.87 -28.63
N LEU F 15 -51.65 29.14 -27.77
CA LEU F 15 -51.48 30.16 -26.73
C LEU F 15 -50.41 29.76 -25.72
N VAL F 16 -50.30 28.47 -25.40
CA VAL F 16 -49.27 28.04 -24.46
C VAL F 16 -47.90 27.97 -25.13
N VAL F 17 -47.85 27.51 -26.38
CA VAL F 17 -46.57 27.47 -27.09
C VAL F 17 -46.03 28.88 -27.27
N ALA F 18 -46.91 29.82 -27.66
CA ALA F 18 -46.49 31.21 -27.72
C ALA F 18 -46.21 31.76 -26.34
N GLY F 19 -46.97 31.32 -25.33
CA GLY F 19 -46.73 31.78 -23.97
C GLY F 19 -45.40 31.32 -23.41
N LEU F 20 -45.02 30.06 -23.69
CA LEU F 20 -43.75 29.55 -23.20
C LEU F 20 -42.58 30.22 -23.91
N ALA F 21 -42.72 30.48 -25.22
CA ALA F 21 -41.64 31.10 -25.97
C ALA F 21 -41.44 32.54 -25.53
N VAL F 22 -42.53 33.26 -25.25
CA VAL F 22 -42.41 34.64 -24.79
C VAL F 22 -41.83 34.69 -23.38
N LEU F 23 -42.30 33.80 -22.49
CA LEU F 23 -41.80 33.80 -21.12
C LEU F 23 -40.36 33.31 -21.04
N LEU F 24 -39.96 32.39 -21.91
CA LEU F 24 -38.58 31.89 -21.89
C LEU F 24 -37.60 33.00 -22.28
N GLN F 25 -37.91 33.75 -23.34
CA GLN F 25 -37.06 34.85 -23.74
C GLN F 25 -37.13 36.03 -22.77
N LEU F 26 -38.23 36.16 -22.02
CA LEU F 26 -38.33 37.23 -21.05
C LEU F 26 -37.54 36.91 -19.78
N ILE F 27 -37.60 35.66 -19.32
CA ILE F 27 -36.86 35.28 -18.12
C ILE F 27 -35.36 35.19 -18.42
N ARG F 28 -35.00 34.62 -19.57
CA ARG F 28 -33.60 34.50 -19.92
C ARG F 28 -32.97 35.87 -20.19
N GLY F 29 -33.71 36.75 -20.86
CA GLY F 29 -33.24 38.11 -21.05
C GLY F 29 -33.17 38.89 -19.75
N TRP F 30 -34.04 38.55 -18.79
CA TRP F 30 -33.98 39.19 -17.47
C TRP F 30 -32.74 38.75 -16.71
N LEU F 31 -32.40 37.46 -16.76
CA LEU F 31 -31.25 36.96 -16.02
C LEU F 31 -29.95 37.56 -16.53
N SER F 32 -29.88 37.89 -17.82
CA SER F 32 -28.68 38.47 -18.40
C SER F 32 -28.59 39.98 -18.18
N SER F 33 -29.66 40.62 -17.69
CA SER F 33 -29.68 42.06 -17.48
C SER F 33 -30.02 42.43 -16.04
N LYS F 34 -30.05 41.46 -15.13
CA LYS F 34 -30.39 41.71 -13.73
C LYS F 34 -29.13 41.85 -12.90
N SER F 35 -29.13 42.81 -11.98
CA SER F 35 -28.06 42.95 -11.01
C SER F 35 -28.27 41.96 -9.87
N TYR F 36 -27.24 41.16 -9.58
CA TYR F 36 -27.35 40.11 -8.57
C TYR F 36 -26.74 40.57 -7.25
N VAL F 37 -27.28 40.04 -6.16
CA VAL F 37 -26.82 40.42 -4.82
C VAL F 37 -25.56 39.65 -4.46
N PHE F 38 -25.61 38.33 -4.49
CA PHE F 38 -24.51 37.48 -4.10
C PHE F 38 -23.77 36.96 -5.33
N ASN F 39 -22.70 36.20 -5.08
CA ASN F 39 -21.89 35.61 -6.14
C ASN F 39 -21.51 34.19 -5.75
N ARG F 40 -21.30 33.35 -6.77
CA ARG F 40 -20.93 31.96 -6.51
C ARG F 40 -19.57 31.87 -5.84
N GLU F 41 -18.63 32.72 -6.23
CA GLU F 41 -17.33 32.74 -5.58
C GLU F 41 -17.40 33.37 -4.20
N GLU F 42 -18.30 34.35 -4.02
CA GLU F 42 -18.42 35.03 -2.74
C GLU F 42 -18.91 34.08 -1.64
N ILE F 43 -19.94 33.29 -1.94
CA ILE F 43 -20.47 32.36 -0.94
C ILE F 43 -19.47 31.24 -0.69
N ALA F 44 -18.79 30.78 -1.75
CA ALA F 44 -17.79 29.73 -1.58
C ALA F 44 -16.60 30.24 -0.78
N ARG F 45 -16.21 31.50 -1.02
CA ARG F 45 -15.11 32.10 -0.29
C ARG F 45 -15.43 32.22 1.20
N LEU F 46 -16.64 32.65 1.53
CA LEU F 46 -17.02 32.81 2.93
C LEU F 46 -17.06 31.47 3.65
N ALA F 47 -17.52 30.41 2.96
CA ALA F 47 -17.61 29.10 3.58
C ALA F 47 -16.22 28.48 3.79
N LYS F 48 -15.29 28.74 2.88
CA LYS F 48 -13.96 28.18 3.02
C LYS F 48 -13.18 28.81 4.19
N GLU F 49 -13.55 30.03 4.60
CA GLU F 49 -12.88 30.63 5.75
C GLU F 49 -13.17 29.88 7.03
N HIS F 50 -14.36 29.29 7.15
CA HIS F 50 -14.79 28.60 8.36
C HIS F 50 -14.99 27.10 8.15
N SER F 51 -14.40 26.53 7.08
CA SER F 51 -14.59 25.12 6.80
C SER F 51 -13.68 24.21 7.64
N GLY F 52 -13.16 24.72 8.75
CA GLY F 52 -12.36 23.92 9.66
C GLY F 52 -12.95 23.85 11.05
N LEU F 53 -13.83 24.80 11.36
CA LEU F 53 -14.45 24.89 12.67
C LEU F 53 -15.63 23.91 12.79
N ASP F 54 -16.32 23.99 13.92
CA ASP F 54 -17.56 23.27 14.12
C ASP F 54 -18.63 23.85 13.20
N TYR F 55 -19.39 22.98 12.53
CA TYR F 55 -20.34 23.47 11.55
C TYR F 55 -21.43 24.29 12.21
N GLU F 56 -21.71 24.03 13.49
CA GLU F 56 -22.63 24.90 14.21
C GLU F 56 -22.00 26.26 14.49
N VAL F 57 -20.71 26.27 14.86
CA VAL F 57 -19.98 27.51 15.03
C VAL F 57 -19.77 28.19 13.68
N ALA F 58 -19.53 27.41 12.64
CA ALA F 58 -19.35 27.97 11.30
C ALA F 58 -20.63 28.63 10.80
N PHE F 59 -21.79 28.05 11.13
CA PHE F 59 -23.05 28.65 10.72
C PHE F 59 -23.23 30.04 11.32
N SER F 60 -22.83 30.21 12.58
CA SER F 60 -23.03 31.51 13.25
C SER F 60 -22.15 32.58 12.64
N LYS F 61 -20.87 32.28 12.42
CA LYS F 61 -19.96 33.28 11.88
C LYS F 61 -20.30 33.64 10.43
N ILE F 62 -20.86 32.71 9.67
CA ILE F 62 -21.23 32.99 8.29
C ILE F 62 -22.45 33.91 8.24
N ILE F 63 -23.43 33.66 9.10
CA ILE F 63 -24.64 34.49 9.11
C ILE F 63 -24.31 35.92 9.55
N VAL F 64 -23.36 36.08 10.47
CA VAL F 64 -23.00 37.41 10.92
C VAL F 64 -22.34 38.19 9.78
N GLU F 65 -21.40 37.56 9.09
CA GLU F 65 -20.73 38.22 7.98
C GLU F 65 -21.69 38.51 6.82
N LEU F 66 -22.67 37.62 6.59
CA LEU F 66 -23.62 37.85 5.52
C LEU F 66 -24.55 39.01 5.84
N ARG F 67 -24.98 39.15 7.10
CA ARG F 67 -25.84 40.26 7.47
C ARG F 67 -25.09 41.58 7.53
N LYS F 68 -23.76 41.54 7.66
CA LYS F 68 -22.97 42.76 7.63
C LYS F 68 -22.73 43.24 6.21
N LYS F 69 -22.29 42.36 5.32
CA LYS F 69 -21.95 42.75 3.96
C LYS F 69 -23.17 42.95 3.07
N HIS F 70 -24.31 42.37 3.43
CA HIS F 70 -25.55 42.53 2.67
C HIS F 70 -26.71 42.73 3.65
N PRO F 71 -26.83 43.92 4.22
CA PRO F 71 -27.94 44.16 5.15
C PRO F 71 -29.26 44.28 4.41
N GLY F 72 -30.32 43.81 5.07
CA GLY F 72 -31.64 43.85 4.48
C GLY F 72 -31.91 42.76 3.48
N HIS F 73 -30.99 41.80 3.30
CA HIS F 73 -31.17 40.71 2.36
C HIS F 73 -31.17 39.34 3.02
N ILE F 74 -30.92 39.24 4.31
CA ILE F 74 -30.91 37.97 5.04
C ILE F 74 -32.05 38.01 6.05
N LEU F 75 -32.80 36.91 6.13
CA LEU F 75 -33.93 36.82 7.04
C LEU F 75 -33.48 36.99 8.49
N GLN F 76 -34.41 37.47 9.31
CA GLN F 76 -34.15 37.62 10.74
C GLN F 76 -34.18 36.26 11.43
N ASP F 77 -33.58 36.21 12.63
CA ASP F 77 -33.57 34.97 13.41
C ASP F 77 -34.99 34.52 13.74
N GLU F 78 -35.95 35.44 13.73
CA GLU F 78 -37.35 35.07 13.97
C GLU F 78 -37.89 34.25 12.81
N ASP F 79 -37.37 34.47 11.60
CA ASP F 79 -37.84 33.79 10.40
C ASP F 79 -36.93 32.64 9.98
N LEU F 80 -36.09 32.16 10.89
CA LEU F 80 -35.18 31.06 10.61
C LEU F 80 -35.65 29.80 11.33
N GLN F 81 -35.67 28.69 10.60
CA GLN F 81 -36.03 27.40 11.19
C GLN F 81 -35.54 26.30 10.24
N TRP F 82 -35.13 25.17 10.83
CA TRP F 82 -34.69 24.03 10.05
C TRP F 82 -35.89 23.29 9.48
N VAL F 83 -35.98 23.23 8.15
CA VAL F 83 -37.07 22.56 7.45
C VAL F 83 -36.51 21.37 6.71
N PHE F 84 -37.14 20.21 6.89
CA PHE F 84 -36.74 19.01 6.17
C PHE F 84 -36.89 19.21 4.67
N VAL F 85 -36.03 18.55 3.90
CA VAL F 85 -36.05 18.61 2.45
C VAL F 85 -35.95 17.18 1.92
N ASN F 86 -37.00 16.73 1.24
CA ASN F 86 -37.05 15.41 0.63
C ASN F 86 -37.20 15.57 -0.88
N ALA F 87 -36.20 15.11 -1.63
CA ALA F 87 -36.22 15.23 -3.08
C ALA F 87 -35.24 14.23 -3.68
N GLY F 88 -35.63 13.65 -4.81
CA GLY F 88 -34.77 12.75 -5.55
C GLY F 88 -34.37 11.47 -4.82
N GLY F 89 -34.97 11.22 -3.67
CA GLY F 89 -34.67 10.02 -2.90
C GLY F 89 -33.78 10.24 -1.69
N TRP F 90 -33.28 11.45 -1.48
CA TRP F 90 -32.47 11.76 -0.31
C TRP F 90 -33.24 12.67 0.64
N MET F 91 -32.75 12.75 1.87
CA MET F 91 -33.42 13.53 2.91
C MET F 91 -32.41 14.35 3.70
N GLY F 92 -32.68 15.63 3.84
CA GLY F 92 -31.85 16.52 4.63
C GLY F 92 -32.66 17.62 5.28
N SER F 93 -31.99 18.72 5.68
CA SER F 93 -32.66 19.87 6.25
C SER F 93 -31.93 21.14 5.80
N MET F 94 -32.70 22.21 5.65
CA MET F 94 -32.17 23.48 5.17
C MET F 94 -32.47 24.60 6.16
N CYS F 95 -31.67 25.66 6.07
CA CYS F 95 -31.85 26.89 6.85
C CYS F 95 -31.79 28.04 5.85
N LEU F 96 -32.96 28.40 5.29
CA LEU F 96 -33.02 29.41 4.24
C LEU F 96 -32.65 30.77 4.81
N LEU F 97 -31.52 31.31 4.37
CA LEU F 97 -31.06 32.62 4.80
C LEU F 97 -31.48 33.72 3.84
N HIS F 98 -31.31 33.50 2.54
CA HIS F 98 -31.69 34.46 1.51
C HIS F 98 -32.31 33.71 0.34
N ALA F 99 -33.29 34.34 -0.29
CA ALA F 99 -33.95 33.75 -1.46
C ALA F 99 -34.68 34.82 -2.23
N SER F 100 -34.56 34.77 -3.55
CA SER F 100 -35.29 35.67 -4.43
C SER F 100 -35.90 34.82 -5.54
N LEU F 101 -36.31 35.47 -6.62
CA LEU F 101 -36.76 34.74 -7.80
C LEU F 101 -35.60 34.24 -8.65
N THR F 102 -34.39 34.74 -8.39
CA THR F 102 -33.22 34.38 -9.17
C THR F 102 -32.05 33.88 -8.34
N GLU F 103 -32.02 34.14 -7.04
CA GLU F 103 -30.91 33.74 -6.18
C GLU F 103 -31.46 33.12 -4.90
N TYR F 104 -30.61 32.33 -4.24
CA TYR F 104 -30.92 31.84 -2.90
C TYR F 104 -29.63 31.39 -2.22
N VAL F 105 -29.55 31.61 -0.91
CA VAL F 105 -28.43 31.17 -0.09
C VAL F 105 -28.99 30.47 1.14
N LEU F 106 -28.54 29.25 1.38
CA LEU F 106 -29.02 28.48 2.53
C LEU F 106 -27.91 27.58 3.06
N LEU F 107 -28.16 27.00 4.23
CA LEU F 107 -27.26 26.05 4.87
C LEU F 107 -27.94 24.68 4.84
N PHE F 108 -27.39 23.77 4.06
CA PHE F 108 -27.98 22.45 3.86
C PHE F 108 -27.10 21.36 4.46
N GLY F 109 -27.73 20.27 4.86
CA GLY F 109 -27.02 19.13 5.39
C GLY F 109 -27.98 18.08 5.88
N THR F 110 -27.42 16.97 6.36
CA THR F 110 -28.20 15.84 6.83
C THR F 110 -27.52 15.22 8.04
N ALA F 111 -28.32 14.62 8.91
CA ALA F 111 -27.82 13.91 10.08
C ALA F 111 -27.90 12.40 9.92
N VAL F 112 -28.27 11.92 8.73
CA VAL F 112 -28.32 10.51 8.41
C VAL F 112 -27.63 10.28 7.07
N ASP F 113 -27.47 9.01 6.71
CA ASP F 113 -26.85 8.64 5.44
C ASP F 113 -27.93 8.53 4.38
N THR F 114 -27.97 9.51 3.47
CA THR F 114 -28.96 9.54 2.40
C THR F 114 -28.26 9.79 1.07
N GLY F 115 -29.04 9.69 0.00
CA GLY F 115 -28.53 9.92 -1.33
C GLY F 115 -29.60 9.68 -2.36
N GLY F 116 -29.40 10.25 -3.53
CA GLY F 116 -30.36 10.07 -4.61
C GLY F 116 -30.06 10.96 -5.80
N HIS F 117 -31.12 11.32 -6.51
CA HIS F 117 -31.00 12.15 -7.71
C HIS F 117 -30.86 13.62 -7.32
N SER F 118 -29.90 14.30 -7.95
CA SER F 118 -29.68 15.72 -7.65
C SER F 118 -30.78 16.60 -8.21
N GLY F 119 -31.47 16.16 -9.27
CA GLY F 119 -32.48 16.96 -9.91
C GLY F 119 -31.93 17.78 -11.06
N ARG F 120 -32.70 17.91 -12.14
CA ARG F 120 -32.31 18.68 -13.31
C ARG F 120 -33.26 19.87 -13.45
N TYR F 121 -32.73 21.08 -13.29
CA TYR F 121 -33.54 22.29 -13.29
C TYR F 121 -32.72 23.44 -13.87
N TRP F 122 -33.33 24.61 -13.89
CA TRP F 122 -32.74 25.80 -14.50
C TRP F 122 -32.12 26.70 -13.41
N ALA F 123 -31.00 26.22 -12.87
CA ALA F 123 -30.28 26.94 -11.83
C ALA F 123 -28.89 26.35 -11.66
N GLU F 124 -27.89 27.22 -11.53
CA GLU F 124 -26.54 26.80 -11.21
C GLU F 124 -26.36 26.83 -9.70
N ILE F 125 -25.90 25.71 -9.13
CA ILE F 125 -25.84 25.52 -7.70
C ILE F 125 -24.41 25.17 -7.30
N SER F 126 -23.90 25.85 -6.28
CA SER F 126 -22.57 25.58 -5.72
C SER F 126 -22.71 25.28 -4.24
N ASP F 127 -22.11 24.17 -3.80
CA ASP F 127 -22.11 23.77 -2.40
C ASP F 127 -20.67 23.64 -1.91
N THR F 128 -20.37 24.30 -0.79
CA THR F 128 -19.06 24.22 -0.15
C THR F 128 -19.21 23.42 1.13
N ILE F 129 -18.54 22.26 1.20
CA ILE F 129 -18.73 21.34 2.31
C ILE F 129 -18.03 21.89 3.55
N LEU F 130 -18.76 21.95 4.66
CA LEU F 130 -18.19 22.32 5.95
C LEU F 130 -17.80 21.12 6.80
N SER F 131 -18.53 20.01 6.69
CA SER F 131 -18.23 18.81 7.44
C SER F 131 -18.79 17.61 6.69
N GLY F 132 -18.36 16.42 7.10
CA GLY F 132 -18.84 15.21 6.47
C GLY F 132 -18.13 14.93 5.16
N THR F 133 -18.80 14.13 4.32
CA THR F 133 -18.29 13.78 3.01
C THR F 133 -19.40 13.94 1.98
N PHE F 134 -18.99 14.14 0.73
CA PHE F 134 -19.92 14.43 -0.37
C PHE F 134 -19.46 13.62 -1.58
N ARG F 135 -20.23 12.59 -1.93
CA ARG F 135 -19.95 11.78 -3.11
C ARG F 135 -20.85 12.23 -4.26
N GLN F 136 -20.22 12.55 -5.39
CA GLN F 136 -20.93 13.01 -6.59
C GLN F 136 -20.66 12.05 -7.74
N TRP F 137 -21.72 11.67 -8.45
CA TRP F 137 -21.63 10.76 -9.58
C TRP F 137 -22.20 11.46 -10.82
N LYS F 138 -21.32 11.93 -11.69
CA LYS F 138 -21.76 12.62 -12.90
C LYS F 138 -22.36 11.64 -13.90
N GLU F 139 -23.21 12.19 -14.77
CA GLU F 139 -23.91 11.36 -15.75
C GLU F 139 -22.98 10.88 -16.85
N GLY F 140 -23.19 9.63 -17.29
CA GLY F 140 -22.44 9.05 -18.37
C GLY F 140 -21.12 8.42 -17.98
N THR F 141 -20.75 8.44 -16.71
CA THR F 141 -19.51 7.85 -16.22
C THR F 141 -19.80 6.60 -15.41
N THR F 142 -18.72 5.90 -15.05
CA THR F 142 -18.81 4.69 -14.24
C THR F 142 -18.06 4.83 -12.92
N LYS F 143 -17.52 6.01 -12.62
CA LYS F 143 -16.80 6.25 -11.38
C LYS F 143 -17.28 7.55 -10.75
N SER F 144 -17.26 7.58 -9.42
CA SER F 144 -17.69 8.73 -8.65
C SER F 144 -16.52 9.29 -7.85
N GLU F 145 -16.66 10.54 -7.43
CA GLU F 145 -15.65 11.22 -6.63
C GLU F 145 -16.26 11.65 -5.29
N ILE F 146 -15.42 11.63 -4.26
CA ILE F 146 -15.83 11.99 -2.90
C ILE F 146 -15.19 13.34 -2.56
N PHE F 147 -16.00 14.26 -2.05
CA PHE F 147 -15.54 15.59 -1.69
C PHE F 147 -15.58 15.78 -0.18
N TYR F 148 -14.61 16.53 0.33
CA TYR F 148 -14.37 16.67 1.75
C TYR F 148 -14.50 18.14 2.15
N PRO F 149 -14.51 18.46 3.45
CA PRO F 149 -14.60 19.88 3.85
C PRO F 149 -13.52 20.72 3.20
N GLY F 150 -13.93 21.88 2.66
CA GLY F 150 -13.07 22.77 1.92
C GLY F 150 -13.33 22.72 0.42
N ASP F 151 -13.78 21.58 -0.10
CA ASP F 151 -14.07 21.45 -1.51
C ASP F 151 -15.39 22.16 -1.86
N THR F 152 -15.54 22.50 -3.13
CA THR F 152 -16.73 23.18 -3.63
C THR F 152 -17.24 22.44 -4.86
N ILE F 153 -18.47 21.95 -4.79
CA ILE F 153 -19.10 21.25 -5.91
C ILE F 153 -20.01 22.22 -6.63
N VAL F 154 -19.85 22.32 -7.95
CA VAL F 154 -20.64 23.20 -8.79
C VAL F 154 -21.58 22.34 -9.63
N HIS F 155 -22.88 22.46 -9.38
CA HIS F 155 -23.90 21.74 -10.13
C HIS F 155 -24.44 22.70 -11.19
N GLU F 156 -23.98 22.52 -12.43
CA GLU F 156 -24.31 23.44 -13.49
C GLU F 156 -25.75 23.26 -13.96
N VAL F 157 -26.21 24.20 -14.78
CA VAL F 157 -27.59 24.17 -15.26
C VAL F 157 -27.76 23.03 -16.26
N GLY F 158 -28.87 22.31 -16.12
CA GLY F 158 -29.15 21.18 -16.98
C GLY F 158 -28.38 19.92 -16.64
N GLU F 159 -27.47 19.99 -15.68
CA GLU F 159 -26.68 18.83 -15.27
C GLU F 159 -27.47 17.98 -14.28
N ALA F 160 -27.35 16.67 -14.41
CA ALA F 160 -27.99 15.73 -13.49
C ALA F 160 -26.94 14.77 -12.98
N THR F 161 -26.79 14.72 -11.66
CA THR F 161 -25.81 13.85 -11.02
C THR F 161 -26.49 13.06 -9.90
N SER F 162 -25.76 12.11 -9.35
CA SER F 162 -26.18 11.34 -8.18
C SER F 162 -25.40 11.81 -6.97
N VAL F 163 -26.11 12.17 -5.90
CA VAL F 163 -25.47 12.69 -4.70
C VAL F 163 -25.59 11.67 -3.59
N GLN F 164 -24.68 11.76 -2.63
CA GLN F 164 -24.66 10.88 -1.45
C GLN F 164 -23.89 11.60 -0.36
N TRP F 165 -24.44 11.58 0.86
CA TRP F 165 -23.85 12.31 1.97
C TRP F 165 -23.69 11.38 3.17
N SER F 166 -22.72 11.73 4.02
CA SER F 166 -22.47 11.02 5.26
C SER F 166 -23.35 11.61 6.37
N SER F 167 -23.25 11.03 7.56
CA SER F 167 -24.17 11.41 8.63
C SER F 167 -23.87 12.79 9.19
N GLY F 168 -22.62 13.24 9.13
CA GLY F 168 -22.29 14.54 9.67
C GLY F 168 -22.00 15.60 8.62
N THR F 169 -22.62 15.46 7.45
CA THR F 169 -22.33 16.35 6.32
C THR F 169 -23.19 17.60 6.39
N TRP F 170 -22.55 18.76 6.36
CA TRP F 170 -23.22 20.06 6.33
C TRP F 170 -22.44 20.99 5.41
N MET F 171 -23.16 21.86 4.72
CA MET F 171 -22.56 22.65 3.65
C MET F 171 -23.28 23.98 3.51
N VAL F 172 -22.61 24.91 2.82
CA VAL F 172 -23.18 26.22 2.47
C VAL F 172 -23.45 26.22 0.98
N GLU F 173 -24.67 26.57 0.59
CA GLU F 173 -25.14 26.45 -0.78
C GLU F 173 -25.61 27.78 -1.32
N TYR F 174 -25.27 28.03 -2.58
CA TYR F 174 -25.70 29.22 -3.32
C TYR F 174 -26.21 28.80 -4.69
N GLY F 175 -27.37 29.30 -5.07
CA GLY F 175 -27.94 28.99 -6.37
C GLY F 175 -28.34 30.24 -7.11
N ARG F 176 -28.19 30.18 -8.43
CA ARG F 176 -28.54 31.29 -9.31
C ARG F 176 -29.15 30.76 -10.59
N GLY F 177 -30.26 31.37 -11.02
CA GLY F 177 -30.99 30.95 -12.20
C GLY F 177 -32.45 31.32 -12.09
N PHE F 178 -33.34 30.39 -12.42
CA PHE F 178 -34.78 30.57 -12.20
C PHE F 178 -35.16 29.66 -11.05
N ILE F 179 -35.22 30.22 -9.84
CA ILE F 179 -35.44 29.40 -8.65
C ILE F 179 -36.77 28.68 -8.66
N PRO F 180 -37.90 29.28 -9.08
CA PRO F 180 -39.16 28.53 -9.09
C PRO F 180 -39.12 27.24 -9.89
N SER F 181 -38.19 27.09 -10.85
CA SER F 181 -38.09 25.86 -11.61
C SER F 181 -37.61 24.69 -10.76
N THR F 182 -36.98 24.96 -9.62
CA THR F 182 -36.48 23.90 -8.75
C THR F 182 -37.52 23.39 -7.76
N LEU F 183 -38.58 24.17 -7.50
CA LEU F 183 -39.56 23.76 -6.51
C LEU F 183 -40.38 22.56 -6.96
N ALA F 184 -40.48 22.31 -8.27
CA ALA F 184 -41.18 21.11 -8.74
C ALA F 184 -40.43 19.86 -8.32
N PHE F 185 -39.10 19.89 -8.41
CA PHE F 185 -38.28 18.76 -7.97
C PHE F 185 -38.14 18.72 -6.46
N ALA F 186 -38.08 19.90 -5.83
CA ALA F 186 -37.85 19.99 -4.39
C ALA F 186 -39.00 19.44 -3.57
N LEU F 187 -40.21 19.41 -4.13
CA LEU F 187 -41.40 18.98 -3.39
C LEU F 187 -41.97 17.68 -3.92
N ALA F 188 -41.28 17.02 -4.86
CA ALA F 188 -41.81 15.80 -5.46
C ALA F 188 -41.95 14.69 -4.42
N ASP F 189 -40.87 14.40 -3.69
CA ASP F 189 -40.94 13.36 -2.66
C ASP F 189 -41.87 13.75 -1.52
N THR F 190 -42.02 15.05 -1.26
CA THR F 190 -42.94 15.51 -0.23
C THR F 190 -44.40 15.26 -0.61
N ILE F 191 -44.69 15.16 -1.91
CA ILE F 191 -46.06 14.94 -2.36
C ILE F 191 -46.37 13.46 -2.51
N PHE F 192 -45.47 12.71 -3.14
CA PHE F 192 -45.74 11.32 -3.53
C PHE F 192 -45.08 10.29 -2.62
N SER F 193 -44.21 10.70 -1.69
CA SER F 193 -43.52 9.75 -0.83
C SER F 193 -43.76 10.04 0.64
N THR F 194 -43.33 11.20 1.15
CA THR F 194 -43.46 11.48 2.57
C THR F 194 -44.86 11.95 2.93
N GLN F 195 -45.51 12.69 2.03
CA GLN F 195 -46.83 13.28 2.30
C GLN F 195 -46.82 14.15 3.56
N ASP F 196 -45.68 14.76 3.85
CA ASP F 196 -45.55 15.65 5.00
C ASP F 196 -45.93 17.06 4.56
N PHE F 197 -47.23 17.31 4.53
CA PHE F 197 -47.74 18.58 4.04
C PHE F 197 -47.39 19.73 5.00
N LEU F 198 -47.14 19.43 6.26
CA LEU F 198 -46.70 20.48 7.19
C LEU F 198 -45.31 20.98 6.82
N THR F 199 -44.42 20.07 6.42
CA THR F 199 -43.11 20.48 5.91
C THR F 199 -43.26 21.26 4.60
N LEU F 200 -44.20 20.84 3.75
CA LEU F 200 -44.50 21.61 2.55
C LEU F 200 -44.93 23.03 2.88
N PHE F 201 -45.70 23.19 3.96
CA PHE F 201 -46.08 24.54 4.40
C PHE F 201 -44.87 25.33 4.89
N TYR F 202 -43.96 24.67 5.62
CA TYR F 202 -42.77 25.36 6.12
C TYR F 202 -41.90 25.87 4.98
N THR F 203 -41.75 25.06 3.92
CA THR F 203 -40.92 25.47 2.80
C THR F 203 -41.50 26.70 2.11
N VAL F 204 -42.82 26.71 1.88
CA VAL F 204 -43.46 27.87 1.30
C VAL F 204 -43.42 29.04 2.28
N LYS F 205 -43.49 28.75 3.58
CA LYS F 205 -43.46 29.81 4.59
C LYS F 205 -42.14 30.57 4.54
N VAL F 206 -41.02 29.86 4.61
CA VAL F 206 -39.73 30.53 4.63
C VAL F 206 -39.39 31.10 3.26
N TYR F 207 -39.89 30.49 2.19
CA TYR F 207 -39.63 31.03 0.85
C TYR F 207 -40.46 32.29 0.59
N SER F 208 -41.67 32.36 1.17
CA SER F 208 -42.46 33.58 1.03
C SER F 208 -41.88 34.71 1.85
N LYS F 209 -41.44 34.42 3.07
CA LYS F 209 -40.81 35.44 3.91
C LYS F 209 -39.55 35.99 3.25
N ALA F 210 -38.78 35.12 2.60
CA ALA F 210 -37.57 35.57 1.91
C ALA F 210 -37.91 36.41 0.68
N LEU F 211 -39.03 36.10 0.01
CA LEU F 211 -39.43 36.90 -1.15
C LEU F 211 -39.96 38.26 -0.70
N LEU F 212 -40.75 38.29 0.38
CA LEU F 212 -41.28 39.56 0.87
C LEU F 212 -40.18 40.45 1.43
N LEU F 213 -39.17 39.85 2.07
CA LEU F 213 -38.05 40.64 2.57
C LEU F 213 -37.29 41.29 1.42
N GLU F 214 -37.06 40.54 0.34
CA GLU F 214 -36.36 41.10 -0.81
C GLU F 214 -37.20 42.18 -1.48
N ALA F 215 -38.52 41.99 -1.52
CA ALA F 215 -39.39 43.02 -2.07
C ALA F 215 -39.43 44.24 -1.16
N SER F 216 -39.37 44.02 0.16
CA SER F 216 -39.37 45.13 1.10
C SER F 216 -38.10 45.96 0.98
N THR F 217 -36.98 45.32 0.64
CA THR F 217 -35.73 46.07 0.48
C THR F 217 -35.73 46.92 -0.79
N HIS F 218 -36.37 46.43 -1.85
CA HIS F 218 -36.46 47.21 -3.08
C HIS F 218 -37.33 48.45 -2.91
N LEU F 219 -38.32 48.39 -2.02
CA LEU F 219 -39.19 49.55 -1.82
C LEU F 219 -38.44 50.69 -1.14
N SER F 220 -37.58 50.38 -0.17
CA SER F 220 -36.83 51.43 0.50
C SER F 220 -35.75 52.04 -0.37
N GLN F 221 -35.35 51.36 -1.44
CA GLN F 221 -34.33 51.87 -2.35
C GLN F 221 -34.94 52.40 -3.64
N ASP G 3 5.53 46.40 -67.52
CA ASP G 3 5.02 45.70 -66.35
C ASP G 3 6.02 44.67 -65.84
N THR G 4 6.76 44.05 -66.77
CA THR G 4 7.85 43.16 -66.37
C THR G 4 8.92 43.92 -65.61
N MET G 5 9.24 45.13 -66.06
CA MET G 5 10.11 46.01 -65.30
C MET G 5 9.47 46.44 -63.98
N ALA G 6 8.15 46.43 -63.91
CA ALA G 6 7.43 46.79 -62.69
C ALA G 6 7.40 45.66 -61.67
N LEU G 7 8.00 44.51 -61.96
CA LEU G 7 8.13 43.45 -60.97
C LEU G 7 9.20 43.86 -59.97
N TRP G 8 8.94 44.97 -59.27
CA TRP G 8 9.89 45.56 -58.33
C TRP G 8 9.95 44.84 -56.98
N LEU G 9 8.81 44.43 -56.43
CA LEU G 9 8.83 43.80 -55.11
C LEU G 9 9.53 42.45 -55.11
N GLY G 10 9.54 41.74 -56.24
CA GLY G 10 10.23 40.46 -56.27
C GLY G 10 11.73 40.49 -56.40
N LEU G 11 12.34 41.66 -56.57
CA LEU G 11 13.80 41.74 -56.67
C LEU G 11 14.46 41.31 -55.36
N ARG G 12 13.87 41.70 -54.23
CA ARG G 12 14.42 41.30 -52.93
C ARG G 12 14.43 39.79 -52.78
N ALA G 13 13.44 39.10 -53.34
CA ALA G 13 13.50 37.64 -53.38
C ALA G 13 14.57 37.18 -54.35
N VAL G 14 14.75 37.91 -55.45
CA VAL G 14 15.80 37.60 -56.41
C VAL G 14 17.17 37.90 -55.82
N LEU G 15 17.28 38.99 -55.04
CA LEU G 15 18.54 39.31 -54.38
C LEU G 15 18.94 38.20 -53.41
N VAL G 16 17.95 37.52 -52.82
CA VAL G 16 18.24 36.40 -51.92
C VAL G 16 18.71 35.20 -52.72
N VAL G 17 18.09 34.95 -53.88
CA VAL G 17 18.54 33.87 -54.74
C VAL G 17 19.93 34.16 -55.29
N ALA G 18 20.17 35.40 -55.72
CA ALA G 18 21.49 35.79 -56.17
C ALA G 18 22.48 35.81 -55.00
N GLY G 19 22.03 36.21 -53.81
CA GLY G 19 22.92 36.23 -52.66
C GLY G 19 23.36 34.85 -52.24
N LEU G 20 22.44 33.88 -52.28
CA LEU G 20 22.79 32.51 -51.92
C LEU G 20 23.71 31.89 -52.97
N ALA G 21 23.47 32.19 -54.24
CA ALA G 21 24.24 31.61 -55.33
C ALA G 21 25.68 32.11 -55.37
N VAL G 22 25.93 33.38 -55.02
CA VAL G 22 27.27 33.93 -55.12
C VAL G 22 28.22 33.26 -54.12
N LEU G 23 27.78 33.06 -52.88
CA LEU G 23 28.64 32.42 -51.89
C LEU G 23 28.83 30.95 -52.19
N GLY G 29 29.58 22.39 -51.35
CA GLY G 29 30.74 21.98 -52.10
C GLY G 29 32.05 22.20 -51.36
N TRP G 30 32.06 23.21 -50.49
CA TRP G 30 33.24 23.46 -49.67
C TRP G 30 33.44 22.37 -48.64
N LEU G 31 32.35 21.91 -48.02
CA LEU G 31 32.46 20.89 -46.98
C LEU G 31 32.93 19.56 -47.54
N SER G 32 32.61 19.24 -48.78
CA SER G 32 32.97 17.97 -49.38
C SER G 32 34.38 17.96 -49.96
N SER G 33 35.04 19.11 -50.07
CA SER G 33 36.37 19.18 -50.68
C SER G 33 37.41 19.83 -49.78
N LYS G 34 37.09 20.06 -48.51
CA LYS G 34 38.00 20.71 -47.58
C LYS G 34 38.80 19.68 -46.81
N SER G 35 40.09 19.96 -46.61
CA SER G 35 40.92 19.11 -45.78
C SER G 35 40.62 19.40 -44.31
N TYR G 36 40.28 18.36 -43.57
CA TYR G 36 39.86 18.50 -42.18
C TYR G 36 40.98 18.14 -41.21
N VAL G 37 40.93 18.75 -40.04
CA VAL G 37 41.96 18.52 -39.03
C VAL G 37 41.69 17.21 -38.30
N PHE G 38 40.50 17.05 -37.74
CA PHE G 38 40.14 15.87 -36.98
C PHE G 38 39.25 14.95 -37.81
N ASN G 39 38.97 13.77 -37.25
CA ASN G 39 38.05 12.81 -37.83
C ASN G 39 37.29 12.14 -36.70
N ARG G 40 36.10 11.63 -37.00
CA ARG G 40 35.27 11.04 -35.95
C ARG G 40 35.95 9.83 -35.31
N GLU G 41 36.70 9.06 -36.09
CA GLU G 41 37.38 7.90 -35.53
C GLU G 41 38.54 8.30 -34.62
N GLU G 42 39.21 9.42 -34.94
CA GLU G 42 40.32 9.86 -34.10
C GLU G 42 39.83 10.28 -32.72
N ILE G 43 38.75 11.06 -32.68
CA ILE G 43 38.20 11.51 -31.40
C ILE G 43 37.57 10.35 -30.65
N ALA G 44 36.94 9.41 -31.37
CA ALA G 44 36.27 8.29 -30.71
C ALA G 44 37.27 7.37 -30.02
N ARG G 45 38.41 7.09 -30.65
CA ARG G 45 39.40 6.24 -30.00
C ARG G 45 39.99 6.93 -28.77
N LEU G 46 40.28 8.22 -28.87
CA LEU G 46 40.86 8.95 -27.74
C LEU G 46 39.91 9.00 -26.55
N ALA G 47 38.62 9.18 -26.81
CA ALA G 47 37.66 9.27 -25.72
C ALA G 47 37.39 7.91 -25.09
N LYS G 48 37.38 6.85 -25.89
CA LYS G 48 37.11 5.52 -25.35
C LYS G 48 38.24 5.01 -24.47
N GLU G 49 39.47 5.49 -24.68
CA GLU G 49 40.59 5.09 -23.84
C GLU G 49 40.45 5.60 -22.42
N HIS G 50 39.76 6.74 -22.23
CA HIS G 50 39.60 7.35 -20.92
C HIS G 50 38.16 7.28 -20.43
N SER G 51 37.36 6.37 -20.98
CA SER G 51 35.96 6.23 -20.60
C SER G 51 35.88 5.41 -19.30
N GLY G 52 36.26 6.06 -18.21
CA GLY G 52 36.20 5.45 -16.90
C GLY G 52 35.25 6.18 -15.96
N LEU G 53 35.44 5.98 -14.65
CA LEU G 53 34.57 6.63 -13.68
C LEU G 53 34.96 8.08 -13.44
N ASP G 54 36.24 8.33 -13.13
CA ASP G 54 36.75 9.68 -12.96
C ASP G 54 36.81 10.44 -14.28
N TYR G 55 35.72 11.12 -14.64
CA TYR G 55 35.66 11.88 -15.87
C TYR G 55 36.49 13.15 -15.83
N GLU G 56 36.77 13.68 -14.64
CA GLU G 56 37.59 14.89 -14.53
C GLU G 56 39.03 14.63 -14.96
N VAL G 57 39.59 13.49 -14.56
CA VAL G 57 40.93 13.14 -15.03
C VAL G 57 40.91 12.87 -16.53
N ALA G 58 39.81 12.28 -17.03
CA ALA G 58 39.68 12.05 -18.47
C ALA G 58 39.69 13.35 -19.25
N PHE G 59 39.09 14.41 -18.69
CA PHE G 59 39.10 15.71 -19.36
C PHE G 59 40.52 16.23 -19.54
N SER G 60 41.36 16.08 -18.52
CA SER G 60 42.72 16.61 -18.58
C SER G 60 43.58 15.82 -19.57
N LYS G 61 43.52 14.48 -19.52
CA LYS G 61 44.37 13.68 -20.39
C LYS G 61 43.99 13.82 -21.85
N ILE G 62 42.71 14.07 -22.14
CA ILE G 62 42.29 14.24 -23.54
C ILE G 62 42.77 15.58 -24.07
N ILE G 63 42.70 16.63 -23.24
CA ILE G 63 43.17 17.95 -23.66
C ILE G 63 44.67 17.93 -23.90
N VAL G 64 45.41 17.18 -23.08
CA VAL G 64 46.86 17.10 -23.25
C VAL G 64 47.22 16.39 -24.55
N GLU G 65 46.56 15.26 -24.83
CA GLU G 65 46.84 14.53 -26.06
C GLU G 65 46.42 15.32 -27.30
N LEU G 66 45.34 16.10 -27.21
CA LEU G 66 44.91 16.88 -28.36
C LEU G 66 45.88 18.01 -28.66
N ARG G 67 46.43 18.65 -27.62
CA ARG G 67 47.40 19.70 -27.84
C ARG G 67 48.75 19.17 -28.30
N LYS G 68 49.03 17.88 -28.08
CA LYS G 68 50.28 17.30 -28.56
C LYS G 68 50.21 16.95 -30.04
N LYS G 69 49.16 16.21 -30.45
CA LYS G 69 49.05 15.79 -31.84
C LYS G 69 48.52 16.88 -32.76
N HIS G 70 47.85 17.90 -32.22
CA HIS G 70 47.31 18.99 -33.03
C HIS G 70 47.64 20.31 -32.35
N PRO G 71 48.89 20.77 -32.45
CA PRO G 71 49.26 22.04 -31.83
C PRO G 71 48.69 23.23 -32.60
N GLY G 72 48.34 24.27 -31.85
CA GLY G 72 47.79 25.48 -32.43
C GLY G 72 46.33 25.41 -32.82
N HIS G 73 45.65 24.31 -32.51
CA HIS G 73 44.25 24.16 -32.85
C HIS G 73 43.34 23.99 -31.64
N ILE G 74 43.89 23.86 -30.44
CA ILE G 74 43.11 23.70 -29.22
C ILE G 74 43.35 24.92 -28.34
N LEU G 75 42.27 25.48 -27.79
CA LEU G 75 42.39 26.66 -26.94
C LEU G 75 43.25 26.36 -25.72
N GLN G 76 43.94 27.40 -25.24
CA GLN G 76 44.73 27.29 -24.03
C GLN G 76 43.81 27.33 -22.80
N ASP G 77 44.36 26.90 -21.67
CA ASP G 77 43.60 26.84 -20.43
C ASP G 77 43.04 28.20 -20.01
N GLU G 78 43.64 29.30 -20.45
CA GLU G 78 43.13 30.62 -20.11
C GLU G 78 41.80 30.93 -20.80
N ASP G 79 41.56 30.37 -21.98
CA ASP G 79 40.36 30.66 -22.75
C ASP G 79 39.29 29.58 -22.62
N LEU G 80 39.35 28.75 -21.58
CA LEU G 80 38.39 27.68 -21.37
C LEU G 80 37.49 28.01 -20.17
N GLN G 81 36.19 27.75 -20.34
CA GLN G 81 35.23 27.89 -19.26
C GLN G 81 34.01 27.05 -19.58
N TRP G 82 33.40 26.50 -18.52
CA TRP G 82 32.18 25.71 -18.68
C TRP G 82 31.01 26.66 -18.88
N VAL G 83 30.35 26.55 -20.04
CA VAL G 83 29.22 27.40 -20.40
C VAL G 83 27.97 26.55 -20.46
N PHE G 84 26.90 26.99 -19.79
CA PHE G 84 25.64 26.29 -19.84
C PHE G 84 25.10 26.26 -21.27
N VAL G 85 24.38 25.20 -21.60
CA VAL G 85 23.78 25.01 -22.91
C VAL G 85 22.33 24.60 -22.72
N ASN G 86 21.41 25.44 -23.18
CA ASN G 86 19.98 25.17 -23.11
C ASN G 86 19.43 25.09 -24.53
N ALA G 87 18.93 23.91 -24.91
CA ALA G 87 18.40 23.71 -26.26
C ALA G 87 17.49 22.49 -26.27
N GLY G 88 16.40 22.58 -27.02
CA GLY G 88 15.49 21.47 -27.22
C GLY G 88 14.80 20.95 -25.98
N GLY G 89 14.95 21.66 -24.86
CA GLY G 89 14.35 21.26 -23.61
C GLY G 89 15.30 20.62 -22.62
N TRP G 90 16.55 20.40 -23.00
CA TRP G 90 17.56 19.85 -22.11
C TRP G 90 18.57 20.92 -21.75
N MET G 91 19.33 20.65 -20.68
CA MET G 91 20.31 21.60 -20.16
C MET G 91 21.58 20.87 -19.80
N GLY G 92 22.71 21.38 -20.30
CA GLY G 92 24.01 20.84 -19.97
C GLY G 92 25.08 21.91 -19.95
N SER G 93 26.34 21.51 -20.09
CA SER G 93 27.44 22.46 -20.15
C SER G 93 28.50 21.93 -21.11
N MET G 94 29.19 22.85 -21.78
CA MET G 94 30.21 22.49 -22.76
C MET G 94 31.52 23.15 -22.39
N CYS G 95 32.61 22.55 -22.88
CA CYS G 95 33.96 23.09 -22.75
C CYS G 95 34.56 23.07 -24.15
N LEU G 96 34.35 24.14 -24.90
CA LEU G 96 34.77 24.19 -26.30
C LEU G 96 36.30 24.21 -26.37
N LEU G 97 36.87 23.14 -26.92
CA LEU G 97 38.31 23.02 -27.06
C LEU G 97 38.78 23.52 -28.42
N HIS G 98 38.08 23.12 -29.48
CA HIS G 98 38.38 23.54 -30.84
C HIS G 98 37.08 23.84 -31.55
N ALA G 99 37.11 24.84 -32.43
CA ALA G 99 35.94 25.19 -33.23
C ALA G 99 36.39 26.03 -34.41
N SER G 100 35.88 25.69 -35.58
CA SER G 100 36.14 26.46 -36.80
C SER G 100 34.80 26.66 -37.50
N LEU G 101 34.85 27.00 -38.78
CA LEU G 101 33.62 27.07 -39.57
C LEU G 101 33.14 25.70 -40.02
N THR G 102 33.97 24.67 -39.90
CA THR G 102 33.63 23.33 -40.38
C THR G 102 33.77 22.24 -39.33
N GLU G 103 34.55 22.45 -38.26
CA GLU G 103 34.78 21.46 -37.24
C GLU G 103 34.62 22.08 -35.86
N TYR G 104 34.38 21.23 -34.86
CA TYR G 104 34.44 21.66 -33.48
C TYR G 104 34.63 20.44 -32.59
N VAL G 105 35.40 20.62 -31.52
CA VAL G 105 35.63 19.58 -30.52
C VAL G 105 35.40 20.19 -29.14
N LEU G 106 34.54 19.55 -28.36
CA LEU G 106 34.23 20.05 -27.02
C LEU G 106 33.94 18.87 -26.10
N LEU G 107 33.88 19.17 -24.81
CA LEU G 107 33.54 18.19 -23.78
C LEU G 107 32.17 18.59 -23.24
N PHE G 108 31.15 17.78 -23.52
CA PHE G 108 29.79 18.08 -23.13
C PHE G 108 29.29 17.08 -22.10
N GLY G 109 28.38 17.55 -21.25
CA GLY G 109 27.78 16.69 -20.25
C GLY G 109 26.86 17.51 -19.37
N THR G 110 26.24 16.82 -18.42
CA THR G 110 25.29 17.44 -17.51
C THR G 110 25.42 16.82 -16.13
N ALA G 111 25.09 17.62 -15.11
CA ALA G 111 25.08 17.16 -13.72
C ALA G 111 23.67 16.97 -13.20
N VAL G 112 22.65 17.10 -14.06
CA VAL G 112 21.27 16.89 -13.69
C VAL G 112 20.63 16.00 -14.75
N ASP G 113 19.40 15.58 -14.48
CA ASP G 113 18.65 14.71 -15.39
C ASP G 113 17.83 15.61 -16.32
N THR G 114 18.28 15.72 -17.57
CA THR G 114 17.58 16.50 -18.58
C THR G 114 17.41 15.68 -19.85
N GLY G 115 16.65 16.22 -20.79
CA GLY G 115 16.42 15.55 -22.05
C GLY G 115 15.45 16.36 -22.89
N GLY G 116 15.50 16.09 -24.19
CA GLY G 116 14.62 16.79 -25.11
C GLY G 116 14.97 16.49 -26.55
N HIS G 117 14.71 17.48 -27.41
CA HIS G 117 14.96 17.33 -28.83
C HIS G 117 16.43 17.52 -29.12
N SER G 118 17.00 16.60 -29.91
CA SER G 118 18.41 16.69 -30.26
C SER G 118 18.69 17.81 -31.25
N GLY G 119 17.70 18.21 -32.03
CA GLY G 119 17.90 19.23 -33.04
C GLY G 119 18.24 18.65 -34.40
N ARG G 120 17.70 19.27 -35.44
CA ARG G 120 17.95 18.87 -36.83
C ARG G 120 18.70 20.00 -37.51
N TYR G 121 19.95 19.75 -37.91
CA TYR G 121 20.80 20.79 -38.45
C TYR G 121 21.73 20.20 -39.50
N TRP G 122 22.59 21.06 -40.04
CA TRP G 122 23.48 20.69 -41.14
C TRP G 122 24.88 20.38 -40.58
N ALA G 123 24.96 19.26 -39.86
CA ALA G 123 26.21 18.83 -39.25
C ALA G 123 26.08 17.41 -38.75
N GLU G 124 27.10 16.60 -38.99
CA GLU G 124 27.17 15.25 -38.41
C GLU G 124 27.94 15.31 -37.10
N ILE G 125 27.34 14.75 -36.05
CA ILE G 125 27.87 14.86 -34.70
C ILE G 125 28.06 13.47 -34.11
N SER G 126 29.22 13.25 -33.50
CA SER G 126 29.53 11.99 -32.83
C SER G 126 29.90 12.27 -31.37
N ASP G 127 29.27 11.52 -30.45
CA ASP G 127 29.53 11.66 -29.02
C ASP G 127 29.97 10.31 -28.46
N THR G 128 31.10 10.31 -27.77
CA THR G 128 31.62 9.13 -27.08
C THR G 128 31.47 9.34 -25.58
N ILE G 129 30.66 8.51 -24.93
CA ILE G 129 30.32 8.72 -23.53
C ILE G 129 31.50 8.35 -22.65
N LEU G 130 31.85 9.25 -21.72
CA LEU G 130 32.88 8.98 -20.73
C LEU G 130 32.29 8.47 -19.42
N SER G 131 31.11 8.95 -19.04
CA SER G 131 30.45 8.52 -17.81
C SER G 131 28.95 8.76 -17.96
N GLY G 132 28.19 8.16 -17.05
CA GLY G 132 26.74 8.32 -17.08
C GLY G 132 26.09 7.41 -18.11
N THR G 133 24.87 7.80 -18.50
CA THR G 133 24.10 7.06 -19.49
C THR G 133 23.50 8.02 -20.50
N PHE G 134 23.21 7.49 -21.68
CA PHE G 134 22.73 8.28 -22.81
C PHE G 134 21.62 7.48 -23.49
N ARG G 135 20.38 7.94 -23.37
CA ARG G 135 19.24 7.33 -24.03
C ARG G 135 18.93 8.09 -25.31
N GLN G 136 18.85 7.35 -26.42
CA GLN G 136 18.57 7.93 -27.74
C GLN G 136 17.28 7.32 -28.28
N TRP G 137 16.40 8.17 -28.79
CA TRP G 137 15.12 7.75 -29.38
C TRP G 137 15.10 8.22 -30.82
N LYS G 138 15.33 7.30 -31.75
CA LYS G 138 15.38 7.64 -33.16
C LYS G 138 13.98 7.95 -33.70
N GLU G 139 13.94 8.75 -34.77
CA GLU G 139 12.68 9.18 -35.33
C GLU G 139 11.98 8.03 -36.07
N GLY G 140 10.64 7.99 -35.94
CA GLY G 140 9.84 7.00 -36.62
C GLY G 140 9.72 5.66 -35.94
N THR G 141 10.34 5.49 -34.77
CA THR G 141 10.30 4.24 -34.02
C THR G 141 9.45 4.43 -32.76
N THR G 142 9.23 3.31 -32.07
CA THR G 142 8.48 3.31 -30.82
C THR G 142 9.31 2.83 -29.64
N LYS G 143 10.59 2.54 -29.83
CA LYS G 143 11.46 2.10 -28.76
C LYS G 143 12.78 2.86 -28.82
N SER G 144 13.39 3.05 -27.65
CA SER G 144 14.64 3.79 -27.53
C SER G 144 15.73 2.86 -27.00
N GLU G 145 16.98 3.27 -27.21
CA GLU G 145 18.14 2.52 -26.78
C GLU G 145 18.97 3.36 -25.80
N ILE G 146 19.60 2.67 -24.85
CA ILE G 146 20.44 3.30 -23.84
C ILE G 146 21.89 2.96 -24.14
N PHE G 147 22.75 3.98 -24.15
CA PHE G 147 24.16 3.83 -24.43
C PHE G 147 24.99 4.12 -23.18
N TYR G 148 26.10 3.41 -23.04
CA TYR G 148 26.90 3.44 -21.82
C TYR G 148 28.31 3.95 -22.10
N PRO G 149 29.11 4.24 -21.06
CA PRO G 149 30.47 4.72 -21.30
C PRO G 149 31.28 3.78 -22.18
N GLY G 150 31.97 4.36 -23.16
CA GLY G 150 32.71 3.63 -24.16
C GLY G 150 32.03 3.61 -25.52
N ASP G 151 30.70 3.69 -25.55
CA ASP G 151 29.96 3.71 -26.79
C ASP G 151 30.07 5.08 -27.47
N THR G 152 29.84 5.10 -28.77
CA THR G 152 29.90 6.31 -29.57
C THR G 152 28.61 6.43 -30.38
N ILE G 153 27.86 7.51 -30.15
CA ILE G 153 26.62 7.78 -30.86
C ILE G 153 26.90 8.76 -31.99
N VAL G 154 26.46 8.43 -33.19
CA VAL G 154 26.66 9.27 -34.37
C VAL G 154 25.32 9.89 -34.74
N HIS G 155 25.23 11.22 -34.61
CA HIS G 155 24.05 11.97 -35.00
C HIS G 155 24.30 12.54 -36.38
N GLU G 156 23.74 11.89 -37.39
CA GLU G 156 24.02 12.23 -38.79
C GLU G 156 23.31 13.53 -39.18
N VAL G 157 23.68 14.03 -40.36
CA VAL G 157 23.13 15.30 -40.85
C VAL G 157 21.66 15.10 -41.22
N GLY G 158 20.83 16.04 -40.82
CA GLY G 158 19.41 15.96 -41.08
C GLY G 158 18.63 15.02 -40.18
N GLU G 159 19.32 14.30 -39.30
CA GLU G 159 18.66 13.38 -38.39
C GLU G 159 18.14 14.11 -37.16
N ALA G 160 16.96 13.72 -36.69
CA ALA G 160 16.36 14.28 -35.49
C ALA G 160 15.97 13.15 -34.56
N THR G 161 16.51 13.18 -33.34
CA THR G 161 16.23 12.16 -32.33
C THR G 161 15.87 12.83 -31.01
N SER G 162 15.45 12.01 -30.05
CA SER G 162 15.19 12.46 -28.69
C SER G 162 16.31 11.96 -27.78
N VAL G 163 16.92 12.89 -27.04
CA VAL G 163 18.04 12.57 -26.17
C VAL G 163 17.60 12.68 -24.72
N GLN G 164 18.32 11.96 -23.85
CA GLN G 164 18.09 12.00 -22.41
C GLN G 164 19.36 11.56 -21.71
N TRP G 165 19.75 12.29 -20.67
CA TRP G 165 20.97 11.99 -19.94
C TRP G 165 20.70 11.92 -18.45
N SER G 166 21.46 11.08 -17.76
CA SER G 166 21.40 10.94 -16.32
C SER G 166 22.38 11.90 -15.65
N SER G 167 22.36 11.92 -14.32
CA SER G 167 23.22 12.84 -13.59
C SER G 167 24.65 12.34 -13.61
N GLY G 168 25.57 13.23 -13.98
CA GLY G 168 26.98 12.87 -14.08
C GLY G 168 27.37 12.26 -15.39
N THR G 169 26.62 12.55 -16.47
CA THR G 169 26.93 12.03 -17.79
C THR G 169 27.89 12.99 -18.46
N TRP G 170 29.01 12.47 -18.95
CA TRP G 170 29.98 13.31 -19.62
C TRP G 170 30.54 12.57 -20.83
N MET G 171 30.84 13.33 -21.88
CA MET G 171 31.22 12.73 -23.15
C MET G 171 32.13 13.69 -23.90
N VAL G 172 32.82 13.15 -24.90
CA VAL G 172 33.64 13.92 -25.81
C VAL G 172 32.94 13.95 -27.15
N GLU G 173 32.74 15.15 -27.69
CA GLU G 173 31.90 15.33 -28.86
C GLU G 173 32.69 15.99 -29.98
N TYR G 174 32.47 15.49 -31.20
CA TYR G 174 33.07 16.05 -32.39
C TYR G 174 32.00 16.19 -33.46
N GLY G 175 31.92 17.37 -34.06
CA GLY G 175 30.95 17.63 -35.10
C GLY G 175 31.62 18.22 -36.33
N ARG G 176 31.07 17.88 -37.50
CA ARG G 176 31.61 18.36 -38.76
C ARG G 176 30.46 18.71 -39.70
N GLY G 177 30.59 19.87 -40.34
CA GLY G 177 29.57 20.38 -41.24
C GLY G 177 29.61 21.88 -41.33
N PHE G 178 28.46 22.54 -41.23
CA PHE G 178 28.39 24.00 -41.18
C PHE G 178 28.06 24.37 -39.74
N ILE G 179 29.09 24.70 -38.97
CA ILE G 179 28.89 24.93 -37.53
C ILE G 179 27.96 26.11 -37.24
N PRO G 180 28.06 27.26 -37.93
CA PRO G 180 27.11 28.35 -37.65
C PRO G 180 25.65 27.98 -37.82
N SER G 181 25.33 26.95 -38.62
CA SER G 181 23.94 26.56 -38.78
C SER G 181 23.36 25.92 -37.51
N THR G 182 24.21 25.45 -36.62
CA THR G 182 23.75 24.85 -35.37
C THR G 182 23.52 25.87 -34.26
N LEU G 183 24.10 27.07 -34.39
CA LEU G 183 23.97 28.07 -33.35
C LEU G 183 22.54 28.58 -33.21
N ALA G 184 21.73 28.48 -34.27
CA ALA G 184 20.33 28.87 -34.17
C ALA G 184 19.57 27.94 -33.23
N PHE G 185 19.86 26.64 -33.28
CA PHE G 185 19.19 25.69 -32.39
C PHE G 185 19.80 25.72 -30.99
N ALA G 186 21.12 25.92 -30.90
CA ALA G 186 21.80 25.89 -29.61
C ALA G 186 21.41 27.06 -28.72
N LEU G 187 20.94 28.16 -29.29
CA LEU G 187 20.62 29.37 -28.54
C LEU G 187 19.12 29.65 -28.51
N ALA G 188 18.30 28.74 -29.03
CA ALA G 188 16.86 28.96 -29.07
C ALA G 188 16.27 29.04 -27.67
N ASP G 189 16.56 28.04 -26.83
CA ASP G 189 16.05 28.05 -25.46
C ASP G 189 16.67 29.19 -24.64
N THR G 190 17.90 29.60 -24.96
CA THR G 190 18.52 30.69 -24.25
C THR G 190 17.84 32.03 -24.52
N ILE G 191 17.14 32.16 -25.64
CA ILE G 191 16.46 33.40 -25.99
C ILE G 191 15.02 33.40 -25.50
N PHE G 192 14.30 32.29 -25.69
CA PHE G 192 12.86 32.24 -25.45
C PHE G 192 12.46 31.56 -24.16
N SER G 193 13.40 30.91 -23.46
CA SER G 193 13.08 30.19 -22.23
C SER G 193 13.90 30.69 -21.05
N THR G 194 15.23 30.55 -21.09
CA THR G 194 16.04 30.94 -19.94
C THR G 194 16.30 32.44 -19.90
N GLN G 195 16.43 33.08 -21.07
CA GLN G 195 16.77 34.50 -21.16
C GLN G 195 18.05 34.83 -20.40
N ASP G 196 18.98 33.88 -20.38
CA ASP G 196 20.27 34.05 -19.72
C ASP G 196 21.23 34.68 -20.73
N PHE G 197 21.16 36.00 -20.84
CA PHE G 197 21.95 36.71 -21.82
C PHE G 197 23.44 36.64 -21.53
N LEU G 198 23.81 36.45 -20.25
CA LEU G 198 25.21 36.30 -19.92
C LEU G 198 25.78 34.99 -20.46
N THR G 199 24.98 33.91 -20.41
CA THR G 199 25.40 32.67 -21.05
C THR G 199 25.44 32.82 -22.57
N LEU G 200 24.51 33.57 -23.13
CA LEU G 200 24.55 33.87 -24.56
C LEU G 200 25.84 34.60 -24.91
N PHE G 201 26.30 35.50 -24.04
CA PHE G 201 27.58 36.17 -24.28
C PHE G 201 28.74 35.19 -24.19
N TYR G 202 28.70 34.28 -23.21
CA TYR G 202 29.79 33.32 -23.06
C TYR G 202 29.88 32.40 -24.27
N THR G 203 28.74 31.97 -24.81
CA THR G 203 28.75 31.08 -25.97
C THR G 203 29.40 31.75 -27.17
N VAL G 204 29.03 33.00 -27.45
CA VAL G 204 29.66 33.73 -28.55
C VAL G 204 31.12 34.05 -28.22
N LYS G 205 31.42 34.30 -26.95
CA LYS G 205 32.79 34.63 -26.55
C LYS G 205 33.74 33.47 -26.81
N VAL G 206 33.39 32.27 -26.33
CA VAL G 206 34.28 31.14 -26.48
C VAL G 206 34.34 30.66 -27.93
N TYR G 207 33.25 30.87 -28.69
CA TYR G 207 33.27 30.49 -30.09
C TYR G 207 34.08 31.47 -30.93
N SER G 208 34.13 32.75 -30.53
CA SER G 208 34.95 33.72 -31.26
C SER G 208 36.43 33.47 -31.02
N LYS G 209 36.81 33.17 -29.77
CA LYS G 209 38.21 32.88 -29.47
C LYS G 209 38.69 31.64 -30.24
N ALA G 210 37.82 30.65 -30.39
CA ALA G 210 38.19 29.46 -31.16
C ALA G 210 38.34 29.77 -32.64
N LEU G 211 37.54 30.71 -33.16
CA LEU G 211 37.69 31.11 -34.56
C LEU G 211 38.96 31.93 -34.77
N LEU G 212 39.27 32.82 -33.82
CA LEU G 212 40.48 33.62 -33.93
C LEU G 212 41.74 32.77 -33.79
N LEU G 213 41.69 31.72 -32.96
CA LEU G 213 42.83 30.81 -32.85
C LEU G 213 43.06 30.07 -34.16
N GLU G 214 41.99 29.62 -34.81
CA GLU G 214 42.13 28.92 -36.09
C GLU G 214 42.62 29.88 -37.18
N ALA G 215 42.15 31.12 -37.16
CA ALA G 215 42.63 32.10 -38.13
C ALA G 215 44.07 32.50 -37.86
N SER G 216 44.44 32.61 -36.58
CA SER G 216 45.82 32.98 -36.23
C SER G 216 46.81 31.88 -36.63
N THR G 217 46.38 30.62 -36.57
CA THR G 217 47.27 29.53 -36.98
C THR G 217 47.44 29.50 -38.49
N HIS G 218 46.39 29.85 -39.24
CA HIS G 218 46.48 29.90 -40.69
C HIS G 218 47.39 31.03 -41.16
N LEU G 219 47.49 32.12 -40.40
CA LEU G 219 48.34 33.23 -40.79
C LEU G 219 49.82 32.85 -40.73
N SER G 220 50.21 32.11 -39.69
CA SER G 220 51.59 31.67 -39.56
C SER G 220 51.94 30.58 -40.58
N GLN G 221 50.94 29.95 -41.17
CA GLN G 221 51.17 28.89 -42.15
C GLN G 221 50.97 29.40 -43.58
N LEU H 7 21.96 64.01 -35.38
CA LEU H 7 21.69 63.47 -34.05
C LEU H 7 20.22 63.06 -33.94
N TRP H 8 19.51 63.06 -35.06
CA TRP H 8 18.10 62.70 -35.02
C TRP H 8 17.91 61.19 -34.90
N LEU H 9 18.73 60.41 -35.60
CA LEU H 9 18.63 58.96 -35.48
C LEU H 9 18.99 58.49 -34.09
N GLY H 10 19.88 59.22 -33.41
CA GLY H 10 20.26 58.99 -32.03
C GLY H 10 19.34 59.55 -30.98
N LEU H 11 18.26 60.24 -31.36
CA LEU H 11 17.37 60.83 -30.37
C LEU H 11 16.73 59.77 -29.49
N ARG H 12 16.23 58.69 -30.09
CA ARG H 12 15.68 57.60 -29.31
C ARG H 12 16.76 56.89 -28.50
N ALA H 13 17.97 56.78 -29.08
CA ALA H 13 19.06 56.08 -28.41
C ALA H 13 19.59 56.86 -27.22
N VAL H 14 19.63 58.19 -27.31
CA VAL H 14 20.11 58.98 -26.18
C VAL H 14 19.09 58.96 -25.04
N LEU H 15 17.81 59.01 -25.37
CA LEU H 15 16.77 58.96 -24.34
C LEU H 15 16.78 57.63 -23.60
N VAL H 16 17.14 56.54 -24.27
CA VAL H 16 17.18 55.25 -23.60
C VAL H 16 18.39 55.16 -22.67
N VAL H 17 19.54 55.66 -23.13
CA VAL H 17 20.73 55.66 -22.26
C VAL H 17 20.52 56.58 -21.07
N ALA H 18 19.98 57.78 -21.32
CA ALA H 18 19.68 58.70 -20.23
C ALA H 18 18.57 58.16 -19.33
N GLY H 19 17.57 57.52 -19.94
CA GLY H 19 16.48 56.97 -19.13
C GLY H 19 16.93 55.81 -18.26
N LEU H 20 17.77 54.92 -18.81
CA LEU H 20 18.26 53.79 -18.02
C LEU H 20 19.26 54.24 -16.95
N ALA H 21 20.13 55.21 -17.29
CA ALA H 21 21.13 55.65 -16.33
C ALA H 21 20.50 56.38 -15.16
N VAL H 22 19.48 57.19 -15.41
CA VAL H 22 18.78 57.87 -14.32
C VAL H 22 17.98 56.86 -13.50
N LEU H 23 17.31 55.91 -14.17
CA LEU H 23 16.53 54.92 -13.45
C LEU H 23 17.41 53.94 -12.69
N LEU H 24 18.57 53.60 -13.25
CA LEU H 24 19.47 52.67 -12.55
C LEU H 24 19.99 53.27 -11.26
N GLN H 25 20.32 54.57 -11.27
CA GLN H 25 20.75 55.22 -10.04
C GLN H 25 19.58 55.48 -9.10
N LEU H 26 18.38 55.68 -9.64
CA LEU H 26 17.21 55.90 -8.79
C LEU H 26 16.78 54.62 -8.11
N ILE H 27 16.85 53.49 -8.83
CA ILE H 27 16.46 52.21 -8.23
C ILE H 27 17.52 51.70 -7.27
N ARG H 28 18.80 51.77 -7.67
CA ARG H 28 19.86 51.30 -6.79
C ARG H 28 20.01 52.20 -5.57
N GLY H 29 19.76 53.50 -5.72
CA GLY H 29 19.72 54.37 -4.56
C GLY H 29 18.51 54.13 -3.67
N TRP H 30 17.42 53.66 -4.27
CA TRP H 30 16.23 53.32 -3.48
C TRP H 30 16.46 52.06 -2.64
N LEU H 31 17.10 51.05 -3.21
CA LEU H 31 17.32 49.81 -2.48
C LEU H 31 18.27 50.02 -1.30
N SER H 32 19.20 50.97 -1.42
CA SER H 32 20.16 51.24 -0.35
C SER H 32 19.59 52.17 0.72
N SER H 33 18.42 52.76 0.49
CA SER H 33 17.83 53.68 1.46
C SER H 33 16.42 53.27 1.86
N LYS H 34 15.96 52.09 1.44
CA LYS H 34 14.63 51.61 1.78
C LYS H 34 14.71 50.65 2.96
N SER H 35 13.78 50.79 3.89
CA SER H 35 13.65 49.83 4.99
C SER H 35 12.91 48.59 4.53
N TYR H 36 13.46 47.42 4.81
CA TYR H 36 12.89 46.17 4.33
C TYR H 36 11.99 45.56 5.40
N VAL H 37 10.96 44.86 4.96
CA VAL H 37 9.97 44.29 5.87
C VAL H 37 10.47 42.99 6.49
N PHE H 38 10.83 42.03 5.65
CA PHE H 38 11.27 40.72 6.11
C PHE H 38 12.79 40.63 6.08
N ASN H 39 13.29 39.46 6.50
CA ASN H 39 14.71 39.20 6.52
C ASN H 39 14.97 37.79 6.00
N ARG H 40 16.14 37.61 5.40
CA ARG H 40 16.50 36.34 4.79
C ARG H 40 16.60 35.23 5.84
N GLU H 41 17.12 35.57 7.03
CA GLU H 41 17.16 34.58 8.10
C GLU H 41 15.79 34.34 8.73
N GLU H 42 14.93 35.36 8.74
CA GLU H 42 13.62 35.22 9.35
C GLU H 42 12.76 34.19 8.63
N ILE H 43 12.72 34.26 7.30
CA ILE H 43 11.92 33.29 6.54
C ILE H 43 12.54 31.91 6.60
N ALA H 44 13.88 31.83 6.56
CA ALA H 44 14.54 30.54 6.60
C ALA H 44 14.40 29.87 7.96
N ARG H 45 14.53 30.63 9.04
CA ARG H 45 14.38 30.04 10.37
C ARG H 45 12.95 29.58 10.62
N LEU H 46 11.96 30.39 10.22
CA LEU H 46 10.58 30.01 10.45
C LEU H 46 10.21 28.77 9.66
N ALA H 47 10.73 28.63 8.44
CA ALA H 47 10.42 27.46 7.63
C ALA H 47 11.12 26.22 8.17
N LYS H 48 12.33 26.37 8.69
CA LYS H 48 13.06 25.24 9.25
C LYS H 48 12.43 24.72 10.53
N GLU H 49 11.68 25.56 11.24
CA GLU H 49 10.99 25.12 12.45
C GLU H 49 9.88 24.12 12.13
N HIS H 50 9.26 24.23 10.95
CA HIS H 50 8.14 23.39 10.56
C HIS H 50 8.49 22.46 9.41
N SER H 51 9.78 22.24 9.15
CA SER H 51 10.24 21.41 8.04
C SER H 51 10.19 19.92 8.34
N GLY H 52 9.56 19.50 9.42
CA GLY H 52 9.47 18.08 9.73
C GLY H 52 8.04 17.62 9.69
N LEU H 53 7.11 18.57 9.70
CA LEU H 53 5.70 18.28 9.64
C LEU H 53 5.29 18.01 8.19
N ASP H 54 4.00 17.75 7.99
CA ASP H 54 3.45 17.67 6.64
C ASP H 54 3.47 19.05 6.01
N TYR H 55 3.85 19.12 4.74
CA TYR H 55 4.04 20.42 4.11
C TYR H 55 2.73 21.20 4.05
N GLU H 56 1.59 20.51 4.02
CA GLU H 56 0.32 21.21 4.13
C GLU H 56 0.12 21.76 5.53
N VAL H 57 0.49 20.99 6.56
CA VAL H 57 0.41 21.48 7.92
C VAL H 57 1.44 22.59 8.14
N ALA H 58 2.62 22.46 7.52
CA ALA H 58 3.63 23.51 7.63
C ALA H 58 3.18 24.80 6.96
N PHE H 59 2.47 24.69 5.83
CA PHE H 59 1.97 25.89 5.15
C PHE H 59 1.01 26.66 6.04
N SER H 60 0.14 25.97 6.78
CA SER H 60 -0.84 26.65 7.60
C SER H 60 -0.18 27.37 8.77
N LYS H 61 0.74 26.70 9.47
CA LYS H 61 1.39 27.31 10.62
C LYS H 61 2.31 28.46 10.23
N ILE H 62 2.91 28.40 9.04
CA ILE H 62 3.80 29.47 8.60
C ILE H 62 3.01 30.72 8.25
N ILE H 63 1.86 30.55 7.59
CA ILE H 63 1.04 31.72 7.24
C ILE H 63 0.50 32.39 8.50
N VAL H 64 0.18 31.61 9.52
CA VAL H 64 -0.30 32.19 10.77
C VAL H 64 0.82 32.98 11.45
N GLU H 65 2.03 32.41 11.50
CA GLU H 65 3.16 33.11 12.11
C GLU H 65 3.52 34.37 11.33
N LEU H 66 3.38 34.34 10.01
CA LEU H 66 3.68 35.53 9.22
C LEU H 66 2.65 36.63 9.45
N ARG H 67 1.38 36.26 9.57
CA ARG H 67 0.35 37.25 9.84
C ARG H 67 0.37 37.74 11.28
N LYS H 68 0.99 36.99 12.20
CA LYS H 68 1.09 37.46 13.58
C LYS H 68 2.22 38.49 13.72
N LYS H 69 3.41 38.13 13.25
CA LYS H 69 4.57 39.02 13.40
C LYS H 69 4.60 40.12 12.35
N HIS H 70 3.88 39.97 11.24
CA HIS H 70 3.83 40.99 10.19
C HIS H 70 2.38 41.16 9.71
N PRO H 71 1.55 41.83 10.50
CA PRO H 71 0.17 42.06 10.07
C PRO H 71 0.07 43.13 9.00
N GLY H 72 -0.89 42.94 8.10
CA GLY H 72 -1.13 43.89 7.02
C GLY H 72 -0.19 43.81 5.86
N HIS H 73 0.71 42.83 5.83
CA HIS H 73 1.65 42.65 4.73
C HIS H 73 1.50 41.31 4.04
N ILE H 74 0.63 40.43 4.53
CA ILE H 74 0.38 39.13 3.93
C ILE H 74 -1.04 39.13 3.40
N LEU H 75 -1.22 38.63 2.18
CA LEU H 75 -2.53 38.61 1.56
C LEU H 75 -3.50 37.79 2.40
N GLN H 76 -4.78 38.16 2.33
CA GLN H 76 -5.80 37.42 3.02
C GLN H 76 -6.07 36.10 2.29
N ASP H 77 -6.68 35.15 3.01
CA ASP H 77 -6.96 33.85 2.41
C ASP H 77 -7.85 33.95 1.18
N GLU H 78 -8.62 35.03 1.06
CA GLU H 78 -9.46 35.22 -0.11
C GLU H 78 -8.63 35.50 -1.36
N ASP H 79 -7.46 36.11 -1.21
CA ASP H 79 -6.61 36.49 -2.34
C ASP H 79 -5.48 35.49 -2.56
N LEU H 80 -5.59 34.29 -2.04
CA LEU H 80 -4.57 33.25 -2.18
C LEU H 80 -5.08 32.17 -3.14
N GLN H 81 -4.22 31.77 -4.07
CA GLN H 81 -4.52 30.70 -5.01
C GLN H 81 -3.23 30.15 -5.58
N TRP H 82 -3.24 28.84 -5.84
CA TRP H 82 -2.10 28.16 -6.45
C TRP H 82 -2.07 28.46 -7.94
N VAL H 83 -1.00 29.10 -8.41
CA VAL H 83 -0.83 29.46 -9.80
C VAL H 83 0.35 28.67 -10.36
N PHE H 84 0.13 28.03 -11.51
CA PHE H 84 1.21 27.32 -12.18
C PHE H 84 2.35 28.26 -12.55
N VAL H 85 3.56 27.74 -12.55
CA VAL H 85 4.76 28.51 -12.90
C VAL H 85 5.58 27.67 -13.86
N ASN H 86 5.73 28.16 -15.10
CA ASN H 86 6.56 27.52 -16.11
C ASN H 86 7.66 28.50 -16.52
N ALA H 87 8.91 28.13 -16.26
CA ALA H 87 10.03 28.99 -16.57
C ALA H 87 11.30 28.15 -16.64
N GLY H 88 12.18 28.48 -17.57
CA GLY H 88 13.46 27.82 -17.69
C GLY H 88 13.40 26.35 -18.03
N GLY H 89 12.21 25.84 -18.34
CA GLY H 89 12.02 24.44 -18.66
C GLY H 89 11.43 23.59 -17.56
N TRP H 90 11.19 24.16 -16.38
CA TRP H 90 10.56 23.44 -15.28
C TRP H 90 9.15 23.97 -15.04
N MET H 91 8.37 23.19 -14.29
CA MET H 91 6.98 23.52 -14.02
C MET H 91 6.67 23.27 -12.56
N GLY H 92 6.09 24.28 -11.90
CA GLY H 92 5.66 24.16 -10.52
C GLY H 92 4.44 25.01 -10.25
N SER H 93 4.20 25.32 -8.98
CA SER H 93 3.10 26.20 -8.59
C SER H 93 3.52 27.03 -7.39
N MET H 94 2.98 28.25 -7.31
CA MET H 94 3.34 29.19 -6.26
C MET H 94 2.10 29.62 -5.49
N CYS H 95 2.32 30.05 -4.25
CA CYS H 95 1.29 30.61 -3.38
C CYS H 95 1.84 31.92 -2.82
N LEU H 96 1.62 33.01 -3.56
CA LEU H 96 2.20 34.30 -3.21
C LEU H 96 1.58 34.83 -1.91
N LEU H 97 2.39 34.94 -0.87
CA LEU H 97 1.94 35.45 0.43
C LEU H 97 2.20 36.96 0.54
N HIS H 98 3.41 37.39 0.18
CA HIS H 98 3.78 38.79 0.21
C HIS H 98 4.60 39.12 -1.02
N ALA H 99 4.43 40.34 -1.54
CA ALA H 99 5.19 40.79 -2.68
C ALA H 99 5.10 42.31 -2.76
N SER H 100 6.23 42.96 -3.00
CA SER H 100 6.28 44.40 -3.21
C SER H 100 7.17 44.64 -4.43
N LEU H 101 7.65 45.87 -4.58
CA LEU H 101 8.62 46.16 -5.62
C LEU H 101 10.03 45.72 -5.24
N THR H 102 10.27 45.37 -3.98
CA THR H 102 11.60 45.02 -3.50
C THR H 102 11.68 43.66 -2.80
N GLU H 103 10.57 43.12 -2.29
CA GLU H 103 10.58 41.85 -1.58
C GLU H 103 9.42 41.00 -2.05
N TYR H 104 9.52 39.69 -1.78
CA TYR H 104 8.40 38.79 -1.97
C TYR H 104 8.61 37.53 -1.14
N VAL H 105 7.50 37.00 -0.62
CA VAL H 105 7.49 35.75 0.14
C VAL H 105 6.38 34.88 -0.41
N LEU H 106 6.71 33.64 -0.79
CA LEU H 106 5.72 32.74 -1.36
C LEU H 106 6.06 31.30 -0.99
N LEU H 107 5.10 30.41 -1.25
CA LEU H 107 5.26 28.98 -1.06
C LEU H 107 5.28 28.31 -2.41
N PHE H 108 6.44 27.80 -2.81
CA PHE H 108 6.64 27.19 -4.12
C PHE H 108 6.92 25.70 -3.97
N GLY H 109 6.56 24.95 -5.01
CA GLY H 109 6.81 23.53 -5.03
C GLY H 109 6.20 22.91 -6.27
N THR H 110 6.40 21.59 -6.38
CA THR H 110 5.92 20.85 -7.55
C THR H 110 5.46 19.46 -7.13
N ALA H 111 4.51 18.92 -7.88
CA ALA H 111 4.01 17.57 -7.68
C ALA H 111 4.48 16.62 -8.77
N VAL H 112 5.36 17.07 -9.66
CA VAL H 112 5.91 16.23 -10.73
C VAL H 112 7.42 16.44 -10.75
N ASP H 113 8.09 15.63 -11.56
CA ASP H 113 9.54 15.69 -11.72
C ASP H 113 9.86 16.63 -12.88
N THR H 114 10.33 17.83 -12.56
CA THR H 114 10.71 18.83 -13.56
C THR H 114 12.08 19.41 -13.20
N GLY H 115 12.59 20.24 -14.11
CA GLY H 115 13.88 20.86 -13.89
C GLY H 115 14.26 21.71 -15.09
N GLY H 116 15.17 22.64 -14.84
CA GLY H 116 15.66 23.50 -15.90
C GLY H 116 16.53 24.62 -15.38
N HIS H 117 16.51 25.74 -16.09
CA HIS H 117 17.33 26.89 -15.73
C HIS H 117 16.67 27.68 -14.62
N SER H 118 17.44 28.04 -13.60
CA SER H 118 16.92 28.82 -12.48
C SER H 118 16.62 30.26 -12.88
N GLY H 119 17.27 30.75 -13.93
CA GLY H 119 17.12 32.14 -14.34
C GLY H 119 18.16 33.03 -13.72
N ARG H 120 18.63 34.01 -14.48
CA ARG H 120 19.61 34.98 -14.01
C ARG H 120 18.92 36.33 -13.98
N TYR H 121 18.76 36.89 -12.78
CA TYR H 121 17.99 38.11 -12.59
C TYR H 121 18.61 38.91 -11.45
N TRP H 122 17.99 40.05 -11.16
CA TRP H 122 18.50 40.99 -10.17
C TRP H 122 17.72 40.83 -8.86
N ALA H 123 17.98 39.71 -8.19
CA ALA H 123 17.31 39.41 -6.92
C ALA H 123 18.03 38.27 -6.22
N GLU H 124 18.21 38.41 -4.91
CA GLU H 124 18.74 37.34 -4.08
C GLU H 124 17.59 36.53 -3.51
N ILE H 125 17.63 35.21 -3.70
CA ILE H 125 16.52 34.33 -3.38
C ILE H 125 17.01 33.23 -2.46
N SER H 126 16.24 32.97 -1.38
CA SER H 126 16.52 31.89 -0.46
C SER H 126 15.31 30.97 -0.38
N ASP H 127 15.53 29.66 -0.54
CA ASP H 127 14.48 28.67 -0.46
C ASP H 127 14.82 27.67 0.64
N THR H 128 13.87 27.45 1.55
CA THR H 128 14.02 26.47 2.61
C THR H 128 13.10 25.29 2.31
N ILE H 129 13.70 24.12 2.07
CA ILE H 129 12.93 22.97 1.62
C ILE H 129 12.14 22.39 2.79
N LEU H 130 10.85 22.19 2.59
CA LEU H 130 10.01 21.54 3.59
C LEU H 130 9.85 20.05 3.35
N SER H 131 9.84 19.61 2.08
CA SER H 131 9.72 18.20 1.74
C SER H 131 10.32 18.00 0.37
N GLY H 132 10.55 16.73 0.03
CA GLY H 132 11.11 16.39 -1.26
C GLY H 132 12.62 16.56 -1.30
N THR H 133 13.15 16.71 -2.51
CA THR H 133 14.57 16.91 -2.72
C THR H 133 14.79 18.05 -3.70
N PHE H 134 15.97 18.66 -3.61
CA PHE H 134 16.31 19.83 -4.42
C PHE H 134 17.76 19.65 -4.87
N ARG H 135 17.95 19.40 -6.16
CA ARG H 135 19.28 19.28 -6.76
C ARG H 135 19.66 20.60 -7.40
N GLN H 136 20.83 21.12 -7.03
CA GLN H 136 21.34 22.38 -7.55
C GLN H 136 22.67 22.14 -8.26
N TRP H 137 22.80 22.71 -9.46
CA TRP H 137 24.01 22.60 -10.26
C TRP H 137 24.51 24.01 -10.54
N LYS H 138 25.54 24.43 -9.81
CA LYS H 138 26.08 25.76 -9.99
C LYS H 138 26.84 25.88 -11.31
N GLU H 139 26.95 27.12 -11.79
CA GLU H 139 27.60 27.37 -13.06
C GLU H 139 29.10 27.15 -12.94
N GLY H 140 29.69 26.56 -13.99
CA GLY H 140 31.12 26.35 -14.03
C GLY H 140 31.60 25.11 -13.30
N THR H 141 30.72 24.31 -12.74
CA THR H 141 31.09 23.10 -12.02
C THR H 141 30.73 21.85 -12.81
N THR H 142 31.18 20.70 -12.32
CA THR H 142 30.89 19.42 -12.94
C THR H 142 30.15 18.47 -12.01
N LYS H 143 29.82 18.90 -10.79
CA LYS H 143 29.10 18.07 -9.83
C LYS H 143 27.98 18.89 -9.20
N SER H 144 26.91 18.21 -8.82
CA SER H 144 25.74 18.85 -8.25
C SER H 144 25.55 18.42 -6.80
N GLU H 145 24.78 19.23 -6.07
CA GLU H 145 24.46 18.97 -4.67
C GLU H 145 22.96 18.81 -4.51
N ILE H 146 22.56 17.91 -3.60
CA ILE H 146 21.16 17.64 -3.31
C ILE H 146 20.84 18.19 -1.94
N PHE H 147 19.73 18.92 -1.83
CA PHE H 147 19.30 19.54 -0.58
C PHE H 147 18.04 18.84 -0.09
N TYR H 148 17.93 18.72 1.23
CA TYR H 148 16.90 17.91 1.87
C TYR H 148 16.04 18.78 2.77
N PRO H 149 14.92 18.28 3.29
CA PRO H 149 14.09 19.10 4.19
C PRO H 149 14.91 19.66 5.35
N GLY H 150 14.77 20.96 5.58
CA GLY H 150 15.55 21.67 6.58
C GLY H 150 16.65 22.52 5.98
N ASP H 151 17.18 22.12 4.83
CA ASP H 151 18.25 22.87 4.17
C ASP H 151 17.69 24.12 3.50
N THR H 152 18.58 25.09 3.28
CA THR H 152 18.22 26.36 2.67
C THR H 152 19.20 26.68 1.54
N ILE H 153 18.67 26.88 0.33
CA ILE H 153 19.47 27.24 -0.84
C ILE H 153 19.40 28.74 -1.05
N VAL H 154 20.55 29.39 -1.19
CA VAL H 154 20.64 30.82 -1.41
C VAL H 154 21.06 31.05 -2.86
N HIS H 155 20.17 31.62 -3.66
CA HIS H 155 20.44 31.97 -5.04
C HIS H 155 20.79 33.46 -5.09
N GLU H 156 22.08 33.76 -5.15
CA GLU H 156 22.54 35.14 -5.07
C GLU H 156 22.28 35.87 -6.39
N VAL H 157 22.47 37.19 -6.35
CA VAL H 157 22.20 38.03 -7.51
C VAL H 157 23.21 37.74 -8.62
N GLY H 158 22.70 37.63 -9.85
CA GLY H 158 23.54 37.35 -11.00
C GLY H 158 23.95 35.90 -11.15
N GLU H 159 23.61 35.03 -10.21
CA GLU H 159 23.98 33.63 -10.29
C GLU H 159 22.97 32.87 -11.17
N ALA H 160 23.49 31.94 -11.96
CA ALA H 160 22.66 31.09 -12.81
C ALA H 160 23.02 29.64 -12.54
N THR H 161 22.03 28.84 -12.14
CA THR H 161 22.22 27.44 -11.83
C THR H 161 21.19 26.59 -12.55
N SER H 162 21.36 25.28 -12.47
CA SER H 162 20.39 24.32 -12.97
C SER H 162 19.67 23.70 -11.78
N VAL H 163 18.35 23.74 -11.81
CA VAL H 163 17.52 23.25 -10.71
C VAL H 163 16.80 21.98 -11.13
N GLN H 164 16.44 21.17 -10.14
CA GLN H 164 15.69 19.94 -10.36
C GLN H 164 14.99 19.56 -9.06
N TRP H 165 13.73 19.17 -9.17
CA TRP H 165 12.91 18.84 -8.00
C TRP H 165 12.26 17.48 -8.19
N SER H 166 11.98 16.82 -7.07
CA SER H 166 11.30 15.52 -7.08
C SER H 166 9.79 15.72 -7.06
N SER H 167 9.07 14.59 -7.13
CA SER H 167 7.61 14.58 -7.26
C SER H 167 6.87 14.94 -5.98
N GLY H 168 7.53 15.57 -4.99
CA GLY H 168 6.88 15.93 -3.76
C GLY H 168 7.61 17.05 -3.03
N THR H 169 8.29 17.89 -3.80
CA THR H 169 9.13 18.95 -3.24
C THR H 169 8.31 20.20 -2.99
N TRP H 170 8.38 20.71 -1.77
CA TRP H 170 7.72 21.96 -1.40
C TRP H 170 8.64 22.75 -0.48
N MET H 171 8.59 24.08 -0.61
CA MET H 171 9.56 24.93 0.05
C MET H 171 8.94 26.30 0.32
N VAL H 172 9.59 27.04 1.22
CA VAL H 172 9.24 28.43 1.52
C VAL H 172 10.34 29.32 0.96
N GLU H 173 9.96 30.31 0.18
CA GLU H 173 10.91 31.12 -0.57
C GLU H 173 10.75 32.60 -0.24
N TYR H 174 11.89 33.28 -0.12
CA TYR H 174 11.96 34.72 0.10
C TYR H 174 12.97 35.31 -0.87
N GLY H 175 12.58 36.37 -1.55
CA GLY H 175 13.45 37.05 -2.49
C GLY H 175 13.51 38.53 -2.22
N ARG H 176 14.69 39.10 -2.47
CA ARG H 176 14.91 40.54 -2.26
C ARG H 176 15.78 41.09 -3.38
N GLY H 177 15.38 42.25 -3.90
CA GLY H 177 16.07 42.90 -5.00
C GLY H 177 15.12 43.78 -5.79
N PHE H 178 15.17 43.68 -7.11
CA PHE H 178 14.22 44.37 -7.98
C PHE H 178 13.29 43.29 -8.53
N ILE H 179 12.13 43.13 -7.88
CA ILE H 179 11.23 42.04 -8.22
C ILE H 179 10.73 42.12 -9.65
N PRO H 180 10.35 43.28 -10.19
CA PRO H 180 9.91 43.33 -11.61
C PRO H 180 10.93 42.78 -12.58
N SER H 181 12.22 42.76 -12.23
CA SER H 181 13.23 42.22 -13.13
C SER H 181 13.11 40.70 -13.28
N THR H 182 12.44 40.03 -12.34
CA THR H 182 12.28 38.58 -12.41
C THR H 182 11.07 38.14 -13.23
N LEU H 183 10.08 39.02 -13.41
CA LEU H 183 8.87 38.64 -14.13
C LEU H 183 9.12 38.38 -15.62
N ALA H 184 10.18 38.97 -16.18
CA ALA H 184 10.50 38.71 -17.58
C ALA H 184 10.88 37.24 -17.79
N PHE H 185 11.63 36.66 -16.85
CA PHE H 185 12.01 35.26 -16.94
C PHE H 185 10.86 34.34 -16.52
N ALA H 186 10.06 34.76 -15.55
CA ALA H 186 9.02 33.89 -15.00
C ALA H 186 7.92 33.58 -16.00
N LEU H 187 7.76 34.41 -17.02
CA LEU H 187 6.68 34.25 -17.99
C LEU H 187 7.16 33.81 -19.36
N ALA H 188 8.45 33.47 -19.50
CA ALA H 188 8.99 33.11 -20.81
C ALA H 188 8.33 31.84 -21.34
N ASP H 189 8.33 30.77 -20.54
CA ASP H 189 7.67 29.53 -20.98
C ASP H 189 6.17 29.72 -21.09
N THR H 190 5.60 30.62 -20.29
CA THR H 190 4.16 30.88 -20.38
C THR H 190 3.80 31.56 -21.70
N ILE H 191 4.74 32.29 -22.30
CA ILE H 191 4.48 32.98 -23.56
C ILE H 191 4.88 32.13 -24.77
N PHE H 192 6.06 31.53 -24.72
CA PHE H 192 6.65 30.88 -25.89
C PHE H 192 6.56 29.37 -25.87
N SER H 193 6.14 28.76 -24.77
CA SER H 193 6.08 27.30 -24.67
C SER H 193 4.68 26.81 -24.33
N THR H 194 4.16 27.16 -23.15
CA THR H 194 2.86 26.65 -22.75
C THR H 194 1.72 27.44 -23.36
N GLN H 195 1.91 28.76 -23.52
CA GLN H 195 0.86 29.67 -24.00
C GLN H 195 -0.38 29.58 -23.13
N ASP H 196 -0.18 29.33 -21.83
CA ASP H 196 -1.30 29.29 -20.87
C ASP H 196 -1.50 30.71 -20.37
N PHE H 197 -2.19 31.50 -21.19
CA PHE H 197 -2.40 32.91 -20.88
C PHE H 197 -3.34 33.11 -19.70
N LEU H 198 -4.19 32.13 -19.38
CA LEU H 198 -5.01 32.24 -18.18
C LEU H 198 -4.13 32.20 -16.94
N THR H 199 -3.09 31.37 -16.95
CA THR H 199 -2.10 31.38 -15.87
C THR H 199 -1.33 32.70 -15.86
N LEU H 200 -1.04 33.24 -17.05
CA LEU H 200 -0.41 34.55 -17.14
C LEU H 200 -1.26 35.63 -16.47
N PHE H 201 -2.58 35.54 -16.60
CA PHE H 201 -3.46 36.48 -15.92
C PHE H 201 -3.42 36.29 -14.41
N TYR H 202 -3.36 35.04 -13.96
CA TYR H 202 -3.35 34.77 -12.52
C TYR H 202 -2.10 35.34 -11.86
N THR H 203 -0.95 35.21 -12.51
CA THR H 203 0.29 35.74 -11.94
C THR H 203 0.24 37.25 -11.79
N VAL H 204 -0.24 37.95 -12.82
CA VAL H 204 -0.39 39.40 -12.73
C VAL H 204 -1.45 39.75 -11.70
N LYS H 205 -2.48 38.92 -11.57
CA LYS H 205 -3.54 39.17 -10.60
C LYS H 205 -3.00 39.13 -9.17
N VAL H 206 -2.30 38.06 -8.82
CA VAL H 206 -1.82 37.92 -7.45
C VAL H 206 -0.66 38.87 -7.16
N TYR H 207 0.12 39.23 -8.16
CA TYR H 207 1.19 40.20 -7.95
C TYR H 207 0.65 41.62 -7.84
N SER H 208 -0.44 41.92 -8.53
CA SER H 208 -1.05 43.24 -8.40
C SER H 208 -1.74 43.41 -7.05
N LYS H 209 -2.43 42.36 -6.59
CA LYS H 209 -3.07 42.42 -5.27
C LYS H 209 -2.03 42.61 -4.18
N ALA H 210 -0.87 41.98 -4.32
CA ALA H 210 0.18 42.15 -3.33
C ALA H 210 0.76 43.56 -3.38
N LEU H 211 0.81 44.18 -4.56
CA LEU H 211 1.28 45.55 -4.65
C LEU H 211 0.23 46.51 -4.10
N LEU H 212 -1.04 46.27 -4.41
CA LEU H 212 -2.09 47.14 -3.88
C LEU H 212 -2.23 46.98 -2.37
N LEU H 213 -2.04 45.76 -1.86
CA LEU H 213 -2.04 45.56 -0.42
C LEU H 213 -0.88 46.30 0.23
N GLU H 214 0.30 46.24 -0.40
CA GLU H 214 1.46 46.94 0.15
C GLU H 214 1.28 48.45 0.06
N ALA H 215 0.67 48.94 -1.03
CA ALA H 215 0.42 50.37 -1.15
C ALA H 215 -0.66 50.82 -0.18
N SER H 216 -1.68 49.99 0.05
CA SER H 216 -2.74 50.35 0.97
C SER H 216 -2.22 50.44 2.41
N THR H 217 -1.22 49.62 2.75
CA THR H 217 -0.65 49.69 4.09
C THR H 217 0.17 50.96 4.29
N HIS H 218 0.84 51.44 3.25
CA HIS H 218 1.60 52.68 3.34
C HIS H 218 0.69 53.89 3.53
N LEU H 219 -0.52 53.84 2.97
CA LEU H 219 -1.44 54.97 3.09
C LEU H 219 -1.94 55.15 4.51
N SER H 220 -2.25 54.05 5.20
CA SER H 220 -2.71 54.13 6.57
C SER H 220 -1.61 54.55 7.54
N GLN H 221 -0.36 54.46 7.13
CA GLN H 221 0.76 54.83 7.99
C GLN H 221 1.31 56.21 7.61
N LEU I 7 -13.04 58.29 -35.56
CA LEU I 7 -13.26 56.97 -34.99
C LEU I 7 -12.75 55.90 -35.96
N TRP I 8 -11.92 56.34 -36.92
CA TRP I 8 -11.37 55.41 -37.90
C TRP I 8 -10.30 54.52 -37.28
N LEU I 9 -9.50 55.07 -36.36
CA LEU I 9 -8.49 54.26 -35.70
C LEU I 9 -9.13 53.18 -34.83
N GLY I 10 -10.32 53.43 -34.31
CA GLY I 10 -11.05 52.43 -33.56
C GLY I 10 -11.81 51.43 -34.40
N LEU I 11 -11.80 51.60 -35.73
CA LEU I 11 -12.51 50.67 -36.60
C LEU I 11 -11.91 49.27 -36.54
N ARG I 12 -10.57 49.18 -36.50
CA ARG I 12 -9.93 47.88 -36.41
C ARG I 12 -10.26 47.19 -35.09
N ALA I 13 -10.35 47.97 -34.00
CA ALA I 13 -10.64 47.37 -32.70
C ALA I 13 -12.07 46.88 -32.61
N VAL I 14 -13.02 47.62 -33.20
CA VAL I 14 -14.41 47.18 -33.18
C VAL I 14 -14.63 46.00 -34.13
N LEU I 15 -13.98 46.03 -35.30
CA LEU I 15 -14.18 44.98 -36.28
C LEU I 15 -13.67 43.63 -35.80
N VAL I 16 -12.60 43.61 -34.99
CA VAL I 16 -12.10 42.33 -34.48
C VAL I 16 -12.99 41.82 -33.35
N VAL I 17 -13.48 42.73 -32.49
CA VAL I 17 -14.39 42.31 -31.42
C VAL I 17 -15.67 41.74 -32.01
N ALA I 18 -16.22 42.40 -33.02
CA ALA I 18 -17.40 41.86 -33.69
C ALA I 18 -17.07 40.57 -34.43
N GLY I 19 -15.86 40.48 -34.99
CA GLY I 19 -15.47 39.26 -35.69
C GLY I 19 -15.31 38.08 -34.76
N LEU I 20 -14.74 38.32 -33.56
CA LEU I 20 -14.57 37.23 -32.61
C LEU I 20 -15.90 36.76 -32.05
N ALA I 21 -16.82 37.69 -31.78
CA ALA I 21 -18.12 37.32 -31.23
C ALA I 21 -18.95 36.55 -32.25
N VAL I 22 -18.89 36.96 -33.52
CA VAL I 22 -19.63 36.26 -34.56
C VAL I 22 -19.02 34.88 -34.81
N LEU I 23 -17.69 34.81 -34.87
CA LEU I 23 -17.04 33.52 -35.12
C LEU I 23 -17.16 32.59 -33.91
N LEU I 24 -17.26 33.16 -32.70
CA LEU I 24 -17.42 32.32 -31.52
C LEU I 24 -18.79 31.65 -31.50
N GLN I 25 -19.84 32.41 -31.81
CA GLN I 25 -21.18 31.83 -31.84
C GLN I 25 -21.37 30.92 -33.04
N LEU I 26 -20.68 31.19 -34.15
CA LEU I 26 -20.81 30.36 -35.34
C LEU I 26 -20.11 29.02 -35.13
N ILE I 27 -18.96 29.02 -34.45
CA ILE I 27 -18.24 27.78 -34.22
C ILE I 27 -18.87 26.97 -33.10
N ARG I 28 -19.24 27.63 -32.00
CA ARG I 28 -19.82 26.91 -30.88
C ARG I 28 -21.22 26.39 -31.22
N GLY I 29 -22.00 27.17 -31.95
CA GLY I 29 -23.28 26.67 -32.44
C GLY I 29 -23.11 25.51 -33.40
N TRP I 30 -21.99 25.48 -34.13
CA TRP I 30 -21.70 24.36 -35.02
C TRP I 30 -21.39 23.10 -34.22
N LEU I 31 -20.61 23.24 -33.14
CA LEU I 31 -20.22 22.08 -32.35
C LEU I 31 -21.41 21.42 -31.66
N SER I 32 -22.43 22.20 -31.32
CA SER I 32 -23.61 21.67 -30.65
C SER I 32 -24.64 21.07 -31.60
N SER I 33 -24.47 21.25 -32.91
CA SER I 33 -25.43 20.75 -33.89
C SER I 33 -24.79 19.87 -34.95
N LYS I 34 -23.53 19.48 -34.77
CA LYS I 34 -22.82 18.67 -35.75
C LYS I 34 -22.89 17.20 -35.39
N SER I 35 -23.09 16.36 -36.40
CA SER I 35 -23.02 14.92 -36.20
C SER I 35 -21.56 14.49 -36.19
N TYR I 36 -21.16 13.78 -35.14
CA TYR I 36 -19.78 13.39 -34.95
C TYR I 36 -19.55 11.95 -35.38
N VAL I 37 -18.33 11.67 -35.84
CA VAL I 37 -17.99 10.33 -36.31
C VAL I 37 -17.70 9.40 -35.15
N PHE I 38 -16.75 9.77 -34.30
CA PHE I 38 -16.33 8.94 -33.18
C PHE I 38 -16.94 9.47 -31.89
N ASN I 39 -16.68 8.75 -30.79
CA ASN I 39 -17.16 9.14 -29.48
C ASN I 39 -16.08 8.88 -28.45
N ARG I 40 -16.12 9.67 -27.36
CA ARG I 40 -15.11 9.51 -26.31
C ARG I 40 -15.20 8.15 -25.65
N GLU I 41 -16.43 7.65 -25.45
CA GLU I 41 -16.59 6.31 -24.90
C GLU I 41 -16.26 5.24 -25.92
N GLU I 42 -16.50 5.51 -27.20
CA GLU I 42 -16.22 4.54 -28.25
C GLU I 42 -14.72 4.26 -28.36
N ILE I 43 -13.91 5.31 -28.38
CA ILE I 43 -12.46 5.13 -28.49
C ILE I 43 -11.90 4.53 -27.21
N ALA I 44 -12.42 4.95 -26.05
CA ALA I 44 -11.93 4.42 -24.78
C ALA I 44 -12.27 2.93 -24.65
N ARG I 45 -13.49 2.55 -25.07
CA ARG I 45 -13.88 1.16 -25.03
C ARG I 45 -13.02 0.33 -25.98
N LEU I 46 -12.71 0.88 -27.16
CA LEU I 46 -11.89 0.16 -28.13
C LEU I 46 -10.48 -0.10 -27.60
N ALA I 47 -9.90 0.87 -26.88
CA ALA I 47 -8.55 0.69 -26.36
C ALA I 47 -8.52 -0.29 -25.20
N LYS I 48 -9.58 -0.31 -24.39
CA LYS I 48 -9.64 -1.21 -23.24
C LYS I 48 -9.77 -2.67 -23.66
N GLU I 49 -10.23 -2.94 -24.89
CA GLU I 49 -10.34 -4.31 -25.34
C GLU I 49 -8.97 -4.97 -25.45
N HIS I 50 -7.94 -4.20 -25.79
CA HIS I 50 -6.60 -4.76 -25.99
C HIS I 50 -5.59 -4.24 -24.97
N SER I 51 -6.04 -3.69 -23.83
CA SER I 51 -5.06 -3.15 -22.89
C SER I 51 -4.43 -4.23 -22.03
N GLY I 52 -4.23 -5.42 -22.60
CA GLY I 52 -3.53 -6.50 -21.95
C GLY I 52 -2.35 -6.92 -22.80
N LEU I 53 -2.46 -6.66 -24.09
CA LEU I 53 -1.47 -7.03 -25.09
C LEU I 53 -0.31 -6.03 -25.12
N ASP I 54 0.65 -6.29 -25.98
CA ASP I 54 1.72 -5.34 -26.26
C ASP I 54 1.13 -4.14 -27.01
N TYR I 55 1.75 -2.97 -26.79
CA TYR I 55 1.16 -1.76 -27.38
C TYR I 55 1.30 -1.76 -28.90
N GLU I 56 2.31 -2.45 -29.43
CA GLU I 56 2.41 -2.58 -30.88
C GLU I 56 1.32 -3.50 -31.41
N VAL I 57 1.04 -4.59 -30.70
CA VAL I 57 -0.05 -5.47 -31.10
C VAL I 57 -1.39 -4.75 -30.91
N ALA I 58 -1.51 -3.94 -29.86
CA ALA I 58 -2.73 -3.18 -29.66
C ALA I 58 -2.93 -2.14 -30.75
N PHE I 59 -1.85 -1.53 -31.22
CA PHE I 59 -1.96 -0.56 -32.31
C PHE I 59 -2.49 -1.19 -33.58
N SER I 60 -2.04 -2.43 -33.87
CA SER I 60 -2.46 -3.08 -35.12
C SER I 60 -3.94 -3.43 -35.08
N LYS I 61 -4.40 -4.02 -33.97
CA LYS I 61 -5.80 -4.41 -33.88
C LYS I 61 -6.73 -3.20 -33.79
N ILE I 62 -6.26 -2.09 -33.23
CA ILE I 62 -7.10 -0.91 -33.12
C ILE I 62 -7.29 -0.24 -34.48
N ILE I 63 -6.23 -0.16 -35.27
CA ILE I 63 -6.35 0.45 -36.60
C ILE I 63 -7.24 -0.40 -37.50
N VAL I 64 -7.16 -1.73 -37.36
CA VAL I 64 -8.02 -2.60 -38.16
C VAL I 64 -9.48 -2.44 -37.75
N GLU I 65 -9.75 -2.41 -36.45
CA GLU I 65 -11.12 -2.24 -35.99
C GLU I 65 -11.68 -0.87 -36.35
N LEU I 66 -10.84 0.16 -36.38
CA LEU I 66 -11.31 1.50 -36.76
C LEU I 66 -11.68 1.56 -38.24
N ARG I 67 -10.92 0.88 -39.09
CA ARG I 67 -11.23 0.89 -40.52
C ARG I 67 -12.46 0.04 -40.85
N LYS I 68 -12.84 -0.89 -39.96
CA LYS I 68 -14.04 -1.67 -40.18
C LYS I 68 -15.28 -0.89 -39.77
N LYS I 69 -15.28 -0.32 -38.57
CA LYS I 69 -16.45 0.39 -38.06
C LYS I 69 -16.61 1.77 -38.65
N HIS I 70 -15.55 2.37 -39.19
CA HIS I 70 -15.59 3.69 -39.80
C HIS I 70 -14.78 3.70 -41.08
N PRO I 71 -15.33 3.13 -42.16
CA PRO I 71 -14.60 3.12 -43.42
C PRO I 71 -14.58 4.50 -44.06
N GLY I 72 -13.47 4.81 -44.71
CA GLY I 72 -13.30 6.10 -45.36
C GLY I 72 -12.98 7.24 -44.42
N HIS I 73 -12.76 6.96 -43.15
CA HIS I 73 -12.43 7.98 -42.16
C HIS I 73 -11.08 7.78 -41.50
N ILE I 74 -10.38 6.69 -41.80
CA ILE I 74 -9.06 6.42 -41.25
C ILE I 74 -8.05 6.46 -42.39
N LEU I 75 -6.92 7.13 -42.16
CA LEU I 75 -5.89 7.26 -43.17
C LEU I 75 -5.36 5.88 -43.59
N GLN I 76 -4.90 5.81 -44.84
CA GLN I 76 -4.29 4.60 -45.35
C GLN I 76 -2.90 4.41 -44.77
N ASP I 77 -2.41 3.17 -44.82
CA ASP I 77 -1.08 2.87 -44.30
C ASP I 77 0.00 3.66 -45.01
N GLU I 78 -0.26 4.10 -46.25
CA GLU I 78 0.70 4.92 -46.98
C GLU I 78 0.83 6.31 -46.37
N ASP I 79 -0.23 6.81 -45.75
CA ASP I 79 -0.26 8.17 -45.20
C ASP I 79 0.01 8.20 -43.70
N LEU I 80 0.58 7.13 -43.14
CA LEU I 80 0.88 7.06 -41.73
C LEU I 80 2.38 7.17 -41.50
N GLN I 81 2.76 7.97 -40.52
CA GLN I 81 4.16 8.10 -40.12
C GLN I 81 4.21 8.68 -38.71
N TRP I 82 5.21 8.23 -37.95
CA TRP I 82 5.40 8.72 -36.60
C TRP I 82 6.05 10.10 -36.65
N VAL I 83 5.36 11.10 -36.14
CA VAL I 83 5.83 12.48 -36.15
C VAL I 83 6.10 12.90 -34.70
N PHE I 84 7.29 13.43 -34.46
CA PHE I 84 7.62 13.93 -33.13
C PHE I 84 6.69 15.08 -32.75
N VAL I 85 6.40 15.19 -31.46
CA VAL I 85 5.52 16.22 -30.93
C VAL I 85 6.19 16.87 -29.74
N ASN I 86 6.51 18.16 -29.85
CA ASN I 86 7.11 18.93 -28.78
C ASN I 86 6.15 20.05 -28.39
N ALA I 87 5.67 20.04 -27.16
CA ALA I 87 4.72 21.04 -26.69
C ALA I 87 4.73 21.06 -25.16
N GLY I 88 4.62 22.26 -24.60
CA GLY I 88 4.53 22.43 -23.16
C GLY I 88 5.76 21.98 -22.39
N GLY I 89 6.83 21.64 -23.11
CA GLY I 89 8.06 21.18 -22.49
C GLY I 89 8.27 19.68 -22.52
N TRP I 90 7.32 18.91 -23.03
CA TRP I 90 7.46 17.47 -23.15
C TRP I 90 7.59 17.09 -24.62
N MET I 91 8.04 15.86 -24.85
CA MET I 91 8.30 15.36 -26.20
C MET I 91 7.77 13.95 -26.35
N GLY I 92 7.01 13.73 -27.42
CA GLY I 92 6.50 12.41 -27.74
C GLY I 92 6.38 12.21 -29.24
N SER I 93 5.57 11.23 -29.65
CA SER I 93 5.32 11.00 -31.06
C SER I 93 3.89 10.54 -31.24
N MET I 94 3.31 10.88 -32.39
CA MET I 94 1.92 10.58 -32.70
C MET I 94 1.81 9.79 -33.99
N CYS I 95 0.69 9.07 -34.11
CA CYS I 95 0.34 8.33 -35.31
C CYS I 95 -1.10 8.74 -35.64
N LEU I 96 -1.24 9.82 -36.39
CA LEU I 96 -2.54 10.41 -36.68
C LEU I 96 -3.36 9.48 -37.56
N LEU I 97 -4.45 8.95 -37.02
CA LEU I 97 -5.32 8.05 -37.76
C LEU I 97 -6.49 8.79 -38.42
N HIS I 98 -7.15 9.68 -37.67
CA HIS I 98 -8.25 10.46 -38.18
C HIS I 98 -8.15 11.87 -37.63
N ALA I 99 -8.58 12.85 -38.42
CA ALA I 99 -8.56 14.23 -37.99
C ALA I 99 -9.50 15.05 -38.85
N SER I 100 -10.27 15.92 -38.20
CA SER I 100 -11.17 16.84 -38.88
C SER I 100 -10.99 18.21 -38.24
N LEU I 101 -11.94 19.11 -38.48
CA LEU I 101 -11.96 20.39 -37.78
C LEU I 101 -12.54 20.27 -36.38
N THR I 102 -13.20 19.15 -36.06
CA THR I 102 -13.86 18.99 -34.78
C THR I 102 -13.43 17.75 -34.01
N GLU I 103 -12.88 16.73 -34.68
CA GLU I 103 -12.44 15.51 -34.00
C GLU I 103 -11.08 15.10 -34.54
N TYR I 104 -10.40 14.26 -33.76
CA TYR I 104 -9.17 13.63 -34.21
C TYR I 104 -8.93 12.39 -33.35
N VAL I 105 -8.37 11.36 -33.97
CA VAL I 105 -7.99 10.13 -33.30
C VAL I 105 -6.57 9.79 -33.70
N LEU I 106 -5.69 9.60 -32.72
CA LEU I 106 -4.29 9.31 -32.98
C LEU I 106 -3.75 8.39 -31.89
N LEU I 107 -2.55 7.89 -32.12
CA LEU I 107 -1.83 7.04 -31.18
C LEU I 107 -0.62 7.82 -30.67
N PHE I 108 -0.65 8.19 -29.40
CA PHE I 108 0.39 9.02 -28.79
C PHE I 108 1.18 8.22 -27.77
N GLY I 109 2.43 8.61 -27.60
CA GLY I 109 3.29 7.99 -26.61
C GLY I 109 4.70 8.54 -26.70
N THR I 110 5.54 8.05 -25.79
CA THR I 110 6.93 8.50 -25.71
C THR I 110 7.82 7.33 -25.34
N ALA I 111 9.07 7.39 -25.80
CA ALA I 111 10.08 6.39 -25.47
C ALA I 111 11.12 6.92 -24.49
N VAL I 112 10.92 8.13 -23.96
CA VAL I 112 11.81 8.72 -22.97
C VAL I 112 10.97 9.30 -21.85
N ASP I 113 11.65 9.75 -20.80
CA ASP I 113 10.98 10.34 -19.64
C ASP I 113 10.81 11.83 -19.89
N THR I 114 9.58 12.24 -20.16
CA THR I 114 9.26 13.64 -20.43
C THR I 114 8.09 14.09 -19.57
N GLY I 115 7.83 15.39 -19.62
CA GLY I 115 6.73 15.96 -18.87
C GLY I 115 6.72 17.46 -19.05
N GLY I 116 5.55 18.04 -18.83
CA GLY I 116 5.41 19.48 -18.96
C GLY I 116 3.96 19.92 -18.87
N HIS I 117 3.66 21.02 -19.55
CA HIS I 117 2.33 21.59 -19.55
C HIS I 117 1.43 20.84 -20.53
N SER I 118 0.22 20.50 -20.08
CA SER I 118 -0.73 19.81 -20.94
C SER I 118 -1.31 20.70 -22.02
N GLY I 119 -1.33 22.02 -21.79
CA GLY I 119 -1.93 22.95 -22.72
C GLY I 119 -3.38 23.24 -22.40
N ARG I 120 -3.78 24.51 -22.55
CA ARG I 120 -5.16 24.95 -22.32
C ARG I 120 -5.74 25.43 -23.64
N TYR I 121 -6.74 24.71 -24.14
CA TYR I 121 -7.32 25.03 -25.45
C TYR I 121 -8.80 24.64 -25.44
N TRP I 122 -9.43 24.83 -26.61
CA TRP I 122 -10.86 24.58 -26.77
C TRP I 122 -11.06 23.20 -27.41
N ALA I 123 -10.82 22.17 -26.60
CA ALA I 123 -10.96 20.79 -27.04
C ALA I 123 -10.96 19.87 -25.83
N GLU I 124 -11.85 18.88 -25.85
CA GLU I 124 -11.89 17.83 -24.84
C GLU I 124 -11.05 16.65 -25.32
N ILE I 125 -10.13 16.21 -24.48
CA ILE I 125 -9.16 15.18 -24.85
C ILE I 125 -9.25 14.05 -23.84
N SER I 126 -9.36 12.82 -24.33
CA SER I 126 -9.37 11.62 -23.50
C SER I 126 -8.29 10.66 -23.99
N ASP I 127 -7.48 10.18 -23.06
CA ASP I 127 -6.40 9.24 -23.38
C ASP I 127 -6.59 7.97 -22.57
N THR I 128 -6.57 6.83 -23.24
CA THR I 128 -6.63 5.52 -22.59
C THR I 128 -5.25 4.88 -22.68
N ILE I 129 -4.63 4.67 -21.52
CA ILE I 129 -3.25 4.21 -21.49
C ILE I 129 -3.18 2.74 -21.86
N LEU I 130 -2.31 2.41 -22.82
CA LEU I 130 -2.04 1.03 -23.19
C LEU I 130 -0.82 0.45 -22.48
N SER I 131 0.18 1.28 -22.19
CA SER I 131 1.38 0.83 -21.50
C SER I 131 2.01 2.01 -20.78
N GLY I 132 2.92 1.71 -19.87
CA GLY I 132 3.61 2.76 -19.14
C GLY I 132 2.77 3.32 -18.00
N THR I 133 3.13 4.52 -17.58
CA THR I 133 2.42 5.23 -16.52
C THR I 133 2.19 6.68 -16.95
N PHE I 134 1.17 7.29 -16.35
CA PHE I 134 0.74 8.64 -16.71
C PHE I 134 0.48 9.39 -15.41
N ARG I 135 1.32 10.37 -15.09
CA ARG I 135 1.16 11.20 -13.92
C ARG I 135 0.46 12.50 -14.33
N GLN I 136 -0.64 12.81 -13.63
CA GLN I 136 -1.43 14.00 -13.90
C GLN I 136 -1.44 14.88 -12.66
N TRP I 137 -1.18 16.18 -12.85
CA TRP I 137 -1.18 17.16 -11.77
C TRP I 137 -2.20 18.24 -12.13
N LYS I 138 -3.37 18.18 -11.50
CA LYS I 138 -4.40 19.16 -11.80
C LYS I 138 -4.03 20.52 -11.21
N GLU I 139 -4.60 21.56 -11.80
CA GLU I 139 -4.28 22.93 -11.40
C GLU I 139 -4.89 23.24 -10.04
N GLY I 140 -4.14 23.99 -9.23
CA GLY I 140 -4.61 24.42 -7.92
C GLY I 140 -4.44 23.41 -6.80
N THR I 141 -3.86 22.25 -7.08
CA THR I 141 -3.65 21.21 -6.08
C THR I 141 -2.17 21.09 -5.73
N THR I 142 -1.90 20.28 -4.70
CA THR I 142 -0.53 20.01 -4.28
C THR I 142 -0.16 18.54 -4.37
N LYS I 143 -1.04 17.69 -4.91
CA LYS I 143 -0.78 16.27 -5.05
C LYS I 143 -1.15 15.83 -6.46
N SER I 144 -0.43 14.84 -6.97
CA SER I 144 -0.64 14.30 -8.30
C SER I 144 -1.05 12.84 -8.21
N GLU I 145 -1.66 12.35 -9.28
CA GLU I 145 -2.08 10.96 -9.39
C GLU I 145 -1.41 10.31 -10.58
N ILE I 146 -1.09 9.02 -10.44
CA ILE I 146 -0.46 8.23 -11.49
C ILE I 146 -1.48 7.25 -12.04
N PHE I 147 -1.61 7.19 -13.35
CA PHE I 147 -2.55 6.33 -14.03
C PHE I 147 -1.82 5.22 -14.78
N TYR I 148 -2.45 4.05 -14.85
CA TYR I 148 -1.81 2.84 -15.34
C TYR I 148 -2.59 2.31 -16.55
N PRO I 149 -2.05 1.33 -17.27
CA PRO I 149 -2.79 0.79 -18.43
C PRO I 149 -4.19 0.35 -18.07
N GLY I 150 -5.16 0.75 -18.90
CA GLY I 150 -6.57 0.51 -18.68
C GLY I 150 -7.34 1.74 -18.26
N ASP I 151 -6.68 2.67 -17.57
CA ASP I 151 -7.33 3.90 -17.15
C ASP I 151 -7.50 4.85 -18.33
N THR I 152 -8.44 5.77 -18.19
CA THR I 152 -8.72 6.77 -19.21
C THR I 152 -8.75 8.14 -18.54
N ILE I 153 -7.87 9.02 -18.97
CA ILE I 153 -7.77 10.38 -18.44
C ILE I 153 -8.51 11.32 -19.38
N VAL I 154 -9.42 12.12 -18.84
CA VAL I 154 -10.22 13.07 -19.61
C VAL I 154 -9.72 14.47 -19.29
N HIS I 155 -9.13 15.12 -20.29
CA HIS I 155 -8.66 16.49 -20.18
C HIS I 155 -9.75 17.40 -20.73
N GLU I 156 -10.54 17.99 -19.84
CA GLU I 156 -11.72 18.73 -20.26
C GLU I 156 -11.33 20.08 -20.87
N VAL I 157 -12.32 20.73 -21.48
CA VAL I 157 -12.08 21.99 -22.16
C VAL I 157 -11.78 23.08 -21.15
N GLY I 158 -10.76 23.89 -21.46
CA GLY I 158 -10.33 24.97 -20.59
C GLY I 158 -9.51 24.54 -19.39
N GLU I 159 -9.36 23.23 -19.16
CA GLU I 159 -8.55 22.76 -18.04
C GLU I 159 -7.08 22.71 -18.45
N ALA I 160 -6.20 23.05 -17.50
CA ALA I 160 -4.76 22.98 -17.71
C ALA I 160 -4.15 22.20 -16.57
N THR I 161 -3.43 21.14 -16.92
CA THR I 161 -2.78 20.27 -15.95
C THR I 161 -1.31 20.10 -16.32
N SER I 162 -0.57 19.44 -15.42
CA SER I 162 0.81 19.08 -15.68
C SER I 162 0.87 17.58 -15.96
N VAL I 163 1.48 17.21 -17.08
CA VAL I 163 1.55 15.81 -17.50
C VAL I 163 2.97 15.33 -17.35
N GLN I 164 3.11 14.02 -17.17
CA GLN I 164 4.40 13.36 -17.08
C GLN I 164 4.21 11.90 -17.44
N TRP I 165 5.11 11.37 -18.26
CA TRP I 165 4.99 10.01 -18.75
C TRP I 165 6.27 9.24 -18.49
N SER I 166 6.14 7.93 -18.38
CA SER I 166 7.27 7.03 -18.20
C SER I 166 7.87 6.67 -19.56
N SER I 167 8.93 5.86 -19.53
CA SER I 167 9.67 5.60 -20.76
C SER I 167 8.90 4.70 -21.72
N GLY I 168 8.05 3.81 -21.21
CA GLY I 168 7.30 2.93 -22.08
C GLY I 168 5.83 3.26 -22.20
N THR I 169 5.48 4.53 -22.04
CA THR I 169 4.08 4.93 -22.02
C THR I 169 3.55 5.17 -23.43
N TRP I 170 2.45 4.49 -23.77
CA TRP I 170 1.76 4.64 -25.04
C TRP I 170 0.27 4.57 -24.80
N MET I 171 -0.49 5.33 -25.58
CA MET I 171 -1.92 5.51 -25.29
C MET I 171 -2.68 5.78 -26.59
N VAL I 172 -4.00 5.61 -26.50
CA VAL I 172 -4.92 5.94 -27.58
C VAL I 172 -5.71 7.17 -27.16
N GLU I 173 -5.73 8.19 -28.02
CA GLU I 173 -6.27 9.49 -27.67
C GLU I 173 -7.36 9.92 -28.65
N TYR I 174 -8.40 10.53 -28.10
CA TYR I 174 -9.51 11.08 -28.88
C TYR I 174 -9.78 12.50 -28.41
N GLY I 175 -9.93 13.41 -29.36
CA GLY I 175 -10.22 14.80 -29.04
C GLY I 175 -11.41 15.32 -29.80
N ARG I 176 -12.17 16.20 -29.14
CA ARG I 176 -13.36 16.81 -29.72
C ARG I 176 -13.46 18.26 -29.26
N GLY I 177 -13.76 19.13 -30.19
CA GLY I 177 -13.87 20.55 -29.94
C GLY I 177 -13.57 21.34 -31.21
N PHE I 178 -12.77 22.39 -31.07
CA PHE I 178 -12.26 23.15 -32.20
C PHE I 178 -10.77 22.83 -32.33
N ILE I 179 -10.46 21.88 -33.23
CA ILE I 179 -9.09 21.39 -33.32
C ILE I 179 -8.09 22.47 -33.72
N PRO I 180 -8.38 23.37 -34.67
CA PRO I 180 -7.40 24.42 -35.00
C PRO I 180 -6.96 25.26 -33.82
N SER I 181 -7.76 25.34 -32.75
CA SER I 181 -7.36 26.11 -31.57
C SER I 181 -6.20 25.46 -30.82
N THR I 182 -5.96 24.17 -31.02
CA THR I 182 -4.88 23.48 -30.34
C THR I 182 -3.54 23.58 -31.05
N LEU I 183 -3.53 23.93 -32.34
CA LEU I 183 -2.29 23.98 -33.10
C LEU I 183 -1.35 25.08 -32.62
N ALA I 184 -1.88 26.12 -31.99
CA ALA I 184 -1.01 27.17 -31.46
C ALA I 184 -0.12 26.64 -30.34
N PHE I 185 -0.66 25.78 -29.48
CA PHE I 185 0.13 25.19 -28.41
C PHE I 185 1.01 24.05 -28.93
N ALA I 186 0.49 23.29 -29.90
CA ALA I 186 1.21 22.13 -30.40
C ALA I 186 2.49 22.49 -31.14
N LEU I 187 2.58 23.72 -31.68
CA LEU I 187 3.73 24.13 -32.47
C LEU I 187 4.57 25.19 -31.78
N ALA I 188 4.26 25.52 -30.52
CA ALA I 188 5.02 26.55 -29.82
C ALA I 188 6.46 26.12 -29.61
N ASP I 189 6.66 24.93 -29.03
CA ASP I 189 8.02 24.42 -28.83
C ASP I 189 8.72 24.12 -30.15
N THR I 190 7.95 23.77 -31.18
CA THR I 190 8.56 23.49 -32.48
C THR I 190 9.12 24.76 -33.12
N ILE I 191 8.60 25.94 -32.76
CA ILE I 191 9.08 27.19 -33.32
C ILE I 191 10.19 27.79 -32.48
N PHE I 192 10.03 27.82 -31.15
CA PHE I 192 10.92 28.56 -30.28
C PHE I 192 11.93 27.68 -29.55
N SER I 193 11.81 26.35 -29.62
CA SER I 193 12.70 25.46 -28.89
C SER I 193 13.43 24.47 -29.79
N THR I 194 12.71 23.58 -30.47
CA THR I 194 13.37 22.54 -31.25
C THR I 194 13.82 23.07 -32.61
N GLN I 195 13.05 23.97 -33.21
CA GLN I 195 13.31 24.49 -34.55
C GLN I 195 13.42 23.36 -35.57
N ASP I 196 12.70 22.26 -35.34
CA ASP I 196 12.68 21.13 -36.27
C ASP I 196 11.56 21.38 -37.26
N PHE I 197 11.85 22.23 -38.25
CA PHE I 197 10.84 22.62 -39.22
C PHE I 197 10.43 21.48 -40.14
N LEU I 198 11.30 20.48 -40.32
CA LEU I 198 10.91 19.30 -41.08
C LEU I 198 9.83 18.52 -40.37
N THR I 199 9.93 18.42 -39.03
CA THR I 199 8.85 17.83 -38.25
C THR I 199 7.59 18.69 -38.30
N LEU I 200 7.77 20.02 -38.30
CA LEU I 200 6.63 20.91 -38.50
C LEU I 200 5.97 20.65 -39.84
N PHE I 201 6.76 20.36 -40.87
CA PHE I 201 6.19 20.00 -42.16
C PHE I 201 5.45 18.68 -42.09
N TYR I 202 5.99 17.71 -41.35
CA TYR I 202 5.34 16.41 -41.22
C TYR I 202 3.99 16.53 -40.53
N THR I 203 3.92 17.38 -39.49
CA THR I 203 2.66 17.56 -38.76
C THR I 203 1.58 18.15 -39.67
N VAL I 204 1.94 19.19 -40.43
CA VAL I 204 0.99 19.79 -41.37
C VAL I 204 0.65 18.80 -42.48
N LYS I 205 1.61 17.98 -42.89
CA LYS I 205 1.38 17.02 -43.96
C LYS I 205 0.32 16.01 -43.58
N VAL I 206 0.46 15.38 -42.41
CA VAL I 206 -0.49 14.34 -42.01
C VAL I 206 -1.84 14.94 -41.63
N TYR I 207 -1.86 16.19 -41.14
CA TYR I 207 -3.13 16.81 -40.80
C TYR I 207 -3.89 17.24 -42.06
N SER I 208 -3.18 17.59 -43.12
CA SER I 208 -3.84 17.94 -44.38
C SER I 208 -4.41 16.71 -45.06
N LYS I 209 -3.66 15.59 -45.04
CA LYS I 209 -4.16 14.36 -45.64
C LYS I 209 -5.44 13.88 -44.96
N ALA I 210 -5.53 14.03 -43.65
CA ALA I 210 -6.74 13.64 -42.94
C ALA I 210 -7.90 14.59 -43.26
N LEU I 211 -7.60 15.87 -43.48
CA LEU I 211 -8.66 16.81 -43.85
C LEU I 211 -9.13 16.58 -45.28
N LEU I 212 -8.20 16.30 -46.21
CA LEU I 212 -8.61 16.03 -47.58
C LEU I 212 -9.37 14.71 -47.67
N LEU I 213 -8.99 13.72 -46.86
CA LEU I 213 -9.75 12.48 -46.81
C LEU I 213 -11.15 12.72 -46.25
N GLU I 214 -11.25 13.54 -45.20
CA GLU I 214 -12.56 13.83 -44.62
C GLU I 214 -13.42 14.66 -45.58
N ALA I 215 -12.80 15.58 -46.32
CA ALA I 215 -13.54 16.33 -47.32
C ALA I 215 -13.93 15.46 -48.50
N SER I 216 -13.08 14.51 -48.88
CA SER I 216 -13.39 13.62 -49.98
C SER I 216 -14.56 12.69 -49.65
N THR I 217 -14.73 12.34 -48.38
CA THR I 217 -15.84 11.48 -47.99
C THR I 217 -17.17 12.22 -48.05
N HIS I 218 -17.18 13.51 -47.71
CA HIS I 218 -18.42 14.29 -47.78
C HIS I 218 -18.89 14.48 -49.22
N LEU I 219 -17.96 14.53 -50.17
CA LEU I 219 -18.35 14.73 -51.57
C LEU I 219 -19.06 13.50 -52.13
N SER I 220 -18.60 12.30 -51.77
CA SER I 220 -19.22 11.08 -52.27
C SER I 220 -20.60 10.84 -51.65
N GLN I 221 -20.91 11.46 -50.53
CA GLN I 221 -22.23 11.29 -49.92
C GLN I 221 -23.10 12.52 -50.15
N VAL J 2 86.16 3.64 17.93
CA VAL J 2 85.31 2.47 18.07
C VAL J 2 83.89 2.89 18.44
N ASP J 3 83.12 3.30 17.44
CA ASP J 3 81.72 3.64 17.62
C ASP J 3 80.80 2.45 17.33
N THR J 4 81.34 1.24 17.32
CA THR J 4 80.52 0.06 17.06
C THR J 4 79.54 -0.19 18.20
N MET J 5 79.97 0.05 19.44
CA MET J 5 79.08 -0.14 20.58
C MET J 5 77.94 0.87 20.58
N ALA J 6 78.18 2.08 20.06
CA ALA J 6 77.10 3.05 19.94
C ALA J 6 76.07 2.61 18.91
N LEU J 7 76.51 2.24 17.72
CA LEU J 7 75.60 1.78 16.69
C LEU J 7 75.22 0.31 16.84
N TRP J 8 75.60 -0.35 17.95
CA TRP J 8 75.20 -1.74 18.10
C TRP J 8 73.76 -1.83 18.58
N LEU J 9 73.39 -1.00 19.56
CA LEU J 9 72.01 -0.95 20.02
C LEU J 9 71.10 -0.35 18.97
N GLY J 10 71.62 0.52 18.11
CA GLY J 10 70.86 1.06 17.02
C GLY J 10 70.72 0.12 15.84
N LEU J 11 71.40 -1.04 15.91
CA LEU J 11 71.28 -2.02 14.85
C LEU J 11 69.85 -2.54 14.76
N ARG J 12 69.20 -2.72 15.91
CA ARG J 12 67.79 -3.13 15.92
C ARG J 12 66.93 -2.10 15.20
N ALA J 13 67.23 -0.82 15.38
CA ALA J 13 66.50 0.22 14.67
C ALA J 13 66.90 0.28 13.20
N VAL J 14 68.18 0.06 12.90
CA VAL J 14 68.65 0.09 11.52
C VAL J 14 68.11 -1.10 10.74
N LEU J 15 68.05 -2.28 11.38
CA LEU J 15 67.51 -3.44 10.69
C LEU J 15 66.04 -3.21 10.32
N VAL J 16 65.31 -2.45 11.13
CA VAL J 16 63.93 -2.12 10.81
C VAL J 16 63.86 -1.04 9.74
N VAL J 17 64.70 0.00 9.86
CA VAL J 17 64.69 1.08 8.87
C VAL J 17 65.17 0.57 7.51
N ALA J 18 66.24 -0.23 7.50
CA ALA J 18 66.70 -0.77 6.22
C ALA J 18 65.67 -1.72 5.62
N GLY J 19 65.00 -2.50 6.46
CA GLY J 19 63.96 -3.37 5.94
C GLY J 19 62.74 -2.61 5.45
N LEU J 20 62.32 -1.58 6.20
CA LEU J 20 61.14 -0.82 5.80
C LEU J 20 61.40 0.05 4.57
N ALA J 21 62.59 0.67 4.48
CA ALA J 21 62.86 1.54 3.34
C ALA J 21 62.99 0.73 2.05
N VAL J 22 63.61 -0.44 2.13
CA VAL J 22 63.72 -1.31 0.95
C VAL J 22 62.36 -1.90 0.60
N LEU J 23 61.60 -2.33 1.60
CA LEU J 23 60.30 -2.94 1.35
C LEU J 23 59.30 -1.94 0.82
N LEU J 24 59.39 -0.67 1.24
CA LEU J 24 58.52 0.36 0.68
C LEU J 24 58.78 0.58 -0.80
N GLN J 25 60.06 0.48 -1.21
CA GLN J 25 60.41 0.59 -2.62
C GLN J 25 60.18 -0.71 -3.38
N LEU J 26 60.16 -1.85 -2.68
CA LEU J 26 59.92 -3.12 -3.35
C LEU J 26 58.43 -3.35 -3.61
N ILE J 27 57.58 -2.90 -2.68
CA ILE J 27 56.15 -3.12 -2.82
C ILE J 27 55.49 -2.04 -3.66
N ARG J 28 55.84 -0.77 -3.43
CA ARG J 28 55.26 0.31 -4.23
C ARG J 28 55.69 0.21 -5.69
N GLY J 29 56.94 -0.20 -5.93
CA GLY J 29 57.34 -0.52 -7.29
C GLY J 29 56.64 -1.75 -7.84
N TRP J 30 56.28 -2.68 -6.96
CA TRP J 30 55.53 -3.86 -7.39
C TRP J 30 54.11 -3.50 -7.78
N LEU J 31 53.45 -2.64 -6.99
CA LEU J 31 52.05 -2.29 -7.24
C LEU J 31 51.88 -1.49 -8.53
N SER J 32 52.87 -0.67 -8.89
CA SER J 32 52.76 0.15 -10.08
C SER J 32 53.14 -0.59 -11.36
N SER J 33 53.71 -1.79 -11.24
CA SER J 33 54.15 -2.57 -12.39
C SER J 33 53.52 -3.96 -12.43
N LYS J 34 52.51 -4.21 -11.61
CA LYS J 34 51.85 -5.51 -11.53
C LYS J 34 50.63 -5.55 -12.42
N SER J 35 50.43 -6.68 -13.10
CA SER J 35 49.22 -6.89 -13.88
C SER J 35 48.08 -7.28 -12.96
N TYR J 36 46.97 -6.56 -13.05
CA TYR J 36 45.83 -6.74 -12.16
C TYR J 36 44.74 -7.55 -12.83
N VAL J 37 43.97 -8.27 -12.02
CA VAL J 37 42.89 -9.11 -12.55
C VAL J 37 41.67 -8.26 -12.88
N PHE J 38 41.17 -7.53 -11.89
CA PHE J 38 39.98 -6.70 -12.07
C PHE J 38 40.37 -5.23 -12.23
N ASN J 39 39.35 -4.40 -12.47
CA ASN J 39 39.49 -2.96 -12.54
C ASN J 39 38.24 -2.36 -11.91
N ARG J 40 38.38 -1.12 -11.40
CA ARG J 40 37.26 -0.51 -10.69
C ARG J 40 36.05 -0.30 -11.59
N GLU J 41 36.27 -0.01 -12.88
CA GLU J 41 35.14 0.18 -13.79
C GLU J 41 34.44 -1.13 -14.11
N GLU J 42 35.17 -2.25 -14.17
CA GLU J 42 34.52 -3.53 -14.46
C GLU J 42 33.57 -3.92 -13.34
N ILE J 43 34.03 -3.78 -12.09
CA ILE J 43 33.17 -4.09 -10.96
C ILE J 43 32.04 -3.06 -10.85
N ALA J 44 32.33 -1.81 -11.18
CA ALA J 44 31.31 -0.77 -11.10
C ALA J 44 30.22 -0.97 -12.15
N ARG J 45 30.60 -1.31 -13.38
CA ARG J 45 29.57 -1.55 -14.40
C ARG J 45 28.74 -2.78 -14.06
N LEU J 46 29.38 -3.86 -13.63
CA LEU J 46 28.65 -5.09 -13.32
C LEU J 46 27.68 -4.87 -12.16
N ALA J 47 28.09 -4.09 -11.16
CA ALA J 47 27.22 -3.85 -10.01
C ALA J 47 26.08 -2.90 -10.37
N LYS J 48 26.35 -1.91 -11.24
CA LYS J 48 25.31 -0.96 -11.61
C LYS J 48 24.23 -1.59 -12.48
N GLU J 49 24.55 -2.68 -13.19
CA GLU J 49 23.56 -3.37 -14.01
C GLU J 49 22.46 -4.00 -13.16
N HIS J 50 22.79 -4.39 -11.93
CA HIS J 50 21.86 -5.08 -11.04
C HIS J 50 21.45 -4.23 -9.84
N SER J 51 21.63 -2.91 -9.93
CA SER J 51 21.29 -2.01 -8.83
C SER J 51 19.79 -1.76 -8.80
N GLY J 52 19.07 -2.73 -8.27
CA GLY J 52 17.64 -2.60 -8.10
C GLY J 52 17.23 -2.66 -6.64
N LEU J 53 15.97 -3.03 -6.38
CA LEU J 53 15.51 -3.11 -5.00
C LEU J 53 15.96 -4.40 -4.35
N ASP J 54 15.69 -5.54 -4.98
CA ASP J 54 16.22 -6.80 -4.48
C ASP J 54 17.73 -6.84 -4.66
N TYR J 55 18.44 -7.08 -3.55
CA TYR J 55 19.89 -7.10 -3.53
C TYR J 55 20.47 -8.50 -3.43
N GLU J 56 19.71 -9.46 -2.87
CA GLU J 56 20.15 -10.85 -2.83
C GLU J 56 20.19 -11.45 -4.23
N VAL J 57 19.19 -11.12 -5.07
CA VAL J 57 19.23 -11.55 -6.46
C VAL J 57 20.37 -10.88 -7.20
N ALA J 58 20.66 -9.62 -6.87
CA ALA J 58 21.80 -8.93 -7.47
C ALA J 58 23.10 -9.60 -7.07
N PHE J 59 23.19 -10.06 -5.82
CA PHE J 59 24.38 -10.78 -5.38
C PHE J 59 24.60 -12.05 -6.19
N SER J 60 23.53 -12.76 -6.50
CA SER J 60 23.64 -14.03 -7.20
C SER J 60 24.15 -13.85 -8.62
N LYS J 61 23.57 -12.91 -9.36
CA LYS J 61 23.97 -12.70 -10.76
C LYS J 61 25.37 -12.14 -10.87
N ILE J 62 25.82 -11.36 -9.88
CA ILE J 62 27.16 -10.79 -9.93
C ILE J 62 28.20 -11.87 -9.73
N ILE J 63 27.95 -12.81 -8.82
CA ILE J 63 28.89 -13.90 -8.59
C ILE J 63 28.99 -14.78 -9.83
N VAL J 64 27.87 -14.97 -10.53
CA VAL J 64 27.89 -15.77 -11.75
C VAL J 64 28.69 -15.09 -12.85
N GLU J 65 28.47 -13.79 -13.04
CA GLU J 65 29.21 -13.06 -14.07
C GLU J 65 30.69 -13.01 -13.77
N LEU J 66 31.05 -12.92 -12.49
CA LEU J 66 32.46 -12.90 -12.12
C LEU J 66 33.11 -14.26 -12.34
N ARG J 67 32.39 -15.34 -12.06
CA ARG J 67 32.95 -16.67 -12.29
C ARG J 67 33.00 -17.05 -13.76
N LYS J 68 32.21 -16.38 -14.62
CA LYS J 68 32.29 -16.65 -16.04
C LYS J 68 33.47 -15.93 -16.68
N LYS J 69 33.59 -14.62 -16.43
CA LYS J 69 34.63 -13.81 -17.04
C LYS J 69 35.98 -13.95 -16.37
N HIS J 70 36.02 -14.46 -15.13
CA HIS J 70 37.27 -14.63 -14.39
C HIS J 70 37.26 -15.99 -13.70
N PRO J 71 37.48 -17.07 -14.44
CA PRO J 71 37.48 -18.39 -13.83
C PRO J 71 38.73 -18.63 -12.99
N GLY J 72 38.57 -19.37 -11.90
CA GLY J 72 39.66 -19.66 -11.02
C GLY J 72 40.07 -18.55 -10.09
N HIS J 73 39.32 -17.44 -10.06
CA HIS J 73 39.65 -16.31 -9.21
C HIS J 73 38.57 -15.97 -8.20
N ILE J 74 37.42 -16.63 -8.23
CA ILE J 74 36.33 -16.38 -7.29
C ILE J 74 36.14 -17.63 -6.44
N LEU J 75 36.00 -17.44 -5.13
CA LEU J 75 35.81 -18.56 -4.23
C LEU J 75 34.54 -19.33 -4.58
N GLN J 76 34.57 -20.63 -4.33
CA GLN J 76 33.40 -21.46 -4.54
C GLN J 76 32.41 -21.28 -3.40
N ASP J 77 31.16 -21.71 -3.65
CA ASP J 77 30.10 -21.55 -2.66
C ASP J 77 30.40 -22.24 -1.34
N GLU J 78 31.27 -23.25 -1.34
CA GLU J 78 31.62 -23.91 -0.08
C GLU J 78 32.46 -23.00 0.81
N ASP J 79 33.22 -22.08 0.22
CA ASP J 79 34.10 -21.18 0.96
C ASP J 79 33.51 -19.78 1.14
N LEU J 80 32.19 -19.65 1.01
CA LEU J 80 31.51 -18.36 1.16
C LEU J 80 30.74 -18.35 2.48
N GLN J 81 30.89 -17.25 3.22
CA GLN J 81 30.12 -17.05 4.45
C GLN J 81 30.14 -15.57 4.80
N TRP J 82 29.02 -15.09 5.35
CA TRP J 82 28.91 -13.71 5.77
C TRP J 82 29.60 -13.52 7.12
N VAL J 83 30.63 -12.68 7.14
CA VAL J 83 31.43 -12.43 8.34
C VAL J 83 31.21 -11.00 8.79
N PHE J 84 30.91 -10.84 10.08
CA PHE J 84 30.75 -9.50 10.65
C PHE J 84 32.05 -8.71 10.55
N VAL J 85 31.91 -7.40 10.41
CA VAL J 85 33.05 -6.49 10.30
C VAL J 85 32.82 -5.31 11.24
N ASN J 86 33.68 -5.17 12.24
CA ASN J 86 33.64 -4.06 13.18
C ASN J 86 34.93 -3.26 13.06
N ALA J 87 34.82 -2.01 12.63
CA ALA J 87 35.99 -1.16 12.44
C ALA J 87 35.56 0.29 12.43
N GLY J 88 36.39 1.15 13.01
CA GLY J 88 36.17 2.59 13.01
C GLY J 88 34.91 3.04 13.74
N GLY J 89 34.25 2.12 14.44
CA GLY J 89 33.04 2.43 15.16
C GLY J 89 31.76 1.99 14.50
N TRP J 90 31.81 1.45 13.29
CA TRP J 90 30.64 0.94 12.59
C TRP J 90 30.69 -0.58 12.52
N MET J 91 29.55 -1.18 12.20
CA MET J 91 29.41 -2.62 12.13
C MET J 91 28.64 -3.02 10.89
N GLY J 92 29.20 -3.95 10.13
CA GLY J 92 28.52 -4.49 8.95
C GLY J 92 28.88 -5.95 8.73
N SER J 93 28.69 -6.44 7.52
CA SER J 93 29.07 -7.81 7.20
C SER J 93 29.56 -7.85 5.76
N MET J 94 30.49 -8.76 5.49
CA MET J 94 31.10 -8.88 4.18
C MET J 94 30.93 -10.31 3.65
N CYS J 95 31.01 -10.43 2.33
CA CYS J 95 30.99 -11.72 1.65
C CYS J 95 32.17 -11.71 0.69
N LEU J 96 33.33 -12.13 1.18
CA LEU J 96 34.57 -12.07 0.41
C LEU J 96 34.51 -13.03 -0.76
N LEU J 97 34.52 -12.50 -1.97
CA LEU J 97 34.50 -13.31 -3.19
C LEU J 97 35.90 -13.58 -3.70
N HIS J 98 36.73 -12.55 -3.77
CA HIS J 98 38.11 -12.67 -4.23
C HIS J 98 39.00 -11.78 -3.37
N ALA J 99 40.22 -12.25 -3.14
CA ALA J 99 41.18 -11.48 -2.36
C ALA J 99 42.58 -12.01 -2.63
N SER J 100 43.52 -11.10 -2.82
CA SER J 100 44.93 -11.44 -2.99
C SER J 100 45.74 -10.50 -2.11
N LEU J 101 47.04 -10.38 -2.40
CA LEU J 101 47.85 -9.40 -1.71
C LEU J 101 47.68 -7.99 -2.28
N THR J 102 47.05 -7.86 -3.45
CA THR J 102 46.91 -6.57 -4.11
C THR J 102 45.48 -6.22 -4.48
N GLU J 103 44.57 -7.18 -4.58
CA GLU J 103 43.19 -6.92 -4.97
C GLU J 103 42.24 -7.67 -4.04
N TYR J 104 40.99 -7.20 -4.01
CA TYR J 104 39.92 -7.95 -3.36
C TYR J 104 38.58 -7.45 -3.90
N VAL J 105 37.64 -8.38 -4.03
CA VAL J 105 36.27 -8.09 -4.44
C VAL J 105 35.33 -8.78 -3.47
N LEU J 106 34.40 -8.03 -2.88
CA LEU J 106 33.48 -8.60 -1.91
C LEU J 106 32.14 -7.89 -1.99
N LEU J 107 31.16 -8.46 -1.29
CA LEU J 107 29.82 -7.90 -1.16
C LEU J 107 29.66 -7.46 0.29
N PHE J 108 29.62 -6.15 0.51
CA PHE J 108 29.55 -5.59 1.85
C PHE J 108 28.22 -4.85 2.05
N GLY J 109 27.78 -4.80 3.29
CA GLY J 109 26.56 -4.08 3.62
C GLY J 109 26.22 -4.26 5.08
N THR J 110 25.12 -3.61 5.47
CA THR J 110 24.67 -3.65 6.86
C THR J 110 23.16 -3.67 6.90
N ALA J 111 22.62 -4.30 7.95
CA ALA J 111 21.18 -4.36 8.18
C ALA J 111 20.73 -3.45 9.32
N VAL J 112 21.64 -2.65 9.89
CA VAL J 112 21.33 -1.71 10.95
C VAL J 112 21.97 -0.36 10.59
N ASP J 113 21.66 0.65 11.39
CA ASP J 113 22.17 2.00 11.18
C ASP J 113 23.48 2.15 11.95
N THR J 114 24.60 2.14 11.23
CA THR J 114 25.91 2.30 11.83
C THR J 114 26.70 3.35 11.04
N GLY J 115 27.85 3.72 11.58
CA GLY J 115 28.70 4.70 10.94
C GLY J 115 29.92 4.97 11.78
N GLY J 116 30.94 5.51 11.13
CA GLY J 116 32.17 5.85 11.84
C GLY J 116 33.27 6.25 10.89
N HIS J 117 34.50 5.98 11.31
CA HIS J 117 35.68 6.34 10.53
C HIS J 117 35.89 5.32 9.41
N SER J 118 36.13 5.82 8.20
CA SER J 118 36.35 4.94 7.06
C SER J 118 37.69 4.22 7.14
N GLY J 119 38.66 4.80 7.85
CA GLY J 119 39.98 4.23 7.92
C GLY J 119 40.90 4.79 6.86
N ARG J 120 42.16 5.01 7.22
CA ARG J 120 43.17 5.52 6.29
C ARG J 120 44.22 4.43 6.10
N TYR J 121 44.33 3.92 4.88
CA TYR J 121 45.21 2.79 4.59
C TYR J 121 45.77 2.93 3.18
N TRP J 122 46.57 1.95 2.79
CA TRP J 122 47.27 1.96 1.51
C TRP J 122 46.52 1.09 0.50
N ALA J 123 45.38 1.61 0.07
CA ALA J 123 44.54 0.90 -0.89
C ALA J 123 43.48 1.83 -1.44
N GLU J 124 43.25 1.76 -2.75
CA GLU J 124 42.15 2.47 -3.38
C GLU J 124 40.92 1.57 -3.38
N ILE J 125 39.81 2.10 -2.89
CA ILE J 125 38.60 1.31 -2.68
C ILE J 125 37.45 1.98 -3.42
N SER J 126 36.70 1.19 -4.18
CA SER J 126 35.52 1.66 -4.88
C SER J 126 34.33 0.79 -4.48
N ASP J 127 33.23 1.45 -4.10
CA ASP J 127 32.00 0.77 -3.71
C ASP J 127 30.86 1.25 -4.59
N THR J 128 30.14 0.31 -5.20
CA THR J 128 28.96 0.60 -5.99
C THR J 128 27.72 0.15 -5.21
N ILE J 129 26.88 1.10 -4.84
CA ILE J 129 25.74 0.83 -3.98
C ILE J 129 24.65 0.11 -4.76
N LEU J 130 24.17 -1.01 -4.22
CA LEU J 130 23.04 -1.71 -4.81
C LEU J 130 21.70 -1.31 -4.19
N SER J 131 21.69 -0.98 -2.90
CA SER J 131 20.46 -0.57 -2.24
C SER J 131 20.84 0.27 -1.01
N GLY J 132 19.84 0.94 -0.45
CA GLY J 132 20.05 1.76 0.72
C GLY J 132 20.63 3.12 0.39
N THR J 133 21.25 3.73 1.39
CA THR J 133 21.88 5.04 1.25
C THR J 133 23.27 5.01 1.86
N PHE J 134 24.11 5.92 1.37
CA PHE J 134 25.52 5.98 1.77
C PHE J 134 25.89 7.45 1.96
N ARG J 135 26.10 7.86 3.20
CA ARG J 135 26.53 9.21 3.52
C ARG J 135 28.04 9.23 3.70
N GLN J 136 28.71 10.11 2.96
CA GLN J 136 30.15 10.25 3.02
C GLN J 136 30.50 11.66 3.44
N TRP J 137 31.41 11.78 4.40
CA TRP J 137 31.87 13.08 4.92
C TRP J 137 33.37 13.17 4.70
N LYS J 138 33.78 13.90 3.67
CA LYS J 138 35.19 14.03 3.35
C LYS J 138 35.90 14.89 4.40
N GLU J 139 37.21 14.68 4.52
CA GLU J 139 37.99 15.38 5.52
C GLU J 139 38.19 16.84 5.11
N GLY J 140 38.13 17.73 6.10
CA GLY J 140 38.35 19.15 5.88
C GLY J 140 37.14 19.92 5.42
N THR J 141 35.99 19.28 5.27
CA THR J 141 34.77 19.94 4.84
C THR J 141 33.78 20.05 5.99
N THR J 142 32.69 20.78 5.74
CA THR J 142 31.64 20.96 6.73
C THR J 142 30.28 20.42 6.27
N LYS J 143 30.20 19.80 5.09
CA LYS J 143 28.96 19.24 4.57
C LYS J 143 29.22 17.86 4.04
N SER J 144 28.18 17.01 4.08
CA SER J 144 28.28 15.63 3.66
C SER J 144 27.41 15.37 2.45
N GLU J 145 27.71 14.27 1.76
CA GLU J 145 27.00 13.85 0.56
C GLU J 145 26.40 12.47 0.78
N ILE J 146 25.22 12.25 0.20
CA ILE J 146 24.53 10.95 0.26
C ILE J 146 24.57 10.33 -1.13
N PHE J 147 24.94 9.06 -1.18
CA PHE J 147 25.01 8.31 -2.43
C PHE J 147 23.91 7.26 -2.44
N TYR J 148 23.34 7.02 -3.63
CA TYR J 148 22.16 6.19 -3.79
C TYR J 148 22.47 5.01 -4.71
N PRO J 149 21.59 4.02 -4.83
CA PRO J 149 21.87 2.87 -5.70
C PRO J 149 22.26 3.29 -7.11
N GLY J 150 23.35 2.71 -7.60
CA GLY J 150 23.92 3.05 -8.88
C GLY J 150 25.19 3.86 -8.79
N ASP J 151 25.34 4.66 -7.73
CA ASP J 151 26.53 5.49 -7.57
C ASP J 151 27.73 4.65 -7.17
N THR J 152 28.92 5.20 -7.43
CA THR J 152 30.18 4.56 -7.11
C THR J 152 31.06 5.55 -6.36
N ILE J 153 31.44 5.20 -5.14
CA ILE J 153 32.30 6.02 -4.30
C ILE J 153 33.72 5.50 -4.41
N VAL J 154 34.66 6.39 -4.70
CA VAL J 154 36.07 6.04 -4.83
C VAL J 154 36.79 6.59 -3.61
N HIS J 155 37.28 5.71 -2.76
CA HIS J 155 38.05 6.08 -1.57
C HIS J 155 39.52 5.93 -1.94
N GLU J 156 40.16 7.04 -2.28
CA GLU J 156 41.53 6.99 -2.78
C GLU J 156 42.51 6.73 -1.64
N VAL J 157 43.76 6.45 -2.02
CA VAL J 157 44.77 6.11 -1.04
C VAL J 157 45.12 7.32 -0.18
N GLY J 158 45.24 7.08 1.12
CA GLY J 158 45.53 8.15 2.07
C GLY J 158 44.34 9.00 2.47
N GLU J 159 43.18 8.79 1.87
CA GLU J 159 41.99 9.55 2.22
C GLU J 159 41.32 8.97 3.45
N ALA J 160 40.81 9.85 4.32
CA ALA J 160 40.08 9.45 5.51
C ALA J 160 38.76 10.21 5.54
N THR J 161 37.65 9.49 5.57
CA THR J 161 36.32 10.08 5.59
C THR J 161 35.50 9.48 6.71
N SER J 162 34.32 10.05 6.92
CA SER J 162 33.32 9.52 7.85
C SER J 162 32.21 8.87 7.05
N VAL J 163 31.89 7.62 7.36
CA VAL J 163 30.89 6.87 6.63
C VAL J 163 29.66 6.68 7.51
N GLN J 164 28.52 6.48 6.86
CA GLN J 164 27.27 6.22 7.56
C GLN J 164 26.33 5.53 6.59
N TRP J 165 25.66 4.47 7.06
CA TRP J 165 24.80 3.66 6.22
C TRP J 165 23.44 3.49 6.90
N SER J 166 22.41 3.30 6.07
CA SER J 166 21.06 3.07 6.56
C SER J 166 20.84 1.58 6.84
N SER J 167 19.64 1.26 7.34
CA SER J 167 19.32 -0.08 7.82
C SER J 167 19.10 -1.11 6.71
N GLY J 168 19.54 -0.82 5.50
CA GLY J 168 19.36 -1.77 4.42
C GLY J 168 20.33 -1.54 3.27
N THR J 169 21.50 -0.99 3.58
CA THR J 169 22.47 -0.61 2.57
C THR J 169 23.35 -1.81 2.22
N TRP J 170 23.45 -2.10 0.93
CA TRP J 170 24.29 -3.17 0.43
C TRP J 170 24.99 -2.69 -0.84
N MET J 171 26.22 -3.14 -1.03
CA MET J 171 27.06 -2.58 -2.08
C MET J 171 28.06 -3.63 -2.56
N VAL J 172 28.62 -3.38 -3.74
CA VAL J 172 29.70 -4.18 -4.30
C VAL J 172 30.97 -3.36 -4.27
N GLU J 173 32.03 -3.91 -3.69
CA GLU J 173 33.25 -3.18 -3.40
C GLU J 173 34.45 -3.85 -4.03
N TYR J 174 35.35 -3.02 -4.58
CA TYR J 174 36.61 -3.48 -5.15
C TYR J 174 37.73 -2.62 -4.60
N GLY J 175 38.80 -3.25 -4.15
CA GLY J 175 39.94 -2.53 -3.61
C GLY J 175 41.23 -2.97 -4.25
N ARG J 176 42.14 -2.02 -4.39
CA ARG J 176 43.45 -2.26 -5.00
C ARG J 176 44.52 -1.48 -4.27
N GLY J 177 45.64 -2.16 -3.98
CA GLY J 177 46.73 -1.57 -3.24
C GLY J 177 47.53 -2.63 -2.51
N PHE J 178 47.86 -2.39 -1.24
CA PHE J 178 48.50 -3.39 -0.38
C PHE J 178 47.45 -3.86 0.62
N ILE J 179 46.81 -4.99 0.30
CA ILE J 179 45.68 -5.45 1.10
C ILE J 179 46.05 -5.74 2.55
N PRO J 180 47.18 -6.40 2.86
CA PRO J 180 47.50 -6.62 4.28
C PRO J 180 47.58 -5.35 5.12
N SER J 181 47.84 -4.19 4.51
CA SER J 181 47.88 -2.95 5.26
C SER J 181 46.52 -2.54 5.79
N THR J 182 45.44 -3.06 5.19
CA THR J 182 44.09 -2.74 5.63
C THR J 182 43.60 -3.64 6.76
N LEU J 183 44.23 -4.79 6.96
CA LEU J 183 43.78 -5.73 7.98
C LEU J 183 44.01 -5.19 9.40
N ALA J 184 44.96 -4.28 9.58
CA ALA J 184 45.18 -3.68 10.89
C ALA J 184 43.98 -2.83 11.32
N PHE J 185 43.39 -2.09 10.38
CA PHE J 185 42.21 -1.28 10.70
C PHE J 185 40.95 -2.13 10.78
N ALA J 186 40.86 -3.17 9.94
CA ALA J 186 39.66 -3.99 9.88
C ALA J 186 39.43 -4.79 11.14
N LEU J 187 40.49 -5.06 11.92
CA LEU J 187 40.41 -5.88 13.11
C LEU J 187 40.62 -5.08 14.39
N ALA J 188 40.71 -3.76 14.29
CA ALA J 188 40.96 -2.94 15.48
C ALA J 188 39.81 -3.04 16.47
N ASP J 189 38.59 -2.79 16.03
CA ASP J 189 37.44 -2.91 16.92
C ASP J 189 37.19 -4.35 17.34
N THR J 190 37.58 -5.32 16.50
CA THR J 190 37.42 -6.72 16.86
C THR J 190 38.34 -7.10 18.02
N ILE J 191 39.44 -6.39 18.21
CA ILE J 191 40.38 -6.69 19.30
C ILE J 191 40.05 -5.90 20.56
N PHE J 192 39.79 -4.60 20.41
CA PHE J 192 39.67 -3.69 21.55
C PHE J 192 38.24 -3.32 21.92
N SER J 193 37.25 -3.69 21.10
CA SER J 193 35.87 -3.32 21.38
C SER J 193 34.96 -4.53 21.47
N THR J 194 34.80 -5.29 20.38
CA THR J 194 33.88 -6.41 20.38
C THR J 194 34.48 -7.65 21.04
N GLN J 195 35.79 -7.85 20.90
CA GLN J 195 36.48 -9.04 21.38
C GLN J 195 35.84 -10.32 20.83
N ASP J 196 35.32 -10.24 19.60
CA ASP J 196 34.71 -11.38 18.94
C ASP J 196 35.80 -12.15 18.20
N PHE J 197 36.48 -13.01 18.95
CA PHE J 197 37.61 -13.76 18.41
C PHE J 197 37.18 -14.75 17.34
N LEU J 198 35.93 -15.22 17.40
CA LEU J 198 35.44 -16.11 16.35
C LEU J 198 35.29 -15.37 15.03
N THR J 199 34.82 -14.12 15.08
CA THR J 199 34.81 -13.29 13.87
C THR J 199 36.23 -13.01 13.38
N LEU J 200 37.15 -12.78 14.32
CA LEU J 200 38.55 -12.65 13.95
C LEU J 200 39.07 -13.91 13.27
N PHE J 201 38.64 -15.08 13.75
CA PHE J 201 39.01 -16.33 13.10
C PHE J 201 38.39 -16.45 11.72
N TYR J 202 37.12 -16.06 11.58
CA TYR J 202 36.45 -16.14 10.29
C TYR J 202 37.11 -15.23 9.26
N THR J 203 37.52 -14.03 9.68
CA THR J 203 38.15 -13.09 8.75
C THR J 203 39.46 -13.64 8.20
N VAL J 204 40.30 -14.20 9.08
CA VAL J 204 41.55 -14.80 8.61
C VAL J 204 41.26 -16.06 7.80
N LYS J 205 40.19 -16.78 8.13
CA LYS J 205 39.86 -18.00 7.41
C LYS J 205 39.50 -17.70 5.95
N VAL J 206 38.58 -16.75 5.73
CA VAL J 206 38.13 -16.48 4.36
C VAL J 206 39.21 -15.76 3.56
N TYR J 207 40.06 -14.96 4.22
CA TYR J 207 41.13 -14.29 3.50
C TYR J 207 42.26 -15.25 3.16
N SER J 208 42.49 -16.28 3.99
CA SER J 208 43.51 -17.27 3.66
C SER J 208 43.06 -18.16 2.52
N LYS J 209 41.78 -18.56 2.52
CA LYS J 209 41.26 -19.36 1.42
C LYS J 209 41.37 -18.62 0.09
N ALA J 210 41.12 -17.32 0.12
CA ALA J 210 41.26 -16.52 -1.11
C ALA J 210 42.72 -16.40 -1.53
N LEU J 211 43.64 -16.37 -0.56
CA LEU J 211 45.06 -16.34 -0.90
C LEU J 211 45.52 -17.68 -1.44
N LEU J 212 45.05 -18.78 -0.85
CA LEU J 212 45.40 -20.10 -1.35
C LEU J 212 44.80 -20.36 -2.72
N LEU J 213 43.60 -19.83 -2.99
CA LEU J 213 43.00 -19.96 -4.31
C LEU J 213 43.82 -19.23 -5.36
N GLU J 214 44.28 -18.01 -5.04
CA GLU J 214 45.05 -17.24 -6.01
C GLU J 214 46.41 -17.88 -6.27
N ALA J 215 47.02 -18.45 -5.23
CA ALA J 215 48.30 -19.15 -5.41
C ALA J 215 48.10 -20.45 -6.19
N SER J 216 46.98 -21.14 -5.96
CA SER J 216 46.73 -22.39 -6.67
C SER J 216 46.53 -22.18 -8.16
N THR J 217 45.97 -21.04 -8.55
CA THR J 217 45.77 -20.76 -9.97
C THR J 217 47.09 -20.47 -10.68
N HIS J 218 48.02 -19.80 -9.99
CA HIS J 218 49.33 -19.55 -10.60
C HIS J 218 50.13 -20.83 -10.79
N LEU J 219 49.93 -21.82 -9.93
CA LEU J 219 50.67 -23.07 -10.08
C LEU J 219 50.22 -23.85 -11.31
N SER J 220 48.92 -23.87 -11.58
CA SER J 220 48.40 -24.55 -12.76
C SER J 220 48.74 -23.82 -14.05
N GLN J 221 49.13 -22.54 -13.97
CA GLN J 221 49.48 -21.77 -15.14
C GLN J 221 50.99 -21.65 -15.29
N LEU K 7 62.02 -29.31 28.56
CA LEU K 7 60.58 -29.18 28.82
C LEU K 7 60.33 -27.96 29.73
N TRP K 8 61.36 -27.13 29.89
CA TRP K 8 61.20 -25.96 30.74
C TRP K 8 60.42 -24.86 30.05
N LEU K 9 60.66 -24.66 28.75
CA LEU K 9 59.91 -23.64 28.02
C LEU K 9 58.43 -24.00 27.90
N GLY K 10 58.12 -25.30 27.87
CA GLY K 10 56.77 -25.79 27.87
C GLY K 10 56.11 -25.88 29.22
N LEU K 11 56.83 -25.56 30.30
CA LEU K 11 56.27 -25.67 31.64
C LEU K 11 55.08 -24.73 31.84
N ARG K 12 55.23 -23.48 31.40
CA ARG K 12 54.11 -22.55 31.50
C ARG K 12 52.96 -22.94 30.58
N ALA K 13 53.29 -23.48 29.40
CA ALA K 13 52.26 -23.85 28.44
C ALA K 13 51.47 -25.07 28.89
N VAL K 14 52.12 -26.04 29.54
CA VAL K 14 51.41 -27.21 30.02
C VAL K 14 50.50 -26.84 31.19
N LEU K 15 50.98 -25.98 32.09
CA LEU K 15 50.16 -25.57 33.22
C LEU K 15 48.92 -24.79 32.77
N VAL K 16 49.04 -24.03 31.67
CA VAL K 16 47.88 -23.29 31.17
C VAL K 16 46.89 -24.24 30.50
N VAL K 17 47.39 -25.20 29.72
CA VAL K 17 46.49 -26.16 29.09
C VAL K 17 45.83 -27.04 30.15
N ALA K 18 46.60 -27.50 31.12
CA ALA K 18 46.01 -28.28 32.22
C ALA K 18 45.12 -27.41 33.09
N GLY K 19 45.50 -26.14 33.29
CA GLY K 19 44.68 -25.26 34.10
C GLY K 19 43.33 -24.95 33.47
N LEU K 20 43.33 -24.73 32.15
CA LEU K 20 42.07 -24.45 31.46
C LEU K 20 41.19 -25.68 31.41
N ALA K 21 41.78 -26.87 31.19
CA ALA K 21 40.99 -28.09 31.10
C ALA K 21 40.39 -28.46 32.45
N VAL K 22 41.13 -28.26 33.54
CA VAL K 22 40.61 -28.57 34.87
C VAL K 22 39.52 -27.57 35.25
N LEU K 23 39.75 -26.29 34.98
CA LEU K 23 38.77 -25.27 35.33
C LEU K 23 37.52 -25.36 34.46
N LEU K 24 37.68 -25.79 33.21
CA LEU K 24 36.51 -25.92 32.32
C LEU K 24 35.59 -27.03 32.79
N GLN K 25 36.15 -28.15 33.25
CA GLN K 25 35.32 -29.24 33.75
C GLN K 25 34.72 -28.91 35.11
N LEU K 26 35.41 -28.11 35.91
CA LEU K 26 34.88 -27.74 37.22
C LEU K 26 33.72 -26.76 37.08
N ILE K 27 33.84 -25.79 36.18
CA ILE K 27 32.78 -24.79 36.01
C ILE K 27 31.58 -25.40 35.30
N ARG K 28 31.83 -26.12 34.20
CA ARG K 28 30.73 -26.74 33.47
C ARG K 28 30.05 -27.83 34.29
N GLY K 29 30.83 -28.60 35.05
CA GLY K 29 30.23 -29.55 35.97
C GLY K 29 29.47 -28.89 37.09
N TRP K 30 29.88 -27.68 37.49
CA TRP K 30 29.15 -26.94 38.50
C TRP K 30 27.80 -26.47 37.98
N LEU K 31 27.76 -25.98 36.73
CA LEU K 31 26.51 -25.50 36.16
C LEU K 31 25.50 -26.62 35.99
N SER K 32 25.96 -27.86 35.79
CA SER K 32 25.07 -28.99 35.60
C SER K 32 24.56 -29.56 36.91
N SER K 33 25.11 -29.14 38.05
CA SER K 33 24.69 -29.66 39.34
C SER K 33 24.27 -28.55 40.30
N LYS K 34 24.16 -27.31 39.84
CA LYS K 34 23.80 -26.18 40.68
C LYS K 34 22.32 -25.88 40.60
N SER K 35 21.71 -25.61 41.76
CA SER K 35 20.34 -25.14 41.81
C SER K 35 20.31 -23.64 41.53
N TYR K 36 19.45 -23.23 40.61
CA TYR K 36 19.41 -21.84 40.19
C TYR K 36 18.28 -21.10 40.92
N VAL K 37 18.50 -19.81 41.14
CA VAL K 37 17.54 -19.00 41.91
C VAL K 37 16.37 -18.58 41.04
N PHE K 38 16.65 -17.93 39.92
CA PHE K 38 15.63 -17.40 39.04
C PHE K 38 15.44 -18.34 37.84
N ASN K 39 14.51 -17.98 36.97
CA ASN K 39 14.24 -18.76 35.78
C ASN K 39 14.04 -17.82 34.60
N ARG K 40 14.39 -18.32 33.41
CA ARG K 40 14.30 -17.49 32.21
C ARG K 40 12.86 -17.12 31.89
N GLU K 41 11.92 -18.04 32.10
CA GLU K 41 10.51 -17.73 31.89
C GLU K 41 9.95 -16.85 33.01
N GLU K 42 10.43 -17.03 34.24
CA GLU K 42 9.90 -16.27 35.36
C GLU K 42 10.19 -14.78 35.22
N ILE K 43 11.42 -14.43 34.84
CA ILE K 43 11.78 -13.03 34.69
C ILE K 43 11.06 -12.42 33.49
N ALA K 44 10.92 -13.19 32.41
CA ALA K 44 10.25 -12.67 31.21
C ALA K 44 8.76 -12.49 31.46
N ARG K 45 8.13 -13.44 32.17
CA ARG K 45 6.71 -13.33 32.48
C ARG K 45 6.42 -12.13 33.37
N LEU K 46 7.26 -11.91 34.38
CA LEU K 46 7.04 -10.79 35.29
C LEU K 46 7.17 -9.45 34.56
N ALA K 47 8.12 -9.36 33.62
CA ALA K 47 8.32 -8.12 32.89
C ALA K 47 7.20 -7.86 31.88
N LYS K 48 6.66 -8.92 31.27
CA LYS K 48 5.61 -8.73 30.28
C LYS K 48 4.30 -8.26 30.90
N GLU K 49 4.07 -8.56 32.18
CA GLU K 49 2.85 -8.11 32.83
C GLU K 49 2.84 -6.59 33.01
N HIS K 50 4.01 -5.97 33.15
CA HIS K 50 4.08 -4.53 33.39
C HIS K 50 4.68 -3.77 32.22
N SER K 51 4.75 -4.40 31.03
CA SER K 51 5.29 -3.70 29.87
C SER K 51 4.21 -2.87 29.18
N GLY K 52 3.29 -2.32 29.97
CA GLY K 52 2.25 -1.45 29.45
C GLY K 52 2.29 -0.08 30.09
N LEU K 53 2.75 -0.04 31.33
CA LEU K 53 2.82 1.18 32.11
C LEU K 53 4.06 1.98 31.72
N ASP K 54 4.31 3.05 32.46
CA ASP K 54 5.56 3.80 32.32
C ASP K 54 6.72 2.95 32.80
N TYR K 55 7.82 2.97 32.04
CA TYR K 55 8.93 2.08 32.37
C TYR K 55 9.51 2.38 33.74
N GLU K 56 9.39 3.63 34.20
CA GLU K 56 9.79 3.95 35.56
C GLU K 56 8.84 3.32 36.58
N VAL K 57 7.54 3.36 36.30
CA VAL K 57 6.58 2.69 37.16
C VAL K 57 6.73 1.17 37.05
N ALA K 58 7.05 0.68 35.85
CA ALA K 58 7.26 -0.75 35.67
C ALA K 58 8.48 -1.23 36.44
N PHE K 59 9.53 -0.40 36.53
CA PHE K 59 10.72 -0.77 37.29
C PHE K 59 10.38 -0.97 38.76
N SER K 60 9.52 -0.12 39.32
CA SER K 60 9.21 -0.20 40.75
C SER K 60 8.43 -1.46 41.07
N LYS K 61 7.41 -1.78 40.27
CA LYS K 61 6.58 -2.95 40.55
C LYS K 61 7.35 -4.25 40.35
N ILE K 62 8.32 -4.27 39.44
CA ILE K 62 9.09 -5.48 39.21
C ILE K 62 10.05 -5.74 40.36
N ILE K 63 10.68 -4.69 40.89
CA ILE K 63 11.61 -4.86 42.01
C ILE K 63 10.87 -5.34 43.25
N VAL K 64 9.64 -4.88 43.45
CA VAL K 64 8.87 -5.31 44.61
C VAL K 64 8.53 -6.79 44.51
N GLU K 65 8.10 -7.24 43.33
CA GLU K 65 7.76 -8.65 43.15
C GLU K 65 8.98 -9.56 43.30
N LEU K 66 10.16 -9.10 42.88
CA LEU K 66 11.36 -9.91 43.03
C LEU K 66 11.77 -10.06 44.48
N ARG K 67 11.65 -8.97 45.27
CA ARG K 67 11.99 -9.06 46.68
C ARG K 67 10.96 -9.83 47.48
N LYS K 68 9.74 -9.98 46.96
CA LYS K 68 8.73 -10.77 47.65
C LYS K 68 8.93 -12.27 47.44
N LYS K 69 9.06 -12.69 46.18
CA LYS K 69 9.21 -14.11 45.88
C LYS K 69 10.62 -14.63 46.11
N HIS K 70 11.62 -13.75 46.15
CA HIS K 70 13.01 -14.14 46.38
C HIS K 70 13.63 -13.18 47.38
N PRO K 71 13.31 -13.33 48.66
CA PRO K 71 13.89 -12.43 49.66
C PRO K 71 15.35 -12.74 49.92
N GLY K 72 16.12 -11.70 50.20
CA GLY K 72 17.54 -11.85 50.47
C GLY K 72 18.41 -12.03 49.25
N HIS K 73 17.86 -11.91 48.04
CA HIS K 73 18.63 -12.08 46.82
C HIS K 73 18.65 -10.83 45.94
N ILE K 74 17.93 -9.77 46.30
CA ILE K 74 17.89 -8.53 45.54
C ILE K 74 18.52 -7.44 46.40
N LEU K 75 19.40 -6.64 45.77
CA LEU K 75 20.07 -5.56 46.48
C LEU K 75 19.06 -4.56 47.04
N GLN K 76 19.42 -3.92 48.14
CA GLN K 76 18.59 -2.88 48.73
C GLN K 76 18.70 -1.60 47.91
N ASP K 77 17.70 -0.72 48.09
CA ASP K 77 17.69 0.54 47.35
C ASP K 77 18.91 1.40 47.62
N GLU K 78 19.57 1.22 48.77
CA GLU K 78 20.79 1.97 49.05
C GLU K 78 21.92 1.56 48.13
N ASP K 79 21.93 0.30 47.67
CA ASP K 79 22.98 -0.22 46.82
C ASP K 79 22.62 -0.21 45.34
N LEU K 80 21.61 0.58 44.97
CA LEU K 80 21.17 0.69 43.58
C LEU K 80 21.58 2.04 43.03
N GLN K 81 22.15 2.03 41.82
CA GLN K 81 22.53 3.25 41.13
C GLN K 81 22.68 2.93 39.66
N TRP K 82 22.33 3.91 38.82
CA TRP K 82 22.45 3.74 37.38
C TRP K 82 23.92 3.90 36.98
N VAL K 83 24.48 2.83 36.41
CA VAL K 83 25.87 2.80 35.99
C VAL K 83 25.90 2.71 34.47
N PHE K 84 26.67 3.60 33.85
CA PHE K 84 26.83 3.57 32.40
C PHE K 84 27.46 2.26 31.95
N VAL K 85 27.09 1.82 30.76
CA VAL K 85 27.61 0.59 30.17
C VAL K 85 28.04 0.90 28.74
N ASN K 86 29.33 0.77 28.46
CA ASN K 86 29.88 0.96 27.13
C ASN K 86 30.51 -0.34 26.67
N ALA K 87 29.97 -0.93 25.61
CA ALA K 87 30.46 -2.21 25.12
C ALA K 87 30.02 -2.40 23.68
N GLY K 88 30.89 -3.00 22.87
CA GLY K 88 30.57 -3.34 21.50
C GLY K 88 30.28 -2.16 20.59
N GLY K 89 30.49 -0.94 21.07
CA GLY K 89 30.24 0.25 20.30
C GLY K 89 28.96 0.99 20.65
N TRP K 90 28.15 0.46 21.56
CA TRP K 90 26.94 1.11 22.02
C TRP K 90 27.11 1.58 23.45
N MET K 91 26.19 2.44 23.88
CA MET K 91 26.24 3.03 25.21
C MET K 91 24.86 3.00 25.85
N GLY K 92 24.78 2.50 27.07
CA GLY K 92 23.55 2.49 27.84
C GLY K 92 23.79 2.63 29.32
N SER K 93 22.81 2.24 30.14
CA SER K 93 22.97 2.26 31.59
C SER K 93 22.21 1.07 32.18
N MET K 94 22.73 0.56 33.29
CA MET K 94 22.16 -0.60 33.96
C MET K 94 21.86 -0.28 35.41
N CYS K 95 20.93 -1.07 35.97
CA CYS K 95 20.59 -1.02 37.39
C CYS K 95 20.64 -2.45 37.91
N LEU K 96 21.83 -2.86 38.38
CA LEU K 96 22.05 -4.24 38.80
C LEU K 96 21.22 -4.55 40.03
N LEU K 97 20.24 -5.45 39.89
CA LEU K 97 19.38 -5.87 40.99
C LEU K 97 19.91 -7.11 41.69
N HIS K 98 20.30 -8.12 40.92
CA HIS K 98 20.84 -9.36 41.43
C HIS K 98 21.98 -9.80 40.53
N ALA K 99 23.00 -10.42 41.15
CA ALA K 99 24.12 -10.95 40.39
C ALA K 99 24.88 -11.95 41.25
N SER K 100 25.24 -13.07 40.64
CA SER K 100 26.07 -14.08 41.29
C SER K 100 27.17 -14.47 40.29
N LEU K 101 27.81 -15.61 40.53
CA LEU K 101 28.77 -16.13 39.57
C LEU K 101 28.11 -16.85 38.40
N THR K 102 26.81 -17.15 38.50
CA THR K 102 26.11 -17.90 37.46
C THR K 102 24.86 -17.20 36.95
N GLU K 103 24.26 -16.29 37.70
CA GLU K 103 23.05 -15.60 37.29
C GLU K 103 23.18 -14.11 37.56
N TYR K 104 22.35 -13.32 36.88
CA TYR K 104 22.25 -11.90 37.19
C TYR K 104 20.93 -11.37 36.65
N VAL K 105 20.34 -10.43 37.38
CA VAL K 105 19.12 -9.75 36.99
C VAL K 105 19.33 -8.24 37.14
N LEU K 106 19.08 -7.50 36.07
CA LEU K 106 19.27 -6.06 36.09
C LEU K 106 18.27 -5.39 35.17
N LEU K 107 18.20 -4.07 35.27
CA LEU K 107 17.35 -3.25 34.42
C LEU K 107 18.23 -2.43 33.51
N PHE K 108 18.19 -2.74 32.21
CA PHE K 108 19.05 -2.10 31.22
C PHE K 108 18.21 -1.28 30.26
N GLY K 109 18.82 -0.23 29.72
CA GLY K 109 18.16 0.61 28.74
C GLY K 109 19.02 1.79 28.39
N THR K 110 18.50 2.60 27.46
CA THR K 110 19.23 3.76 26.98
C THR K 110 18.26 4.90 26.70
N ALA K 111 18.78 6.13 26.86
CA ALA K 111 18.04 7.34 26.54
C ALA K 111 18.55 7.99 25.27
N VAL K 112 19.47 7.34 24.55
CA VAL K 112 20.00 7.84 23.29
C VAL K 112 19.96 6.72 22.27
N ASP K 113 20.26 7.06 21.02
CA ASP K 113 20.27 6.11 19.92
C ASP K 113 21.67 5.52 19.78
N THR K 114 21.83 4.27 20.18
CA THR K 114 23.09 3.56 20.09
C THR K 114 22.89 2.20 19.44
N GLY K 115 24.00 1.54 19.18
CA GLY K 115 23.97 0.21 18.60
C GLY K 115 25.38 -0.28 18.35
N GLY K 116 25.51 -1.60 18.26
CA GLY K 116 26.81 -2.18 18.01
C GLY K 116 26.79 -3.69 18.16
N HIS K 117 27.94 -4.23 18.57
CA HIS K 117 28.11 -5.67 18.73
C HIS K 117 27.51 -6.13 20.06
N SER K 118 26.73 -7.20 20.03
CA SER K 118 26.13 -7.73 21.24
C SER K 118 27.15 -8.42 22.14
N GLY K 119 28.26 -8.91 21.58
CA GLY K 119 29.24 -9.65 22.34
C GLY K 119 29.02 -11.14 22.31
N ARG K 120 30.10 -11.91 22.24
CA ARG K 120 30.04 -13.37 22.23
C ARG K 120 30.69 -13.86 23.52
N TYR K 121 29.90 -14.49 24.39
CA TYR K 121 30.37 -14.89 25.70
C TYR K 121 29.66 -16.17 26.12
N TRP K 122 29.97 -16.64 27.33
CA TRP K 122 29.43 -17.90 27.85
C TRP K 122 28.27 -17.60 28.81
N ALA K 123 27.15 -17.19 28.21
CA ALA K 123 25.96 -16.88 28.99
C ALA K 123 24.77 -16.77 28.05
N GLU K 124 23.65 -17.36 28.48
CA GLU K 124 22.38 -17.21 27.77
C GLU K 124 21.63 -16.03 28.38
N ILE K 125 21.24 -15.08 27.53
CA ILE K 125 20.68 -13.81 27.98
C ILE K 125 19.32 -13.61 27.35
N SER K 126 18.34 -13.21 28.16
CA SER K 126 17.00 -12.89 27.69
C SER K 126 16.64 -11.48 28.13
N ASP K 127 16.16 -10.68 27.17
CA ASP K 127 15.75 -9.30 27.43
C ASP K 127 14.28 -9.15 27.05
N THR K 128 13.48 -8.63 27.97
CA THR K 128 12.07 -8.35 27.72
C THR K 128 11.90 -6.83 27.65
N ILE K 129 11.49 -6.34 26.48
CA ILE K 129 11.43 -4.91 26.24
C ILE K 129 10.22 -4.32 26.97
N LEU K 130 10.45 -3.27 27.75
CA LEU K 130 9.38 -2.54 28.39
C LEU K 130 8.93 -1.32 27.60
N SER K 131 9.87 -0.68 26.88
CA SER K 131 9.54 0.49 26.07
C SER K 131 10.59 0.61 24.97
N GLY K 132 10.28 1.43 23.97
CA GLY K 132 11.20 1.65 22.88
C GLY K 132 11.14 0.54 21.83
N THR K 133 12.23 0.44 21.06
CA THR K 133 12.35 -0.57 20.02
C THR K 133 13.72 -1.23 20.12
N PHE K 134 13.80 -2.46 19.61
CA PHE K 134 15.01 -3.28 19.70
C PHE K 134 15.19 -3.97 18.36
N ARG K 135 16.20 -3.55 17.61
CA ARG K 135 16.53 -4.19 16.33
C ARG K 135 17.67 -5.18 16.54
N GLN K 136 17.46 -6.42 16.12
CA GLN K 136 18.45 -7.49 16.26
C GLN K 136 18.81 -8.00 14.87
N TRP K 137 20.11 -8.16 14.63
CA TRP K 137 20.64 -8.66 13.36
C TRP K 137 21.50 -9.88 13.66
N LYS K 138 20.95 -11.07 13.40
CA LYS K 138 21.69 -12.30 13.67
C LYS K 138 22.81 -12.49 12.65
N GLU K 139 23.82 -13.25 13.06
CA GLU K 139 24.99 -13.47 12.23
C GLU K 139 24.67 -14.37 11.04
N GLY K 140 25.29 -14.06 9.90
CA GLY K 140 25.13 -14.84 8.70
C GLY K 140 23.92 -14.51 7.85
N THR K 141 23.11 -13.54 8.26
CA THR K 141 21.93 -13.12 7.53
C THR K 141 22.15 -11.75 6.92
N THR K 142 21.19 -11.32 6.10
CA THR K 142 21.22 -10.01 5.47
C THR K 142 20.02 -9.16 5.86
N LYS K 143 19.18 -9.65 6.78
CA LYS K 143 18.00 -8.93 7.22
C LYS K 143 17.94 -8.93 8.74
N SER K 144 17.37 -7.87 9.29
CA SER K 144 17.24 -7.71 10.74
C SER K 144 15.77 -7.65 11.11
N GLU K 145 15.49 -7.90 12.39
CA GLU K 145 14.13 -7.86 12.92
C GLU K 145 14.07 -6.81 14.02
N ILE K 146 12.92 -6.14 14.11
CA ILE K 146 12.69 -5.10 15.13
C ILE K 146 11.69 -5.64 16.14
N PHE K 147 12.01 -5.51 17.42
CA PHE K 147 11.17 -6.00 18.50
C PHE K 147 10.59 -4.85 19.29
N TYR K 148 9.37 -5.04 19.77
CA TYR K 148 8.58 -4.00 20.40
C TYR K 148 8.25 -4.39 21.84
N PRO K 149 7.71 -3.48 22.65
CA PRO K 149 7.37 -3.84 24.04
C PRO K 149 6.48 -5.07 24.11
N GLY K 150 6.84 -5.99 25.01
CA GLY K 150 6.17 -7.27 25.15
C GLY K 150 6.97 -8.44 24.61
N ASP K 151 7.80 -8.19 23.60
CA ASP K 151 8.63 -9.25 23.03
C ASP K 151 9.80 -9.58 23.96
N THR K 152 10.34 -10.79 23.79
CA THR K 152 11.48 -11.25 24.56
C THR K 152 12.52 -11.81 23.60
N ILE K 153 13.72 -11.23 23.64
CA ILE K 153 14.83 -11.66 22.80
C ILE K 153 15.73 -12.57 23.62
N VAL K 154 16.04 -13.75 23.07
CA VAL K 154 16.88 -14.73 23.74
C VAL K 154 18.23 -14.74 23.03
N HIS K 155 19.27 -14.26 23.71
CA HIS K 155 20.63 -14.26 23.17
C HIS K 155 21.36 -15.47 23.77
N GLU K 156 21.44 -16.55 22.99
CA GLU K 156 21.97 -17.80 23.47
C GLU K 156 23.49 -17.77 23.58
N VAL K 157 24.04 -18.81 24.20
CA VAL K 157 25.48 -18.90 24.44
C VAL K 157 26.21 -19.11 23.11
N GLY K 158 27.30 -18.37 22.93
CA GLY K 158 28.08 -18.44 21.71
C GLY K 158 27.50 -17.71 20.53
N GLU K 159 26.30 -17.15 20.66
CA GLU K 159 25.67 -16.40 19.59
C GLU K 159 26.19 -14.97 19.58
N ALA K 160 26.40 -14.43 18.38
CA ALA K 160 26.83 -13.04 18.22
C ALA K 160 25.89 -12.36 17.24
N THR K 161 25.26 -11.27 17.69
CA THR K 161 24.32 -10.52 16.88
C THR K 161 24.69 -9.05 16.94
N SER K 162 24.02 -8.26 16.10
CA SER K 162 24.14 -6.80 16.11
C SER K 162 22.87 -6.22 16.71
N VAL K 163 23.03 -5.36 17.72
CA VAL K 163 21.91 -4.77 18.42
C VAL K 163 21.81 -3.28 18.09
N GLN K 164 20.61 -2.75 18.24
CA GLN K 164 20.34 -1.34 18.01
C GLN K 164 19.10 -0.94 18.80
N TRP K 165 19.17 0.20 19.47
CA TRP K 165 18.10 0.67 20.34
C TRP K 165 17.72 2.10 20.00
N SER K 166 16.45 2.43 20.27
CA SER K 166 15.95 3.78 20.06
C SER K 166 16.21 4.63 21.31
N SER K 167 15.85 5.91 21.22
CA SER K 167 16.14 6.89 22.27
C SER K 167 15.24 6.76 23.50
N GLY K 168 14.56 5.64 23.69
CA GLY K 168 13.70 5.47 24.84
C GLY K 168 13.45 4.02 25.17
N THR K 169 14.40 3.17 24.82
CA THR K 169 14.27 1.73 25.01
C THR K 169 14.73 1.34 26.40
N TRP K 170 13.88 0.62 27.13
CA TRP K 170 14.22 0.12 28.46
C TRP K 170 13.67 -1.30 28.58
N MET K 171 14.41 -2.16 29.29
CA MET K 171 14.12 -3.57 29.29
C MET K 171 14.58 -4.20 30.60
N VAL K 172 14.10 -5.41 30.84
CA VAL K 172 14.53 -6.24 31.96
C VAL K 172 15.37 -7.38 31.39
N GLU K 173 16.57 -7.57 31.92
CA GLU K 173 17.54 -8.50 31.35
C GLU K 173 17.85 -9.59 32.38
N TYR K 174 17.90 -10.84 31.93
CA TYR K 174 18.27 -11.97 32.77
C TYR K 174 19.28 -12.83 32.02
N GLY K 175 20.39 -13.15 32.68
CA GLY K 175 21.42 -13.97 32.08
C GLY K 175 21.83 -15.11 33.00
N ARG K 176 22.17 -16.23 32.38
CA ARG K 176 22.59 -17.41 33.12
C ARG K 176 23.73 -18.09 32.36
N GLY K 177 24.76 -18.49 33.11
CA GLY K 177 25.93 -19.11 32.53
C GLY K 177 27.15 -18.87 33.40
N PHE K 178 28.27 -18.48 32.79
CA PHE K 178 29.47 -18.08 33.53
C PHE K 178 29.59 -16.56 33.38
N ILE K 179 29.09 -15.84 34.39
CA ILE K 179 29.02 -14.38 34.29
C ILE K 179 30.41 -13.74 34.14
N PRO K 180 31.46 -14.18 34.86
CA PRO K 180 32.78 -13.56 34.64
C PRO K 180 33.26 -13.59 33.20
N SER K 181 32.76 -14.50 32.37
CA SER K 181 33.17 -14.54 30.97
C SER K 181 32.66 -13.34 30.19
N THR K 182 31.62 -12.67 30.67
CA THR K 182 31.07 -11.51 30.00
C THR K 182 31.75 -10.21 30.42
N LEU K 183 32.45 -10.20 31.55
CA LEU K 183 33.06 -8.98 32.05
C LEU K 183 34.21 -8.49 31.17
N ALA K 184 34.84 -9.38 30.41
CA ALA K 184 35.89 -8.95 29.49
C ALA K 184 35.33 -8.07 28.38
N PHE K 185 34.15 -8.44 27.87
CA PHE K 185 33.50 -7.66 26.82
C PHE K 185 32.81 -6.42 27.37
N ALA K 186 32.24 -6.51 28.58
CA ALA K 186 31.49 -5.41 29.15
C ALA K 186 32.35 -4.21 29.47
N LEU K 187 33.66 -4.41 29.66
CA LEU K 187 34.57 -3.33 30.04
C LEU K 187 35.55 -2.97 28.92
N ALA K 188 35.39 -3.54 27.73
CA ALA K 188 36.33 -3.28 26.65
C ALA K 188 36.29 -1.81 26.22
N ASP K 189 35.09 -1.30 25.91
CA ASP K 189 34.97 0.11 25.52
C ASP K 189 35.28 1.03 26.68
N THR K 190 35.04 0.58 27.92
CA THR K 190 35.36 1.40 29.08
C THR K 190 36.86 1.57 29.27
N ILE K 191 37.66 0.64 28.76
CA ILE K 191 39.12 0.71 28.90
C ILE K 191 39.76 1.39 27.70
N PHE K 192 39.35 1.03 26.48
CA PHE K 192 40.05 1.45 25.28
C PHE K 192 39.36 2.58 24.53
N SER K 193 38.15 2.96 24.90
CA SER K 193 37.41 4.00 24.19
C SER K 193 37.00 5.14 25.10
N THR K 194 36.15 4.88 26.11
CA THR K 194 35.67 5.95 26.97
C THR K 194 36.69 6.31 28.05
N GLN K 195 37.42 5.31 28.56
CA GLN K 195 38.38 5.50 29.66
C GLN K 195 37.72 6.12 30.89
N ASP K 196 36.45 5.82 31.11
CA ASP K 196 35.72 6.32 32.28
C ASP K 196 35.92 5.32 33.42
N PHE K 197 37.07 5.46 34.09
CA PHE K 197 37.42 4.53 35.16
C PHE K 197 36.53 4.69 36.39
N LEU K 198 35.92 5.86 36.58
CA LEU K 198 34.98 6.01 37.69
C LEU K 198 33.74 5.16 37.48
N THR K 199 33.23 5.11 36.25
CA THR K 199 32.14 4.19 35.93
C THR K 199 32.60 2.74 36.05
N LEU K 200 33.84 2.46 35.65
CA LEU K 200 34.42 1.13 35.84
C LEU K 200 34.42 0.74 37.32
N PHE K 201 34.67 1.71 38.20
CA PHE K 201 34.59 1.44 39.63
C PHE K 201 33.17 1.13 40.05
N TYR K 202 32.19 1.86 39.48
CA TYR K 202 30.79 1.64 39.82
C TYR K 202 30.34 0.24 39.42
N THR K 203 30.77 -0.23 38.25
CA THR K 203 30.38 -1.55 37.78
C THR K 203 30.89 -2.64 38.73
N VAL K 204 32.16 -2.55 39.13
CA VAL K 204 32.73 -3.50 40.08
C VAL K 204 32.08 -3.32 41.45
N LYS K 205 31.71 -2.09 41.81
CA LYS K 205 31.09 -1.84 43.09
C LYS K 205 29.76 -2.56 43.22
N VAL K 206 28.87 -2.38 42.23
CA VAL K 206 27.55 -2.97 42.32
C VAL K 206 27.61 -4.49 42.11
N TYR K 207 28.60 -4.96 41.33
CA TYR K 207 28.76 -6.40 41.15
C TYR K 207 29.36 -7.06 42.37
N SER K 208 30.20 -6.34 43.11
CA SER K 208 30.75 -6.89 44.36
C SER K 208 29.68 -6.93 45.44
N LYS K 209 28.85 -5.89 45.54
CA LYS K 209 27.77 -5.89 46.52
C LYS K 209 26.80 -7.03 46.28
N ALA K 210 26.51 -7.32 45.02
CA ALA K 210 25.60 -8.43 44.70
C ALA K 210 26.24 -9.77 45.01
N LEU K 211 27.55 -9.90 44.85
CA LEU K 211 28.22 -11.15 45.21
C LEU K 211 28.29 -11.33 46.72
N LEU K 212 28.59 -10.26 47.46
CA LEU K 212 28.66 -10.36 48.91
C LEU K 212 27.28 -10.59 49.51
N LEU K 213 26.23 -9.98 48.92
CA LEU K 213 24.89 -10.23 49.40
C LEU K 213 24.48 -11.68 49.18
N GLU K 214 24.81 -12.24 48.02
CA GLU K 214 24.48 -13.63 47.74
C GLU K 214 25.26 -14.58 48.65
N ALA K 215 26.50 -14.22 48.96
CA ALA K 215 27.28 -15.03 49.90
C ALA K 215 26.70 -14.93 51.31
N SER K 216 26.17 -13.75 51.67
CA SER K 216 25.57 -13.58 52.99
C SER K 216 24.33 -14.44 53.16
N THR K 217 23.60 -14.69 52.07
CA THR K 217 22.41 -15.53 52.16
C THR K 217 22.78 -16.99 52.39
N HIS K 218 23.88 -17.45 51.79
CA HIS K 218 24.32 -18.83 52.01
C HIS K 218 24.80 -19.06 53.43
N LEU K 219 25.32 -18.03 54.10
CA LEU K 219 25.81 -18.20 55.46
C LEU K 219 24.66 -18.44 56.43
N SER K 220 23.55 -17.71 56.27
CA SER K 220 22.39 -17.91 57.15
C SER K 220 21.66 -19.21 56.86
N GLN K 221 21.89 -19.82 55.69
CA GLN K 221 21.23 -21.06 55.33
C GLN K 221 22.17 -22.25 55.49
N LEU L 7 62.88 -2.53 51.54
CA LEU L 7 61.84 -1.57 51.19
C LEU L 7 62.21 -0.86 49.88
N TRP L 8 63.16 -1.47 49.16
CA TRP L 8 63.61 -0.90 47.90
C TRP L 8 62.58 -1.08 46.79
N LEU L 9 61.89 -2.22 46.78
CA LEU L 9 60.90 -2.45 45.73
C LEU L 9 59.72 -1.49 45.83
N GLY L 10 59.41 -1.02 47.04
CA GLY L 10 58.37 -0.03 47.23
C GLY L 10 58.78 1.40 46.94
N LEU L 11 60.04 1.65 46.61
CA LEU L 11 60.50 3.00 46.35
C LEU L 11 59.81 3.59 45.11
N ARG L 12 59.61 2.78 44.07
CA ARG L 12 58.93 3.26 42.88
C ARG L 12 57.48 3.65 43.20
N ALA L 13 56.83 2.89 44.08
CA ALA L 13 55.45 3.20 44.44
C ALA L 13 55.38 4.46 45.30
N VAL L 14 56.37 4.68 46.15
CA VAL L 14 56.40 5.89 46.97
C VAL L 14 56.73 7.10 46.11
N LEU L 15 57.63 6.94 45.15
CA LEU L 15 58.03 8.07 44.30
C LEU L 15 56.87 8.58 43.45
N VAL L 16 55.99 7.70 43.00
CA VAL L 16 54.85 8.15 42.19
C VAL L 16 53.79 8.79 43.07
N VAL L 17 53.57 8.25 44.27
CA VAL L 17 52.59 8.85 45.18
C VAL L 17 53.03 10.26 45.56
N ALA L 18 54.32 10.45 45.84
CA ALA L 18 54.82 11.78 46.12
C ALA L 18 54.77 12.65 44.86
N GLY L 19 55.04 12.06 43.70
CA GLY L 19 54.99 12.84 42.47
C GLY L 19 53.58 13.28 42.09
N LEU L 20 52.59 12.39 42.26
CA LEU L 20 51.22 12.76 41.94
C LEU L 20 50.66 13.76 42.94
N ALA L 21 51.00 13.60 44.22
CA ALA L 21 50.48 14.51 45.23
C ALA L 21 51.08 15.90 45.10
N VAL L 22 52.37 15.98 44.76
CA VAL L 22 53.00 17.28 44.57
C VAL L 22 52.48 17.95 43.30
N LEU L 23 52.33 17.19 42.22
CA LEU L 23 51.85 17.76 40.97
C LEU L 23 50.38 18.14 41.06
N LEU L 24 49.58 17.38 41.81
CA LEU L 24 48.17 17.72 41.96
C LEU L 24 48.00 19.03 42.72
N GLN L 25 48.85 19.28 43.71
CA GLN L 25 48.80 20.53 44.45
C GLN L 25 49.50 21.67 43.73
N LEU L 26 50.43 21.36 42.82
CA LEU L 26 51.10 22.40 42.05
C LEU L 26 50.26 22.84 40.85
N ILE L 27 49.47 21.93 40.28
CA ILE L 27 48.62 22.28 39.15
C ILE L 27 47.33 22.94 39.61
N ARG L 28 46.67 22.35 40.61
CA ARG L 28 45.43 22.93 41.12
C ARG L 28 45.66 24.27 41.80
N GLY L 29 46.82 24.45 42.44
CA GLY L 29 47.17 25.76 42.96
C GLY L 29 47.50 26.75 41.86
N TRP L 30 48.00 26.27 40.72
CA TRP L 30 48.26 27.15 39.59
C TRP L 30 46.95 27.64 38.97
N LEU L 31 45.96 26.75 38.87
CA LEU L 31 44.68 27.14 38.28
C LEU L 31 43.96 28.18 39.13
N SER L 32 44.21 28.17 40.44
CA SER L 32 43.56 29.10 41.35
C SER L 32 44.22 30.47 41.40
N SER L 33 45.41 30.63 40.81
CA SER L 33 46.12 31.90 40.84
C SER L 33 46.50 32.40 39.45
N LYS L 34 45.99 31.79 38.39
CA LYS L 34 46.34 32.16 37.03
C LYS L 34 45.29 33.10 36.45
N SER L 35 45.75 34.14 35.77
CA SER L 35 44.86 35.03 35.03
C SER L 35 44.49 34.40 33.70
N TYR L 36 43.19 34.33 33.41
CA TYR L 36 42.71 33.65 32.22
C TYR L 36 42.42 34.64 31.10
N VAL L 37 42.59 34.17 29.86
CA VAL L 37 42.38 35.03 28.69
C VAL L 37 40.90 35.16 28.38
N PHE L 38 40.22 34.04 28.18
CA PHE L 38 38.82 34.02 27.80
C PHE L 38 37.95 33.71 29.03
N ASN L 39 36.64 33.73 28.82
CA ASN L 39 35.68 33.43 29.88
C ASN L 39 34.55 32.59 29.29
N ARG L 40 33.94 31.77 30.15
CA ARG L 40 32.86 30.90 29.68
C ARG L 40 31.66 31.71 29.21
N GLU L 41 31.36 32.82 29.89
CA GLU L 41 30.29 33.69 29.44
C GLU L 41 30.72 34.49 28.22
N GLU L 42 32.00 34.82 28.11
CA GLU L 42 32.50 35.60 26.98
C GLU L 42 32.34 34.84 25.67
N ILE L 43 32.75 33.57 25.65
CA ILE L 43 32.64 32.78 24.43
C ILE L 43 31.17 32.43 24.16
N ALA L 44 30.40 32.15 25.20
CA ALA L 44 29.00 31.79 25.01
C ALA L 44 28.20 32.97 24.48
N ARG L 45 28.47 34.17 24.98
CA ARG L 45 27.79 35.36 24.49
C ARG L 45 28.12 35.63 23.03
N LEU L 46 29.39 35.47 22.65
CA LEU L 46 29.80 35.71 21.27
C LEU L 46 29.14 34.73 20.31
N ALA L 47 28.98 33.47 20.73
CA ALA L 47 28.35 32.48 19.87
C ALA L 47 26.86 32.72 19.74
N LYS L 48 26.22 33.21 20.81
CA LYS L 48 24.79 33.50 20.76
C LYS L 48 24.47 34.67 19.86
N GLU L 49 25.45 35.55 19.61
CA GLU L 49 25.24 36.67 18.70
C GLU L 49 25.03 36.20 17.27
N HIS L 50 25.66 35.08 16.89
CA HIS L 50 25.60 34.56 15.53
C HIS L 50 24.88 33.22 15.45
N SER L 51 24.10 32.85 16.47
CA SER L 51 23.42 31.56 16.48
C SER L 51 22.13 31.55 15.67
N GLY L 52 21.95 32.52 14.78
CA GLY L 52 20.78 32.54 13.91
C GLY L 52 21.19 32.48 12.45
N LEU L 53 22.43 32.86 12.18
CA LEU L 53 22.98 32.88 10.84
C LEU L 53 23.43 31.48 10.40
N ASP L 54 23.99 31.42 9.20
CA ASP L 54 24.64 30.21 8.71
C ASP L 54 25.91 29.97 9.52
N TYR L 55 26.16 28.70 9.86
CA TYR L 55 27.29 28.41 10.74
C TYR L 55 28.62 28.75 10.09
N GLU L 56 28.68 28.74 8.75
CA GLU L 56 29.89 29.20 8.08
C GLU L 56 30.06 30.70 8.24
N VAL L 57 28.96 31.46 8.12
CA VAL L 57 29.03 32.89 8.37
C VAL L 57 29.31 33.17 9.84
N ALA L 58 28.76 32.34 10.73
CA ALA L 58 29.02 32.49 12.15
C ALA L 58 30.48 32.19 12.49
N PHE L 59 31.08 31.22 11.80
CA PHE L 59 32.49 30.90 12.06
C PHE L 59 33.41 32.07 11.72
N SER L 60 33.15 32.74 10.60
CA SER L 60 34.03 33.83 10.16
C SER L 60 33.93 35.03 11.08
N LYS L 61 32.71 35.44 11.42
CA LYS L 61 32.53 36.63 12.26
C LYS L 61 33.06 36.40 13.67
N ILE L 62 33.00 35.17 14.17
CA ILE L 62 33.49 34.89 15.52
C ILE L 62 35.02 34.94 15.56
N ILE L 63 35.67 34.40 14.52
CA ILE L 63 37.13 34.40 14.48
C ILE L 63 37.68 35.82 14.40
N VAL L 64 36.99 36.69 13.65
CA VAL L 64 37.44 38.07 13.53
C VAL L 64 37.30 38.80 14.87
N GLU L 65 36.17 38.63 15.55
CA GLU L 65 35.96 39.30 16.82
C GLU L 65 36.95 38.81 17.88
N LEU L 66 37.33 37.54 17.83
CA LEU L 66 38.30 37.02 18.80
C LEU L 66 39.69 37.61 18.54
N ARG L 67 40.07 37.77 17.28
CA ARG L 67 41.36 38.37 16.97
C ARG L 67 41.37 39.87 17.21
N LYS L 68 40.19 40.50 17.27
CA LYS L 68 40.11 41.92 17.58
C LYS L 68 40.21 42.14 19.08
N LYS L 69 39.41 41.41 19.85
CA LYS L 69 39.37 41.59 21.30
C LYS L 69 40.53 40.90 22.01
N HIS L 70 41.16 39.90 21.39
CA HIS L 70 42.28 39.18 21.98
C HIS L 70 43.36 38.97 20.93
N PRO L 71 44.12 40.02 20.62
CA PRO L 71 45.19 39.87 19.61
C PRO L 71 46.35 39.06 20.14
N GLY L 72 46.96 38.29 19.24
CA GLY L 72 48.10 37.46 19.60
C GLY L 72 47.75 36.18 20.32
N HIS L 73 46.47 35.85 20.45
CA HIS L 73 46.05 34.64 21.13
C HIS L 73 45.27 33.67 20.25
N ILE L 74 44.96 34.04 19.01
CA ILE L 74 44.24 33.17 18.09
C ILE L 74 45.18 32.81 16.95
N LEU L 75 45.19 31.54 16.58
CA LEU L 75 46.05 31.07 15.51
C LEU L 75 45.78 31.80 14.21
N GLN L 76 46.83 31.91 13.39
CA GLN L 76 46.69 32.52 12.08
C GLN L 76 45.97 31.57 11.13
N ASP L 77 45.41 32.13 10.06
CA ASP L 77 44.69 31.32 9.08
C ASP L 77 45.58 30.28 8.44
N GLU L 78 46.90 30.50 8.41
CA GLU L 78 47.82 29.52 7.85
C GLU L 78 47.89 28.27 8.73
N ASP L 79 47.67 28.41 10.03
CA ASP L 79 47.76 27.30 10.97
C ASP L 79 46.40 26.72 11.35
N LEU L 80 45.36 27.00 10.56
CA LEU L 80 44.03 26.49 10.83
C LEU L 80 43.67 25.40 9.82
N GLN L 81 43.12 24.30 10.32
CA GLN L 81 42.64 23.22 9.45
C GLN L 81 41.67 22.36 10.24
N TRP L 82 40.67 21.82 9.54
CA TRP L 82 39.68 20.95 10.15
C TRP L 82 40.29 19.57 10.37
N VAL L 83 40.36 19.14 11.63
CA VAL L 83 40.93 17.85 12.00
C VAL L 83 39.83 16.97 12.58
N PHE L 84 39.72 15.75 12.07
CA PHE L 84 38.75 14.80 12.59
C PHE L 84 39.03 14.48 14.05
N VAL L 85 37.95 14.19 14.79
CA VAL L 85 38.02 13.83 16.21
C VAL L 85 37.17 12.59 16.44
N ASN L 86 37.82 11.50 16.86
CA ASN L 86 37.13 10.26 17.21
C ASN L 86 37.38 9.98 18.68
N ALA L 87 36.32 9.98 19.48
CA ALA L 87 36.44 9.77 20.92
C ALA L 87 35.08 9.34 21.46
N GLY L 88 35.10 8.41 22.42
CA GLY L 88 33.89 7.98 23.09
C GLY L 88 32.88 7.29 22.20
N GLY L 89 33.25 7.01 20.95
CA GLY L 89 32.37 6.36 20.01
C GLY L 89 31.72 7.26 18.98
N TRP L 90 31.93 8.57 19.07
CA TRP L 90 31.40 9.53 18.10
C TRP L 90 32.53 10.11 17.26
N MET L 91 32.15 10.74 16.15
CA MET L 91 33.12 11.28 15.20
C MET L 91 32.69 12.66 14.76
N GLY L 92 33.60 13.62 14.85
CA GLY L 92 33.35 14.98 14.40
C GLY L 92 34.61 15.64 13.88
N SER L 93 34.63 16.96 13.83
CA SER L 93 35.81 17.71 13.42
C SER L 93 35.90 18.99 14.22
N MET L 94 37.12 19.46 14.44
CA MET L 94 37.38 20.64 15.25
C MET L 94 38.15 21.67 14.44
N CYS L 95 38.03 22.93 14.86
CA CYS L 95 38.78 24.05 14.30
C CYS L 95 39.41 24.79 15.46
N LEU L 96 40.60 24.33 15.86
CA LEU L 96 41.27 24.88 17.04
C LEU L 96 41.72 26.30 16.78
N LEU L 97 41.12 27.26 17.49
CA LEU L 97 41.48 28.67 17.35
C LEU L 97 42.52 29.08 18.39
N HIS L 98 42.28 28.72 19.65
CA HIS L 98 43.19 29.03 20.74
C HIS L 98 43.29 27.83 21.66
N ALA L 99 44.47 27.62 22.23
CA ALA L 99 44.69 26.51 23.15
C ALA L 99 45.94 26.78 23.97
N SER L 100 45.85 26.52 25.28
CA SER L 100 46.99 26.63 26.16
C SER L 100 47.04 25.37 27.03
N LEU L 101 47.78 25.45 28.13
CA LEU L 101 47.78 24.37 29.11
C LEU L 101 46.57 24.42 30.02
N THR L 102 45.83 25.53 30.02
CA THR L 102 44.68 25.71 30.89
C THR L 102 43.40 26.08 30.16
N GLU L 103 43.48 26.62 28.95
CA GLU L 103 42.31 27.04 28.20
C GLU L 103 42.40 26.53 26.77
N TYR L 104 41.24 26.47 26.11
CA TYR L 104 41.19 26.22 24.67
C TYR L 104 39.85 26.70 24.13
N VAL L 105 39.87 27.25 22.92
CA VAL L 105 38.67 27.67 22.21
C VAL L 105 38.74 27.12 20.81
N LEU L 106 37.70 26.38 20.40
CA LEU L 106 37.68 25.78 19.07
C LEU L 106 36.25 25.73 18.56
N LEU L 107 36.12 25.41 17.27
CA LEU L 107 34.84 25.25 16.61
C LEU L 107 34.66 23.77 16.29
N PHE L 108 33.73 23.12 17.00
CA PHE L 108 33.50 21.69 16.85
C PHE L 108 32.12 21.44 16.25
N GLY L 109 32.00 20.33 15.55
CA GLY L 109 30.73 19.94 14.97
C GLY L 109 30.90 18.70 14.13
N THR L 110 29.79 18.22 13.58
CA THR L 110 29.78 17.01 12.79
C THR L 110 28.79 17.14 11.64
N ALA L 111 29.09 16.44 10.55
CA ALA L 111 28.22 16.39 9.38
C ALA L 111 27.50 15.05 9.25
N VAL L 112 27.64 14.16 10.23
CA VAL L 112 26.97 12.87 10.23
C VAL L 112 26.34 12.66 11.61
N ASP L 113 25.57 11.58 11.72
CA ASP L 113 24.90 11.24 12.96
C ASP L 113 25.81 10.34 13.79
N THR L 114 26.39 10.90 14.85
CA THR L 114 27.27 10.16 15.75
C THR L 114 26.84 10.41 17.19
N GLY L 115 27.45 9.68 18.10
CA GLY L 115 27.15 9.82 19.51
C GLY L 115 27.94 8.82 20.33
N GLY L 116 28.08 9.15 21.61
CA GLY L 116 28.80 8.25 22.50
C GLY L 116 29.04 8.89 23.86
N HIS L 117 30.15 8.49 24.48
CA HIS L 117 30.52 8.97 25.81
C HIS L 117 31.14 10.36 25.72
N SER L 118 30.70 11.27 26.59
CA SER L 118 31.24 12.62 26.60
C SER L 118 32.66 12.67 27.14
N GLY L 119 33.06 11.70 27.95
CA GLY L 119 34.37 11.69 28.57
C GLY L 119 34.40 12.33 29.94
N ARG L 120 35.16 11.74 30.85
CA ARG L 120 35.31 12.26 32.21
C ARG L 120 36.77 12.66 32.40
N TYR L 121 37.01 13.96 32.58
CA TYR L 121 38.37 14.49 32.68
C TYR L 121 38.37 15.70 33.60
N TRP L 122 39.54 16.31 33.74
CA TRP L 122 39.73 17.44 34.64
C TRP L 122 39.68 18.75 33.85
N ALA L 123 38.46 19.09 33.41
CA ALA L 123 38.25 20.30 32.63
C ALA L 123 36.76 20.59 32.55
N GLU L 124 36.41 21.86 32.71
CA GLU L 124 35.04 22.33 32.51
C GLU L 124 34.89 22.80 31.06
N ILE L 125 33.86 22.28 30.38
CA ILE L 125 33.66 22.51 28.96
C ILE L 125 32.28 23.12 28.76
N SER L 126 32.22 24.19 27.96
CA SER L 126 30.97 24.84 27.61
C SER L 126 30.83 24.88 26.09
N ASP L 127 29.70 24.42 25.58
CA ASP L 127 29.42 24.42 24.15
C ASP L 127 28.15 25.23 23.88
N THR L 128 28.24 26.19 22.97
CA THR L 128 27.10 26.98 22.54
C THR L 128 26.75 26.57 21.11
N ILE L 129 25.57 26.01 20.92
CA ILE L 129 25.20 25.43 19.63
C ILE L 129 24.89 26.54 18.64
N LEU L 130 25.52 26.47 17.46
CA LEU L 130 25.20 27.39 16.38
C LEU L 130 24.18 26.82 15.41
N SER L 131 24.18 25.50 15.20
CA SER L 131 23.23 24.85 14.30
C SER L 131 23.09 23.39 14.71
N GLY L 132 22.07 22.75 14.18
CA GLY L 132 21.82 21.35 14.49
C GLY L 132 21.11 21.16 15.82
N THR L 133 21.26 19.95 16.35
CA THR L 133 20.66 19.58 17.63
C THR L 133 21.70 18.86 18.49
N PHE L 134 21.49 18.91 19.80
CA PHE L 134 22.44 18.36 20.77
C PHE L 134 21.64 17.65 21.84
N ARG L 135 21.74 16.32 21.86
CA ARG L 135 21.09 15.50 22.88
C ARG L 135 22.08 15.15 23.97
N GLN L 136 21.71 15.45 25.21
CA GLN L 136 22.55 15.18 26.38
C GLN L 136 21.82 14.25 27.33
N TRP L 137 22.51 13.21 27.79
CA TRP L 137 21.97 12.24 28.74
C TRP L 137 22.88 12.23 29.96
N LYS L 138 22.43 12.87 31.04
CA LYS L 138 23.24 12.94 32.24
C LYS L 138 23.29 11.57 32.94
N GLU L 139 24.34 11.38 33.72
CA GLU L 139 24.54 10.10 34.39
C GLU L 139 23.53 9.92 35.51
N GLY L 140 23.04 8.69 35.66
CA GLY L 140 22.10 8.37 36.72
C GLY L 140 20.65 8.68 36.40
N THR L 141 20.34 9.16 35.21
CA THR L 141 18.99 9.49 34.82
C THR L 141 18.46 8.48 33.80
N THR L 142 17.16 8.59 33.51
CA THR L 142 16.51 7.75 32.53
C THR L 142 15.90 8.53 31.38
N LYS L 143 16.07 9.85 31.35
CA LYS L 143 15.55 10.69 30.27
C LYS L 143 16.64 11.66 29.82
N SER L 144 16.58 12.03 28.54
CA SER L 144 17.56 12.94 27.97
C SER L 144 16.87 14.22 27.51
N GLU L 145 17.67 15.27 27.34
CA GLU L 145 17.20 16.57 26.89
C GLU L 145 17.89 16.94 25.58
N ILE L 146 17.15 17.64 24.73
CA ILE L 146 17.66 18.09 23.43
C ILE L 146 17.85 19.60 23.48
N PHE L 147 19.01 20.07 23.06
CA PHE L 147 19.35 21.48 23.04
C PHE L 147 19.46 21.97 21.61
N TYR L 148 19.05 23.22 21.39
CA TYR L 148 18.93 23.79 20.06
C TYR L 148 19.85 24.99 19.90
N PRO L 149 20.03 25.51 18.67
CA PRO L 149 20.90 26.67 18.48
C PRO L 149 20.53 27.84 19.39
N GLY L 150 21.55 28.45 20.00
CA GLY L 150 21.40 29.51 20.97
C GLY L 150 21.64 29.07 22.40
N ASP L 151 21.35 27.81 22.71
CA ASP L 151 21.58 27.27 24.04
C ASP L 151 23.06 27.00 24.26
N THR L 152 23.44 26.93 25.53
CA THR L 152 24.81 26.66 25.93
C THR L 152 24.81 25.52 26.94
N ILE L 153 25.50 24.44 26.61
CA ILE L 153 25.62 23.27 27.47
C ILE L 153 26.93 23.37 28.24
N VAL L 154 26.87 23.19 29.55
CA VAL L 154 28.03 23.29 30.42
C VAL L 154 28.38 21.87 30.89
N HIS L 155 29.53 21.37 30.45
CA HIS L 155 30.04 20.07 30.85
C HIS L 155 31.03 20.30 31.99
N GLU L 156 30.58 20.10 33.22
CA GLU L 156 31.38 20.43 34.38
C GLU L 156 32.50 19.41 34.57
N VAL L 157 33.42 19.74 35.48
CA VAL L 157 34.56 18.87 35.74
C VAL L 157 34.10 17.60 36.44
N GLY L 158 34.59 16.46 35.99
CA GLY L 158 34.21 15.19 36.55
C GLY L 158 32.86 14.66 36.12
N GLU L 159 32.11 15.43 35.35
CA GLU L 159 30.80 14.98 34.88
C GLU L 159 30.95 14.10 33.65
N ALA L 160 30.12 13.05 33.58
CA ALA L 160 30.10 12.15 32.44
C ALA L 160 28.67 12.02 31.95
N THR L 161 28.45 12.36 30.68
CA THR L 161 27.14 12.30 30.05
C THR L 161 27.23 11.54 28.75
N SER L 162 26.07 11.27 28.15
CA SER L 162 25.97 10.69 26.82
C SER L 162 25.55 11.77 25.84
N VAL L 163 26.33 11.94 24.78
CA VAL L 163 26.08 12.99 23.80
C VAL L 163 25.62 12.36 22.49
N GLN L 164 24.89 13.16 21.71
CA GLN L 164 24.41 12.73 20.41
C GLN L 164 24.13 13.97 19.57
N TRP L 165 24.55 13.94 18.31
CA TRP L 165 24.41 15.08 17.42
C TRP L 165 23.76 14.64 16.11
N SER L 166 23.08 15.60 15.47
CA SER L 166 22.44 15.36 14.19
C SER L 166 23.42 15.62 13.05
N SER L 167 22.97 15.40 11.81
CA SER L 167 23.82 15.45 10.63
C SER L 167 24.19 16.87 10.22
N GLY L 168 24.04 17.85 11.10
CA GLY L 168 24.36 19.22 10.76
C GLY L 168 24.64 20.10 11.96
N THR L 169 25.10 19.50 13.05
CA THR L 169 25.31 20.22 14.29
C THR L 169 26.70 20.84 14.33
N TRP L 170 26.76 22.12 14.63
CA TRP L 170 28.01 22.85 14.78
C TRP L 170 27.89 23.81 15.96
N MET L 171 29.00 23.99 16.67
CA MET L 171 28.96 24.72 17.94
C MET L 171 30.29 25.38 18.20
N VAL L 172 30.29 26.34 19.12
CA VAL L 172 31.49 27.02 19.60
C VAL L 172 31.75 26.56 21.03
N GLU L 173 32.97 26.10 21.29
CA GLU L 173 33.30 25.45 22.55
C GLU L 173 34.46 26.16 23.24
N TYR L 174 34.34 26.27 24.57
CA TYR L 174 35.38 26.82 25.41
C TYR L 174 35.60 25.89 26.59
N GLY L 175 36.86 25.56 26.87
CA GLY L 175 37.19 24.69 27.98
C GLY L 175 38.26 25.31 28.86
N ARG L 176 38.14 25.03 30.16
CA ARG L 176 39.08 25.55 31.15
C ARG L 176 39.36 24.47 32.19
N GLY L 177 40.63 24.30 32.53
CA GLY L 177 41.04 23.29 33.49
C GLY L 177 42.45 22.82 33.23
N PHE L 178 42.68 21.51 33.26
CA PHE L 178 43.96 20.91 32.89
C PHE L 178 43.76 20.21 31.55
N ILE L 179 44.13 20.91 30.46
CA ILE L 179 43.86 20.40 29.13
C ILE L 179 44.56 19.08 28.84
N PRO L 180 45.84 18.88 29.20
CA PRO L 180 46.48 17.59 28.93
C PRO L 180 45.76 16.38 29.51
N SER L 181 44.93 16.56 30.55
CA SER L 181 44.21 15.43 31.12
C SER L 181 43.13 14.90 30.17
N THR L 182 42.73 15.70 29.18
CA THR L 182 41.72 15.29 28.21
C THR L 182 42.31 14.55 27.02
N LEU L 183 43.63 14.65 26.81
CA LEU L 183 44.25 14.03 25.65
C LEU L 183 44.20 12.51 25.70
N ALA L 184 44.09 11.91 26.88
CA ALA L 184 43.96 10.46 26.97
C ALA L 184 42.64 9.99 26.38
N PHE L 185 41.55 10.72 26.63
CA PHE L 185 40.25 10.35 26.09
C PHE L 185 40.11 10.79 24.64
N ALA L 186 40.69 11.94 24.28
CA ALA L 186 40.53 12.46 22.92
C ALA L 186 41.22 11.61 21.87
N LEU L 187 42.23 10.84 22.26
CA LEU L 187 42.98 10.03 21.31
C LEU L 187 42.76 8.53 21.50
N ALA L 188 41.83 8.15 22.38
CA ALA L 188 41.58 6.74 22.65
C ALA L 188 41.06 6.02 21.41
N ASP L 189 40.00 6.54 20.80
CA ASP L 189 39.46 5.91 19.60
C ASP L 189 40.42 6.02 18.42
N THR L 190 41.26 7.06 18.39
CA THR L 190 42.23 7.18 17.31
C THR L 190 43.32 6.11 17.38
N ILE L 191 43.57 5.56 18.57
CA ILE L 191 44.60 4.54 18.72
C ILE L 191 44.03 3.14 18.59
N PHE L 192 42.90 2.87 19.22
CA PHE L 192 42.36 1.51 19.31
C PHE L 192 41.22 1.23 18.35
N SER L 193 40.71 2.22 17.64
CA SER L 193 39.58 2.03 16.74
C SER L 193 39.90 2.46 15.32
N THR L 194 40.18 3.75 15.08
CA THR L 194 40.39 4.23 13.73
C THR L 194 41.80 3.96 13.22
N GLN L 195 42.80 4.01 14.10
CA GLN L 195 44.21 3.87 13.73
C GLN L 195 44.61 4.90 12.67
N ASP L 196 43.97 6.07 12.69
CA ASP L 196 44.30 7.15 11.75
C ASP L 196 45.38 8.01 12.40
N PHE L 197 46.62 7.54 12.29
CA PHE L 197 47.74 8.24 12.91
C PHE L 197 48.05 9.57 12.24
N LEU L 198 47.67 9.74 10.98
CA LEU L 198 47.83 11.05 10.34
C LEU L 198 46.95 12.10 10.99
N THR L 199 45.71 11.73 11.32
CA THR L 199 44.85 12.63 12.08
C THR L 199 45.41 12.84 13.49
N LEU L 200 45.96 11.78 14.08
CA LEU L 200 46.67 11.93 15.36
C LEU L 200 47.83 12.91 15.24
N PHE L 201 48.51 12.89 14.09
CA PHE L 201 49.58 13.85 13.85
C PHE L 201 49.04 15.26 13.73
N TYR L 202 47.91 15.43 13.04
CA TYR L 202 47.33 16.76 12.87
C TYR L 202 46.87 17.35 14.20
N THR L 203 46.30 16.52 15.08
CA THR L 203 45.83 17.03 16.37
C THR L 203 46.99 17.54 17.21
N VAL L 204 48.09 16.79 17.26
CA VAL L 204 49.28 17.26 17.97
C VAL L 204 49.89 18.46 17.25
N LYS L 205 49.79 18.48 15.92
CA LYS L 205 50.34 19.58 15.14
C LYS L 205 49.64 20.90 15.47
N VAL L 206 48.32 20.92 15.40
CA VAL L 206 47.58 22.16 15.64
C VAL L 206 47.60 22.53 17.12
N TYR L 207 47.69 21.55 18.01
CA TYR L 207 47.77 21.86 19.44
C TYR L 207 49.14 22.41 19.80
N SER L 208 50.19 21.97 19.11
CA SER L 208 51.52 22.51 19.35
C SER L 208 51.64 23.94 18.83
N LYS L 209 51.04 24.21 17.65
CA LYS L 209 51.07 25.56 17.09
C LYS L 209 50.39 26.55 18.02
N ALA L 210 49.29 26.14 18.66
CA ALA L 210 48.61 27.03 19.59
C ALA L 210 49.42 27.26 20.86
N LEU L 211 50.19 26.25 21.30
CA LEU L 211 51.02 26.41 22.47
C LEU L 211 52.24 27.30 22.17
N LEU L 212 52.87 27.10 21.01
CA LEU L 212 54.03 27.91 20.67
C LEU L 212 53.64 29.38 20.43
N LEU L 213 52.47 29.60 19.82
CA LEU L 213 51.99 30.97 19.64
C LEU L 213 51.70 31.62 20.99
N GLU L 214 51.08 30.88 21.92
CA GLU L 214 50.77 31.42 23.24
C GLU L 214 52.04 31.69 24.03
N ALA L 215 53.05 30.82 23.90
CA ALA L 215 54.31 31.05 24.60
C ALA L 215 55.06 32.24 24.01
N SER L 216 55.00 32.41 22.69
CA SER L 216 55.68 33.53 22.06
C SER L 216 55.06 34.87 22.46
N THR L 217 53.75 34.89 22.74
CA THR L 217 53.10 36.13 23.16
C THR L 217 53.52 36.52 24.56
N HIS L 218 53.75 35.54 25.45
CA HIS L 218 54.21 35.84 26.78
C HIS L 218 55.64 36.37 26.77
N LEU L 219 56.44 35.96 25.78
CA LEU L 219 57.82 36.43 25.69
C LEU L 219 57.86 37.92 25.35
N SER L 220 56.97 38.37 24.47
CA SER L 220 56.92 39.78 24.11
C SER L 220 56.38 40.63 25.26
N GLN L 221 55.72 40.02 26.23
CA GLN L 221 55.19 40.76 27.38
C GLN L 221 56.07 40.54 28.61
AU AU M . -31.37 -35.60 -4.81
AU AU N . -31.09 -36.76 -1.84
C10 E84 O . -20.14 -45.19 -2.44
C11 E84 O . -19.71 -44.23 -1.54
C12 E84 O . -18.83 -43.24 -1.94
C13 E84 O . -18.22 -40.79 -3.78
C16 E84 O . -17.79 -39.05 -5.21
C01 E84 O . -14.41 -42.41 -4.33
C02 E84 O . -15.53 -43.30 -4.85
C03 E84 O . -16.80 -42.47 -5.06
C04 E84 O . -17.41 -42.08 -3.70
C05 E84 O . -16.30 -41.92 -2.65
C06 E84 O . -14.94 -41.49 -3.22
C07 E84 O . -18.38 -43.20 -3.26
C08 E84 O . -18.82 -44.16 -4.15
C09 E84 O . -19.70 -45.15 -3.75
C17 E84 O . -16.84 -37.87 -5.47
C19 E84 O . -15.13 -39.10 -5.85
C20 E84 O . -13.84 -39.32 -6.63
C22 E84 O . -14.02 -37.15 -7.42
C23 E84 O . -15.40 -37.00 -6.80
N18 E84 O . -16.01 -38.17 -6.37
O14 E84 O . -19.40 -40.82 -3.70
O15 E84 O . -17.58 -39.56 -3.93
O21 E84 O . -13.66 -38.45 -7.68
C1 BOG P . -5.09 -20.21 -12.23
O1 BOG P . -6.35 -20.02 -12.69
C2 BOG P . -4.38 -21.22 -13.12
O2 BOG P . -5.05 -22.49 -13.05
C3 BOG P . -2.97 -21.39 -12.67
O3 BOG P . -2.32 -22.39 -13.50
C4 BOG P . -2.24 -20.09 -12.79
O4 BOG P . -0.90 -20.26 -12.31
C5 BOG P . -2.92 -18.98 -11.98
O5 BOG P . -4.38 -18.88 -12.21
C6 BOG P . -2.30 -17.67 -12.38
O6 BOG P . -3.12 -16.63 -11.91
C1' BOG P . -7.34 -20.16 -11.71
C2' BOG P . -7.84 -18.80 -11.23
C3' BOG P . -9.32 -18.61 -11.59
C4' BOG P . -10.11 -19.88 -11.29
C5' BOG P . -10.28 -20.08 -9.79
C6' BOG P . -9.96 -21.53 -9.45
C7' BOG P . -11.20 -22.21 -8.88
C8' BOG P . -10.96 -23.71 -8.79
AU AU Q . -5.75 -13.86 24.14
AU AU R . -3.46 -15.96 24.42
C10 E84 S . -10.64 -27.88 24.14
C11 E84 S . -10.10 -28.39 22.97
C12 E84 S . -10.67 -28.12 21.74
C13 E84 S . -11.76 -25.80 19.74
C16 E84 S . -12.73 -24.17 18.41
C01 E84 S . -14.77 -28.61 19.03
C02 E84 S . -14.72 -28.12 20.47
C03 E84 S . -13.96 -26.79 20.52
C04 E84 S . -12.46 -27.04 20.31
C05 E84 S . -12.26 -28.21 19.34
C06 E84 S . -13.41 -28.44 18.35
C07 E84 S . -11.81 -27.34 21.67
C08 E84 S . -12.36 -26.81 22.84
C09 E84 S . -11.78 -27.09 24.07
C17 E84 S . -13.39 -23.94 17.05
C19 E84 S . -14.95 -25.26 17.38
C20 E84 S . -16.20 -25.91 16.77
C22 E84 S . -15.99 -24.40 15.00
C23 E84 S . -14.86 -23.65 15.72
N18 E84 S . -14.66 -23.94 17.06
O14 E84 S . -11.02 -25.17 20.40
O15 E84 S . -12.06 -25.41 18.42
O21 E84 S . -16.83 -25.14 15.82
AU AU T . 12.30 -31.80 -12.11
AU AU U . 11.20 -34.76 -11.91
C10 E84 V . 11.54 -36.87 1.41
C11 E84 V . 10.23 -36.69 1.02
C12 E84 V . 9.52 -35.57 1.41
C13 E84 V . 8.92 -32.55 1.38
C16 E84 V . 8.53 -30.32 1.16
C01 E84 V . 8.62 -32.39 5.46
C02 E84 V . 9.99 -32.85 5.00
C03 E84 V . 10.20 -32.46 3.53
C04 E84 V . 9.32 -33.34 2.62
C05 E84 V . 8.05 -33.76 3.36
C06 E84 V . 7.57 -32.74 4.41
C07 E84 V . 10.12 -34.60 2.20
C08 E84 V . 11.44 -34.77 2.58
C09 E84 V . 12.15 -35.90 2.20
C17 E84 V . 7.58 -29.17 1.50
C19 E84 V . 7.96 -29.20 3.62
C20 E84 V . 8.16 -28.42 4.91
C22 E84 V . 7.37 -26.54 3.85
C23 E84 V . 7.35 -27.27 2.50
N18 E84 V . 8.03 -28.46 2.46
O14 E84 V . 9.43 -32.75 0.32
O15 E84 V . 7.95 -31.55 1.45
O21 E84 V . 8.27 -27.06 4.75
AU AU W . -44.27 -13.44 12.96
AU AU X . -45.69 -13.45 10.15
C10 E84 Y . -50.67 -1.15 8.84
C11 E84 Y . -49.76 -1.00 7.80
C12 E84 Y . -48.63 -0.23 7.98
C13 E84 Y . -45.97 0.25 9.61
C16 E84 Y . -44.06 0.49 10.86
C01 E84 Y . -46.87 4.28 9.38
C02 E84 Y . -47.92 3.47 10.15
C03 E84 Y . -47.29 2.15 10.60
C04 E84 Y . -47.11 1.24 9.38
C05 E84 Y . -46.82 2.06 8.11
C06 E84 Y . -46.12 3.39 8.39
C07 E84 Y . -48.39 0.40 9.19
C08 E84 Y . -49.29 0.24 10.23
C09 E84 Y . -50.42 -0.53 10.06
C17 E84 Y . -42.70 1.17 10.94
C19 E84 Y . -43.45 3.17 11.25
C20 E84 Y . -43.24 4.52 11.91
C22 E84 Y . -41.10 3.88 12.49
C23 E84 Y . -41.37 2.45 12.01
N18 E84 Y . -42.69 2.14 11.76
O14 E84 Y . -46.21 -0.89 9.78
O15 E84 Y . -44.64 0.68 9.61
O21 E84 Y . -42.23 4.57 12.84
AU AU Z . -21.23 0.05 -22.33
AU AU AA . -22.78 2.71 -23.10
C10 E84 BA . -35.79 -1.04 -20.39
C11 E84 BA . -35.43 -0.09 -19.45
C12 E84 BA . -35.10 -0.46 -18.15
C13 E84 BA . -33.29 -1.91 -16.07
C16 E84 BA . -31.88 -2.97 -14.59
C01 E84 BA . -36.57 -3.50 -14.19
C02 E84 BA . -36.44 -3.96 -15.64
C03 E84 BA . -35.02 -3.71 -16.15
C04 E84 BA . -34.78 -2.21 -16.33
C05 E84 BA . -35.62 -1.41 -15.34
C06 E84 BA . -35.89 -2.13 -14.02
C07 E84 BA . -35.14 -1.79 -17.78
C08 E84 BA . -35.50 -2.74 -18.72
C09 E84 BA . -35.82 -2.38 -20.01
C17 E84 BA . -31.55 -3.10 -13.10
C19 E84 BA . -33.37 -4.16 -12.54
C20 E84 BA . -34.00 -5.30 -11.74
C22 E84 BA . -32.03 -5.46 -10.53
C23 E84 BA . -31.34 -4.47 -11.44
N18 E84 BA . -31.99 -4.19 -12.63
O14 E84 BA . -32.56 -1.66 -16.96
O15 E84 BA . -32.79 -1.92 -14.77
O21 E84 BA . -33.08 -6.13 -11.11
C1 BOG CA . -23.72 -8.00 7.15
O1 BOG CA . -23.07 -6.87 6.73
C2 BOG CA . -24.74 -7.59 8.19
O2 BOG CA . -24.02 -7.17 9.38
C3 BOG CA . -25.67 -8.69 8.57
O3 BOG CA . -26.75 -8.12 9.34
C4 BOG CA . -26.25 -9.41 7.39
O4 BOG CA . -26.91 -10.59 7.86
C5 BOG CA . -25.19 -9.81 6.37
O5 BOG CA . -24.37 -8.66 5.96
C6 BOG CA . -25.85 -10.41 5.16
O6 BOG CA . -26.67 -9.45 4.56
C1' BOG CA . -22.14 -7.07 5.70
C2' BOG CA . -21.46 -5.74 5.38
C3' BOG CA . -20.91 -5.77 3.96
C4' BOG CA . -21.37 -4.52 3.20
C5' BOG CA . -22.73 -4.79 2.57
C6' BOG CA . -23.09 -3.62 1.67
C7' BOG CA . -24.32 -3.97 0.83
C8' BOG CA . -23.99 -5.16 -0.07
AU AU DA . -29.24 28.31 10.87
AU AU EA . -32.36 27.84 11.13
C10 E84 FA . -36.12 26.47 -2.28
C11 E84 FA . -36.51 25.23 -1.81
C12 E84 FA . -35.68 24.13 -1.96
C13 E84 FA . -32.73 22.82 -1.48
C16 E84 FA . -30.59 21.98 -1.36
C01 E84 FA . -33.29 21.28 -5.26
C02 E84 FA . -33.29 22.81 -5.24
C03 E84 FA . -32.62 23.29 -3.96
C04 E84 FA . -33.54 23.04 -2.76
C05 E84 FA . -34.38 21.78 -2.98
C06 E84 FA . -33.71 20.73 -3.89
C07 E84 FA . -34.46 24.27 -2.59
C08 E84 FA . -34.06 25.50 -3.06
C09 E84 FA . -34.89 26.61 -2.90
C17 E84 FA . -29.78 20.69 -1.55
C19 E84 FA . -30.07 20.64 -3.69
C20 E84 FA . -29.46 20.42 -5.07
C22 E84 FA . -27.65 19.40 -4.06
C23 E84 FA . -28.17 19.79 -2.68
N18 E84 FA . -29.17 20.74 -2.65
O14 E84 FA . -32.76 23.61 -0.60
O15 E84 FA . -31.95 21.67 -1.36
O21 E84 FA . -28.10 20.22 -5.09
AU AU GA . 37.68 21.36 -19.94
AU AU HA . 36.77 24.36 -19.08
C10 E84 IA . 28.36 25.79 -30.28
C11 E84 IA . 27.30 25.79 -29.40
C12 E84 IA . 26.55 24.64 -29.20
C13 E84 IA . 26.42 21.52 -28.36
C16 E84 IA . 26.07 19.28 -27.78
C01 E84 IA . 23.98 20.96 -31.59
C02 E84 IA . 25.37 21.47 -31.99
C03 E84 IA . 26.35 21.22 -30.84
C04 E84 IA . 26.07 22.19 -29.70
C05 E84 IA . 24.57 22.53 -29.63
C06 E84 IA . 23.65 21.41 -30.15
C07 E84 IA . 26.88 23.48 -29.90
C08 E84 IA . 27.95 23.48 -30.78
C09 E84 IA . 28.69 24.64 -30.97
C17 E84 IA . 25.00 18.23 -27.44
C19 E84 IA . 23.99 17.86 -29.41
C20 E84 IA . 23.44 16.79 -30.36
C22 E84 IA . 23.44 15.28 -28.61
C23 E84 IA . 24.18 16.27 -27.72
N18 E84 IA . 24.74 17.37 -28.35
O14 E84 IA . 27.41 21.82 -27.77
O15 E84 IA . 25.54 20.57 -27.81
O21 E84 IA . 23.66 15.48 -29.96
AU AU JA . -1.05 28.32 0.68
AU AU KA . -2.71 29.32 -2.01
C10 E84 LA . 6.33 36.96 -8.66
C11 E84 LA . 6.07 35.93 -9.57
C12 E84 LA . 6.99 34.89 -9.71
C13 E84 LA . 8.55 32.46 -8.51
C16 E84 LA . 9.74 30.75 -7.52
C01 E84 LA . 11.94 33.86 -10.47
C02 E84 LA . 11.40 34.83 -9.43
C03 E84 LA . 10.49 34.08 -8.45
C04 E84 LA . 9.16 33.73 -9.13
C05 E84 LA . 9.41 33.46 -10.62
C06 E84 LA . 10.81 32.94 -10.97
C07 E84 LA . 8.16 34.87 -8.96
C08 E84 LA . 8.39 35.90 -8.06
C09 E84 LA . 7.48 36.94 -7.91
C17 E84 LA . 10.64 29.55 -7.82
C19 E84 LA . 12.25 30.74 -8.58
C20 E84 LA . 13.76 30.93 -8.74
C22 E84 LA . 14.06 28.80 -7.90
C23 E84 LA . 12.58 28.68 -7.57
N18 E84 LA . 11.86 29.86 -7.61
O14 E84 LA . 7.55 32.53 -7.87
O15 E84 LA . 9.15 31.22 -8.71
O21 E84 LA . 14.53 30.09 -7.97
AU AU MA . 0.68 3.44 -36.10
AU AU NA . 2.33 5.51 -38.03
C10 E84 OA . -3.23 17.55 -34.42
C11 E84 OA . -1.91 17.71 -34.02
C12 E84 OA . -1.55 17.61 -32.68
C13 E84 OA . -1.39 15.92 -30.06
C16 E84 OA . -1.37 14.61 -28.17
C01 E84 OA . -2.75 19.24 -27.98
C02 E84 OA . -3.75 18.72 -29.01
C03 E84 OA . -3.40 17.27 -29.37
C04 E84 OA . -2.14 17.23 -30.23
C05 E84 OA . -1.20 18.38 -29.86
C06 E84 OA . -1.32 18.85 -28.39
C07 E84 OA . -2.53 17.35 -31.73
C08 E84 OA . -3.85 17.19 -32.12
C09 E84 OA . -4.20 17.30 -33.46
C17 E84 OA . -0.86 14.51 -26.72
C19 E84 OA . -1.99 16.18 -26.01
C20 E84 OA . -2.76 16.81 -24.86
C22 E84 OA . -1.95 15.15 -23.46
C23 E84 OA . -1.35 14.41 -24.66
N18 E84 OA . -1.77 14.82 -25.91
O14 E84 OA . -1.35 15.11 -30.95
O15 E84 OA . -0.73 15.63 -28.86
O21 E84 OA . -3.01 15.98 -23.79
AU AU PA . 27.43 -13.79 -1.08
AU AU QA . 28.56 -15.39 1.47
C10 E84 RA . 39.87 -8.21 3.84
C11 E84 RA . 39.15 -7.99 5.01
C12 E84 RA . 38.48 -6.79 5.19
C13 E84 RA . 36.27 -4.76 4.27
C16 E84 RA . 34.71 -3.24 3.50
C01 E84 RA . 39.05 -1.74 5.04
C02 E84 RA . 39.49 -2.71 3.94
C03 E84 RA . 38.26 -3.45 3.40
C04 E84 RA . 37.77 -4.47 4.42
C05 E84 RA . 38.02 -3.96 5.84
C06 E84 RA . 38.05 -2.44 5.98
C07 E84 RA . 38.52 -5.81 4.21
C08 E84 RA . 39.24 -6.03 3.05
C09 E84 RA . 39.91 -7.23 2.86
C17 E84 RA . 33.93 -1.99 3.89
C19 E84 RA . 35.66 -0.73 3.97
C20 E84 RA . 36.27 0.65 3.74
C22 E84 RA . 34.14 1.48 3.45
C23 E84 RA . 33.55 0.08 3.48
N18 E84 RA . 34.45 -0.96 3.36
O14 E84 RA . 35.89 -5.80 3.87
O15 E84 RA . 35.33 -3.79 4.63
O21 E84 RA . 35.46 1.52 3.06
C1 BOG SA . 19.99 15.37 5.46
O1 BOG SA . 19.14 14.49 6.07
C2 BOG SA . 20.51 16.33 6.51
O2 BOG SA . 19.41 17.12 7.00
C3 BOG SA . 21.55 17.25 5.97
O3 BOG SA . 22.12 18.00 7.08
C4 BOG SA . 22.66 16.52 5.28
O4 BOG SA . 23.47 17.47 4.57
C5 BOG SA . 22.17 15.48 4.27
O5 BOG SA . 21.12 14.60 4.81
C6 BOG SA . 23.35 14.65 3.87
O6 BOG SA . 24.38 15.47 3.40
C1' BOG SA . 18.93 13.29 5.37
C2' BOG SA . 18.19 12.30 6.27
C3' BOG SA . 18.07 10.95 5.57
C4' BOG SA . 19.44 10.28 5.54
C5' BOG SA . 19.48 9.18 6.60
C6' BOG SA . 20.93 8.79 6.87
C7' BOG SA . 21.33 7.65 5.93
C8' BOG SA . 22.70 7.95 5.34
AU AU TA . 16.26 0.78 39.50
AU AU UA . 19.08 2.27 40.26
C10 E84 VA . 27.80 -7.76 34.86
C11 E84 VA . 28.47 -6.85 34.09
C12 E84 VA . 28.03 -6.50 32.84
C13 E84 VA . 25.37 -5.70 31.10
C16 E84 VA . 23.61 -5.79 29.72
C01 E84 VA . 27.15 -7.94 28.37
C02 E84 VA . 26.81 -8.73 29.60
C03 E84 VA . 25.78 -7.99 30.41
C04 E84 VA . 26.40 -6.75 31.01
C05 E84 VA . 27.55 -6.27 30.18
C06 E84 VA . 27.16 -6.47 28.73
C07 E84 VA . 26.90 -7.09 32.38
C08 E84 VA . 26.21 -7.99 33.12
C09 E84 VA . 26.66 -8.34 34.36
C17 E84 VA . 23.28 -5.45 28.30
C19 E84 VA . 23.73 -7.37 27.62
C20 E84 VA . 24.10 -7.74 26.18
C22 E84 VA . 21.90 -7.18 25.73
C23 E84 VA . 22.21 -5.98 26.60
N18 E84 VA . 22.76 -6.43 27.75
O14 E84 VA . 24.98 -5.32 32.12
O15 E84 VA . 24.84 -5.22 29.95
O21 E84 VA . 23.02 -7.88 25.36
AU AU WA . 37.30 27.61 10.94
AU AU XA . 39.91 25.76 10.08
C10 E84 YA . 42.59 19.65 22.22
C11 E84 YA . 42.17 18.56 21.48
C12 E84 YA . 40.89 18.04 21.64
C13 E84 YA . 37.78 18.42 21.53
C16 E84 YA . 35.50 18.79 21.51
C01 E84 YA . 37.56 16.38 25.14
C02 E84 YA . 38.34 17.70 25.23
C03 E84 YA . 37.99 18.59 24.05
C04 E84 YA . 38.60 18.03 22.75
C05 E84 YA . 38.67 16.50 22.83
C06 E84 YA . 37.59 15.85 23.71
C07 E84 YA . 40.02 18.61 22.57
C08 E84 YA . 40.45 19.70 23.32
C09 E84 YA . 41.72 20.22 23.15
C17 E84 YA . 34.13 18.10 21.59
C19 E84 YA . 34.37 17.43 23.61
C20 E84 YA . 33.73 17.13 24.96
C22 E84 YA . 31.66 17.42 23.98
C23 E84 YA . 32.30 17.90 22.68
N18 E84 YA . 33.64 18.23 22.75
O14 E84 YA . 38.20 19.20 20.75
O15 E84 YA . 36.52 17.85 21.32
O21 E84 YA . 32.44 17.59 25.09
#